data_7BJ5
#
_entry.id   7BJ5
#
_cell.length_a   121.541
_cell.length_b   143.261
_cell.length_c   172.759
_cell.angle_alpha   90.000
_cell.angle_beta   98.300
_cell.angle_gamma   90.000
#
_symmetry.space_group_name_H-M   'P 1 21 1'
#
loop_
_entity.id
_entity.type
_entity.pdbx_description
1 polymer Levansucrase
2 water water
#
_entity_poly.entity_id   1
_entity_poly.type   'polypeptide(L)'
_entity_poly.pdbx_seq_one_letter_code
;MTPEHSGRATPRWTREHASKIERTDETVVPIIYPPREDAAPEINGWDTWFLRERDGSIATVGGWRVIFSLTAPADLLPGK
RHDVAEIRYFYSRDGETWFDGGPVFEGGTRGSRQWAGSALLDDDGRLYVFYTASGRAGEAEITYEQRLAVGSGGSVVADD
DGVRIEGPFAHGVLLEPDGERYEREEQSRGMIYTFRDPWFFEDPRSGKTYLLFEANTPIPEGAGACGDPVWEEFNGSVGI
AHSPTGDPTDWELCDPLLEGICVNQELERPHVVVRNGFYYLFVSSHDHTFAPGLEGPDGLYGFVADSLRGEYRPLNGSGL
VLTNPANAPYQAYSWVAFSHREELLVSGFFNYYDLGGLTLDDVATLSPDEQRAKFGGTLAPTVRVALSGDRTRITGTLSH
GRIPLESEELPDLPEERLAHREETRRGY
;
_entity_poly.pdbx_strand_id   A,B,C,D,E,F,G,H,I,J
#
# COMPACT_ATOMS: atom_id res chain seq x y z
N ALA A 9 37.98 29.19 35.12
CA ALA A 9 37.96 27.92 34.40
C ALA A 9 36.62 27.73 33.69
N THR A 10 36.15 28.75 32.98
CA THR A 10 34.82 28.71 32.38
C THR A 10 34.75 27.61 31.33
N PRO A 11 33.70 26.78 31.33
CA PRO A 11 33.61 25.69 30.36
C PRO A 11 33.67 26.21 28.92
N ARG A 12 34.24 25.40 28.05
CA ARG A 12 34.55 25.80 26.68
C ARG A 12 33.93 24.83 25.70
N TRP A 13 33.17 25.37 24.75
CA TRP A 13 32.81 24.68 23.51
C TRP A 13 34.03 24.78 22.62
N THR A 14 34.79 23.69 22.53
CA THR A 14 36.11 23.75 21.92
C THR A 14 36.04 23.47 20.42
N ARG A 15 37.19 23.69 19.75
CA ARG A 15 37.26 23.43 18.31
C ARG A 15 37.19 21.94 18.03
N GLU A 16 37.72 21.12 18.93
CA GLU A 16 37.66 19.67 18.80
C GLU A 16 36.21 19.19 18.75
N HIS A 17 35.31 19.91 19.44
CA HIS A 17 33.87 19.67 19.33
C HIS A 17 33.33 20.09 17.97
N ALA A 18 33.55 21.34 17.59
CA ALA A 18 32.94 21.87 16.37
C ALA A 18 33.39 21.11 15.13
N SER A 19 34.59 20.52 15.16
CA SER A 19 35.05 19.75 14.00
C SER A 19 34.14 18.56 13.72
N LYS A 20 33.42 18.06 14.71
CA LYS A 20 32.54 16.91 14.58
C LYS A 20 31.12 17.30 14.17
N ILE A 21 30.83 18.59 13.99
CA ILE A 21 29.48 19.01 13.60
C ILE A 21 29.12 18.44 12.24
N GLU A 22 27.91 17.86 12.16
CA GLU A 22 27.47 17.15 10.96
C GLU A 22 25.97 16.89 11.00
N ARG A 23 25.26 17.14 9.90
CA ARG A 23 23.84 16.81 9.84
C ARG A 23 23.63 15.30 9.85
N THR A 24 22.63 14.85 10.59
CA THR A 24 22.24 13.45 10.65
C THR A 24 20.73 13.35 10.69
N ASP A 25 20.23 12.13 10.44
CA ASP A 25 18.80 11.89 10.47
C ASP A 25 18.17 12.25 11.81
N GLU A 26 18.97 12.24 12.89
CA GLU A 26 18.50 12.55 14.24
C GLU A 26 18.47 14.05 14.55
N THR A 27 18.99 14.90 13.67
CA THR A 27 19.08 16.32 13.98
C THR A 27 18.47 17.26 12.93
N VAL A 28 18.00 16.74 11.80
CA VAL A 28 17.44 17.58 10.74
C VAL A 28 15.92 17.61 10.88
N VAL A 29 15.35 18.80 10.75
CA VAL A 29 13.91 18.99 10.88
C VAL A 29 13.27 18.77 9.51
N PRO A 30 11.97 18.45 9.45
CA PRO A 30 11.30 18.32 8.15
C PRO A 30 11.20 19.65 7.44
N ILE A 31 10.84 19.58 6.16
CA ILE A 31 10.61 20.79 5.38
C ILE A 31 9.41 21.54 5.94
N ILE A 32 9.54 22.85 6.07
CA ILE A 32 8.45 23.72 6.48
C ILE A 32 7.82 24.32 5.22
N TYR A 33 6.51 24.11 5.06
CA TYR A 33 5.72 24.73 4.02
C TYR A 33 4.86 25.84 4.61
N PRO A 34 4.58 26.90 3.86
CA PRO A 34 3.84 28.05 4.42
C PRO A 34 2.47 27.65 4.94
N PRO A 35 2.03 28.25 6.03
CA PRO A 35 0.75 27.88 6.65
C PRO A 35 -0.46 28.43 5.89
N ARG A 36 -1.62 27.90 6.29
CA ARG A 36 -2.87 28.17 5.59
C ARG A 36 -3.39 29.59 5.85
N GLU A 37 -3.25 30.08 7.08
CA GLU A 37 -3.67 31.43 7.44
C GLU A 37 -2.65 32.03 8.39
N ASP A 38 -2.70 33.36 8.52
CA ASP A 38 -1.81 34.11 9.40
C ASP A 38 -2.65 34.85 10.43
N ALA A 39 -2.12 34.95 11.66
CA ALA A 39 -2.80 35.71 12.70
C ALA A 39 -2.86 37.18 12.35
N ALA A 40 -1.91 37.67 11.55
CA ALA A 40 -1.87 39.04 11.05
C ALA A 40 -1.04 39.09 9.76
N PRO A 41 -1.69 39.06 8.59
CA PRO A 41 -0.94 39.06 7.32
C PRO A 41 -0.16 40.33 7.07
N GLU A 42 -0.51 41.41 7.76
CA GLU A 42 0.04 42.74 7.60
C GLU A 42 1.33 42.95 8.39
N ILE A 43 1.76 41.95 9.17
CA ILE A 43 2.95 42.06 10.01
C ILE A 43 3.80 40.80 9.87
N ASN A 44 5.13 40.99 9.93
CA ASN A 44 6.09 39.90 10.02
C ASN A 44 6.55 39.75 11.46
N GLY A 45 6.69 38.51 11.91
CA GLY A 45 7.14 38.23 13.25
C GLY A 45 8.27 37.22 13.28
N TRP A 46 9.19 37.42 14.22
CA TRP A 46 10.28 36.47 14.48
C TRP A 46 10.64 36.58 15.97
N ASP A 47 11.71 35.87 16.37
CA ASP A 47 12.28 35.94 17.72
C ASP A 47 11.22 35.99 18.82
N THR A 48 10.53 34.88 19.05
CA THR A 48 9.39 34.84 19.95
C THR A 48 9.71 34.15 21.26
N TRP A 49 9.03 34.60 22.34
CA TRP A 49 9.23 34.07 23.68
C TRP A 49 7.90 34.00 24.41
N PHE A 50 7.85 33.19 25.46
CA PHE A 50 6.62 32.92 26.21
C PHE A 50 6.56 33.75 27.49
N LEU A 51 5.34 34.11 27.87
CA LEU A 51 5.09 34.63 29.20
C LEU A 51 5.07 33.47 30.17
N ARG A 52 6.07 33.39 31.04
CA ARG A 52 6.23 32.27 31.95
C ARG A 52 5.98 32.70 33.39
N GLU A 53 5.57 31.75 34.22
CA GLU A 53 5.56 31.98 35.66
C GLU A 53 6.99 32.03 36.18
N ARG A 54 7.14 32.31 37.47
CA ARG A 54 8.48 32.43 38.03
C ARG A 54 9.24 31.11 37.96
N ASP A 55 8.56 29.98 38.19
CA ASP A 55 9.22 28.67 38.15
C ASP A 55 9.65 28.26 36.75
N GLY A 56 8.99 28.79 35.71
CA GLY A 56 9.37 28.49 34.35
C GLY A 56 8.23 28.01 33.47
N SER A 57 7.15 27.56 34.11
CA SER A 57 5.97 27.09 33.39
C SER A 57 5.35 28.19 32.54
N ILE A 58 4.67 27.77 31.47
CA ILE A 58 3.91 28.71 30.64
C ILE A 58 2.82 29.34 31.49
N ALA A 59 2.83 30.67 31.59
CA ALA A 59 1.84 31.35 32.40
C ALA A 59 0.47 31.25 31.77
N THR A 60 -0.55 31.08 32.60
CA THR A 60 -1.92 31.07 32.15
C THR A 60 -2.70 32.11 32.96
N VAL A 61 -3.35 33.02 32.27
CA VAL A 61 -4.19 34.05 32.89
C VAL A 61 -5.61 33.87 32.38
N GLY A 62 -6.50 33.45 33.27
CA GLY A 62 -7.87 33.17 32.85
C GLY A 62 -8.00 32.23 31.68
N GLY A 63 -7.11 31.23 31.59
CA GLY A 63 -7.17 30.26 30.53
C GLY A 63 -6.39 30.60 29.29
N TRP A 64 -5.69 31.74 29.28
CA TRP A 64 -5.00 32.23 28.09
C TRP A 64 -3.49 32.11 28.26
N ARG A 65 -2.81 31.72 27.19
CA ARG A 65 -1.36 31.85 27.08
C ARG A 65 -1.04 33.15 26.36
N VAL A 66 0.10 33.73 26.72
CA VAL A 66 0.60 34.95 26.09
C VAL A 66 2.00 34.67 25.55
N ILE A 67 2.28 35.15 24.34
CA ILE A 67 3.60 35.09 23.74
C ILE A 67 3.94 36.47 23.19
N PHE A 68 5.22 36.71 22.98
CA PHE A 68 5.74 37.97 22.50
C PHE A 68 6.64 37.71 21.29
N SER A 69 6.58 38.60 20.30
CA SER A 69 7.38 38.50 19.10
C SER A 69 7.98 39.85 18.74
N LEU A 70 9.18 39.80 18.19
CA LEU A 70 9.67 40.94 17.42
C LEU A 70 8.87 41.05 16.13
N THR A 71 8.49 42.28 15.78
CA THR A 71 7.63 42.50 14.62
C THR A 71 8.12 43.70 13.82
N ALA A 72 7.85 43.63 12.52
CA ALA A 72 8.08 44.72 11.59
C ALA A 72 6.97 44.66 10.55
N PRO A 73 6.65 45.77 9.89
CA PRO A 73 5.62 45.73 8.84
C PRO A 73 6.01 44.78 7.72
N ALA A 74 5.01 44.06 7.19
CA ALA A 74 5.27 43.16 6.08
C ALA A 74 5.70 43.92 4.84
N ASP A 75 5.33 45.20 4.75
CA ASP A 75 5.75 46.04 3.62
C ASP A 75 7.27 46.18 3.56
N LEU A 76 7.95 46.02 4.69
CA LEU A 76 9.38 46.31 4.78
C LEU A 76 10.19 45.16 4.20
N LEU A 77 11.39 45.49 3.70
CA LEU A 77 12.29 44.45 3.21
C LEU A 77 12.83 43.61 4.37
N PRO A 78 12.97 42.30 4.19
CA PRO A 78 13.44 41.46 5.31
C PRO A 78 14.77 41.89 5.88
N GLY A 79 15.77 42.11 5.03
CA GLY A 79 17.11 42.43 5.48
C GLY A 79 17.20 43.54 6.51
N LYS A 80 16.25 44.47 6.50
CA LYS A 80 16.29 45.64 7.37
C LYS A 80 15.33 45.58 8.55
N ARG A 81 14.56 44.49 8.70
CA ARG A 81 13.54 44.44 9.74
C ARG A 81 14.12 44.62 11.14
N HIS A 82 15.40 44.26 11.35
CA HIS A 82 16.03 44.39 12.67
C HIS A 82 16.24 45.84 13.08
N ASP A 83 16.10 46.79 12.17
CA ASP A 83 16.33 48.17 12.54
C ASP A 83 15.10 48.83 13.13
N VAL A 84 13.90 48.23 12.96
CA VAL A 84 12.65 48.81 13.43
C VAL A 84 11.82 47.79 14.20
N ALA A 85 12.47 46.84 14.84
CA ALA A 85 11.75 45.78 15.53
C ALA A 85 10.98 46.31 16.73
N GLU A 86 9.71 45.94 16.84
CA GLU A 86 8.85 46.32 17.95
C GLU A 86 8.23 45.08 18.56
N ILE A 87 8.03 45.08 19.88
CA ILE A 87 7.53 43.90 20.57
C ILE A 87 6.00 43.91 20.53
N ARG A 88 5.41 42.87 19.95
CA ARG A 88 3.96 42.65 19.99
C ARG A 88 3.68 41.37 20.77
N TYR A 89 2.45 41.26 21.28
CA TYR A 89 2.04 40.07 22.01
C TYR A 89 0.81 39.45 21.38
N PHE A 90 0.75 38.12 21.50
CA PHE A 90 -0.37 37.33 21.00
C PHE A 90 -0.85 36.41 22.12
N TYR A 91 -2.14 36.08 22.10
CA TYR A 91 -2.71 35.25 23.15
C TYR A 91 -3.53 34.14 22.53
N SER A 92 -3.73 33.06 23.30
CA SER A 92 -4.51 31.94 22.78
C SER A 92 -5.10 31.10 23.90
N ARG A 93 -6.27 30.49 23.61
CA ARG A 93 -6.91 29.58 24.56
C ARG A 93 -6.45 28.14 24.41
N ASP A 94 -6.16 27.68 23.18
CA ASP A 94 -5.76 26.29 22.93
C ASP A 94 -4.26 26.13 22.76
N GLY A 95 -3.61 27.02 22.02
CA GLY A 95 -2.19 26.88 21.77
C GLY A 95 -1.90 26.91 20.28
N GLU A 96 -2.96 26.91 19.47
CA GLU A 96 -2.85 26.93 18.01
C GLU A 96 -3.36 28.22 17.39
N THR A 97 -4.56 28.65 17.76
CA THR A 97 -5.19 29.83 17.16
C THR A 97 -4.83 31.05 18.00
N TRP A 98 -3.87 31.84 17.51
CA TRP A 98 -3.39 33.02 18.20
C TRP A 98 -4.07 34.28 17.69
N PHE A 99 -4.40 35.17 18.60
CA PHE A 99 -4.98 36.47 18.27
C PHE A 99 -3.94 37.56 18.45
N ASP A 100 -3.90 38.49 17.50
CA ASP A 100 -2.98 39.62 17.60
C ASP A 100 -3.43 40.56 18.71
N GLY A 101 -2.50 40.94 19.57
CA GLY A 101 -2.81 41.81 20.70
C GLY A 101 -2.21 43.19 20.58
N GLY A 102 -1.50 43.47 19.50
CA GLY A 102 -0.93 44.78 19.31
C GLY A 102 0.40 44.95 20.03
N PRO A 103 0.99 46.15 19.90
CA PRO A 103 2.24 46.42 20.62
C PRO A 103 2.05 46.37 22.13
N VAL A 104 3.09 45.93 22.82
CA VAL A 104 3.00 45.82 24.28
C VAL A 104 3.29 47.17 24.94
N PHE A 105 4.13 48.02 24.34
CA PHE A 105 4.59 49.27 24.95
C PHE A 105 4.07 50.47 24.16
N GLU A 106 3.54 51.48 24.88
CA GLU A 106 3.16 52.74 24.21
C GLU A 106 4.28 53.76 24.40
N GLY A 107 5.43 53.45 23.82
CA GLY A 107 6.55 54.35 23.87
C GLY A 107 7.35 54.18 25.15
N GLY A 108 8.04 55.26 25.54
CA GLY A 108 8.96 55.21 26.66
C GLY A 108 9.94 54.05 26.62
N THR A 109 10.04 53.37 25.48
CA THR A 109 10.92 52.21 25.35
C THR A 109 12.38 52.65 25.27
N ARG A 110 13.26 51.84 25.86
CA ARG A 110 14.69 52.10 25.77
C ARG A 110 15.24 51.57 24.45
N GLY A 111 16.11 52.36 23.84
CA GLY A 111 16.78 51.96 22.61
C GLY A 111 16.08 52.47 21.36
N SER A 112 16.87 52.61 20.29
CA SER A 112 16.30 52.94 18.98
C SER A 112 15.28 51.89 18.56
N ARG A 113 15.54 50.63 18.88
CA ARG A 113 14.57 49.58 18.66
C ARG A 113 14.81 48.50 19.71
N GLN A 114 13.92 47.50 19.74
CA GLN A 114 13.97 46.44 20.73
C GLN A 114 14.23 45.10 20.06
N TRP A 115 15.09 44.30 20.69
CA TRP A 115 15.38 42.93 20.28
C TRP A 115 14.95 41.98 21.38
N ALA A 116 15.08 40.69 21.09
CA ALA A 116 14.42 39.64 21.85
C ALA A 116 14.80 39.67 23.34
N GLY A 117 13.91 39.09 24.15
CA GLY A 117 14.11 38.98 25.58
C GLY A 117 13.33 37.83 26.20
N SER A 118 12.55 38.14 27.25
CA SER A 118 11.78 37.14 27.98
C SER A 118 10.70 37.87 28.77
N ALA A 119 9.79 37.10 29.36
CA ALA A 119 8.66 37.68 30.07
C ALA A 119 8.34 36.88 31.32
N LEU A 120 8.11 37.59 32.43
CA LEU A 120 7.84 36.98 33.72
C LEU A 120 6.59 37.59 34.33
N LEU A 121 5.60 36.73 34.61
CA LEU A 121 4.44 37.10 35.42
C LEU A 121 4.71 36.64 36.83
N ASP A 122 5.16 37.57 37.68
CA ASP A 122 5.62 37.22 39.01
C ASP A 122 4.46 36.76 39.87
N ASP A 123 4.79 36.27 41.07
CA ASP A 123 3.75 35.79 41.98
C ASP A 123 2.84 36.93 42.44
N ASP A 124 3.39 38.13 42.64
CA ASP A 124 2.60 39.27 43.06
C ASP A 124 1.64 39.77 41.98
N GLY A 125 1.76 39.29 40.74
CA GLY A 125 0.93 39.73 39.64
C GLY A 125 1.54 40.81 38.77
N ARG A 126 2.70 41.35 39.16
CA ARG A 126 3.38 42.34 38.35
C ARG A 126 3.99 41.68 37.12
N LEU A 127 3.86 42.35 35.98
CA LEU A 127 4.42 41.85 34.72
C LEU A 127 5.75 42.54 34.46
N TYR A 128 6.77 41.72 34.16
CA TYR A 128 8.09 42.19 33.77
C TYR A 128 8.39 41.66 32.37
N VAL A 129 8.72 42.56 31.45
CA VAL A 129 9.05 42.18 30.08
C VAL A 129 10.50 42.59 29.82
N PHE A 130 11.40 41.62 29.89
CA PHE A 130 12.80 41.85 29.58
C PHE A 130 13.00 41.85 28.08
N TYR A 131 13.79 42.81 27.60
CA TYR A 131 14.08 42.93 26.17
C TYR A 131 15.47 43.52 26.01
N THR A 132 15.92 43.58 24.76
CA THR A 132 17.20 44.18 24.42
C THR A 132 16.99 45.56 23.84
N ALA A 133 17.71 46.55 24.39
CA ALA A 133 17.63 47.92 23.87
C ALA A 133 18.76 48.09 22.86
N SER A 134 18.42 48.00 21.56
CA SER A 134 19.38 48.24 20.49
C SER A 134 19.42 49.73 20.16
N GLY A 135 20.61 50.31 20.28
CA GLY A 135 20.76 51.74 20.04
C GLY A 135 20.32 52.56 21.23
N ARG A 136 20.10 53.85 20.95
CA ARG A 136 19.55 54.79 21.92
C ARG A 136 18.38 55.52 21.28
N ALA A 137 17.37 55.84 22.10
CA ALA A 137 16.15 56.45 21.59
C ALA A 137 16.45 57.72 20.80
N GLY A 138 15.89 57.81 19.61
CA GLY A 138 16.02 59.01 18.79
C GLY A 138 17.42 59.33 18.33
N GLU A 139 18.17 58.32 17.88
CA GLU A 139 19.49 58.54 17.35
C GLU A 139 19.44 59.24 15.99
N ALA A 140 20.60 59.77 15.58
CA ALA A 140 20.72 60.33 14.23
C ALA A 140 20.87 59.21 13.21
N GLU A 141 21.96 58.47 13.26
CA GLU A 141 22.14 57.28 12.45
C GLU A 141 22.13 56.04 13.34
N ILE A 142 21.62 54.93 12.80
CA ILE A 142 21.45 53.69 13.58
C ILE A 142 22.79 53.21 14.12
N THR A 143 22.88 53.05 15.43
CA THR A 143 24.00 52.42 16.11
C THR A 143 23.64 50.99 16.52
N TYR A 144 24.65 50.25 16.99
CA TYR A 144 24.47 48.85 17.35
C TYR A 144 24.85 48.61 18.81
N GLU A 145 24.53 49.57 19.67
CA GLU A 145 24.76 49.43 21.10
C GLU A 145 23.65 48.59 21.73
N GLN A 146 24.04 47.57 22.49
CA GLN A 146 23.10 46.62 23.07
C GLN A 146 23.18 46.68 24.59
N ARG A 147 22.02 46.81 25.24
CA ARG A 147 21.91 46.86 26.70
C ARG A 147 20.69 46.07 27.15
N LEU A 148 20.80 45.39 28.29
CA LEU A 148 19.69 44.61 28.83
C LEU A 148 18.77 45.55 29.61
N ALA A 149 17.52 45.67 29.17
CA ALA A 149 16.52 46.51 29.82
C ALA A 149 15.30 45.67 30.22
N VAL A 150 14.40 46.30 30.96
CA VAL A 150 13.16 45.65 31.38
C VAL A 150 12.04 46.68 31.39
N GLY A 151 10.85 46.25 31.00
CA GLY A 151 9.68 47.07 31.16
C GLY A 151 8.86 46.58 32.34
N SER A 152 9.14 47.09 33.53
CA SER A 152 8.48 46.61 34.74
C SER A 152 7.10 47.23 34.91
N GLY A 153 6.28 46.57 35.73
CA GLY A 153 5.05 47.16 36.20
C GLY A 153 3.86 47.03 35.28
N GLY A 154 3.84 46.00 34.43
CA GLY A 154 2.69 45.83 33.57
C GLY A 154 1.57 45.09 34.27
N SER A 155 0.36 45.26 33.76
CA SER A 155 -0.81 44.57 34.29
C SER A 155 -1.52 43.82 33.17
N VAL A 156 -1.70 42.51 33.35
CA VAL A 156 -2.36 41.66 32.36
C VAL A 156 -3.76 41.32 32.87
N VAL A 157 -4.78 41.70 32.08
CA VAL A 157 -6.18 41.44 32.43
C VAL A 157 -6.80 40.52 31.38
N ALA A 158 -7.68 39.62 31.84
CA ALA A 158 -8.26 38.61 30.97
C ALA A 158 -9.76 38.43 31.26
N ASP A 159 -10.61 38.84 30.31
CA ASP A 159 -12.03 38.51 30.29
C ASP A 159 -12.22 37.23 29.48
N ASP A 160 -13.42 37.00 28.92
CA ASP A 160 -13.66 35.84 28.05
C ASP A 160 -13.54 36.12 26.55
N ASP A 161 -13.25 37.36 26.13
CA ASP A 161 -13.05 37.69 24.72
C ASP A 161 -11.60 37.82 24.30
N GLY A 162 -10.69 38.10 25.23
CA GLY A 162 -9.28 38.24 24.89
C GLY A 162 -8.46 38.61 26.11
N VAL A 163 -7.29 39.20 25.85
CA VAL A 163 -6.31 39.57 26.88
C VAL A 163 -5.80 40.98 26.58
N ARG A 164 -5.71 41.81 27.63
CA ARG A 164 -5.18 43.16 27.49
C ARG A 164 -3.95 43.29 28.39
N ILE A 165 -2.84 43.75 27.82
CA ILE A 165 -1.65 44.13 28.56
C ILE A 165 -1.65 45.65 28.69
N GLU A 166 -1.86 46.17 29.89
CA GLU A 166 -2.01 47.59 30.06
C GLU A 166 -0.89 48.14 30.95
N GLY A 167 -0.73 49.45 30.84
CA GLY A 167 0.24 50.23 31.56
C GLY A 167 -0.27 50.74 32.89
N PRO A 168 0.51 51.61 33.54
CA PRO A 168 1.71 52.25 32.99
C PRO A 168 2.98 51.41 33.11
N PHE A 169 3.76 51.38 32.04
CA PHE A 169 5.01 50.64 32.02
C PHE A 169 6.16 51.55 32.39
N ALA A 170 7.10 51.02 33.16
CA ALA A 170 8.31 51.72 33.54
C ALA A 170 9.49 50.96 32.97
N HIS A 171 10.35 51.67 32.24
CA HIS A 171 11.45 51.05 31.52
C HIS A 171 12.77 51.58 32.07
N GLY A 172 13.75 50.69 32.16
CA GLY A 172 15.09 51.07 32.55
C GLY A 172 16.07 50.04 32.08
N VAL A 173 17.31 50.46 31.91
CA VAL A 173 18.39 49.53 31.60
C VAL A 173 18.77 48.78 32.86
N LEU A 174 18.97 47.47 32.73
CA LEU A 174 19.40 46.61 33.83
C LEU A 174 20.90 46.36 33.79
N LEU A 175 21.42 45.99 32.62
CA LEU A 175 22.82 45.59 32.56
C LEU A 175 23.49 46.12 31.30
N GLU A 176 24.74 46.53 31.47
CA GLU A 176 25.65 46.88 30.39
C GLU A 176 26.95 46.13 30.62
N PRO A 177 27.69 45.80 29.56
CA PRO A 177 28.91 45.00 29.74
C PRO A 177 29.94 45.72 30.59
N ASP A 178 30.54 44.97 31.53
CA ASP A 178 31.50 45.56 32.45
C ASP A 178 32.86 45.83 31.80
N GLY A 179 33.26 45.01 30.83
CA GLY A 179 34.52 45.20 30.15
C GLY A 179 35.64 44.31 30.64
N GLU A 180 35.40 43.57 31.73
CA GLU A 180 36.35 42.65 32.34
C GLU A 180 35.97 41.19 32.15
N ARG A 181 34.69 40.86 32.37
CA ARG A 181 34.11 39.55 32.06
C ARG A 181 33.35 39.52 30.75
N TYR A 182 32.73 40.64 30.37
CA TYR A 182 31.92 40.72 29.17
C TYR A 182 32.38 41.91 28.34
N GLU A 183 32.69 41.65 27.07
CA GLU A 183 33.34 42.62 26.21
C GLU A 183 32.43 43.82 25.91
N ARG A 184 33.04 45.00 25.86
CA ARG A 184 32.39 46.25 25.48
C ARG A 184 32.54 46.49 23.98
N GLU A 185 31.74 47.43 23.46
CA GLU A 185 31.77 47.72 22.04
C GLU A 185 33.15 48.22 21.61
N GLU A 186 33.75 49.09 22.42
CA GLU A 186 35.11 49.57 22.18
C GLU A 186 36.10 48.43 22.02
N GLN A 187 35.92 47.36 22.79
CA GLN A 187 36.81 46.20 22.78
C GLN A 187 36.57 45.26 21.60
N SER A 188 35.46 45.39 20.90
CA SER A 188 35.11 44.41 19.88
C SER A 188 36.09 44.44 18.72
N ARG A 189 36.79 43.33 18.49
CA ARG A 189 37.47 43.12 17.24
C ARG A 189 36.58 42.30 16.31
N GLY A 190 37.04 42.08 15.09
CA GLY A 190 36.27 41.34 14.09
C GLY A 190 34.86 41.85 13.91
N MET A 191 33.87 41.02 14.24
CA MET A 191 32.48 41.42 14.03
C MET A 191 31.97 42.23 15.22
N ILE A 192 30.77 42.80 15.03
CA ILE A 192 30.15 43.60 16.09
C ILE A 192 29.91 42.75 17.34
N TYR A 193 30.15 43.36 18.49
CA TYR A 193 29.96 42.67 19.77
C TYR A 193 28.49 42.35 20.01
N THR A 194 28.26 41.54 21.03
CA THR A 194 26.91 41.17 21.42
C THR A 194 26.75 41.32 22.93
N PHE A 195 25.60 41.85 23.33
CA PHE A 195 25.19 41.87 24.73
C PHE A 195 23.68 41.98 24.77
N ARG A 196 22.98 40.87 24.62
CA ARG A 196 21.54 40.92 24.35
C ARG A 196 20.86 39.62 24.80
N ASP A 197 19.55 39.55 24.55
CA ASP A 197 18.70 38.40 24.77
C ASP A 197 18.62 38.00 26.24
N PRO A 198 18.04 38.84 27.10
CA PRO A 198 17.93 38.49 28.53
C PRO A 198 16.81 37.49 28.75
N TRP A 199 17.15 36.37 29.39
CA TRP A 199 16.21 35.29 29.67
C TRP A 199 16.19 35.06 31.18
N PHE A 200 15.04 35.28 31.80
CA PHE A 200 14.92 35.07 33.24
C PHE A 200 14.86 33.59 33.55
N PHE A 201 15.47 33.20 34.67
CA PHE A 201 15.50 31.80 35.06
C PHE A 201 15.67 31.68 36.56
N GLU A 202 14.66 31.13 37.24
CA GLU A 202 14.81 30.73 38.64
C GLU A 202 15.25 29.28 38.70
N ASP A 203 16.37 29.02 39.37
CA ASP A 203 16.90 27.68 39.53
C ASP A 203 15.96 26.88 40.42
N PRO A 204 15.36 25.80 39.94
CA PRO A 204 14.42 25.03 40.77
C PRO A 204 15.10 24.29 41.92
N ARG A 205 16.43 24.22 41.93
CA ARG A 205 17.15 23.54 43.03
C ARG A 205 17.49 24.52 44.15
N SER A 206 18.36 25.49 43.85
CA SER A 206 18.78 26.44 44.88
C SER A 206 17.68 27.44 45.21
N GLY A 207 16.78 27.72 44.27
CA GLY A 207 15.83 28.80 44.43
C GLY A 207 16.35 30.16 44.05
N LYS A 208 17.64 30.28 43.77
CA LYS A 208 18.26 31.55 43.44
C LYS A 208 17.75 32.05 42.09
N THR A 209 17.82 33.35 41.89
CA THR A 209 17.27 34.00 40.71
C THR A 209 18.40 34.45 39.78
N TYR A 210 18.35 34.04 38.52
CA TYR A 210 19.36 34.39 37.55
C TYR A 210 18.72 34.99 36.30
N LEU A 211 19.57 35.64 35.51
CA LEU A 211 19.20 36.21 34.21
C LEU A 211 20.32 35.88 33.23
N LEU A 212 20.04 35.02 32.26
CA LEU A 212 21.02 34.67 31.24
C LEU A 212 20.97 35.67 30.07
N PHE A 213 22.07 35.74 29.34
CA PHE A 213 22.15 36.60 28.17
C PHE A 213 23.31 36.16 27.29
N GLU A 214 23.32 36.66 26.06
CA GLU A 214 24.40 36.39 25.13
C GLU A 214 25.39 37.54 25.20
N ALA A 215 26.67 37.23 25.41
CA ALA A 215 27.70 38.24 25.50
C ALA A 215 28.94 37.75 24.74
N ASN A 216 29.96 38.60 24.73
CA ASN A 216 31.28 38.21 24.26
C ASN A 216 32.26 38.39 25.40
N THR A 217 33.30 37.55 25.42
CA THR A 217 34.28 37.68 26.49
C THR A 217 35.57 38.27 25.95
N PRO A 218 36.05 39.36 26.54
CA PRO A 218 37.20 40.06 25.97
C PRO A 218 38.46 39.20 25.99
N ILE A 219 39.20 39.25 24.89
CA ILE A 219 40.49 38.59 24.75
C ILE A 219 41.49 39.68 24.43
N PRO A 220 42.52 39.88 25.25
CA PRO A 220 43.51 40.93 24.98
C PRO A 220 44.27 40.70 23.69
N GLU A 221 44.85 41.78 23.19
CA GLU A 221 45.66 41.70 21.98
C GLU A 221 46.89 40.86 22.24
N GLY A 222 47.24 40.01 21.27
CA GLY A 222 48.41 39.17 21.42
C GLY A 222 48.36 38.24 22.61
N ALA A 223 47.18 37.98 23.16
CA ALA A 223 47.07 37.16 24.35
C ALA A 223 47.58 35.75 24.11
N GLY A 224 47.61 35.30 22.87
CA GLY A 224 48.00 33.94 22.56
C GLY A 224 47.01 32.90 23.00
N ALA A 225 45.79 33.31 23.36
CA ALA A 225 44.79 32.39 23.85
C ALA A 225 44.37 31.37 22.80
N CYS A 226 44.70 31.59 21.53
CA CYS A 226 44.39 30.62 20.49
C CYS A 226 45.57 30.44 19.56
N GLY A 227 45.54 29.32 18.83
CA GLY A 227 46.58 28.95 17.89
C GLY A 227 46.66 29.79 16.64
N ASP A 228 45.78 30.78 16.48
CA ASP A 228 45.79 31.67 15.34
C ASP A 228 45.21 32.98 15.83
N PRO A 229 45.86 34.12 15.55
CA PRO A 229 45.32 35.41 16.00
C PRO A 229 43.91 35.69 15.52
N VAL A 230 43.55 35.32 14.29
CA VAL A 230 42.23 35.65 13.78
C VAL A 230 41.14 34.94 14.58
N TRP A 231 41.43 33.72 15.03
CA TRP A 231 40.46 32.94 15.78
C TRP A 231 39.99 33.66 17.03
N GLU A 232 40.86 34.48 17.64
CA GLU A 232 40.51 35.21 18.86
C GLU A 232 39.41 36.23 18.63
N GLU A 233 39.08 36.55 17.38
CA GLU A 233 37.98 37.46 17.11
C GLU A 233 36.61 36.84 17.40
N PHE A 234 36.53 35.50 17.42
CA PHE A 234 35.29 34.77 17.67
C PHE A 234 35.26 34.38 19.15
N ASN A 235 34.55 35.18 19.96
CA ASN A 235 34.61 35.08 21.41
C ASN A 235 33.23 35.09 22.02
N GLY A 236 32.28 34.40 21.39
CA GLY A 236 30.93 34.34 21.94
C GLY A 236 30.87 33.54 23.23
N SER A 237 29.97 33.97 24.11
CA SER A 237 29.80 33.34 25.41
C SER A 237 28.38 33.58 25.90
N VAL A 238 27.95 32.71 26.82
CA VAL A 238 26.65 32.83 27.46
C VAL A 238 26.89 33.36 28.86
N GLY A 239 26.61 34.65 29.06
CA GLY A 239 26.76 35.26 30.35
C GLY A 239 25.54 35.13 31.23
N ILE A 240 25.74 35.32 32.53
CA ILE A 240 24.69 35.15 33.52
C ILE A 240 24.86 36.22 34.58
N ALA A 241 23.74 36.71 35.09
CA ALA A 241 23.73 37.65 36.20
C ALA A 241 22.83 37.10 37.29
N HIS A 242 23.13 37.47 38.52
CA HIS A 242 22.41 36.96 39.67
C HIS A 242 21.65 38.08 40.35
N SER A 243 20.53 37.75 40.99
CA SER A 243 19.80 38.70 41.81
C SER A 243 19.76 38.20 43.25
N PRO A 244 20.50 38.82 44.16
CA PRO A 244 20.52 38.31 45.55
C PRO A 244 19.17 38.40 46.25
N THR A 245 18.45 39.52 46.10
CA THR A 245 17.14 39.67 46.71
C THR A 245 16.03 38.94 45.97
N GLY A 246 16.25 38.55 44.71
CA GLY A 246 15.22 37.95 43.90
C GLY A 246 14.39 38.95 43.13
N ASP A 247 14.53 40.23 43.43
CA ASP A 247 13.90 41.31 42.69
C ASP A 247 14.25 41.20 41.21
N PRO A 248 13.27 41.12 40.32
CA PRO A 248 13.59 40.95 38.90
C PRO A 248 14.25 42.17 38.24
N THR A 249 14.57 43.19 39.03
CA THR A 249 15.18 44.41 38.49
C THR A 249 16.51 44.77 39.14
N ASP A 250 16.98 43.98 40.11
CA ASP A 250 18.25 44.19 40.79
C ASP A 250 19.17 43.02 40.43
N TRP A 251 20.20 43.30 39.64
CA TRP A 251 21.08 42.25 39.11
C TRP A 251 22.54 42.59 39.32
N GLU A 252 23.35 41.55 39.53
CA GLU A 252 24.79 41.64 39.62
C GLU A 252 25.41 40.63 38.67
N LEU A 253 26.39 41.07 37.87
CA LEU A 253 27.01 40.19 36.87
C LEU A 253 27.79 39.06 37.54
N CYS A 254 27.79 37.88 36.90
CA CYS A 254 28.59 36.74 37.32
C CYS A 254 29.52 36.31 36.19
N ASP A 255 30.38 35.33 36.48
CA ASP A 255 31.24 34.78 35.45
C ASP A 255 30.41 33.96 34.46
N PRO A 256 30.80 33.92 33.20
CA PRO A 256 29.95 33.31 32.16
C PRO A 256 29.83 31.80 32.33
N LEU A 257 28.67 31.27 31.90
CA LEU A 257 28.40 29.84 32.01
C LEU A 257 29.24 29.04 31.03
N LEU A 258 29.46 29.58 29.84
CA LEU A 258 30.04 28.84 28.74
C LEU A 258 30.64 29.82 27.74
N GLU A 259 31.75 29.42 27.11
CA GLU A 259 32.42 30.25 26.12
C GLU A 259 32.72 29.42 24.88
N GLY A 260 32.54 30.02 23.71
CA GLY A 260 32.89 29.38 22.45
C GLY A 260 34.09 30.03 21.79
N ILE A 261 35.11 30.32 22.59
CA ILE A 261 36.28 31.03 22.07
C ILE A 261 36.96 30.21 21.00
N CYS A 262 37.19 30.85 19.84
CA CYS A 262 37.79 30.30 18.63
C CYS A 262 36.85 29.37 17.89
N VAL A 263 35.55 29.40 18.21
CA VAL A 263 34.54 28.57 17.56
C VAL A 263 33.43 29.40 16.96
N ASN A 264 32.82 30.28 17.74
CA ASN A 264 31.68 31.03 17.24
C ASN A 264 31.65 32.41 17.89
N GLN A 265 31.11 33.39 17.15
CA GLN A 265 30.98 34.77 17.61
C GLN A 265 29.64 35.03 18.29
N GLU A 266 28.57 34.39 17.81
CA GLU A 266 27.21 34.65 18.28
C GLU A 266 26.61 33.37 18.84
N LEU A 267 26.41 33.32 20.15
CA LEU A 267 25.61 32.29 20.80
C LEU A 267 24.25 32.89 21.13
N GLU A 268 23.38 32.98 20.11
CA GLU A 268 22.14 33.74 20.26
C GLU A 268 21.11 33.00 21.11
N ARG A 269 20.27 33.81 21.78
CA ARG A 269 19.13 33.45 22.61
C ARG A 269 19.38 32.21 23.46
N PRO A 270 20.18 32.35 24.52
CA PRO A 270 20.46 31.19 25.39
C PRO A 270 19.33 30.99 26.39
N HIS A 271 19.10 29.72 26.73
CA HIS A 271 18.11 29.39 27.74
C HIS A 271 18.41 28.01 28.29
N VAL A 272 17.85 27.72 29.47
CA VAL A 272 18.09 26.45 30.16
C VAL A 272 16.77 25.73 30.37
N VAL A 273 16.76 24.44 30.06
CA VAL A 273 15.68 23.55 30.45
C VAL A 273 16.24 22.59 31.47
N VAL A 274 15.62 22.51 32.65
CA VAL A 274 16.03 21.56 33.67
C VAL A 274 15.15 20.34 33.55
N ARG A 275 15.76 19.18 33.44
CA ARG A 275 15.01 17.93 33.26
C ARG A 275 15.59 16.87 34.17
N ASN A 276 14.79 16.45 35.15
CA ASN A 276 15.15 15.39 36.08
C ASN A 276 16.56 15.55 36.66
N GLY A 277 16.89 16.78 37.02
CA GLY A 277 18.13 17.02 37.72
C GLY A 277 19.30 17.35 36.82
N PHE A 278 19.07 17.49 35.53
CA PHE A 278 20.12 17.85 34.58
C PHE A 278 19.77 19.17 33.93
N TYR A 279 20.78 20.00 33.70
CA TYR A 279 20.59 21.34 33.18
C TYR A 279 21.05 21.32 31.74
N TYR A 280 20.12 21.56 30.82
CA TYR A 280 20.40 21.61 29.39
C TYR A 280 20.39 23.07 28.96
N LEU A 281 21.54 23.55 28.50
CA LEU A 281 21.70 24.91 28.00
C LEU A 281 21.64 24.88 26.48
N PHE A 282 20.72 25.64 25.90
CA PHE A 282 20.52 25.71 24.46
C PHE A 282 20.84 27.12 23.99
N VAL A 283 21.47 27.19 22.81
CA VAL A 283 21.80 28.44 22.12
C VAL A 283 21.59 28.23 20.63
N SER A 284 20.98 29.22 19.97
CA SER A 284 20.90 29.23 18.53
C SER A 284 22.15 29.89 17.93
N SER A 285 22.54 29.45 16.74
CA SER A 285 23.74 30.00 16.14
C SER A 285 23.68 29.95 14.62
N HIS A 286 24.36 30.91 13.99
CA HIS A 286 24.43 31.04 12.55
C HIS A 286 25.61 30.25 11.98
N ASP A 287 25.57 30.02 10.66
CA ASP A 287 26.70 29.37 9.99
C ASP A 287 27.81 30.35 9.69
N HIS A 288 27.47 31.61 9.38
CA HIS A 288 28.48 32.59 9.01
C HIS A 288 29.23 33.16 10.20
N THR A 289 28.83 32.81 11.43
CA THR A 289 29.51 33.28 12.64
C THR A 289 30.51 32.27 13.18
N PHE A 290 30.78 31.19 12.45
CA PHE A 290 31.80 30.23 12.88
C PHE A 290 33.18 30.71 12.48
N ALA A 291 34.15 30.43 13.36
CA ALA A 291 35.54 30.78 13.10
C ALA A 291 36.06 30.02 11.89
N PRO A 292 37.09 30.54 11.22
CA PRO A 292 37.64 29.83 10.05
C PRO A 292 38.15 28.44 10.42
N GLY A 293 38.06 27.53 9.45
CA GLY A 293 38.40 26.14 9.67
C GLY A 293 37.27 25.27 10.18
N LEU A 294 36.12 25.85 10.52
CA LEU A 294 34.97 25.12 11.03
C LEU A 294 33.76 25.35 10.13
N GLU A 295 32.99 24.29 9.90
CA GLU A 295 31.76 24.37 9.11
C GLU A 295 30.60 23.83 9.95
N GLY A 296 29.74 24.73 10.42
CA GLY A 296 28.55 24.35 11.13
C GLY A 296 27.34 25.06 10.55
N PRO A 297 26.18 24.40 10.57
CA PRO A 297 24.98 25.00 9.98
C PRO A 297 24.21 25.86 10.99
N ASP A 298 23.40 26.75 10.44
CA ASP A 298 22.38 27.44 11.23
C ASP A 298 21.58 26.43 12.03
N GLY A 299 21.64 26.53 13.36
CA GLY A 299 20.95 25.51 14.15
C GLY A 299 20.90 25.82 15.63
N LEU A 300 20.19 24.94 16.33
CA LEU A 300 20.11 24.95 17.79
C LEU A 300 21.15 23.98 18.34
N TYR A 301 22.11 24.51 19.09
CA TYR A 301 23.17 23.74 19.74
C TYR A 301 22.92 23.70 21.24
N GLY A 302 23.38 22.63 21.87
CA GLY A 302 23.01 22.36 23.25
C GLY A 302 24.11 21.70 24.04
N PHE A 303 24.08 21.91 25.35
CA PHE A 303 25.06 21.38 26.28
C PHE A 303 24.35 20.95 27.55
N VAL A 304 24.98 20.07 28.31
CA VAL A 304 24.34 19.51 29.51
C VAL A 304 25.35 19.43 30.66
N ALA A 305 24.88 19.76 31.86
CA ALA A 305 25.68 19.59 33.07
C ALA A 305 24.75 19.22 34.22
N ASP A 306 25.34 18.93 35.37
CA ASP A 306 24.56 18.51 36.55
C ASP A 306 24.20 19.67 37.48
N SER A 307 24.63 20.89 37.16
CA SER A 307 24.23 22.07 37.91
C SER A 307 24.21 23.25 36.95
N LEU A 308 23.55 24.34 37.38
CA LEU A 308 23.37 25.48 36.48
C LEU A 308 24.71 26.10 36.07
N ARG A 309 25.67 26.16 37.01
CA ARG A 309 26.98 26.73 36.75
C ARG A 309 28.06 25.66 36.67
N GLY A 310 27.70 24.45 36.23
CA GLY A 310 28.61 23.32 36.17
C GLY A 310 29.38 23.22 34.88
N GLU A 311 30.13 22.12 34.76
CA GLU A 311 30.97 21.84 33.60
C GLU A 311 30.11 21.33 32.44
N TYR A 312 29.66 22.27 31.61
CA TYR A 312 28.87 21.92 30.44
C TYR A 312 29.68 21.12 29.43
N ARG A 313 29.04 20.11 28.83
CA ARG A 313 29.61 19.30 27.78
C ARG A 313 28.62 19.23 26.62
N PRO A 314 29.09 19.20 25.39
CA PRO A 314 28.18 19.36 24.24
C PRO A 314 27.31 18.13 24.03
N LEU A 315 26.04 18.38 23.67
CA LEU A 315 25.14 17.30 23.28
C LEU A 315 25.55 16.70 21.95
N ASN A 316 25.37 15.39 21.84
CA ASN A 316 25.67 14.63 20.62
C ASN A 316 27.13 14.72 20.21
N GLY A 317 28.03 15.04 21.14
CA GLY A 317 29.46 15.11 20.79
C GLY A 317 29.93 16.39 20.13
N SER A 318 29.20 16.86 19.12
CA SER A 318 29.54 18.11 18.45
C SER A 318 28.89 19.31 19.11
N GLY A 319 27.69 19.15 19.64
CA GLY A 319 26.90 20.25 20.13
C GLY A 319 25.61 20.46 19.36
N LEU A 320 25.54 19.98 18.12
CA LEU A 320 24.37 20.20 17.29
C LEU A 320 23.19 19.38 17.80
N VAL A 321 22.12 20.07 18.16
CA VAL A 321 20.90 19.45 18.63
C VAL A 321 19.85 19.39 17.53
N LEU A 322 19.72 20.46 16.75
CA LEU A 322 18.63 20.58 15.80
C LEU A 322 19.09 21.49 14.66
N THR A 323 18.78 21.10 13.42
CA THR A 323 19.22 21.90 12.28
C THR A 323 18.28 21.68 11.11
N ASN A 324 18.38 22.59 10.11
CA ASN A 324 17.57 22.56 8.91
C ASN A 324 18.21 21.66 7.85
N PRO A 325 17.42 21.10 6.94
CA PRO A 325 17.98 20.24 5.90
C PRO A 325 18.84 21.03 4.93
N ALA A 326 19.75 20.32 4.27
CA ALA A 326 20.69 20.97 3.36
C ALA A 326 19.97 21.70 2.22
N ASN A 327 18.85 21.15 1.74
CA ASN A 327 18.15 21.72 0.60
C ASN A 327 17.12 22.77 1.00
N ALA A 328 17.13 23.22 2.26
CA ALA A 328 16.34 24.34 2.75
C ALA A 328 17.00 24.91 4.00
N PRO A 329 18.25 25.35 3.91
CA PRO A 329 19.09 25.47 5.12
C PRO A 329 18.77 26.68 5.99
N TYR A 330 17.94 27.62 5.53
CA TYR A 330 17.62 28.80 6.32
C TYR A 330 16.13 28.90 6.65
N GLN A 331 15.40 27.79 6.61
CA GLN A 331 13.95 27.84 6.72
C GLN A 331 13.47 28.20 8.12
N ALA A 332 14.27 27.93 9.14
CA ALA A 332 13.87 28.23 10.51
C ALA A 332 15.07 28.71 11.29
N TYR A 333 14.80 29.46 12.37
CA TYR A 333 15.85 29.98 13.23
C TYR A 333 15.23 30.46 14.53
N SER A 334 16.11 30.71 15.51
CA SER A 334 15.77 31.33 16.80
C SER A 334 14.87 30.41 17.64
N TRP A 335 15.32 29.18 17.85
CA TRP A 335 14.55 28.17 18.54
C TRP A 335 14.56 28.37 20.05
N VAL A 336 13.44 28.05 20.71
CA VAL A 336 13.32 28.00 22.17
C VAL A 336 12.85 26.62 22.59
N ALA A 337 13.48 26.07 23.63
CA ALA A 337 13.15 24.75 24.14
C ALA A 337 12.34 24.86 25.43
N PHE A 338 11.38 23.95 25.60
CA PHE A 338 10.56 23.91 26.81
C PHE A 338 10.02 22.50 27.01
N SER A 339 9.96 22.08 28.28
CA SER A 339 9.53 20.73 28.60
C SER A 339 8.03 20.57 28.40
N HIS A 340 7.64 19.35 28.03
CA HIS A 340 6.24 18.92 27.98
C HIS A 340 6.34 17.41 28.15
N ARG A 341 5.45 16.83 28.96
CA ARG A 341 5.80 15.97 30.10
C ARG A 341 7.13 15.25 29.89
N GLU A 342 7.23 14.24 29.03
CA GLU A 342 8.50 13.53 28.81
C GLU A 342 9.18 13.83 27.47
N GLU A 343 8.69 14.82 26.74
CA GLU A 343 9.27 15.34 25.52
C GLU A 343 9.81 16.75 25.76
N LEU A 344 10.64 17.18 24.83
CA LEU A 344 11.12 18.55 24.78
C LEU A 344 10.58 19.15 23.50
N LEU A 345 9.85 20.24 23.61
CA LEU A 345 9.34 20.93 22.44
C LEU A 345 10.26 22.09 22.12
N VAL A 346 10.41 22.36 20.83
CA VAL A 346 11.31 23.39 20.33
C VAL A 346 10.55 24.20 19.31
N SER A 347 10.38 25.49 19.59
CA SER A 347 9.63 26.39 18.72
C SER A 347 10.57 27.45 18.15
N GLY A 348 10.72 27.45 16.83
CA GLY A 348 11.39 28.52 16.13
C GLY A 348 10.42 29.42 15.39
N PHE A 349 10.94 30.13 14.40
CA PHE A 349 10.10 30.87 13.48
C PHE A 349 10.54 30.53 12.06
N PHE A 350 9.65 30.84 11.11
CA PHE A 350 9.79 30.45 9.71
C PHE A 350 10.57 31.54 8.98
N ASN A 351 11.83 31.25 8.62
CA ASN A 351 12.69 32.36 8.24
C ASN A 351 12.82 32.62 6.76
N TYR A 352 13.80 31.98 6.12
CA TYR A 352 14.10 32.18 4.71
C TYR A 352 13.88 30.86 3.97
N TYR A 353 12.97 30.86 3.01
CA TYR A 353 12.66 29.63 2.30
C TYR A 353 12.61 29.90 0.81
N ASP A 354 12.68 28.81 0.03
CA ASP A 354 12.61 28.86 -1.44
C ASP A 354 13.77 29.64 -2.05
N LEU A 355 14.97 29.46 -1.51
CA LEU A 355 16.14 30.14 -2.05
C LEU A 355 16.69 29.49 -3.31
N GLY A 356 16.35 28.22 -3.53
CA GLY A 356 16.87 27.44 -4.65
C GLY A 356 18.30 27.02 -4.42
N GLY A 357 19.23 27.94 -4.62
CA GLY A 357 20.64 27.68 -4.40
C GLY A 357 21.33 28.89 -3.81
N LEU A 358 20.60 30.00 -3.74
CA LEU A 358 21.15 31.27 -3.34
C LEU A 358 21.59 31.28 -1.88
N THR A 359 22.62 32.09 -1.59
CA THR A 359 23.04 32.41 -0.25
C THR A 359 22.28 33.64 0.25
N LEU A 360 22.46 33.97 1.53
CA LEU A 360 21.65 35.03 2.12
C LEU A 360 22.04 36.41 1.58
N ASP A 361 23.33 36.65 1.37
CA ASP A 361 23.77 37.92 0.79
C ASP A 361 23.36 38.05 -0.68
N ASP A 362 23.14 36.92 -1.37
CA ASP A 362 22.61 36.95 -2.72
C ASP A 362 21.18 37.48 -2.75
N VAL A 363 20.39 37.17 -1.72
CA VAL A 363 18.99 37.57 -1.68
C VAL A 363 18.85 39.09 -1.66
N ALA A 364 19.84 39.80 -1.09
CA ALA A 364 19.80 41.25 -1.06
C ALA A 364 19.80 41.88 -2.45
N THR A 365 20.29 41.16 -3.46
CA THR A 365 20.31 41.70 -4.81
C THR A 365 18.95 41.68 -5.47
N LEU A 366 18.08 40.73 -5.08
CA LEU A 366 16.80 40.51 -5.72
C LEU A 366 15.87 41.72 -5.56
N SER A 367 14.85 41.77 -6.43
CA SER A 367 13.85 42.83 -6.37
C SER A 367 13.08 42.77 -5.05
N PRO A 368 12.46 43.89 -4.63
CA PRO A 368 11.72 43.87 -3.35
C PRO A 368 10.74 42.71 -3.17
N ASP A 369 9.90 42.42 -4.16
CA ASP A 369 8.93 41.33 -3.99
C ASP A 369 9.60 39.96 -3.98
N GLU A 370 10.60 39.74 -4.82
CA GLU A 370 11.27 38.44 -4.77
C GLU A 370 11.96 38.20 -3.43
N GLN A 371 12.30 39.27 -2.71
CA GLN A 371 12.80 39.12 -1.33
C GLN A 371 11.66 38.84 -0.35
N ARG A 372 10.58 39.66 -0.39
CA ARG A 372 9.47 39.47 0.54
C ARG A 372 8.81 38.11 0.38
N ALA A 373 8.83 37.55 -0.84
CA ALA A 373 8.23 36.25 -1.11
C ALA A 373 9.03 35.11 -0.50
N LYS A 374 10.28 35.35 -0.12
CA LYS A 374 11.15 34.31 0.43
C LYS A 374 11.35 34.45 1.93
N PHE A 375 10.43 35.14 2.60
CA PHE A 375 10.51 35.34 4.04
C PHE A 375 9.17 34.93 4.64
N GLY A 376 9.21 34.02 5.60
CA GLY A 376 7.98 33.57 6.23
C GLY A 376 7.39 34.61 7.15
N GLY A 377 8.06 34.85 8.28
CA GLY A 377 7.52 35.75 9.28
C GLY A 377 6.37 35.17 10.06
N THR A 378 6.36 33.85 10.27
CA THR A 378 5.35 33.19 11.09
C THR A 378 6.05 32.17 12.00
N LEU A 379 5.26 31.42 12.75
CA LEU A 379 5.82 30.41 13.64
C LEU A 379 6.06 29.10 12.90
N ALA A 380 7.18 28.46 13.22
CA ALA A 380 7.56 27.19 12.63
C ALA A 380 6.78 26.05 13.29
N PRO A 381 6.64 24.92 12.59
CA PRO A 381 6.04 23.73 13.21
C PRO A 381 6.85 23.28 14.43
N THR A 382 6.19 23.25 15.59
CA THR A 382 6.87 22.92 16.82
C THR A 382 7.47 21.52 16.75
N VAL A 383 8.75 21.41 17.07
CA VAL A 383 9.49 20.17 16.91
C VAL A 383 9.49 19.42 18.24
N ARG A 384 9.30 18.11 18.18
CA ARG A 384 9.31 17.25 19.35
C ARG A 384 10.58 16.42 19.35
N VAL A 385 11.39 16.57 20.40
CA VAL A 385 12.64 15.84 20.57
C VAL A 385 12.58 15.06 21.87
N ALA A 386 13.47 14.07 21.97
CA ALA A 386 13.60 13.23 23.15
C ALA A 386 15.04 13.28 23.62
N LEU A 387 15.25 13.76 24.84
CA LEU A 387 16.57 13.72 25.45
C LEU A 387 16.78 12.37 26.11
N SER A 388 18.04 11.91 26.09
CA SER A 388 18.36 10.58 26.62
C SER A 388 19.65 10.58 27.43
N GLY A 389 20.25 11.74 27.67
CA GLY A 389 21.50 11.82 28.39
C GLY A 389 22.19 13.05 27.86
N ASP A 390 23.36 12.86 27.23
CA ASP A 390 23.95 13.90 26.40
C ASP A 390 23.62 13.70 24.92
N ARG A 391 22.57 12.93 24.61
CA ARG A 391 22.21 12.61 23.23
C ARG A 391 20.73 12.89 22.98
N THR A 392 20.45 13.48 21.82
CA THR A 392 19.10 13.90 21.42
C THR A 392 18.68 13.21 20.14
N ARG A 393 17.39 13.30 19.85
CA ARG A 393 16.81 12.71 18.66
C ARG A 393 15.49 13.40 18.33
N ILE A 394 15.35 13.84 17.08
CA ILE A 394 14.10 14.42 16.62
C ILE A 394 13.07 13.31 16.51
N THR A 395 11.91 13.48 17.15
CA THR A 395 10.88 12.47 17.12
C THR A 395 9.62 12.88 16.35
N GLY A 396 9.39 14.17 16.13
CA GLY A 396 8.26 14.55 15.31
C GLY A 396 8.06 16.05 15.27
N THR A 397 6.89 16.44 14.74
CA THR A 397 6.49 17.85 14.69
C THR A 397 5.01 17.93 15.05
N LEU A 398 4.58 19.16 15.33
CA LEU A 398 3.18 19.50 15.59
C LEU A 398 2.76 20.60 14.62
N SER A 399 1.53 21.08 14.77
CA SER A 399 1.02 22.15 13.94
C SER A 399 1.87 23.42 14.09
N HIS A 400 1.75 24.31 13.10
CA HIS A 400 2.47 25.57 13.09
C HIS A 400 2.25 26.38 14.37
N GLY A 401 3.33 26.64 15.09
CA GLY A 401 3.28 27.44 16.31
C GLY A 401 2.37 26.89 17.40
N ARG A 402 2.41 25.58 17.62
CA ARG A 402 1.66 24.94 18.70
C ARG A 402 2.48 25.02 19.99
N ILE A 403 1.99 25.82 20.94
CA ILE A 403 2.57 25.89 22.27
C ILE A 403 1.58 25.27 23.24
N PRO A 404 1.74 23.99 23.59
CA PRO A 404 0.77 23.33 24.47
C PRO A 404 1.19 23.40 25.93
N LEU A 405 0.19 23.33 26.80
CA LEU A 405 0.43 23.23 28.23
C LEU A 405 0.72 21.78 28.60
N GLU A 406 1.26 21.58 29.80
CA GLU A 406 1.44 20.21 30.28
C GLU A 406 0.09 19.58 30.59
N SER A 407 -0.95 20.40 30.74
CA SER A 407 -2.32 19.90 30.92
C SER A 407 -2.86 19.23 29.67
N GLU A 408 -2.29 19.50 28.49
CA GLU A 408 -2.81 19.01 27.21
C GLU A 408 -2.01 17.81 26.73
N GLU A 409 -2.71 16.83 26.15
CA GLU A 409 -2.06 15.67 25.56
C GLU A 409 -1.80 15.90 24.07
N LEU A 410 -0.60 15.50 23.61
CA LEU A 410 -0.15 15.66 22.23
C LEU A 410 -0.39 14.37 21.43
N PRO A 411 -0.55 14.47 20.12
CA PRO A 411 -0.79 13.28 19.29
C PRO A 411 0.30 12.24 19.43
N ASP A 412 -0.07 10.98 19.14
CA ASP A 412 0.88 9.88 19.23
C ASP A 412 1.90 9.93 18.10
N LEU A 413 3.03 9.28 18.32
CA LEU A 413 4.16 9.30 17.40
C LEU A 413 4.35 7.93 16.75
N PRO A 414 4.98 7.88 15.56
CA PRO A 414 5.26 6.59 14.92
C PRO A 414 6.30 5.77 15.68
N ALA B 9 3.17 -68.86 1.44
CA ALA B 9 1.85 -69.03 0.81
C ALA B 9 1.08 -67.71 0.84
N THR B 10 1.75 -66.63 0.47
CA THR B 10 1.15 -65.29 0.60
C THR B 10 -0.06 -65.17 -0.32
N PRO B 11 -1.19 -64.64 0.16
CA PRO B 11 -2.39 -64.53 -0.69
C PRO B 11 -2.11 -63.68 -1.92
N ARG B 12 -2.75 -64.07 -3.04
CA ARG B 12 -2.46 -63.47 -4.33
C ARG B 12 -3.73 -62.94 -4.97
N TRP B 13 -3.69 -61.68 -5.38
CA TRP B 13 -4.68 -61.11 -6.28
C TRP B 13 -4.31 -61.59 -7.68
N THR B 14 -5.05 -62.57 -8.20
CA THR B 14 -4.62 -63.26 -9.41
C THR B 14 -5.10 -62.55 -10.67
N ARG B 15 -4.59 -63.01 -11.82
CA ARG B 15 -4.97 -62.42 -13.10
C ARG B 15 -6.41 -62.76 -13.50
N GLU B 16 -6.89 -63.96 -13.16
CA GLU B 16 -8.28 -64.26 -13.47
C GLU B 16 -9.23 -63.35 -12.71
N HIS B 17 -8.82 -62.86 -11.54
CA HIS B 17 -9.62 -61.86 -10.84
C HIS B 17 -9.69 -60.57 -11.65
N ALA B 18 -8.53 -60.03 -12.04
CA ALA B 18 -8.49 -58.77 -12.77
C ALA B 18 -9.18 -58.87 -14.13
N SER B 19 -9.25 -60.09 -14.69
CA SER B 19 -9.96 -60.29 -15.96
C SER B 19 -11.43 -59.97 -15.82
N LYS B 20 -11.97 -60.09 -14.61
CA LYS B 20 -13.37 -59.82 -14.34
C LYS B 20 -13.63 -58.36 -13.95
N ILE B 21 -12.59 -57.53 -13.87
CA ILE B 21 -12.79 -56.13 -13.51
C ILE B 21 -13.69 -55.47 -14.54
N GLU B 22 -14.70 -54.75 -14.05
CA GLU B 22 -15.72 -54.16 -14.90
C GLU B 22 -16.54 -53.13 -14.12
N ARG B 23 -16.80 -51.97 -14.73
CA ARG B 23 -17.67 -50.99 -14.11
C ARG B 23 -19.11 -51.50 -14.07
N THR B 24 -19.78 -51.29 -12.95
CA THR B 24 -21.18 -51.65 -12.78
C THR B 24 -21.89 -50.56 -11.99
N ASP B 25 -23.21 -50.57 -12.06
CA ASP B 25 -24.00 -49.55 -11.37
C ASP B 25 -23.76 -49.54 -9.87
N GLU B 26 -23.30 -50.65 -9.29
CA GLU B 26 -23.06 -50.73 -7.85
C GLU B 26 -21.69 -50.21 -7.44
N THR B 27 -20.80 -49.89 -8.38
CA THR B 27 -19.45 -49.50 -8.03
C THR B 27 -19.02 -48.15 -8.61
N VAL B 28 -19.85 -47.51 -9.44
CA VAL B 28 -19.49 -46.24 -10.07
C VAL B 28 -20.09 -45.10 -9.25
N VAL B 29 -19.26 -44.11 -8.94
CA VAL B 29 -19.66 -42.98 -8.10
C VAL B 29 -20.28 -41.88 -8.95
N PRO B 30 -21.08 -40.99 -8.37
CA PRO B 30 -21.64 -39.88 -9.15
C PRO B 30 -20.57 -38.89 -9.58
N ILE B 31 -20.96 -38.01 -10.50
CA ILE B 31 -20.07 -36.94 -10.96
C ILE B 31 -19.79 -36.00 -9.80
N ILE B 32 -18.53 -35.62 -9.65
CA ILE B 32 -18.12 -34.63 -8.65
C ILE B 32 -18.03 -33.28 -9.34
N TYR B 33 -18.76 -32.29 -8.82
CA TYR B 33 -18.67 -30.91 -9.26
C TYR B 33 -17.96 -30.05 -8.21
N PRO B 34 -17.27 -28.98 -8.62
CA PRO B 34 -16.48 -28.17 -7.68
C PRO B 34 -17.34 -27.62 -6.55
N PRO B 35 -16.78 -27.53 -5.35
CA PRO B 35 -17.55 -27.08 -4.18
C PRO B 35 -17.82 -25.57 -4.17
N ARG B 36 -18.58 -25.15 -3.16
CA ARG B 36 -19.03 -23.76 -3.11
C ARG B 36 -17.85 -22.82 -2.92
N GLU B 37 -17.00 -23.15 -1.95
CA GLU B 37 -15.83 -22.38 -1.55
C GLU B 37 -14.71 -23.35 -1.20
N ASP B 38 -13.49 -22.83 -1.03
CA ASP B 38 -12.35 -23.67 -0.68
C ASP B 38 -11.88 -23.24 0.72
N ALA B 39 -11.46 -24.23 1.52
CA ALA B 39 -10.98 -23.95 2.87
C ALA B 39 -9.72 -23.11 2.85
N ALA B 40 -8.95 -23.19 1.76
CA ALA B 40 -7.76 -22.39 1.52
C ALA B 40 -7.54 -22.34 0.01
N PRO B 41 -7.96 -21.27 -0.65
CA PRO B 41 -7.91 -21.23 -2.13
C PRO B 41 -6.50 -21.29 -2.72
N GLU B 42 -5.47 -20.92 -1.96
CA GLU B 42 -4.10 -20.80 -2.44
C GLU B 42 -3.30 -22.10 -2.34
N ILE B 43 -3.86 -23.17 -1.80
CA ILE B 43 -3.16 -24.44 -1.65
C ILE B 43 -4.04 -25.56 -2.16
N ASN B 44 -3.40 -26.55 -2.79
CA ASN B 44 -4.05 -27.78 -3.21
C ASN B 44 -3.73 -28.90 -2.23
N GLY B 45 -4.73 -29.71 -1.91
CA GLY B 45 -4.55 -30.84 -1.02
C GLY B 45 -5.04 -32.12 -1.65
N TRP B 46 -4.33 -33.21 -1.36
CA TRP B 46 -4.71 -34.55 -1.79
C TRP B 46 -4.20 -35.54 -0.74
N ASP B 47 -4.34 -36.84 -1.01
CA ASP B 47 -3.84 -37.89 -0.12
C ASP B 47 -4.05 -37.56 1.35
N THR B 48 -5.30 -37.57 1.81
CA THR B 48 -5.66 -37.11 3.15
C THR B 48 -5.95 -38.29 4.07
N TRP B 49 -5.64 -38.10 5.36
CA TRP B 49 -5.82 -39.14 6.37
C TRP B 49 -6.31 -38.53 7.69
N PHE B 50 -6.87 -39.39 8.53
CA PHE B 50 -7.49 -38.96 9.77
C PHE B 50 -6.56 -39.16 10.96
N LEU B 51 -6.66 -38.24 11.92
CA LEU B 51 -6.05 -38.45 13.23
C LEU B 51 -6.95 -39.41 14.00
N ARG B 52 -6.45 -40.62 14.24
CA ARG B 52 -7.24 -41.67 14.87
C ARG B 52 -6.70 -41.98 16.25
N GLU B 53 -7.57 -42.46 17.12
CA GLU B 53 -7.15 -43.05 18.37
C GLU B 53 -6.49 -44.41 18.10
N ARG B 54 -6.03 -45.05 19.18
CA ARG B 54 -5.30 -46.31 19.02
C ARG B 54 -6.20 -47.40 18.42
N ASP B 55 -7.47 -47.47 18.85
CA ASP B 55 -8.35 -48.50 18.32
C ASP B 55 -8.71 -48.26 16.86
N GLY B 56 -8.71 -47.02 16.41
CA GLY B 56 -9.01 -46.73 15.01
C GLY B 56 -10.10 -45.69 14.79
N SER B 57 -10.89 -45.40 15.81
CA SER B 57 -11.93 -44.39 15.72
C SER B 57 -11.33 -43.03 15.42
N ILE B 58 -12.13 -42.16 14.79
CA ILE B 58 -11.69 -40.78 14.56
C ILE B 58 -11.48 -40.11 15.89
N ALA B 59 -10.25 -39.66 16.15
CA ALA B 59 -9.96 -38.97 17.41
C ALA B 59 -10.56 -37.57 17.39
N THR B 60 -11.11 -37.15 18.53
CA THR B 60 -11.62 -35.80 18.72
C THR B 60 -11.02 -35.22 19.99
N VAL B 61 -10.44 -34.02 19.87
CA VAL B 61 -9.83 -33.31 20.99
C VAL B 61 -10.57 -31.98 21.19
N GLY B 62 -11.13 -31.80 22.39
CA GLY B 62 -11.91 -30.63 22.72
C GLY B 62 -13.14 -30.31 21.87
N GLY B 63 -13.44 -31.17 20.90
CA GLY B 63 -14.63 -31.03 20.08
C GLY B 63 -14.30 -30.99 18.61
N TRP B 64 -13.02 -31.07 18.29
CA TRP B 64 -12.50 -30.86 16.96
C TRP B 64 -11.98 -32.18 16.41
N ARG B 65 -12.28 -32.43 15.15
CA ARG B 65 -11.64 -33.50 14.40
C ARG B 65 -10.48 -32.89 13.63
N VAL B 66 -9.45 -33.71 13.46
CA VAL B 66 -8.23 -33.31 12.78
C VAL B 66 -7.99 -34.25 11.61
N ILE B 67 -7.59 -33.68 10.46
CA ILE B 67 -7.17 -34.45 9.31
C ILE B 67 -5.87 -33.88 8.79
N PHE B 68 -5.16 -34.68 8.01
CA PHE B 68 -3.86 -34.30 7.48
C PHE B 68 -3.88 -34.50 5.96
N SER B 69 -3.24 -33.58 5.25
CA SER B 69 -3.18 -33.67 3.79
C SER B 69 -1.78 -33.37 3.28
N LEU B 70 -1.39 -34.06 2.22
CA LEU B 70 -0.30 -33.58 1.38
C LEU B 70 -0.78 -32.33 0.65
N THR B 71 0.07 -31.30 0.61
CA THR B 71 -0.29 -30.02 0.03
C THR B 71 0.86 -29.48 -0.78
N ALA B 72 0.53 -28.67 -1.78
CA ALA B 72 1.47 -27.93 -2.60
C ALA B 72 0.83 -26.59 -2.93
N PRO B 73 1.64 -25.58 -3.28
CA PRO B 73 1.07 -24.28 -3.65
C PRO B 73 0.17 -24.39 -4.86
N ALA B 74 -0.93 -23.63 -4.86
CA ALA B 74 -1.85 -23.63 -5.99
C ALA B 74 -1.21 -23.03 -7.23
N ASP B 75 -0.20 -22.18 -7.06
CA ASP B 75 0.53 -21.63 -8.19
C ASP B 75 1.23 -22.73 -9.00
N LEU B 76 1.51 -23.87 -8.38
CA LEU B 76 2.30 -24.93 -9.00
C LEU B 76 1.47 -25.76 -9.98
N LEU B 77 2.17 -26.28 -10.98
CA LEU B 77 1.53 -27.17 -11.94
C LEU B 77 1.16 -28.49 -11.27
N PRO B 78 0.01 -29.08 -11.63
CA PRO B 78 -0.41 -30.33 -10.97
C PRO B 78 0.58 -31.47 -11.10
N GLY B 79 1.04 -31.74 -12.33
CA GLY B 79 1.96 -32.86 -12.57
C GLY B 79 3.18 -32.86 -11.68
N LYS B 80 3.62 -31.69 -11.21
CA LYS B 80 4.84 -31.55 -10.44
C LYS B 80 4.58 -31.44 -8.94
N ARG B 81 3.32 -31.45 -8.51
CA ARG B 81 3.00 -31.22 -7.10
C ARG B 81 3.64 -32.27 -6.19
N HIS B 82 3.90 -33.47 -6.71
CA HIS B 82 4.50 -34.55 -5.91
C HIS B 82 5.95 -34.30 -5.53
N ASP B 83 6.63 -33.34 -6.16
CA ASP B 83 8.02 -33.12 -5.85
C ASP B 83 8.23 -32.19 -4.65
N VAL B 84 7.20 -31.45 -4.23
CA VAL B 84 7.32 -30.47 -3.16
C VAL B 84 6.22 -30.67 -2.12
N ALA B 85 5.73 -31.90 -1.98
CA ALA B 85 4.60 -32.17 -1.10
C ALA B 85 4.96 -31.90 0.36
N GLU B 86 4.11 -31.15 1.06
CA GLU B 86 4.30 -30.83 2.47
C GLU B 86 3.04 -31.21 3.24
N ILE B 87 3.20 -31.69 4.46
CA ILE B 87 2.07 -32.18 5.25
C ILE B 87 1.46 -31.03 6.03
N ARG B 88 0.18 -30.75 5.79
CA ARG B 88 -0.59 -29.77 6.56
C ARG B 88 -1.70 -30.48 7.32
N TYR B 89 -2.21 -29.82 8.35
CA TYR B 89 -3.33 -30.34 9.12
C TYR B 89 -4.50 -29.34 9.10
N PHE B 90 -5.72 -29.88 9.14
CA PHE B 90 -6.94 -29.10 9.16
C PHE B 90 -7.82 -29.61 10.29
N TYR B 91 -8.63 -28.71 10.86
CA TYR B 91 -9.50 -29.06 11.97
C TYR B 91 -10.91 -28.56 11.71
N SER B 92 -11.89 -29.23 12.33
CA SER B 92 -13.28 -28.82 12.16
C SER B 92 -14.14 -29.32 13.31
N ARG B 93 -15.21 -28.57 13.60
CA ARG B 93 -16.14 -28.98 14.65
C ARG B 93 -17.29 -29.86 14.16
N ASP B 94 -17.80 -29.65 12.96
CA ASP B 94 -18.94 -30.42 12.50
C ASP B 94 -18.54 -31.60 11.63
N GLY B 95 -17.58 -31.42 10.74
CA GLY B 95 -17.16 -32.49 9.86
C GLY B 95 -17.24 -32.04 8.43
N GLU B 96 -17.79 -30.84 8.22
CA GLU B 96 -17.97 -30.24 6.91
C GLU B 96 -17.10 -29.03 6.69
N THR B 97 -17.12 -28.07 7.63
CA THR B 97 -16.41 -26.81 7.47
C THR B 97 -15.02 -26.94 8.07
N TRP B 98 -14.01 -27.17 7.23
CA TRP B 98 -12.65 -27.40 7.68
C TRP B 98 -11.82 -26.11 7.62
N PHE B 99 -11.03 -25.89 8.66
CA PHE B 99 -10.15 -24.73 8.77
C PHE B 99 -8.69 -25.13 8.60
N ASP B 100 -7.94 -24.31 7.87
CA ASP B 100 -6.52 -24.55 7.64
C ASP B 100 -5.72 -24.36 8.92
N GLY B 101 -4.84 -25.32 9.23
CA GLY B 101 -4.03 -25.27 10.43
C GLY B 101 -2.55 -25.05 10.19
N GLY B 102 -2.15 -24.91 8.93
CA GLY B 102 -0.77 -24.69 8.60
C GLY B 102 0.05 -25.97 8.53
N PRO B 103 1.33 -25.82 8.18
CA PRO B 103 2.21 -27.00 8.09
C PRO B 103 2.31 -27.75 9.41
N VAL B 104 2.50 -29.07 9.31
CA VAL B 104 2.58 -29.89 10.51
C VAL B 104 3.97 -29.85 11.11
N PHE B 105 5.01 -29.74 10.28
CA PHE B 105 6.39 -29.79 10.72
C PHE B 105 7.10 -28.47 10.45
N GLU B 106 7.87 -27.98 11.43
CA GLU B 106 8.64 -26.77 11.26
C GLU B 106 10.10 -27.07 10.87
N GLY B 107 10.38 -28.32 10.46
CA GLY B 107 11.67 -28.71 9.93
C GLY B 107 12.08 -30.07 10.46
N GLY B 108 13.39 -30.30 10.45
CA GLY B 108 13.95 -31.60 10.81
C GLY B 108 13.33 -32.81 10.14
N THR B 109 12.53 -32.61 9.09
CA THR B 109 11.83 -33.70 8.42
C THR B 109 12.79 -34.52 7.58
N ARG B 110 12.53 -35.83 7.51
CA ARG B 110 13.31 -36.70 6.65
C ARG B 110 12.82 -36.61 5.22
N GLY B 111 13.75 -36.64 4.27
CA GLY B 111 13.37 -36.73 2.87
C GLY B 111 13.29 -35.37 2.18
N SER B 112 13.47 -35.41 0.85
CA SER B 112 13.25 -34.22 0.02
C SER B 112 11.83 -33.72 0.15
N ARG B 113 10.87 -34.63 0.22
CA ARG B 113 9.49 -34.27 0.47
C ARG B 113 8.81 -35.40 1.23
N GLN B 114 7.58 -35.15 1.66
CA GLN B 114 6.80 -36.09 2.44
C GLN B 114 5.62 -36.58 1.62
N TRP B 115 5.38 -37.89 1.68
CA TRP B 115 4.22 -38.52 1.07
C TRP B 115 3.35 -39.15 2.14
N ALA B 116 2.18 -39.64 1.70
CA ALA B 116 1.07 -39.95 2.58
C ALA B 116 1.47 -40.93 3.68
N GLY B 117 0.73 -40.87 4.79
CA GLY B 117 0.95 -41.74 5.93
C GLY B 117 -0.30 -41.96 6.78
N SER B 118 -0.19 -41.70 8.08
CA SER B 118 -1.30 -41.87 9.02
C SER B 118 -0.97 -41.07 10.27
N ALA B 119 -1.95 -40.98 11.17
CA ALA B 119 -1.78 -40.20 12.39
C ALA B 119 -2.39 -40.93 13.57
N LEU B 120 -1.66 -40.97 14.68
CA LEU B 120 -2.08 -41.68 15.88
C LEU B 120 -2.00 -40.73 17.07
N LEU B 121 -3.14 -40.51 17.72
CA LEU B 121 -3.19 -39.83 19.01
C LEU B 121 -3.27 -40.89 20.09
N ASP B 122 -2.14 -41.17 20.73
CA ASP B 122 -2.02 -42.27 21.67
C ASP B 122 -2.85 -42.03 22.92
N ASP B 123 -2.95 -43.08 23.74
CA ASP B 123 -3.68 -42.98 25.00
C ASP B 123 -2.99 -42.03 25.98
N ASP B 124 -1.66 -42.01 25.97
CA ASP B 124 -0.90 -41.11 26.84
C ASP B 124 -1.00 -39.65 26.41
N GLY B 125 -1.57 -39.37 25.24
CA GLY B 125 -1.67 -38.03 24.71
C GLY B 125 -0.58 -37.63 23.75
N ARG B 126 0.45 -38.46 23.56
CA ARG B 126 1.49 -38.15 22.60
C ARG B 126 0.99 -38.34 21.18
N LEU B 127 1.39 -37.43 20.29
CA LEU B 127 1.00 -37.47 18.88
C LEU B 127 2.12 -38.06 18.04
N TYR B 128 1.77 -39.03 17.19
CA TYR B 128 2.66 -39.61 16.19
C TYR B 128 2.09 -39.36 14.79
N VAL B 129 2.90 -38.83 13.89
CA VAL B 129 2.50 -38.58 12.51
C VAL B 129 3.41 -39.43 11.61
N PHE B 130 2.90 -40.56 11.14
CA PHE B 130 3.65 -41.42 10.24
C PHE B 130 3.56 -40.86 8.82
N TYR B 131 4.70 -40.81 8.13
CA TYR B 131 4.73 -40.28 6.77
C TYR B 131 5.80 -41.03 5.98
N THR B 132 5.84 -40.77 4.67
CA THR B 132 6.86 -41.35 3.79
C THR B 132 7.90 -40.29 3.47
N ALA B 133 9.17 -40.64 3.66
CA ALA B 133 10.28 -39.74 3.33
C ALA B 133 10.69 -40.06 1.90
N SER B 134 10.21 -39.26 0.94
CA SER B 134 10.62 -39.43 -0.44
C SER B 134 11.87 -38.59 -0.68
N GLY B 135 12.94 -39.25 -1.12
CA GLY B 135 14.20 -38.58 -1.31
C GLY B 135 14.97 -38.43 0.01
N ARG B 136 15.95 -37.53 -0.03
CA ARG B 136 16.75 -37.17 1.13
C ARG B 136 16.79 -35.66 1.26
N ALA B 137 16.91 -35.18 2.51
CA ALA B 137 16.87 -33.73 2.76
C ALA B 137 17.96 -33.00 1.96
N GLY B 138 17.54 -31.96 1.25
CA GLY B 138 18.48 -31.10 0.54
C GLY B 138 19.24 -31.75 -0.59
N GLU B 139 18.55 -32.53 -1.44
CA GLU B 139 19.19 -33.13 -2.60
C GLU B 139 19.50 -32.09 -3.67
N ALA B 140 20.35 -32.49 -4.62
CA ALA B 140 20.56 -31.66 -5.80
C ALA B 140 19.40 -31.81 -6.77
N GLU B 141 19.28 -32.98 -7.39
CA GLU B 141 18.13 -33.29 -8.23
C GLU B 141 17.31 -34.39 -7.60
N ILE B 142 15.99 -34.32 -7.81
CA ILE B 142 15.02 -35.19 -7.16
C ILE B 142 15.25 -36.66 -7.50
N THR B 143 15.44 -37.47 -6.46
CA THR B 143 15.44 -38.93 -6.55
C THR B 143 14.10 -39.46 -6.02
N TYR B 144 13.89 -40.76 -6.18
CA TYR B 144 12.64 -41.40 -5.78
C TYR B 144 12.86 -42.47 -4.72
N GLU B 145 13.78 -42.21 -3.79
CA GLU B 145 14.01 -43.13 -2.68
C GLU B 145 12.92 -42.93 -1.62
N GLN B 146 12.29 -44.04 -1.22
CA GLN B 146 11.16 -44.02 -0.28
C GLN B 146 11.50 -44.82 0.96
N ARG B 147 11.30 -44.21 2.14
CA ARG B 147 11.50 -44.89 3.40
C ARG B 147 10.38 -44.49 4.36
N LEU B 148 9.96 -45.44 5.21
CA LEU B 148 8.89 -45.19 6.17
C LEU B 148 9.46 -44.50 7.40
N ALA B 149 9.00 -43.27 7.68
CA ALA B 149 9.43 -42.47 8.82
C ALA B 149 8.23 -42.08 9.69
N VAL B 150 8.53 -41.48 10.86
CA VAL B 150 7.51 -41.03 11.80
C VAL B 150 7.98 -39.77 12.50
N GLY B 151 7.04 -38.85 12.76
CA GLY B 151 7.32 -37.70 13.59
C GLY B 151 6.75 -37.81 14.99
N SER B 152 7.52 -38.37 15.93
CA SER B 152 7.02 -38.62 17.27
C SER B 152 7.05 -37.35 18.13
N GLY B 153 6.27 -37.38 19.21
CA GLY B 153 6.37 -36.38 20.24
C GLY B 153 5.56 -35.12 20.05
N GLY B 154 4.41 -35.19 19.36
CA GLY B 154 3.57 -34.01 19.22
C GLY B 154 2.61 -33.81 20.38
N SER B 155 2.16 -32.56 20.52
CA SER B 155 1.18 -32.18 21.53
C SER B 155 0.04 -31.44 20.84
N VAL B 156 -1.20 -31.90 21.05
CA VAL B 156 -2.37 -31.26 20.44
C VAL B 156 -3.10 -30.45 21.51
N VAL B 157 -3.26 -29.15 21.25
CA VAL B 157 -4.00 -28.26 22.12
C VAL B 157 -5.22 -27.74 21.35
N ALA B 158 -6.32 -27.54 22.07
CA ALA B 158 -7.60 -27.18 21.46
C ALA B 158 -8.22 -26.05 22.28
N ASP B 159 -8.33 -24.89 21.65
CA ASP B 159 -9.08 -23.76 22.20
C ASP B 159 -10.53 -23.87 21.75
N ASP B 160 -11.27 -22.77 21.83
CA ASP B 160 -12.55 -22.64 21.17
C ASP B 160 -12.42 -21.85 19.87
N ASP B 161 -11.19 -21.41 19.54
CA ASP B 161 -10.89 -20.72 18.30
C ASP B 161 -10.33 -21.64 17.22
N GLY B 162 -9.71 -22.75 17.63
CA GLY B 162 -9.15 -23.67 16.67
C GLY B 162 -8.38 -24.76 17.39
N VAL B 163 -7.42 -25.34 16.66
CA VAL B 163 -6.58 -26.43 17.16
C VAL B 163 -5.15 -26.14 16.74
N ARG B 164 -4.21 -26.31 17.67
CA ARG B 164 -2.79 -26.11 17.40
C ARG B 164 -2.03 -27.40 17.67
N ILE B 165 -1.17 -27.78 16.72
CA ILE B 165 -0.22 -28.86 16.91
C ILE B 165 1.11 -28.23 17.30
N GLU B 166 1.48 -28.39 18.57
CA GLU B 166 2.61 -27.76 19.21
C GLU B 166 3.60 -28.80 19.73
N GLY B 167 4.76 -28.29 20.12
CA GLY B 167 5.83 -29.04 20.75
C GLY B 167 6.99 -29.29 19.81
N PRO B 168 8.03 -29.92 20.31
CA PRO B 168 9.11 -30.31 19.41
C PRO B 168 8.85 -31.66 18.77
N PHE B 169 9.06 -31.73 17.45
CA PHE B 169 8.88 -32.95 16.69
C PHE B 169 10.22 -33.66 16.54
N ALA B 170 10.17 -34.98 16.68
CA ALA B 170 11.35 -35.83 16.56
C ALA B 170 11.14 -36.75 15.38
N HIS B 171 12.09 -36.75 14.45
CA HIS B 171 11.96 -37.48 13.20
C HIS B 171 13.03 -38.55 13.11
N GLY B 172 12.63 -39.71 12.61
CA GLY B 172 13.56 -40.79 12.35
C GLY B 172 12.94 -41.73 11.35
N VAL B 173 13.79 -42.42 10.60
CA VAL B 173 13.33 -43.45 9.68
C VAL B 173 12.99 -44.70 10.48
N LEU B 174 11.85 -45.32 10.17
CA LEU B 174 11.45 -46.54 10.83
C LEU B 174 11.83 -47.78 10.03
N LEU B 175 11.49 -47.81 8.75
CA LEU B 175 11.75 -49.02 7.96
C LEU B 175 12.19 -48.68 6.54
N GLU B 176 13.09 -49.52 6.03
CA GLU B 176 13.54 -49.58 4.65
C GLU B 176 13.46 -51.02 4.17
N PRO B 177 13.28 -51.25 2.86
CA PRO B 177 13.07 -52.62 2.39
C PRO B 177 14.25 -53.53 2.68
N ASP B 178 13.95 -54.75 3.15
CA ASP B 178 14.98 -55.71 3.52
C ASP B 178 15.65 -56.34 2.30
N GLY B 179 14.92 -56.48 1.18
CA GLY B 179 15.47 -57.00 -0.06
C GLY B 179 15.13 -58.43 -0.38
N GLU B 180 14.52 -59.17 0.54
CA GLU B 180 14.07 -60.54 0.27
C GLU B 180 12.56 -60.69 0.29
N ARG B 181 11.89 -60.02 1.22
CA ARG B 181 10.43 -59.95 1.22
C ARG B 181 9.92 -58.71 0.50
N TYR B 182 10.68 -57.62 0.54
CA TYR B 182 10.25 -56.34 -0.03
C TYR B 182 11.33 -55.79 -0.95
N GLU B 183 10.92 -55.46 -2.18
CA GLU B 183 11.85 -55.12 -3.24
C GLU B 183 12.57 -53.81 -2.93
N ARG B 184 13.86 -53.80 -3.25
CA ARG B 184 14.80 -52.71 -3.10
C ARG B 184 14.93 -51.88 -4.39
N GLU B 185 15.50 -50.68 -4.25
CA GLU B 185 15.65 -49.78 -5.38
C GLU B 185 16.53 -50.38 -6.47
N GLU B 186 17.70 -50.92 -6.11
CA GLU B 186 18.54 -51.63 -7.08
C GLU B 186 17.77 -52.77 -7.74
N GLN B 187 16.89 -53.43 -6.99
CA GLN B 187 16.20 -54.62 -7.48
C GLN B 187 15.02 -54.31 -8.39
N SER B 188 14.55 -53.06 -8.43
CA SER B 188 13.35 -52.69 -9.17
C SER B 188 13.53 -52.88 -10.67
N ARG B 189 12.69 -53.73 -11.29
CA ARG B 189 12.54 -53.74 -12.73
C ARG B 189 11.34 -52.89 -13.13
N GLY B 190 11.14 -52.76 -14.44
CA GLY B 190 10.03 -51.97 -14.97
C GLY B 190 9.98 -50.57 -14.40
N MET B 191 8.91 -50.27 -13.68
CA MET B 191 8.68 -48.96 -13.12
C MET B 191 9.40 -48.81 -11.77
N ILE B 192 9.39 -47.59 -11.23
CA ILE B 192 10.03 -47.32 -9.96
C ILE B 192 9.39 -48.18 -8.87
N TYR B 193 10.22 -48.66 -7.95
CA TYR B 193 9.72 -49.46 -6.84
C TYR B 193 8.81 -48.62 -5.94
N THR B 194 8.15 -49.28 -4.99
CA THR B 194 7.31 -48.59 -4.03
C THR B 194 7.60 -49.11 -2.63
N PHE B 195 7.69 -48.19 -1.67
CA PHE B 195 7.80 -48.54 -0.26
C PHE B 195 7.31 -47.37 0.56
N ARG B 196 5.99 -47.23 0.73
CA ARG B 196 5.45 -45.99 1.25
C ARG B 196 4.10 -46.24 1.91
N ASP B 197 3.49 -45.14 2.36
CA ASP B 197 2.14 -45.07 2.90
C ASP B 197 1.98 -45.90 4.16
N PRO B 198 2.64 -45.53 5.26
CA PRO B 198 2.49 -46.28 6.51
C PRO B 198 1.17 -45.96 7.21
N TRP B 199 0.40 -46.99 7.52
CA TRP B 199 -0.90 -46.86 8.16
C TRP B 199 -0.89 -47.66 9.45
N PHE B 200 -1.08 -46.97 10.58
CA PHE B 200 -1.07 -47.63 11.89
C PHE B 200 -2.37 -48.40 12.10
N PHE B 201 -2.27 -49.56 12.76
CA PHE B 201 -3.45 -50.41 12.96
C PHE B 201 -3.25 -51.31 14.16
N GLU B 202 -4.09 -51.14 15.19
CA GLU B 202 -4.18 -52.12 16.27
C GLU B 202 -5.30 -53.10 15.95
N ASP B 203 -4.96 -54.39 15.95
CA ASP B 203 -5.90 -55.47 15.70
C ASP B 203 -6.86 -55.60 16.88
N PRO B 204 -8.17 -55.42 16.69
CA PRO B 204 -9.10 -55.49 17.84
C PRO B 204 -9.24 -56.88 18.42
N ARG B 205 -8.74 -57.92 17.75
CA ARG B 205 -8.84 -59.29 18.27
C ARG B 205 -7.61 -59.66 19.11
N SER B 206 -6.45 -59.74 18.46
CA SER B 206 -5.24 -60.12 19.19
C SER B 206 -4.74 -58.99 20.08
N GLY B 207 -5.05 -57.74 19.76
CA GLY B 207 -4.50 -56.60 20.45
C GLY B 207 -3.12 -56.18 19.96
N LYS B 208 -2.50 -56.98 19.10
CA LYS B 208 -1.16 -56.70 18.61
C LYS B 208 -1.14 -55.46 17.72
N THR B 209 0.02 -54.82 17.64
CA THR B 209 0.18 -53.54 16.96
C THR B 209 0.90 -53.75 15.65
N TYR B 210 0.29 -53.30 14.55
CA TYR B 210 0.87 -53.45 13.22
C TYR B 210 0.89 -52.11 12.52
N LEU B 211 1.72 -52.06 11.47
CA LEU B 211 1.84 -50.90 10.61
C LEU B 211 1.87 -51.42 9.19
N LEU B 212 0.82 -51.12 8.43
CA LEU B 212 0.73 -51.53 7.03
C LEU B 212 1.45 -50.52 6.14
N PHE B 213 1.84 -50.98 4.95
CA PHE B 213 2.46 -50.11 3.96
C PHE B 213 2.37 -50.76 2.60
N GLU B 214 2.64 -49.97 1.56
CA GLU B 214 2.69 -50.46 0.20
C GLU B 214 4.14 -50.76 -0.18
N ALA B 215 4.40 -51.94 -0.71
CA ALA B 215 5.76 -52.32 -1.11
C ALA B 215 5.69 -53.08 -2.43
N ASN B 216 6.86 -53.50 -2.90
CA ASN B 216 6.99 -54.42 -4.02
C ASN B 216 7.71 -55.68 -3.55
N THR B 217 7.41 -56.81 -4.19
CA THR B 217 8.06 -58.07 -3.83
C THR B 217 9.10 -58.44 -4.86
N PRO B 218 10.34 -58.69 -4.45
CA PRO B 218 11.42 -58.97 -5.40
C PRO B 218 11.15 -60.26 -6.18
N ILE B 219 11.47 -60.22 -7.47
CA ILE B 219 11.34 -61.37 -8.37
C ILE B 219 12.72 -61.71 -8.92
N PRO B 220 13.21 -62.92 -8.68
CA PRO B 220 14.54 -63.33 -9.17
C PRO B 220 14.63 -63.35 -10.69
N GLU B 221 15.89 -63.36 -11.15
CA GLU B 221 16.19 -63.37 -12.57
C GLU B 221 15.73 -64.67 -13.23
N GLY B 222 14.91 -64.55 -14.27
CA GLY B 222 14.45 -65.75 -14.96
C GLY B 222 13.55 -66.64 -14.14
N ALA B 223 12.91 -66.11 -13.11
CA ALA B 223 12.19 -66.94 -12.15
C ALA B 223 11.08 -67.75 -12.79
N GLY B 224 10.52 -67.30 -13.91
CA GLY B 224 9.42 -68.02 -14.51
C GLY B 224 8.14 -68.03 -13.69
N ALA B 225 8.04 -67.17 -12.68
CA ALA B 225 6.87 -67.15 -11.79
C ALA B 225 5.57 -66.77 -12.50
N CYS B 226 5.63 -66.20 -13.70
CA CYS B 226 4.43 -65.83 -14.44
C CYS B 226 4.60 -66.36 -15.87
N GLY B 227 3.49 -66.50 -16.61
CA GLY B 227 3.51 -67.02 -17.98
C GLY B 227 4.13 -66.11 -19.02
N ASP B 228 4.64 -64.94 -18.62
CA ASP B 228 5.31 -64.00 -19.52
C ASP B 228 6.34 -63.24 -18.71
N PRO B 229 7.57 -63.10 -19.22
CA PRO B 229 8.59 -62.36 -18.46
C PRO B 229 8.21 -60.94 -18.06
N VAL B 230 7.54 -60.18 -18.94
CA VAL B 230 7.23 -58.78 -18.65
C VAL B 230 6.26 -58.65 -17.47
N TRP B 231 5.32 -59.59 -17.33
CA TRP B 231 4.31 -59.49 -16.28
C TRP B 231 4.93 -59.43 -14.89
N GLU B 232 6.07 -60.08 -14.69
CA GLU B 232 6.71 -60.09 -13.38
C GLU B 232 7.24 -58.72 -12.96
N GLU B 233 7.29 -57.76 -13.87
CA GLU B 233 7.72 -56.42 -13.47
C GLU B 233 6.69 -55.73 -12.61
N PHE B 234 5.44 -56.22 -12.62
CA PHE B 234 4.34 -55.67 -11.82
C PHE B 234 4.25 -56.52 -10.57
N ASN B 235 4.83 -56.03 -9.49
CA ASN B 235 5.05 -56.81 -8.27
C ASN B 235 4.58 -56.05 -7.03
N GLY B 236 3.45 -55.39 -7.15
CA GLY B 236 2.90 -54.66 -6.01
C GLY B 236 2.46 -55.59 -4.90
N SER B 237 2.57 -55.12 -3.66
CA SER B 237 2.20 -55.90 -2.49
C SER B 237 1.83 -54.97 -1.35
N VAL B 238 1.04 -55.49 -0.43
CA VAL B 238 0.68 -54.80 0.81
C VAL B 238 1.50 -55.45 1.91
N GLY B 239 2.55 -54.77 2.34
CA GLY B 239 3.35 -55.26 3.42
C GLY B 239 2.84 -54.82 4.78
N ILE B 240 3.29 -55.53 5.81
CA ILE B 240 2.88 -55.25 7.18
C ILE B 240 4.09 -55.46 8.07
N ALA B 241 4.20 -54.62 9.10
CA ALA B 241 5.25 -54.74 10.10
C ALA B 241 4.59 -54.84 11.46
N HIS B 242 5.26 -55.53 12.37
CA HIS B 242 4.72 -55.77 13.71
C HIS B 242 5.58 -55.06 14.74
N SER B 243 4.95 -54.66 15.84
CA SER B 243 5.67 -54.12 16.98
C SER B 243 5.41 -55.02 18.18
N PRO B 244 6.41 -55.76 18.68
CA PRO B 244 6.14 -56.66 19.82
C PRO B 244 5.65 -55.89 21.04
N THR B 245 6.34 -54.81 21.38
CA THR B 245 5.86 -53.85 22.34
C THR B 245 4.87 -52.90 21.66
N GLY B 246 4.05 -52.25 22.47
CA GLY B 246 3.07 -51.33 21.91
C GLY B 246 3.66 -50.05 21.35
N ASP B 247 4.96 -49.83 21.56
CA ASP B 247 5.69 -48.65 21.12
C ASP B 247 5.46 -48.39 19.63
N PRO B 248 4.91 -47.22 19.26
CA PRO B 248 4.66 -46.91 17.86
C PRO B 248 5.91 -46.62 17.02
N THR B 249 7.12 -46.81 17.56
CA THR B 249 8.32 -46.45 16.82
C THR B 249 9.32 -47.58 16.61
N ASP B 250 9.09 -48.77 17.17
CA ASP B 250 10.01 -49.90 16.98
C ASP B 250 9.25 -50.99 16.24
N TRP B 251 9.65 -51.26 15.00
CA TRP B 251 8.95 -52.18 14.11
C TRP B 251 9.92 -53.20 13.53
N GLU B 252 9.40 -54.41 13.29
CA GLU B 252 10.12 -55.47 12.60
C GLU B 252 9.27 -56.02 11.47
N LEU B 253 9.87 -56.18 10.29
CA LEU B 253 9.13 -56.61 9.10
C LEU B 253 8.54 -58.01 9.25
N CYS B 254 7.37 -58.20 8.67
CA CYS B 254 6.69 -59.49 8.56
C CYS B 254 6.46 -59.82 7.09
N ASP B 255 5.90 -61.00 6.84
CA ASP B 255 5.57 -61.38 5.48
C ASP B 255 4.38 -60.56 4.98
N PRO B 256 4.33 -60.24 3.68
CA PRO B 256 3.28 -59.34 3.18
C PRO B 256 1.90 -59.99 3.26
N LEU B 257 0.89 -59.14 3.44
CA LEU B 257 -0.50 -59.59 3.57
C LEU B 257 -1.07 -60.07 2.25
N LEU B 258 -0.70 -59.41 1.16
CA LEU B 258 -1.33 -59.63 -0.14
C LEU B 258 -0.39 -59.11 -1.21
N GLU B 259 -0.36 -59.82 -2.35
CA GLU B 259 0.48 -59.47 -3.48
C GLU B 259 -0.31 -59.54 -4.77
N GLY B 260 -0.05 -58.62 -5.68
CA GLY B 260 -0.69 -58.61 -6.98
C GLY B 260 0.27 -58.95 -8.12
N ILE B 261 1.07 -60.01 -7.92
CA ILE B 261 2.07 -60.34 -8.92
C ILE B 261 1.42 -60.68 -10.25
N CYS B 262 1.91 -60.03 -11.29
CA CYS B 262 1.47 -60.17 -12.67
C CYS B 262 0.11 -59.51 -12.85
N VAL B 263 -0.33 -58.65 -11.91
CA VAL B 263 -1.58 -57.89 -12.00
C VAL B 263 -1.35 -56.39 -11.87
N ASN B 264 -0.69 -55.96 -10.80
CA ASN B 264 -0.56 -54.53 -10.56
C ASN B 264 0.75 -54.22 -9.85
N GLN B 265 1.28 -53.03 -10.11
CA GLN B 265 2.53 -52.55 -9.53
C GLN B 265 2.31 -51.74 -8.25
N GLU B 266 1.23 -50.97 -8.18
CA GLU B 266 0.99 -50.05 -7.08
C GLU B 266 -0.31 -50.41 -6.38
N LEU B 267 -0.20 -50.92 -5.15
CA LEU B 267 -1.35 -51.08 -4.26
C LEU B 267 -1.29 -49.93 -3.26
N GLU B 268 -1.70 -48.75 -3.71
CA GLU B 268 -1.48 -47.54 -2.92
C GLU B 268 -2.40 -47.44 -1.72
N ARG B 269 -1.89 -46.81 -0.67
CA ARG B 269 -2.51 -46.51 0.61
C ARG B 269 -3.38 -47.66 1.10
N PRO B 270 -2.79 -48.75 1.56
CA PRO B 270 -3.60 -49.86 2.06
C PRO B 270 -4.04 -49.60 3.49
N HIS B 271 -5.23 -50.10 3.81
CA HIS B 271 -5.72 -50.02 5.18
C HIS B 271 -6.79 -51.08 5.38
N VAL B 272 -7.07 -51.40 6.64
CA VAL B 272 -8.04 -52.43 6.96
C VAL B 272 -9.14 -51.84 7.83
N VAL B 273 -10.38 -52.17 7.50
CA VAL B 273 -11.52 -51.92 8.36
C VAL B 273 -12.06 -53.27 8.83
N VAL B 274 -12.23 -53.41 10.15
CA VAL B 274 -12.76 -54.62 10.74
C VAL B 274 -14.26 -54.42 10.98
N ARG B 275 -15.07 -55.37 10.51
CA ARG B 275 -16.53 -55.29 10.62
C ARG B 275 -17.06 -56.65 11.03
N ASN B 276 -17.62 -56.73 12.24
CA ASN B 276 -18.21 -57.94 12.80
C ASN B 276 -17.34 -59.18 12.59
N GLY B 277 -16.06 -59.03 12.91
CA GLY B 277 -15.19 -60.19 12.87
C GLY B 277 -14.58 -60.47 11.52
N PHE B 278 -14.77 -59.59 10.55
CA PHE B 278 -14.18 -59.78 9.22
C PHE B 278 -13.26 -58.61 8.90
N TYR B 279 -12.15 -58.91 8.26
CA TYR B 279 -11.12 -57.93 7.97
C TYR B 279 -11.18 -57.59 6.50
N TYR B 280 -11.50 -56.33 6.20
CA TYR B 280 -11.54 -55.84 4.84
C TYR B 280 -10.30 -54.99 4.60
N LEU B 281 -9.46 -55.43 3.68
CA LEU B 281 -8.26 -54.73 3.25
C LEU B 281 -8.57 -53.96 1.97
N PHE B 282 -8.37 -52.65 2.00
CA PHE B 282 -8.62 -51.77 0.87
C PHE B 282 -7.32 -51.18 0.35
N VAL B 283 -7.22 -51.09 -0.97
CA VAL B 283 -6.07 -50.49 -1.65
C VAL B 283 -6.60 -49.68 -2.83
N SER B 284 -6.07 -48.48 -3.00
CA SER B 284 -6.33 -47.71 -4.21
C SER B 284 -5.31 -48.08 -5.27
N SER B 285 -5.72 -48.00 -6.54
CA SER B 285 -4.82 -48.38 -7.62
C SER B 285 -5.16 -47.64 -8.91
N HIS B 286 -4.13 -47.45 -9.74
CA HIS B 286 -4.23 -46.74 -11.00
C HIS B 286 -4.57 -47.68 -12.15
N ASP B 287 -4.99 -47.09 -13.27
CA ASP B 287 -5.24 -47.86 -14.48
C ASP B 287 -3.96 -48.18 -15.24
N HIS B 288 -2.99 -47.26 -15.23
CA HIS B 288 -1.75 -47.43 -15.97
C HIS B 288 -0.75 -48.34 -15.29
N THR B 289 -1.02 -48.77 -14.06
CA THR B 289 -0.12 -49.65 -13.32
C THR B 289 -0.54 -51.12 -13.43
N PHE B 290 -1.52 -51.44 -14.25
CA PHE B 290 -1.91 -52.82 -14.46
C PHE B 290 -0.98 -53.50 -15.46
N ALA B 291 -0.74 -54.78 -15.25
CA ALA B 291 0.07 -55.56 -16.17
C ALA B 291 -0.63 -55.66 -17.53
N PRO B 292 0.14 -55.84 -18.61
CA PRO B 292 -0.49 -55.93 -19.94
C PRO B 292 -1.45 -57.11 -20.03
N GLY B 293 -2.48 -56.93 -20.85
CA GLY B 293 -3.55 -57.89 -20.97
C GLY B 293 -4.68 -57.69 -19.98
N LEU B 294 -4.52 -56.77 -19.04
CA LEU B 294 -5.54 -56.48 -18.05
C LEU B 294 -5.94 -55.01 -18.19
N GLU B 295 -7.23 -54.74 -18.16
CA GLU B 295 -7.76 -53.38 -18.27
C GLU B 295 -8.63 -53.11 -17.04
N GLY B 296 -8.08 -52.34 -16.09
CA GLY B 296 -8.81 -51.95 -14.92
C GLY B 296 -8.70 -50.46 -14.66
N PRO B 297 -9.74 -49.85 -14.11
CA PRO B 297 -9.75 -48.41 -13.89
C PRO B 297 -9.13 -47.99 -12.56
N ASP B 298 -8.76 -46.70 -12.51
CA ASP B 298 -8.45 -46.02 -11.26
C ASP B 298 -9.58 -46.26 -10.26
N GLY B 299 -9.27 -46.90 -9.15
CA GLY B 299 -10.34 -47.23 -8.23
C GLY B 299 -9.85 -47.77 -6.91
N LEU B 300 -10.82 -47.97 -6.01
CA LEU B 300 -10.64 -48.63 -4.73
C LEU B 300 -10.99 -50.10 -4.88
N TYR B 301 -9.99 -50.96 -4.67
CA TYR B 301 -10.12 -52.41 -4.74
C TYR B 301 -10.04 -52.97 -3.32
N GLY B 302 -10.73 -54.07 -3.09
CA GLY B 302 -10.91 -54.56 -1.73
C GLY B 302 -10.90 -56.06 -1.63
N PHE B 303 -10.49 -56.55 -0.46
CA PHE B 303 -10.37 -57.97 -0.17
C PHE B 303 -10.84 -58.22 1.25
N VAL B 304 -11.25 -59.46 1.54
CA VAL B 304 -11.82 -59.78 2.85
C VAL B 304 -11.29 -61.13 3.31
N ALA B 305 -11.00 -61.21 4.61
CA ALA B 305 -10.61 -62.48 5.23
C ALA B 305 -11.15 -62.52 6.65
N ASP B 306 -10.96 -63.67 7.31
CA ASP B 306 -11.46 -63.85 8.67
C ASP B 306 -10.43 -63.50 9.74
N SER B 307 -9.22 -63.14 9.33
CA SER B 307 -8.19 -62.68 10.27
C SER B 307 -7.31 -61.69 9.54
N LEU B 308 -6.51 -60.94 10.31
CA LEU B 308 -5.70 -59.88 9.70
C LEU B 308 -4.69 -60.45 8.72
N ARG B 309 -4.08 -61.59 9.05
CA ARG B 309 -3.11 -62.24 8.19
C ARG B 309 -3.68 -63.53 7.58
N GLY B 310 -4.99 -63.52 7.29
CA GLY B 310 -5.67 -64.66 6.73
C GLY B 310 -5.66 -64.65 5.21
N GLU B 311 -6.36 -65.65 4.65
CA GLU B 311 -6.42 -65.82 3.19
C GLU B 311 -7.39 -64.79 2.60
N TYR B 312 -6.82 -63.64 2.23
CA TYR B 312 -7.61 -62.59 1.59
C TYR B 312 -8.12 -63.02 0.21
N ARG B 313 -9.38 -62.71 -0.06
CA ARG B 313 -10.02 -62.96 -1.35
C ARG B 313 -10.72 -61.70 -1.81
N PRO B 314 -10.74 -61.44 -3.12
CA PRO B 314 -11.22 -60.14 -3.61
C PRO B 314 -12.72 -59.96 -3.48
N LEU B 315 -13.11 -58.75 -3.09
CA LEU B 315 -14.51 -58.35 -3.04
C LEU B 315 -15.08 -58.28 -4.46
N ASN B 316 -16.36 -58.62 -4.59
CA ASN B 316 -17.08 -58.56 -5.87
C ASN B 316 -16.47 -59.46 -6.93
N GLY B 317 -15.70 -60.46 -6.52
CA GLY B 317 -15.12 -61.39 -7.50
C GLY B 317 -13.89 -60.85 -8.19
N SER B 318 -13.97 -59.62 -8.67
CA SER B 318 -12.87 -58.96 -9.37
C SER B 318 -11.92 -58.24 -8.42
N GLY B 319 -12.44 -57.68 -7.34
CA GLY B 319 -11.67 -56.85 -6.43
C GLY B 319 -12.15 -55.42 -6.40
N LEU B 320 -12.80 -54.96 -7.47
CA LEU B 320 -13.23 -53.57 -7.60
C LEU B 320 -14.37 -53.28 -6.63
N VAL B 321 -14.15 -52.32 -5.73
CA VAL B 321 -15.17 -51.86 -4.80
C VAL B 321 -15.81 -50.55 -5.25
N LEU B 322 -14.99 -49.62 -5.76
CA LEU B 322 -15.47 -48.27 -6.06
C LEU B 322 -14.62 -47.67 -7.17
N THR B 323 -15.26 -46.99 -8.13
CA THR B 323 -14.51 -46.43 -9.25
C THR B 323 -15.25 -45.23 -9.84
N ASN B 324 -14.52 -44.45 -10.65
CA ASN B 324 -15.03 -43.25 -11.31
C ASN B 324 -15.74 -43.58 -12.62
N PRO B 325 -16.68 -42.74 -13.04
CA PRO B 325 -17.44 -43.02 -14.27
C PRO B 325 -16.54 -42.95 -15.49
N ALA B 326 -16.97 -43.65 -16.55
CA ALA B 326 -16.18 -43.71 -17.77
C ALA B 326 -15.94 -42.32 -18.35
N ASN B 327 -16.93 -41.43 -18.25
CA ASN B 327 -16.83 -40.10 -18.83
C ASN B 327 -16.26 -39.05 -17.88
N ALA B 328 -15.66 -39.47 -16.75
CA ALA B 328 -14.91 -38.61 -15.84
C ALA B 328 -13.95 -39.48 -15.03
N PRO B 329 -13.05 -40.21 -15.68
CA PRO B 329 -12.42 -41.37 -15.05
C PRO B 329 -11.32 -41.04 -14.06
N TYR B 330 -10.88 -39.78 -13.96
CA TYR B 330 -9.82 -39.41 -13.03
C TYR B 330 -10.29 -38.41 -11.99
N GLN B 331 -11.59 -38.33 -11.74
CA GLN B 331 -12.14 -37.27 -10.89
C GLN B 331 -11.77 -37.43 -9.43
N ALA B 332 -11.54 -38.66 -8.96
CA ALA B 332 -11.21 -38.87 -7.55
C ALA B 332 -10.17 -39.97 -7.43
N TYR B 333 -9.44 -39.95 -6.33
CA TYR B 333 -8.41 -40.95 -6.06
C TYR B 333 -8.02 -40.89 -4.60
N SER B 334 -7.30 -41.92 -4.16
CA SER B 334 -6.71 -42.00 -2.82
C SER B 334 -7.82 -42.09 -1.77
N TRP B 335 -8.71 -43.07 -1.96
CA TRP B 335 -9.84 -43.23 -1.07
C TRP B 335 -9.41 -43.90 0.23
N VAL B 336 -10.04 -43.48 1.34
CA VAL B 336 -9.86 -44.11 2.65
C VAL B 336 -11.24 -44.52 3.17
N ALA B 337 -11.33 -45.75 3.66
CA ALA B 337 -12.58 -46.32 4.14
C ALA B 337 -12.62 -46.33 5.67
N PHE B 338 -13.80 -46.06 6.23
CA PHE B 338 -13.99 -46.08 7.67
C PHE B 338 -15.44 -46.37 8.00
N SER B 339 -15.65 -47.14 9.07
CA SER B 339 -17.00 -47.55 9.43
C SER B 339 -17.81 -46.39 10.00
N HIS B 340 -19.14 -46.45 9.80
CA HIS B 340 -20.06 -45.54 10.49
C HIS B 340 -21.37 -46.30 10.69
N ARG B 341 -21.48 -46.86 11.89
CA ARG B 341 -22.53 -47.68 12.50
C ARG B 341 -22.81 -48.98 11.76
N GLU B 342 -23.20 -48.94 10.49
CA GLU B 342 -23.51 -50.11 9.68
C GLU B 342 -23.32 -49.81 8.22
N GLU B 343 -22.77 -48.64 7.94
CA GLU B 343 -22.35 -48.23 6.62
C GLU B 343 -20.84 -48.15 6.64
N LEU B 344 -20.27 -48.11 5.44
CA LEU B 344 -18.86 -47.85 5.27
C LEU B 344 -18.76 -46.57 4.46
N LEU B 345 -18.08 -45.56 5.00
CA LEU B 345 -17.87 -44.32 4.27
C LEU B 345 -16.50 -44.35 3.63
N VAL B 346 -16.40 -43.72 2.46
CA VAL B 346 -15.18 -43.72 1.66
C VAL B 346 -14.91 -42.28 1.25
N SER B 347 -13.79 -41.73 1.70
CA SER B 347 -13.41 -40.35 1.40
C SER B 347 -12.15 -40.34 0.54
N GLY B 348 -12.26 -39.81 -0.67
CA GLY B 348 -11.13 -39.53 -1.52
C GLY B 348 -10.83 -38.04 -1.59
N PHE B 349 -10.14 -37.65 -2.66
CA PHE B 349 -9.93 -36.24 -2.96
C PHE B 349 -10.32 -35.98 -4.42
N PHE B 350 -10.51 -34.70 -4.75
CA PHE B 350 -11.02 -34.27 -6.04
C PHE B 350 -9.84 -34.04 -6.99
N ASN B 351 -9.66 -34.94 -7.97
CA ASN B 351 -8.38 -34.96 -8.68
C ASN B 351 -8.32 -34.23 -10.02
N TYR B 352 -8.59 -34.94 -11.10
CA TYR B 352 -8.49 -34.43 -12.46
C TYR B 352 -9.86 -34.46 -13.11
N TYR B 353 -10.39 -33.30 -13.49
CA TYR B 353 -11.71 -33.26 -14.08
C TYR B 353 -11.70 -32.37 -15.31
N ASP B 354 -12.78 -32.50 -16.10
CA ASP B 354 -12.98 -31.69 -17.29
C ASP B 354 -11.86 -31.90 -18.30
N LEU B 355 -11.44 -33.15 -18.48
CA LEU B 355 -10.40 -33.46 -19.46
C LEU B 355 -10.92 -33.43 -20.89
N GLY B 356 -12.24 -33.54 -21.08
CA GLY B 356 -12.81 -33.54 -22.42
C GLY B 356 -12.52 -34.77 -23.25
N GLY B 357 -11.80 -35.74 -22.70
CA GLY B 357 -11.40 -36.94 -23.42
C GLY B 357 -9.90 -37.14 -23.46
N LEU B 358 -9.12 -36.14 -23.06
CA LEU B 358 -7.66 -36.25 -23.06
C LEU B 358 -7.19 -37.26 -22.04
N THR B 359 -6.03 -37.85 -22.30
CA THR B 359 -5.35 -38.66 -21.31
C THR B 359 -4.50 -37.78 -20.40
N LEU B 360 -3.98 -38.39 -19.32
CA LEU B 360 -3.32 -37.60 -18.29
C LEU B 360 -2.00 -37.04 -18.78
N ASP B 361 -1.21 -37.83 -19.51
CA ASP B 361 0.03 -37.29 -20.06
C ASP B 361 -0.24 -36.27 -21.16
N ASP B 362 -1.41 -36.32 -21.79
CA ASP B 362 -1.81 -35.26 -22.71
C ASP B 362 -2.00 -33.94 -21.97
N VAL B 363 -2.46 -33.99 -20.71
CA VAL B 363 -2.67 -32.78 -19.94
C VAL B 363 -1.34 -32.05 -19.72
N ALA B 364 -0.23 -32.79 -19.70
CA ALA B 364 1.09 -32.19 -19.54
C ALA B 364 1.46 -31.24 -20.69
N THR B 365 0.81 -31.36 -21.86
CA THR B 365 1.12 -30.46 -22.98
C THR B 365 0.52 -29.08 -22.82
N LEU B 366 -0.63 -28.97 -22.15
CA LEU B 366 -1.38 -27.72 -22.07
C LEU B 366 -0.63 -26.64 -21.31
N SER B 367 -1.08 -25.40 -21.51
CA SER B 367 -0.50 -24.27 -20.80
C SER B 367 -0.74 -24.42 -19.30
N PRO B 368 0.09 -23.78 -18.47
CA PRO B 368 -0.08 -23.89 -17.00
C PRO B 368 -1.49 -23.60 -16.50
N ASP B 369 -2.14 -22.54 -17.00
CA ASP B 369 -3.47 -22.23 -16.50
C ASP B 369 -4.49 -23.30 -16.90
N GLU B 370 -4.42 -23.79 -18.13
CA GLU B 370 -5.32 -24.86 -18.54
C GLU B 370 -5.08 -26.17 -17.78
N GLN B 371 -3.87 -26.38 -17.26
CA GLN B 371 -3.62 -27.54 -16.41
C GLN B 371 -4.21 -27.33 -15.02
N ARG B 372 -3.93 -26.19 -14.39
CA ARG B 372 -4.49 -25.91 -13.07
C ARG B 372 -6.01 -25.89 -13.09
N ALA B 373 -6.60 -25.51 -14.22
CA ALA B 373 -8.05 -25.45 -14.34
C ALA B 373 -8.69 -26.82 -14.31
N LYS B 374 -7.91 -27.87 -14.54
CA LYS B 374 -8.43 -29.24 -14.59
C LYS B 374 -8.06 -30.04 -13.35
N PHE B 375 -7.73 -29.37 -12.25
CA PHE B 375 -7.35 -30.02 -11.00
C PHE B 375 -8.12 -29.40 -9.85
N GLY B 376 -8.82 -30.24 -9.09
CA GLY B 376 -9.58 -29.77 -7.95
C GLY B 376 -8.71 -29.38 -6.78
N GLY B 377 -8.09 -30.37 -6.14
CA GLY B 377 -7.30 -30.11 -4.95
C GLY B 377 -8.11 -29.88 -3.69
N THR B 378 -9.27 -30.50 -3.56
CA THR B 378 -10.08 -30.45 -2.34
C THR B 378 -10.54 -31.87 -2.03
N LEU B 379 -11.40 -31.99 -1.03
CA LEU B 379 -11.93 -33.29 -0.65
C LEU B 379 -13.13 -33.67 -1.52
N ALA B 380 -13.20 -34.95 -1.88
CA ALA B 380 -14.29 -35.47 -2.67
C ALA B 380 -15.51 -35.74 -1.79
N PRO B 381 -16.72 -35.74 -2.38
CA PRO B 381 -17.92 -36.13 -1.63
C PRO B 381 -17.80 -37.54 -1.10
N THR B 382 -17.83 -37.67 0.22
CA THR B 382 -17.66 -38.98 0.84
C THR B 382 -18.81 -39.88 0.45
N VAL B 383 -18.47 -41.08 0.00
CA VAL B 383 -19.41 -42.04 -0.55
C VAL B 383 -19.84 -43.00 0.54
N ARG B 384 -21.11 -43.35 0.55
CA ARG B 384 -21.69 -44.30 1.50
C ARG B 384 -21.89 -45.61 0.75
N VAL B 385 -21.28 -46.68 1.27
CA VAL B 385 -21.39 -48.02 0.70
C VAL B 385 -21.91 -48.97 1.78
N ALA B 386 -22.42 -50.10 1.31
CA ALA B 386 -23.00 -51.14 2.15
C ALA B 386 -22.29 -52.46 1.88
N LEU B 387 -21.60 -52.98 2.88
CA LEU B 387 -20.97 -54.29 2.77
C LEU B 387 -21.97 -55.38 3.15
N SER B 388 -21.83 -56.54 2.51
CA SER B 388 -22.72 -57.66 2.74
C SER B 388 -22.01 -59.01 2.78
N GLY B 389 -20.69 -59.04 2.71
CA GLY B 389 -19.95 -60.30 2.69
C GLY B 389 -18.67 -60.10 1.93
N ASP B 390 -18.52 -60.78 0.79
CA ASP B 390 -17.50 -60.42 -0.18
C ASP B 390 -18.06 -59.55 -1.30
N ARG B 391 -19.19 -58.88 -1.05
CA ARG B 391 -19.90 -58.10 -2.06
C ARG B 391 -20.21 -56.71 -1.53
N THR B 392 -20.01 -55.70 -2.38
CA THR B 392 -20.23 -54.30 -2.02
C THR B 392 -21.25 -53.65 -2.95
N ARG B 393 -21.76 -52.49 -2.52
CA ARG B 393 -22.75 -51.75 -3.29
C ARG B 393 -22.70 -50.29 -2.88
N ILE B 394 -22.60 -49.39 -3.84
CA ILE B 394 -22.69 -47.96 -3.56
C ILE B 394 -24.13 -47.62 -3.21
N THR B 395 -24.34 -46.96 -2.07
CA THR B 395 -25.68 -46.58 -1.67
C THR B 395 -25.94 -45.08 -1.64
N GLY B 396 -24.89 -44.25 -1.60
CA GLY B 396 -25.14 -42.82 -1.69
C GLY B 396 -23.88 -42.01 -1.52
N THR B 397 -24.06 -40.70 -1.34
CA THR B 397 -22.96 -39.77 -1.10
C THR B 397 -23.38 -38.77 -0.03
N LEU B 398 -22.40 -38.05 0.49
CA LEU B 398 -22.61 -36.96 1.44
C LEU B 398 -21.96 -35.69 0.88
N SER B 399 -21.97 -34.63 1.70
CA SER B 399 -21.35 -33.36 1.33
C SER B 399 -19.86 -33.55 1.04
N HIS B 400 -19.28 -32.57 0.37
CA HIS B 400 -17.85 -32.58 0.10
C HIS B 400 -17.05 -32.73 1.39
N GLY B 401 -16.27 -33.81 1.47
CA GLY B 401 -15.39 -34.04 2.62
C GLY B 401 -16.11 -34.07 3.95
N ARG B 402 -17.25 -34.75 4.02
CA ARG B 402 -17.98 -34.93 5.28
C ARG B 402 -17.40 -36.13 6.01
N ILE B 403 -16.71 -35.87 7.11
CA ILE B 403 -16.17 -36.94 7.94
C ILE B 403 -16.99 -36.96 9.23
N PRO B 404 -18.04 -37.78 9.30
CA PRO B 404 -18.88 -37.76 10.50
C PRO B 404 -18.42 -38.77 11.53
N LEU B 405 -18.73 -38.45 12.78
CA LEU B 405 -18.47 -39.33 13.89
C LEU B 405 -19.59 -40.36 14.02
N GLU B 406 -19.34 -41.40 14.82
CA GLU B 406 -20.38 -42.39 15.05
C GLU B 406 -21.52 -41.84 15.88
N SER B 407 -21.28 -40.76 16.64
CA SER B 407 -22.33 -40.09 17.40
C SER B 407 -23.36 -39.36 16.53
N GLU B 408 -23.02 -39.08 15.27
CA GLU B 408 -23.86 -38.27 14.40
C GLU B 408 -24.73 -39.16 13.52
N GLU B 409 -25.96 -38.73 13.29
CA GLU B 409 -26.88 -39.42 12.41
C GLU B 409 -26.79 -38.85 11.01
N LEU B 410 -26.74 -39.73 10.02
CA LEU B 410 -26.66 -39.31 8.63
C LEU B 410 -28.04 -39.31 7.99
N PRO B 411 -28.25 -38.49 6.96
CA PRO B 411 -29.55 -38.50 6.27
C PRO B 411 -29.89 -39.87 5.72
N ASP B 412 -31.18 -40.13 5.58
CA ASP B 412 -31.65 -41.43 5.12
C ASP B 412 -31.31 -41.63 3.64
N LEU B 413 -31.37 -42.86 3.22
CA LEU B 413 -31.03 -43.24 1.86
C LEU B 413 -32.31 -43.51 1.08
N PRO B 414 -32.28 -43.37 -0.26
CA PRO B 414 -33.50 -43.64 -1.05
C PRO B 414 -33.94 -45.10 -1.00
N ALA C 9 -30.96 8.78 20.33
CA ALA C 9 -32.27 8.61 19.71
C ALA C 9 -33.07 9.89 19.74
N THR C 10 -32.44 11.01 19.38
CA THR C 10 -33.07 12.32 19.50
C THR C 10 -34.23 12.42 18.52
N PRO C 11 -35.41 12.90 18.95
CA PRO C 11 -36.55 13.01 18.03
C PRO C 11 -36.18 13.88 16.84
N ARG C 12 -36.77 13.55 15.69
CA ARG C 12 -36.37 14.15 14.42
C ARG C 12 -37.58 14.78 13.74
N TRP C 13 -37.43 16.04 13.35
CA TRP C 13 -38.32 16.69 12.39
C TRP C 13 -37.93 16.17 11.02
N THR C 14 -38.71 15.24 10.48
CA THR C 14 -38.31 14.51 9.29
C THR C 14 -38.70 15.25 8.02
N ARG C 15 -38.18 14.75 6.90
CA ARG C 15 -38.52 15.33 5.61
C ARG C 15 -39.95 15.03 5.21
N GLU C 16 -40.46 13.85 5.59
CA GLU C 16 -41.84 13.53 5.27
C GLU C 16 -42.80 14.47 5.99
N HIS C 17 -42.41 15.00 7.16
CA HIS C 17 -43.19 16.08 7.79
C HIS C 17 -43.13 17.36 6.96
N ALA C 18 -41.91 17.81 6.64
CA ALA C 18 -41.74 19.09 5.94
C ALA C 18 -42.41 19.08 4.58
N SER C 19 -42.55 17.90 3.96
CA SER C 19 -43.25 17.81 2.69
C SER C 19 -44.71 18.24 2.81
N LYS C 20 -45.30 18.14 4.01
CA LYS C 20 -46.69 18.50 4.25
C LYS C 20 -46.87 19.98 4.61
N ILE C 21 -45.78 20.75 4.67
CA ILE C 21 -45.88 22.17 4.99
C ILE C 21 -46.72 22.89 3.95
N GLU C 22 -47.69 23.67 4.41
CA GLU C 22 -48.64 24.31 3.53
C GLU C 22 -49.40 25.37 4.31
N ARG C 23 -49.57 26.55 3.71
CA ARG C 23 -50.40 27.59 4.30
C ARG C 23 -51.86 27.16 4.31
N THR C 24 -52.54 27.41 5.42
CA THR C 24 -53.98 27.16 5.51
C THR C 24 -54.62 28.24 6.37
N ASP C 25 -55.95 28.32 6.27
CA ASP C 25 -56.71 29.35 6.99
C ASP C 25 -56.47 29.30 8.49
N GLU C 26 -56.07 28.15 9.04
CA GLU C 26 -55.84 28.01 10.46
C GLU C 26 -54.44 28.45 10.89
N THR C 27 -53.54 28.77 9.94
CA THR C 27 -52.16 29.09 10.28
C THR C 27 -51.66 30.43 9.76
N VAL C 28 -52.46 31.16 8.98
CA VAL C 28 -52.04 32.42 8.38
C VAL C 28 -52.53 33.59 9.23
N VAL C 29 -51.63 34.55 9.48
CA VAL C 29 -51.92 35.72 10.30
C VAL C 29 -52.54 36.80 9.44
N PRO C 30 -53.26 37.76 10.02
CA PRO C 30 -53.78 38.89 9.25
C PRO C 30 -52.68 39.82 8.79
N ILE C 31 -53.03 40.73 7.88
CA ILE C 31 -52.09 41.73 7.41
C ILE C 31 -51.74 42.64 8.57
N ILE C 32 -50.45 42.93 8.71
CA ILE C 32 -49.96 43.87 9.72
C ILE C 32 -49.79 45.22 9.05
N TYR C 33 -50.47 46.24 9.60
CA TYR C 33 -50.29 47.62 9.17
C TYR C 33 -49.50 48.39 10.22
N PRO C 34 -48.67 49.36 9.80
CA PRO C 34 -47.81 50.06 10.77
C PRO C 34 -48.64 50.73 11.85
N PRO C 35 -48.16 50.77 13.08
CA PRO C 35 -48.93 51.38 14.16
C PRO C 35 -48.92 52.90 14.06
N ARG C 36 -49.87 53.52 14.78
CA ARG C 36 -50.04 54.97 14.65
C ARG C 36 -48.93 55.74 15.35
N GLU C 37 -48.43 55.24 16.48
CA GLU C 37 -47.33 55.91 17.17
C GLU C 37 -46.30 54.87 17.62
N ASP C 38 -45.09 55.33 17.88
CA ASP C 38 -43.96 54.45 18.19
C ASP C 38 -43.41 54.74 19.58
N ALA C 39 -42.97 53.67 20.27
CA ALA C 39 -42.39 53.81 21.60
C ALA C 39 -41.06 54.57 21.55
N ALA C 40 -40.35 54.51 20.43
CA ALA C 40 -39.11 55.24 20.22
C ALA C 40 -38.86 55.43 18.74
N PRO C 41 -39.17 56.59 18.17
CA PRO C 41 -39.02 56.77 16.72
C PRO C 41 -37.59 56.64 16.26
N GLU C 42 -36.64 56.81 17.17
CA GLU C 42 -35.22 56.89 16.90
C GLU C 42 -34.54 55.52 16.86
N ILE C 43 -35.27 54.46 17.20
CA ILE C 43 -34.71 53.12 17.34
C ILE C 43 -35.59 52.12 16.61
N ASN C 44 -34.95 51.12 16.00
CA ASN C 44 -35.64 49.94 15.48
C ASN C 44 -35.39 48.79 16.44
N GLY C 45 -36.44 48.00 16.70
CA GLY C 45 -36.33 46.87 17.60
C GLY C 45 -36.87 45.60 16.97
N TRP C 46 -36.22 44.48 17.30
CA TRP C 46 -36.65 43.17 16.86
C TRP C 46 -36.29 42.16 17.95
N ASP C 47 -36.53 40.87 17.66
CA ASP C 47 -36.16 39.76 18.54
C ASP C 47 -36.39 40.08 20.01
N THR C 48 -37.65 40.14 20.43
CA THR C 48 -37.99 40.63 21.76
C THR C 48 -38.35 39.46 22.69
N TRP C 49 -38.08 39.64 23.99
CA TRP C 49 -38.36 38.62 25.00
C TRP C 49 -38.85 39.28 26.30
N PHE C 50 -39.51 38.48 27.15
CA PHE C 50 -40.14 38.99 28.37
C PHE C 50 -39.27 38.73 29.60
N LEU C 51 -39.33 39.66 30.55
CA LEU C 51 -38.78 39.43 31.89
C LEU C 51 -39.76 38.59 32.68
N ARG C 52 -39.39 37.35 32.96
CA ARG C 52 -40.25 36.39 33.63
C ARG C 52 -39.72 36.04 35.02
N GLU C 53 -40.63 35.62 35.89
CA GLU C 53 -40.28 34.97 37.13
C GLU C 53 -39.73 33.57 36.84
N ARG C 54 -39.34 32.86 37.91
CA ARG C 54 -38.68 31.57 37.72
C ARG C 54 -39.63 30.54 37.07
N ASP C 55 -40.91 30.53 37.46
CA ASP C 55 -41.81 29.55 36.86
C ASP C 55 -42.08 29.84 35.39
N GLY C 56 -41.99 31.11 34.99
CA GLY C 56 -42.20 31.49 33.61
C GLY C 56 -43.22 32.59 33.41
N SER C 57 -44.05 32.86 34.43
CA SER C 57 -45.05 33.92 34.32
C SER C 57 -44.35 35.27 34.14
N ILE C 58 -45.05 36.19 33.47
CA ILE C 58 -44.52 37.54 33.24
C ILE C 58 -44.29 38.25 34.55
N ALA C 59 -43.05 38.69 34.78
CA ALA C 59 -42.69 39.35 36.03
C ALA C 59 -43.32 40.74 36.11
N THR C 60 -43.75 41.12 37.31
CA THR C 60 -44.26 42.45 37.58
C THR C 60 -43.51 43.04 38.78
N VAL C 61 -42.96 44.25 38.61
CA VAL C 61 -42.30 44.98 39.68
C VAL C 61 -43.05 46.29 39.89
N GLY C 62 -43.70 46.41 41.05
CA GLY C 62 -44.49 47.59 41.36
C GLY C 62 -45.52 47.95 40.30
N GLY C 63 -46.09 46.95 39.65
CA GLY C 63 -47.12 47.18 38.67
C GLY C 63 -46.65 47.28 37.24
N TRP C 64 -45.36 47.14 36.98
CA TRP C 64 -44.76 47.34 35.67
C TRP C 64 -44.32 46.00 35.09
N ARG C 65 -44.56 45.82 33.79
CA ARG C 65 -43.93 44.75 33.03
C ARG C 65 -42.70 45.29 32.33
N VAL C 66 -41.70 44.42 32.16
CA VAL C 66 -40.46 44.74 31.46
C VAL C 66 -40.26 43.74 30.32
N ILE C 67 -39.81 44.24 29.17
CA ILE C 67 -39.43 43.40 28.05
C ILE C 67 -38.10 43.90 27.52
N PHE C 68 -37.41 43.05 26.77
CA PHE C 68 -36.08 43.35 26.24
C PHE C 68 -36.10 43.12 24.74
N SER C 69 -35.43 44.01 24.00
CA SER C 69 -35.33 43.91 22.55
C SER C 69 -33.90 44.18 22.08
N LEU C 70 -33.50 43.47 21.02
CA LEU C 70 -32.35 43.91 20.24
C LEU C 70 -32.70 45.19 19.50
N THR C 71 -31.77 46.14 19.52
CA THR C 71 -32.01 47.46 18.94
C THR C 71 -30.77 47.94 18.19
N ALA C 72 -31.02 48.76 17.18
CA ALA C 72 -30.01 49.48 16.43
C ALA C 72 -30.59 50.83 16.04
N PRO C 73 -29.75 51.83 15.75
CA PRO C 73 -30.26 53.14 15.35
C PRO C 73 -31.13 53.06 14.09
N ALA C 74 -32.19 53.86 14.08
CA ALA C 74 -33.13 53.86 12.96
C ALA C 74 -32.53 54.39 11.67
N ASP C 75 -31.50 55.24 11.74
CA ASP C 75 -30.84 55.70 10.53
C ASP C 75 -30.18 54.57 9.74
N LEU C 76 -29.88 53.46 10.41
CA LEU C 76 -29.07 52.41 9.84
C LEU C 76 -29.84 51.57 8.82
N LEU C 77 -29.11 51.00 7.88
CA LEU C 77 -29.74 50.12 6.90
C LEU C 77 -30.25 48.86 7.60
N PRO C 78 -31.43 48.36 7.21
CA PRO C 78 -31.97 47.18 7.90
C PRO C 78 -31.05 45.99 7.82
N GLY C 79 -30.54 45.66 6.61
CA GLY C 79 -29.70 44.49 6.44
C GLY C 79 -28.53 44.42 7.41
N LYS C 80 -28.02 45.56 7.87
CA LYS C 80 -26.83 45.61 8.70
C LYS C 80 -27.14 45.74 10.19
N ARG C 81 -28.41 45.82 10.57
CA ARG C 81 -28.76 46.04 11.97
C ARG C 81 -28.23 44.92 12.86
N HIS C 82 -28.04 43.72 12.31
CA HIS C 82 -27.56 42.58 13.07
C HIS C 82 -26.10 42.70 13.49
N ASP C 83 -25.34 43.63 12.90
CA ASP C 83 -23.94 43.77 13.27
C ASP C 83 -23.72 44.69 14.47
N VAL C 84 -24.71 45.50 14.85
CA VAL C 84 -24.53 46.50 15.89
C VAL C 84 -25.64 46.40 16.94
N ALA C 85 -26.22 45.22 17.09
CA ALA C 85 -27.36 45.03 17.98
C ALA C 85 -26.95 45.21 19.44
N GLU C 86 -27.72 46.01 20.18
CA GLU C 86 -27.53 46.19 21.61
C GLU C 86 -28.86 45.95 22.31
N ILE C 87 -28.81 45.43 23.54
CA ILE C 87 -30.03 45.07 24.26
C ILE C 87 -30.58 46.29 24.98
N ARG C 88 -31.82 46.66 24.67
CA ARG C 88 -32.53 47.69 25.40
C ARG C 88 -33.72 47.05 26.10
N TYR C 89 -34.22 47.74 27.12
CA TYR C 89 -35.40 47.28 27.84
C TYR C 89 -36.48 48.35 27.77
N PHE C 90 -37.73 47.89 27.77
CA PHE C 90 -38.91 48.74 27.77
C PHE C 90 -39.83 48.29 28.88
N TYR C 91 -40.61 49.23 29.43
CA TYR C 91 -41.52 48.92 30.53
C TYR C 91 -42.90 49.49 30.23
N SER C 92 -43.91 48.92 30.89
CA SER C 92 -45.29 49.35 30.67
C SER C 92 -46.16 49.06 31.89
N ARG C 93 -47.19 49.89 32.09
CA ARG C 93 -48.14 49.67 33.19
C ARG C 93 -49.32 48.79 32.79
N ASP C 94 -49.80 48.92 31.55
CA ASP C 94 -50.96 48.15 31.08
C ASP C 94 -50.56 46.96 30.22
N GLY C 95 -49.59 47.12 29.34
CA GLY C 95 -49.20 46.04 28.45
C GLY C 95 -49.24 46.47 27.00
N GLU C 96 -49.71 47.70 26.76
CA GLU C 96 -49.82 48.26 25.42
C GLU C 96 -48.86 49.43 25.18
N THR C 97 -48.84 50.42 26.07
CA THR C 97 -48.04 51.62 25.88
C THR C 97 -46.68 51.42 26.54
N TRP C 98 -45.66 51.14 25.73
CA TRP C 98 -44.32 50.82 26.20
C TRP C 98 -43.42 52.05 26.14
N PHE C 99 -42.62 52.23 27.19
CA PHE C 99 -41.68 53.35 27.28
C PHE C 99 -40.25 52.85 27.13
N ASP C 100 -39.44 53.60 26.40
CA ASP C 100 -38.04 53.24 26.21
C ASP C 100 -37.28 53.40 27.53
N GLY C 101 -36.50 52.38 27.88
CA GLY C 101 -35.75 52.40 29.12
C GLY C 101 -34.25 52.52 28.93
N GLY C 102 -33.81 52.63 27.68
CA GLY C 102 -32.40 52.76 27.41
C GLY C 102 -31.68 51.43 27.39
N PRO C 103 -30.38 51.46 27.13
CA PRO C 103 -29.59 50.22 27.16
C PRO C 103 -29.63 49.58 28.54
N VAL C 104 -29.59 48.25 28.56
CA VAL C 104 -29.60 47.49 29.80
C VAL C 104 -28.19 47.40 30.39
N PHE C 105 -27.16 47.39 29.55
CA PHE C 105 -25.79 47.20 29.98
C PHE C 105 -24.98 48.48 29.74
N GLU C 106 -24.13 48.82 30.71
CA GLU C 106 -23.28 50.00 30.57
C GLU C 106 -21.94 49.64 29.97
N GLY C 107 -21.36 48.53 30.39
CA GLY C 107 -20.15 48.04 29.78
C GLY C 107 -20.00 46.56 30.06
N GLY C 108 -18.75 46.11 30.06
CA GLY C 108 -18.43 44.72 30.27
C GLY C 108 -19.18 43.66 29.47
N THR C 109 -19.90 44.03 28.41
CA THR C 109 -20.67 43.06 27.65
C THR C 109 -19.74 42.16 26.85
N ARG C 110 -20.11 40.88 26.76
CA ARG C 110 -19.35 39.92 25.96
C ARG C 110 -19.74 40.01 24.49
N GLY C 111 -18.75 39.90 23.62
CA GLY C 111 -18.98 39.84 22.19
C GLY C 111 -18.93 41.19 21.51
N SER C 112 -18.64 41.17 20.21
CA SER C 112 -18.74 42.38 19.39
C SER C 112 -20.15 42.95 19.44
N ARG C 113 -21.16 42.07 19.46
CA ARG C 113 -22.52 42.52 19.66
C ARG C 113 -23.31 41.42 20.36
N GLN C 114 -24.54 41.74 20.76
CA GLN C 114 -25.40 40.81 21.48
C GLN C 114 -26.61 40.45 20.64
N TRP C 115 -26.98 39.18 20.67
CA TRP C 115 -28.20 38.68 20.06
C TRP C 115 -29.10 38.09 21.14
N ALA C 116 -30.29 37.70 20.71
CA ALA C 116 -31.43 37.44 21.59
C ALA C 116 -31.09 36.40 22.64
N GLY C 117 -31.83 36.46 23.75
CA GLY C 117 -31.66 35.58 24.87
C GLY C 117 -32.94 35.41 25.67
N SER C 118 -32.85 35.68 26.98
CA SER C 118 -33.96 35.51 27.90
C SER C 118 -33.69 36.37 29.13
N ALA C 119 -34.69 36.48 30.00
CA ALA C 119 -34.54 37.29 31.20
C ALA C 119 -35.24 36.61 32.36
N LEU C 120 -34.56 36.55 33.51
CA LEU C 120 -35.06 35.88 34.70
C LEU C 120 -34.93 36.81 35.89
N LEU C 121 -36.06 37.10 36.55
CA LEU C 121 -36.07 37.78 37.84
C LEU C 121 -36.27 36.69 38.91
N ASP C 122 -35.18 36.28 39.54
CA ASP C 122 -35.19 35.14 40.44
C ASP C 122 -35.96 35.46 41.71
N ASP C 123 -36.17 34.43 42.54
CA ASP C 123 -36.93 34.60 43.77
C ASP C 123 -36.21 35.54 44.75
N ASP C 124 -34.88 35.48 44.79
CA ASP C 124 -34.09 36.34 45.65
C ASP C 124 -34.11 37.81 45.23
N GLY C 125 -34.62 38.11 44.04
CA GLY C 125 -34.62 39.47 43.52
C GLY C 125 -33.47 39.80 42.59
N ARG C 126 -32.51 38.89 42.44
CA ARG C 126 -31.39 39.12 41.53
C ARG C 126 -31.85 38.98 40.08
N LEU C 127 -31.39 39.88 39.22
CA LEU C 127 -31.75 39.84 37.81
C LEU C 127 -30.64 39.19 36.99
N TYR C 128 -31.03 38.22 36.16
CA TYR C 128 -30.14 37.56 35.20
C TYR C 128 -30.68 37.83 33.80
N VAL C 129 -29.81 38.33 32.92
CA VAL C 129 -30.17 38.63 31.53
C VAL C 129 -29.31 37.72 30.64
N PHE C 130 -29.89 36.63 30.16
CA PHE C 130 -29.19 35.73 29.24
C PHE C 130 -29.20 36.32 27.84
N TYR C 131 -28.05 36.25 27.16
CA TYR C 131 -27.94 36.76 25.81
C TYR C 131 -26.89 35.93 25.07
N THR C 132 -26.79 36.13 23.77
CA THR C 132 -25.74 35.47 22.97
C THR C 132 -24.68 36.48 22.54
N ALA C 133 -23.43 36.12 22.77
CA ALA C 133 -22.29 36.97 22.42
C ALA C 133 -21.85 36.62 21.00
N SER C 134 -22.19 37.48 20.04
CA SER C 134 -21.70 37.33 18.67
C SER C 134 -20.36 38.06 18.54
N GLY C 135 -19.34 37.32 18.15
CA GLY C 135 -18.00 37.85 18.01
C GLY C 135 -17.29 37.95 19.35
N ARG C 136 -16.22 38.74 19.34
CA ARG C 136 -15.48 39.04 20.55
C ARG C 136 -15.31 40.54 20.66
N ALA C 137 -15.30 41.04 21.91
CA ALA C 137 -15.25 42.47 22.15
C ALA C 137 -14.05 43.10 21.47
N GLY C 138 -14.30 44.17 20.72
CA GLY C 138 -13.24 44.92 20.09
C GLY C 138 -12.46 44.13 19.06
N GLU C 139 -13.15 43.31 18.26
CA GLU C 139 -12.49 42.61 17.18
C GLU C 139 -12.18 43.59 16.05
N ALA C 140 -11.30 43.17 15.15
CA ALA C 140 -11.02 44.00 13.98
C ALA C 140 -12.15 43.90 12.97
N GLU C 141 -12.35 42.73 12.37
CA GLU C 141 -13.45 42.53 11.45
C GLU C 141 -14.48 41.60 12.08
N ILE C 142 -15.75 41.81 11.70
CA ILE C 142 -16.85 41.05 12.30
C ILE C 142 -16.70 39.56 12.02
N THR C 143 -16.65 38.77 13.09
CA THR C 143 -16.70 37.32 13.03
C THR C 143 -18.09 36.84 13.43
N TYR C 144 -18.35 35.55 13.26
CA TYR C 144 -19.68 35.00 13.55
C TYR C 144 -19.62 33.90 14.61
N GLU C 145 -18.75 34.08 15.60
CA GLU C 145 -18.67 33.14 16.71
C GLU C 145 -19.79 33.45 17.68
N GLN C 146 -20.58 32.43 18.04
CA GLN C 146 -21.74 32.59 18.90
C GLN C 146 -21.54 31.77 20.17
N ARG C 147 -21.74 32.41 21.32
CA ARG C 147 -21.58 31.79 22.63
C ARG C 147 -22.68 32.24 23.58
N LEU C 148 -23.15 31.32 24.45
CA LEU C 148 -24.20 31.65 25.41
C LEU C 148 -23.58 32.29 26.64
N ALA C 149 -23.97 33.54 26.92
CA ALA C 149 -23.49 34.34 28.05
C ALA C 149 -24.67 34.78 28.91
N VAL C 150 -24.36 35.38 30.06
CA VAL C 150 -25.38 35.87 30.99
C VAL C 150 -24.89 37.15 31.66
N GLY C 151 -25.82 38.08 31.89
CA GLY C 151 -25.55 39.25 32.70
C GLY C 151 -26.14 39.16 34.09
N SER C 152 -25.38 38.63 35.05
CA SER C 152 -25.87 38.42 36.39
C SER C 152 -25.80 39.69 37.24
N GLY C 153 -26.57 39.68 38.33
CA GLY C 153 -26.42 40.69 39.37
C GLY C 153 -27.15 41.98 39.14
N GLY C 154 -28.25 41.99 38.38
CA GLY C 154 -28.97 43.21 38.19
C GLY C 154 -29.96 43.49 39.30
N SER C 155 -30.32 44.77 39.44
CA SER C 155 -31.32 45.20 40.41
C SER C 155 -32.40 45.99 39.68
N VAL C 156 -33.65 45.60 39.87
CA VAL C 156 -34.81 46.27 39.24
C VAL C 156 -35.50 47.14 40.27
N VAL C 157 -35.57 48.45 40.00
CA VAL C 157 -36.26 49.40 40.87
C VAL C 157 -37.42 50.01 40.07
N ALA C 158 -38.54 50.28 40.76
CA ALA C 158 -39.76 50.73 40.11
C ALA C 158 -40.33 51.91 40.88
N ASP C 159 -40.33 53.08 40.25
CA ASP C 159 -40.96 54.29 40.76
C ASP C 159 -42.42 54.34 40.30
N ASP C 160 -43.02 55.53 40.35
CA ASP C 160 -44.30 55.81 39.73
C ASP C 160 -44.10 56.50 38.38
N ASP C 161 -42.86 56.84 38.05
CA ASP C 161 -42.53 57.42 36.75
C ASP C 161 -41.99 56.39 35.77
N GLY C 162 -41.43 55.30 36.27
CA GLY C 162 -40.92 54.27 35.39
C GLY C 162 -40.20 53.18 36.15
N VAL C 163 -39.32 52.48 35.43
CA VAL C 163 -38.54 51.37 35.95
C VAL C 163 -37.10 51.55 35.51
N ARG C 164 -36.15 51.39 36.43
CA ARG C 164 -34.74 51.48 36.09
C ARG C 164 -34.05 50.17 36.46
N ILE C 165 -33.28 49.63 35.53
CA ILE C 165 -32.44 48.47 35.78
C ILE C 165 -31.04 48.99 36.12
N GLU C 166 -30.69 48.89 37.39
CA GLU C 166 -29.52 49.50 37.98
C GLU C 166 -28.59 48.44 38.55
N GLY C 167 -27.42 48.93 38.97
CA GLY C 167 -26.44 48.14 39.67
C GLY C 167 -25.29 47.76 38.76
N PRO C 168 -24.30 47.09 39.31
CA PRO C 168 -23.21 46.59 38.48
C PRO C 168 -23.57 45.23 37.90
N PHE C 169 -23.37 45.07 36.61
CA PHE C 169 -23.62 43.80 35.92
C PHE C 169 -22.32 43.04 35.77
N ALA C 170 -22.39 41.73 35.95
CA ALA C 170 -21.24 40.85 35.77
C ALA C 170 -21.55 39.92 34.62
N HIS C 171 -20.65 39.86 33.65
CA HIS C 171 -20.88 39.13 32.41
C HIS C 171 -19.85 38.02 32.29
N GLY C 172 -20.30 36.87 31.82
CA GLY C 172 -19.40 35.75 31.57
C GLY C 172 -20.04 34.81 30.58
N VAL C 173 -19.20 34.06 29.88
CA VAL C 173 -19.70 33.02 28.98
C VAL C 173 -20.15 31.83 29.81
N LEU C 174 -21.31 31.29 29.48
CA LEU C 174 -21.85 30.09 30.12
C LEU C 174 -21.58 28.84 29.31
N LEU C 175 -21.84 28.88 28.01
CA LEU C 175 -21.71 27.68 27.20
C LEU C 175 -21.12 28.00 25.83
N GLU C 176 -20.29 27.08 25.35
CA GLU C 176 -19.77 27.01 23.99
C GLU C 176 -19.95 25.58 23.49
N PRO C 177 -20.11 25.39 22.18
CA PRO C 177 -20.43 24.04 21.68
C PRO C 177 -19.32 23.03 21.97
N ASP C 178 -19.72 21.83 22.42
CA ASP C 178 -18.76 20.80 22.83
C ASP C 178 -18.08 20.12 21.64
N GLY C 179 -18.77 20.00 20.51
CA GLY C 179 -18.20 19.43 19.30
C GLY C 179 -18.59 18.00 19.00
N GLU C 180 -19.26 17.32 19.93
CA GLU C 180 -19.79 15.99 19.67
C GLU C 180 -21.31 15.94 19.70
N ARG C 181 -21.94 16.65 20.63
CA ARG C 181 -23.39 16.79 20.60
C ARG C 181 -23.83 18.07 19.90
N TYR C 182 -23.01 19.11 19.96
CA TYR C 182 -23.34 20.41 19.38
C TYR C 182 -22.17 20.88 18.51
N GLU C 183 -22.47 21.21 17.26
CA GLU C 183 -21.44 21.45 16.25
C GLU C 183 -20.64 22.73 16.56
N ARG C 184 -19.34 22.66 16.31
CA ARG C 184 -18.40 23.77 16.43
C ARG C 184 -18.27 24.50 15.10
N GLU C 185 -17.72 25.71 15.14
CA GLU C 185 -17.59 26.51 13.91
C GLU C 185 -16.69 25.82 12.90
N GLU C 186 -15.57 25.23 13.34
CA GLU C 186 -14.69 24.49 12.44
C GLU C 186 -15.43 23.38 11.70
N GLN C 187 -16.37 22.72 12.38
CA GLN C 187 -17.11 21.60 11.79
C GLN C 187 -18.22 22.03 10.85
N SER C 188 -18.62 23.29 10.88
CA SER C 188 -19.77 23.75 10.11
C SER C 188 -19.50 23.66 8.61
N ARG C 189 -20.31 22.86 7.91
CA ARG C 189 -20.40 22.96 6.46
C ARG C 189 -21.61 23.83 6.09
N GLY C 190 -21.78 24.04 4.78
CA GLY C 190 -22.85 24.87 4.26
C GLY C 190 -22.90 26.27 4.86
N MET C 191 -23.99 26.59 5.56
CA MET C 191 -24.15 27.93 6.10
C MET C 191 -23.43 28.05 7.44
N ILE C 192 -23.38 29.29 7.96
CA ILE C 192 -22.74 29.55 9.25
C ILE C 192 -23.41 28.73 10.34
N TYR C 193 -22.60 28.21 11.25
CA TYR C 193 -23.13 27.42 12.35
C TYR C 193 -23.98 28.30 13.28
N THR C 194 -24.68 27.64 14.20
CA THR C 194 -25.50 28.35 15.17
C THR C 194 -25.25 27.79 16.55
N PHE C 195 -25.16 28.70 17.52
CA PHE C 195 -25.15 28.31 18.93
C PHE C 195 -25.63 29.52 19.72
N ARG C 196 -26.95 29.70 19.80
CA ARG C 196 -27.49 30.97 20.27
C ARG C 196 -28.88 30.82 20.86
N ASP C 197 -29.42 31.96 21.31
CA ASP C 197 -30.78 32.17 21.79
C ASP C 197 -31.07 31.35 23.05
N PRO C 198 -30.40 31.63 24.17
CA PRO C 198 -30.63 30.86 25.40
C PRO C 198 -31.93 31.29 26.08
N TRP C 199 -32.79 30.32 26.36
CA TRP C 199 -34.09 30.58 26.97
C TRP C 199 -34.18 29.78 28.26
N PHE C 200 -34.31 30.48 29.38
CA PHE C 200 -34.39 29.84 30.70
C PHE C 200 -35.76 29.20 30.90
N PHE C 201 -35.78 28.06 31.57
CA PHE C 201 -37.03 27.31 31.74
C PHE C 201 -36.95 26.41 32.96
N GLU C 202 -37.77 26.66 33.96
CA GLU C 202 -37.93 25.71 35.06
C GLU C 202 -39.09 24.79 34.73
N ASP C 203 -38.83 23.48 34.70
CA ASP C 203 -39.87 22.51 34.39
C ASP C 203 -40.87 22.46 35.52
N PRO C 204 -42.15 22.78 35.28
CA PRO C 204 -43.12 22.82 36.38
C PRO C 204 -43.42 21.47 36.97
N ARG C 205 -43.01 20.37 36.33
CA ARG C 205 -43.28 19.04 36.87
C ARG C 205 -42.14 18.59 37.78
N SER C 206 -40.95 18.41 37.21
CA SER C 206 -39.82 17.95 38.02
C SER C 206 -39.30 19.03 38.96
N GLY C 207 -39.46 20.30 38.59
CA GLY C 207 -38.80 21.38 39.30
C GLY C 207 -37.38 21.64 38.84
N LYS C 208 -36.82 20.78 37.98
CA LYS C 208 -35.46 20.95 37.50
C LYS C 208 -35.34 22.19 36.62
N THR C 209 -34.12 22.72 36.55
CA THR C 209 -33.83 23.97 35.84
C THR C 209 -33.07 23.68 34.56
N TYR C 210 -33.59 24.19 33.44
CA TYR C 210 -32.98 23.97 32.13
C TYR C 210 -32.79 25.30 31.41
N LEU C 211 -31.96 25.26 30.39
CA LEU C 211 -31.70 26.38 29.50
C LEU C 211 -31.68 25.83 28.08
N LEU C 212 -32.69 26.22 27.28
CA LEU C 212 -32.78 25.81 25.89
C LEU C 212 -31.97 26.73 24.99
N PHE C 213 -31.56 26.23 23.83
CA PHE C 213 -30.83 27.06 22.89
C PHE C 213 -30.91 26.43 21.51
N GLU C 214 -30.56 27.21 20.49
CA GLU C 214 -30.51 26.74 19.12
C GLU C 214 -29.07 26.36 18.78
N ALA C 215 -28.87 25.16 18.25
CA ALA C 215 -27.53 24.72 17.89
C ALA C 215 -27.59 23.95 16.58
N ASN C 216 -26.44 23.46 16.16
CA ASN C 216 -26.34 22.50 15.07
C ASN C 216 -25.72 21.24 15.61
N THR C 217 -26.10 20.10 15.05
CA THR C 217 -25.50 18.87 15.52
C THR C 217 -24.53 18.31 14.48
N PRO C 218 -23.29 18.03 14.89
CA PRO C 218 -22.24 17.67 13.93
C PRO C 218 -22.54 16.39 13.17
N ILE C 219 -22.32 16.44 11.87
CA ILE C 219 -22.48 15.29 11.00
C ILE C 219 -21.16 15.11 10.23
N PRO C 220 -20.48 13.97 10.37
CA PRO C 220 -19.24 13.74 9.61
C PRO C 220 -19.50 13.74 8.11
N GLU C 221 -18.42 13.95 7.34
CA GLU C 221 -18.55 14.05 5.89
C GLU C 221 -19.02 12.73 5.26
N GLY C 222 -18.36 11.63 5.63
CA GLY C 222 -18.71 10.34 5.06
C GLY C 222 -19.75 9.56 5.85
N ALA C 223 -20.49 10.24 6.72
CA ALA C 223 -21.41 9.54 7.62
C ALA C 223 -22.52 8.82 6.87
N GLY C 224 -22.90 9.29 5.69
CA GLY C 224 -24.01 8.67 5.00
C GLY C 224 -25.35 8.84 5.69
N ALA C 225 -25.45 9.76 6.65
CA ALA C 225 -26.67 9.92 7.46
C ALA C 225 -27.89 10.39 6.67
N CYS C 226 -27.73 10.89 5.45
CA CYS C 226 -28.91 11.25 4.68
C CYS C 226 -28.79 10.80 3.24
N GLY C 227 -29.94 10.77 2.57
CA GLY C 227 -30.04 10.27 1.22
C GLY C 227 -29.34 11.08 0.17
N ASP C 228 -28.75 12.21 0.57
CA ASP C 228 -27.98 13.06 -0.33
C ASP C 228 -26.94 13.76 0.54
N PRO C 229 -25.67 13.76 0.13
CA PRO C 229 -24.64 14.47 0.91
C PRO C 229 -24.94 15.93 1.19
N VAL C 230 -25.51 16.67 0.23
CA VAL C 230 -25.75 18.10 0.44
C VAL C 230 -26.74 18.32 1.58
N TRP C 231 -27.74 17.44 1.69
CA TRP C 231 -28.75 17.57 2.73
C TRP C 231 -28.13 17.58 4.12
N GLU C 232 -27.01 16.88 4.30
CA GLU C 232 -26.39 16.82 5.61
C GLU C 232 -25.86 18.18 6.08
N GLU C 233 -25.79 19.17 5.19
CA GLU C 233 -25.38 20.51 5.61
C GLU C 233 -26.44 21.19 6.45
N PHE C 234 -27.69 20.73 6.39
CA PHE C 234 -28.80 21.28 7.17
C PHE C 234 -29.01 20.41 8.40
N ASN C 235 -28.47 20.85 9.54
CA ASN C 235 -28.40 20.05 10.75
C ASN C 235 -28.85 20.84 11.96
N GLY C 236 -29.90 21.64 11.80
CA GLY C 236 -30.40 22.43 12.91
C GLY C 236 -30.98 21.57 14.02
N SER C 237 -30.83 22.03 15.26
CA SER C 237 -31.30 21.28 16.41
C SER C 237 -31.61 22.23 17.56
N VAL C 238 -32.46 21.75 18.47
CA VAL C 238 -32.79 22.46 19.70
C VAL C 238 -32.00 21.77 20.81
N GLY C 239 -30.93 22.40 21.25
CA GLY C 239 -30.16 21.86 22.35
C GLY C 239 -30.69 22.31 23.68
N ILE C 240 -30.32 21.58 24.73
CA ILE C 240 -30.81 21.87 26.07
C ILE C 240 -29.67 21.62 27.05
N ALA C 241 -29.57 22.46 28.07
CA ALA C 241 -28.61 22.31 29.13
C ALA C 241 -29.33 22.28 30.47
N HIS C 242 -28.74 21.59 31.43
CA HIS C 242 -29.34 21.38 32.74
C HIS C 242 -28.49 22.09 33.80
N SER C 243 -29.13 22.51 34.88
CA SER C 243 -28.41 23.05 36.04
C SER C 243 -28.68 22.15 37.25
N PRO C 244 -27.70 21.39 37.73
CA PRO C 244 -27.99 20.48 38.86
C PRO C 244 -28.44 21.25 40.09
N THR C 245 -27.68 22.28 40.47
CA THR C 245 -28.17 23.26 41.42
C THR C 245 -28.99 24.29 40.68
N GLY C 246 -29.92 24.92 41.39
CA GLY C 246 -30.80 25.89 40.74
C GLY C 246 -30.10 27.13 40.22
N ASP C 247 -28.81 27.29 40.53
CA ASP C 247 -28.02 28.45 40.14
C ASP C 247 -28.13 28.72 38.65
N PRO C 248 -28.60 29.91 38.24
CA PRO C 248 -28.76 30.22 36.82
C PRO C 248 -27.45 30.40 36.06
N THR C 249 -26.31 30.13 36.69
CA THR C 249 -25.02 30.34 36.05
C THR C 249 -24.17 29.08 35.94
N ASP C 250 -24.66 27.95 36.44
CA ASP C 250 -23.97 26.67 36.39
C ASP C 250 -24.76 25.73 35.48
N TRP C 251 -24.20 25.43 34.30
CA TRP C 251 -24.90 24.62 33.31
C TRP C 251 -24.01 23.49 32.82
N GLU C 252 -24.66 22.37 32.52
CA GLU C 252 -24.01 21.21 31.92
C GLU C 252 -24.82 20.79 30.70
N LEU C 253 -24.15 20.59 29.57
CA LEU C 253 -24.84 20.27 28.34
C LEU C 253 -25.54 18.91 28.45
N CYS C 254 -26.70 18.81 27.81
CA CYS C 254 -27.43 17.55 27.67
C CYS C 254 -27.62 17.24 26.19
N ASP C 255 -28.23 16.08 25.92
CA ASP C 255 -28.53 15.71 24.55
C ASP C 255 -29.66 16.58 23.99
N PRO C 256 -29.65 16.86 22.68
CA PRO C 256 -30.61 17.80 22.11
C PRO C 256 -32.04 17.29 22.16
N LEU C 257 -32.98 18.24 22.27
CA LEU C 257 -34.41 17.90 22.35
C LEU C 257 -34.95 17.45 21.00
N LEU C 258 -34.47 18.04 19.92
CA LEU C 258 -35.08 17.82 18.62
C LEU C 258 -34.07 18.21 17.55
N GLU C 259 -34.07 17.49 16.43
CA GLU C 259 -33.15 17.77 15.33
C GLU C 259 -33.91 17.78 14.02
N GLY C 260 -33.55 18.71 13.14
CA GLY C 260 -34.12 18.81 11.81
C GLY C 260 -33.12 18.44 10.74
N ILE C 261 -32.40 17.33 10.96
CA ILE C 261 -31.36 16.95 10.03
C ILE C 261 -31.98 16.68 8.67
N CYS C 262 -31.44 17.35 7.66
CA CYS C 262 -31.85 17.20 6.27
C CYS C 262 -33.18 17.88 5.96
N VAL C 263 -33.59 18.79 6.87
CA VAL C 263 -34.77 19.63 6.75
C VAL C 263 -34.43 21.11 6.91
N ASN C 264 -33.76 21.47 8.00
CA ASN C 264 -33.52 22.89 8.24
C ASN C 264 -32.21 23.11 8.98
N GLN C 265 -31.60 24.27 8.73
CA GLN C 265 -30.34 24.66 9.35
C GLN C 265 -30.54 25.47 10.63
N GLU C 266 -31.58 26.32 10.66
CA GLU C 266 -31.80 27.26 11.76
C GLU C 266 -33.15 27.01 12.40
N LEU C 267 -33.15 26.49 13.63
CA LEU C 267 -34.34 26.43 14.48
C LEU C 267 -34.22 27.56 15.51
N GLU C 268 -34.54 28.78 15.07
CA GLU C 268 -34.25 29.97 15.86
C GLU C 268 -35.19 30.09 17.05
N ARG C 269 -34.69 30.74 18.12
CA ARG C 269 -35.41 31.09 19.33
C ARG C 269 -36.35 30.00 19.81
N PRO C 270 -35.81 28.90 20.36
CA PRO C 270 -36.67 27.82 20.84
C PRO C 270 -37.19 28.13 22.23
N HIS C 271 -38.41 27.66 22.50
CA HIS C 271 -38.98 27.80 23.83
C HIS C 271 -40.09 26.79 24.03
N VAL C 272 -40.47 26.61 25.30
CA VAL C 272 -41.51 25.66 25.68
C VAL C 272 -42.65 26.40 26.37
N VAL C 273 -43.86 26.04 25.98
CA VAL C 273 -45.08 26.39 26.70
C VAL C 273 -45.66 25.09 27.23
N VAL C 274 -45.89 25.02 28.54
CA VAL C 274 -46.50 23.84 29.14
C VAL C 274 -47.98 24.12 29.34
N ARG C 275 -48.83 23.23 28.83
CA ARG C 275 -50.27 23.43 28.90
C ARG C 275 -50.94 22.12 29.29
N ASN C 276 -51.55 22.11 30.47
CA ASN C 276 -52.30 20.97 31.01
C ASN C 276 -51.56 19.65 30.84
N GLY C 277 -50.26 19.67 31.13
CA GLY C 277 -49.49 18.45 31.14
C GLY C 277 -48.82 18.12 29.84
N PHE C 278 -48.92 18.97 28.84
CA PHE C 278 -48.31 18.75 27.54
C PHE C 278 -47.28 19.83 27.27
N TYR C 279 -46.17 19.46 26.66
CA TYR C 279 -45.05 20.35 26.42
C TYR C 279 -45.04 20.69 24.95
N TYR C 280 -45.22 21.99 24.65
CA TYR C 280 -45.20 22.49 23.29
C TYR C 280 -43.87 23.22 23.09
N LEU C 281 -43.06 22.71 22.17
CA LEU C 281 -41.78 23.28 21.80
C LEU C 281 -41.99 24.08 20.52
N PHE C 282 -41.68 25.37 20.55
CA PHE C 282 -41.84 26.24 19.40
C PHE C 282 -40.48 26.77 18.96
N VAL C 283 -40.30 26.85 17.64
CA VAL C 283 -39.10 27.41 17.01
C VAL C 283 -39.53 28.24 15.80
N SER C 284 -38.93 29.42 15.64
CA SER C 284 -39.11 30.21 14.43
C SER C 284 -38.09 29.82 13.37
N SER C 285 -38.49 29.88 12.11
CA SER C 285 -37.57 29.47 11.06
C SER C 285 -37.86 30.18 9.74
N HIS C 286 -36.80 30.33 8.95
CA HIS C 286 -36.81 31.04 7.68
C HIS C 286 -37.17 30.12 6.52
N ASP C 287 -37.48 30.74 5.38
CA ASP C 287 -37.73 29.98 4.16
C ASP C 287 -36.44 29.54 3.49
N HIS C 288 -35.39 30.38 3.55
CA HIS C 288 -34.14 30.08 2.88
C HIS C 288 -33.26 29.11 3.65
N THR C 289 -33.63 28.74 4.87
CA THR C 289 -32.85 27.79 5.67
C THR C 289 -33.37 26.36 5.57
N PHE C 290 -34.33 26.11 4.68
CA PHE C 290 -34.78 24.75 4.42
C PHE C 290 -33.85 24.06 3.43
N ALA C 291 -33.66 22.75 3.63
CA ALA C 291 -32.85 21.95 2.73
C ALA C 291 -33.48 21.90 1.33
N PRO C 292 -32.68 21.63 0.30
CA PRO C 292 -33.23 21.56 -1.05
C PRO C 292 -34.26 20.44 -1.17
N GLY C 293 -35.25 20.67 -2.04
CA GLY C 293 -36.37 19.77 -2.19
C GLY C 293 -37.53 20.03 -1.25
N LEU C 294 -37.37 20.92 -0.28
CA LEU C 294 -38.40 21.27 0.67
C LEU C 294 -38.71 22.75 0.55
N GLU C 295 -40.00 23.09 0.59
CA GLU C 295 -40.46 24.46 0.46
C GLU C 295 -41.31 24.82 1.67
N GLY C 296 -40.76 25.64 2.56
CA GLY C 296 -41.50 26.13 3.71
C GLY C 296 -41.36 27.63 3.88
N PRO C 297 -42.40 28.30 4.38
CA PRO C 297 -42.36 29.75 4.57
C PRO C 297 -41.81 30.17 5.94
N ASP C 298 -41.34 31.42 5.99
CA ASP C 298 -41.01 32.05 7.26
C ASP C 298 -42.16 31.86 8.24
N GLY C 299 -41.89 31.16 9.34
CA GLY C 299 -42.99 30.88 10.25
C GLY C 299 -42.56 30.29 11.58
N LEU C 300 -43.55 30.18 12.46
CA LEU C 300 -43.41 29.54 13.75
C LEU C 300 -43.88 28.09 13.63
N TYR C 301 -42.95 27.16 13.87
CA TYR C 301 -43.18 25.73 13.81
C TYR C 301 -43.19 25.16 15.22
N GLY C 302 -43.97 24.11 15.42
CA GLY C 302 -44.24 23.63 16.77
C GLY C 302 -44.36 22.13 16.84
N PHE C 303 -44.02 21.61 18.02
CA PHE C 303 -44.01 20.18 18.32
C PHE C 303 -44.56 19.98 19.74
N VAL C 304 -45.04 18.78 20.02
CA VAL C 304 -45.67 18.51 21.31
C VAL C 304 -45.24 17.13 21.80
N ALA C 305 -45.04 17.01 23.11
CA ALA C 305 -44.81 15.71 23.73
C ALA C 305 -45.42 15.74 25.13
N ASP C 306 -45.36 14.59 25.81
CA ASP C 306 -45.93 14.49 27.15
C ASP C 306 -44.90 14.75 28.24
N SER C 307 -43.64 15.02 27.89
CA SER C 307 -42.60 15.39 28.85
C SER C 307 -41.63 16.33 28.16
N LEU C 308 -40.79 17.00 28.96
CA LEU C 308 -39.88 18.01 28.38
C LEU C 308 -38.88 17.39 27.41
N ARG C 309 -38.33 16.21 27.75
CA ARG C 309 -37.38 15.55 26.87
C ARG C 309 -37.95 14.28 26.24
N GLY C 310 -39.26 14.29 25.96
CA GLY C 310 -39.94 13.16 25.36
C GLY C 310 -39.89 13.19 23.85
N GLU C 311 -40.61 12.25 23.25
CA GLU C 311 -40.65 12.07 21.78
C GLU C 311 -41.54 13.14 21.17
N TYR C 312 -40.93 14.26 20.80
CA TYR C 312 -41.64 15.35 20.16
C TYR C 312 -42.19 14.95 18.79
N ARG C 313 -43.41 15.36 18.51
CA ARG C 313 -44.06 15.15 17.22
C ARG C 313 -44.64 16.46 16.71
N PRO C 314 -44.62 16.68 15.39
CA PRO C 314 -44.96 18.02 14.87
C PRO C 314 -46.44 18.37 14.99
N LEU C 315 -46.71 19.63 15.34
CA LEU C 315 -48.08 20.15 15.33
C LEU C 315 -48.60 20.26 13.91
N ASN C 316 -49.90 20.00 13.73
CA ASN C 316 -50.58 20.07 12.44
C ASN C 316 -49.98 19.13 11.40
N GLY C 317 -49.28 18.08 11.82
CA GLY C 317 -48.70 17.12 10.87
C GLY C 317 -47.40 17.54 10.24
N SER C 318 -47.33 18.76 9.73
CA SER C 318 -46.13 19.30 9.10
C SER C 318 -45.20 19.97 10.09
N GLY C 319 -45.76 20.60 11.13
CA GLY C 319 -45.01 21.41 12.05
C GLY C 319 -45.40 22.87 12.03
N LEU C 320 -45.97 23.34 10.93
CA LEU C 320 -46.29 24.76 10.78
C LEU C 320 -47.44 25.13 11.73
N VAL C 321 -47.17 26.05 12.64
CA VAL C 321 -48.17 26.57 13.57
C VAL C 321 -48.70 27.92 13.12
N LEU C 322 -47.81 28.80 12.64
CA LEU C 322 -48.21 30.17 12.35
C LEU C 322 -47.30 30.74 11.27
N THR C 323 -47.87 31.45 10.29
CA THR C 323 -47.10 31.98 9.19
C THR C 323 -47.76 33.22 8.59
N ASN C 324 -46.97 33.96 7.80
CA ASN C 324 -47.40 35.20 7.15
C ASN C 324 -48.13 34.91 5.84
N PRO C 325 -49.01 35.82 5.41
CA PRO C 325 -49.74 35.59 4.16
C PRO C 325 -48.78 35.64 2.97
N ALA C 326 -49.21 34.99 1.89
CA ALA C 326 -48.38 34.92 0.69
C ALA C 326 -48.06 36.30 0.12
N ASN C 327 -49.00 37.25 0.20
CA ASN C 327 -48.84 38.58 -0.38
C ASN C 327 -48.24 39.60 0.59
N ALA C 328 -47.68 39.15 1.72
CA ALA C 328 -46.88 39.95 2.66
C ALA C 328 -45.99 39.00 3.47
N PRO C 329 -45.14 38.20 2.81
CA PRO C 329 -44.63 36.98 3.43
C PRO C 329 -43.52 37.19 4.45
N TYR C 330 -42.98 38.39 4.58
CA TYR C 330 -41.93 38.65 5.55
C TYR C 330 -42.35 39.69 6.59
N GLN C 331 -43.67 39.86 6.78
CA GLN C 331 -44.15 40.97 7.60
C GLN C 331 -43.81 40.77 9.08
N ALA C 332 -43.64 39.52 9.52
CA ALA C 332 -43.34 39.25 10.92
C ALA C 332 -42.34 38.11 11.03
N TYR C 333 -41.65 38.07 12.16
CA TYR C 333 -40.69 37.02 12.45
C TYR C 333 -40.35 37.06 13.94
N SER C 334 -39.72 35.97 14.40
CA SER C 334 -39.20 35.84 15.76
C SER C 334 -40.33 35.84 16.78
N TRP C 335 -41.28 34.92 16.59
CA TRP C 335 -42.44 34.82 17.46
C TRP C 335 -42.08 34.13 18.77
N VAL C 336 -42.69 34.59 19.86
CA VAL C 336 -42.60 33.96 21.18
C VAL C 336 -44.00 33.68 21.68
N ALA C 337 -44.22 32.46 22.17
CA ALA C 337 -45.52 32.01 22.66
C ALA C 337 -45.57 32.02 24.18
N PHE C 338 -46.74 32.35 24.72
CA PHE C 338 -46.93 32.35 26.16
C PHE C 338 -48.40 32.13 26.49
N SER C 339 -48.66 31.43 27.59
CA SER C 339 -50.04 31.08 27.94
C SER C 339 -50.81 32.31 28.41
N HIS C 340 -52.14 32.30 28.18
CA HIS C 340 -53.02 33.26 28.84
C HIS C 340 -54.40 32.62 28.99
N ARG C 341 -54.61 32.06 30.16
CA ARG C 341 -55.75 31.35 30.73
C ARG C 341 -56.15 30.09 29.96
N GLU C 342 -56.47 30.18 28.67
CA GLU C 342 -56.88 29.04 27.85
C GLU C 342 -56.60 29.34 26.41
N GLU C 343 -55.94 30.46 26.16
CA GLU C 343 -55.45 30.87 24.86
C GLU C 343 -53.93 30.83 24.90
N LEU C 344 -53.34 30.82 23.73
CA LEU C 344 -51.91 30.94 23.59
C LEU C 344 -51.67 32.21 22.81
N LEU C 345 -50.92 33.13 23.40
CA LEU C 345 -50.59 34.37 22.69
C LEU C 345 -49.21 34.22 22.08
N VAL C 346 -49.04 34.83 20.91
CA VAL C 346 -47.81 34.73 20.16
C VAL C 346 -47.44 36.13 19.71
N SER C 347 -46.30 36.63 20.18
CA SER C 347 -45.83 37.97 19.85
C SER C 347 -44.55 37.87 19.04
N GLY C 348 -44.60 38.38 17.81
CA GLY C 348 -43.43 38.56 16.99
C GLY C 348 -43.02 40.02 16.94
N PHE C 349 -42.29 40.37 15.89
CA PHE C 349 -41.99 41.76 15.59
C PHE C 349 -42.34 42.04 14.13
N PHE C 350 -42.45 43.33 13.80
CA PHE C 350 -42.93 43.78 12.49
C PHE C 350 -41.73 43.95 11.55
N ASN C 351 -41.59 43.03 10.58
CA ASN C 351 -40.29 42.96 9.91
C ASN C 351 -40.20 43.71 8.57
N TYR C 352 -40.50 43.02 7.48
CA TYR C 352 -40.38 43.58 6.14
C TYR C 352 -41.76 43.63 5.51
N TYR C 353 -42.21 44.83 5.15
CA TYR C 353 -43.52 44.94 4.56
C TYR C 353 -43.45 45.85 3.34
N ASP C 354 -44.51 45.79 2.54
CA ASP C 354 -44.67 46.61 1.36
C ASP C 354 -43.56 46.35 0.34
N LEU C 355 -43.19 45.07 0.20
CA LEU C 355 -42.20 44.68 -0.80
C LEU C 355 -42.78 44.60 -2.19
N GLY C 356 -44.11 44.50 -2.31
CA GLY C 356 -44.79 44.36 -3.57
C GLY C 356 -44.61 42.97 -4.15
N GLY C 357 -43.43 42.75 -4.74
CA GLY C 357 -43.10 41.45 -5.29
C GLY C 357 -41.65 41.09 -5.09
N LEU C 358 -40.87 42.05 -4.61
CA LEU C 358 -39.43 41.86 -4.47
C LEU C 358 -39.10 40.82 -3.40
N THR C 359 -38.00 40.10 -3.61
CA THR C 359 -37.42 39.21 -2.63
C THR C 359 -36.45 40.00 -1.74
N LEU C 360 -35.94 39.33 -0.70
CA LEU C 360 -35.20 40.06 0.32
C LEU C 360 -33.85 40.58 -0.18
N ASP C 361 -33.13 39.82 -1.00
CA ASP C 361 -31.90 40.37 -1.54
C ASP C 361 -32.18 41.50 -2.54
N ASP C 362 -33.36 41.49 -3.16
CA ASP C 362 -33.70 42.59 -4.05
C ASP C 362 -33.80 43.89 -3.27
N VAL C 363 -34.26 43.82 -2.01
CA VAL C 363 -34.39 45.02 -1.17
C VAL C 363 -33.04 45.68 -0.92
N ALA C 364 -31.96 44.87 -0.89
CA ALA C 364 -30.63 45.42 -0.67
C ALA C 364 -30.18 46.36 -1.78
N THR C 365 -30.77 46.25 -2.98
CA THR C 365 -30.39 47.12 -4.09
C THR C 365 -30.95 48.54 -3.96
N LEU C 366 -32.10 48.69 -3.30
CA LEU C 366 -32.79 49.97 -3.25
C LEU C 366 -31.98 51.01 -2.48
N SER C 367 -32.35 52.28 -2.69
CA SER C 367 -31.70 53.39 -2.00
C SER C 367 -31.93 53.26 -0.48
N PRO C 368 -31.04 53.86 0.32
CA PRO C 368 -31.19 53.75 1.79
C PRO C 368 -32.57 54.11 2.31
N ASP C 369 -33.14 55.21 1.83
CA ASP C 369 -34.45 55.64 2.33
C ASP C 369 -35.54 54.66 1.90
N GLU C 370 -35.48 54.17 0.65
CA GLU C 370 -36.45 53.17 0.20
C GLU C 370 -36.31 51.85 0.96
N GLN C 371 -35.12 51.55 1.51
CA GLN C 371 -34.98 50.37 2.36
C GLN C 371 -35.61 50.60 3.71
N ARG C 372 -35.27 51.72 4.36
CA ARG C 372 -35.84 52.02 5.67
C ARG C 372 -37.36 52.12 5.61
N ALA C 373 -37.91 52.52 4.46
CA ALA C 373 -39.36 52.65 4.37
C ALA C 373 -40.08 51.31 4.41
N LYS C 374 -39.38 50.20 4.19
CA LYS C 374 -39.99 48.88 4.15
C LYS C 374 -39.66 48.02 5.38
N PHE C 375 -39.31 48.65 6.50
CA PHE C 375 -38.96 47.94 7.71
C PHE C 375 -39.74 48.55 8.86
N GLY C 376 -40.47 47.73 9.60
CA GLY C 376 -41.22 48.24 10.73
C GLY C 376 -40.35 48.60 11.91
N GLY C 377 -39.76 47.59 12.54
CA GLY C 377 -38.97 47.80 13.74
C GLY C 377 -39.77 48.07 14.99
N THR C 378 -40.98 47.52 15.08
CA THR C 378 -41.81 47.63 16.28
C THR C 378 -42.38 46.25 16.55
N LEU C 379 -43.29 46.18 17.51
CA LEU C 379 -43.92 44.92 17.88
C LEU C 379 -45.10 44.63 16.97
N ALA C 380 -45.25 43.36 16.61
CA ALA C 380 -46.39 42.95 15.80
C ALA C 380 -47.62 42.78 16.67
N PRO C 381 -48.83 42.93 16.09
CA PRO C 381 -50.05 42.64 16.85
C PRO C 381 -50.07 41.20 17.33
N THR C 382 -50.07 41.02 18.65
CA THR C 382 -49.97 39.68 19.21
C THR C 382 -51.17 38.85 18.81
N VAL C 383 -50.90 37.64 18.32
CA VAL C 383 -51.91 36.76 17.75
C VAL C 383 -52.39 35.81 18.84
N ARG C 384 -53.70 35.56 18.86
CA ARG C 384 -54.32 34.65 19.80
C ARG C 384 -54.62 33.37 19.04
N VAL C 385 -54.07 32.26 19.52
CA VAL C 385 -54.26 30.95 18.93
C VAL C 385 -54.87 30.04 19.99
N ALA C 386 -55.45 28.95 19.52
CA ALA C 386 -56.11 27.96 20.34
C ALA C 386 -55.48 26.60 20.05
N LEU C 387 -54.88 26.01 21.07
CA LEU C 387 -54.36 24.65 20.95
C LEU C 387 -55.47 23.65 21.23
N SER C 388 -55.39 22.50 20.56
CA SER C 388 -56.42 21.49 20.68
C SER C 388 -55.87 20.06 20.76
N GLY C 389 -54.55 19.89 20.83
CA GLY C 389 -53.96 18.56 20.89
C GLY C 389 -52.61 18.65 20.23
N ASP C 390 -52.47 17.93 19.12
CA ASP C 390 -51.38 18.17 18.20
C ASP C 390 -51.81 19.11 17.08
N ARG C 391 -52.88 19.88 17.29
CA ARG C 391 -53.44 20.76 16.27
C ARG C 391 -53.67 22.17 16.82
N THR C 392 -53.37 23.17 16.00
CA THR C 392 -53.50 24.58 16.36
C THR C 392 -54.47 25.29 15.41
N ARG C 393 -54.89 26.49 15.84
CA ARG C 393 -55.83 27.30 15.06
C ARG C 393 -55.67 28.75 15.48
N ILE C 394 -55.47 29.64 14.50
CA ILE C 394 -55.46 31.07 14.78
C ILE C 394 -56.88 31.56 15.02
N THR C 395 -57.10 32.25 16.14
CA THR C 395 -58.43 32.74 16.49
C THR C 395 -58.57 34.25 16.46
N GLY C 396 -57.49 35.02 16.57
CA GLY C 396 -57.65 36.46 16.47
C GLY C 396 -56.35 37.19 16.71
N THR C 397 -56.46 38.52 16.89
CA THR C 397 -55.29 39.35 17.18
C THR C 397 -55.65 40.40 18.24
N LEU C 398 -54.63 41.01 18.82
CA LEU C 398 -54.74 42.11 19.77
C LEU C 398 -53.95 43.31 19.25
N SER C 399 -53.88 44.37 20.05
CA SER C 399 -53.13 45.57 19.68
C SER C 399 -51.65 45.23 19.44
N HIS C 400 -50.97 46.15 18.77
CA HIS C 400 -49.53 46.00 18.54
C HIS C 400 -48.79 45.79 19.84
N GLY C 401 -48.12 44.64 19.95
CA GLY C 401 -47.30 44.34 21.12
C GLY C 401 -48.04 44.39 22.43
N ARG C 402 -49.25 43.83 22.49
CA ARG C 402 -49.98 43.77 23.74
C ARG C 402 -49.56 42.52 24.49
N ILE C 403 -48.88 42.71 25.62
CA ILE C 403 -48.47 41.59 26.46
C ILE C 403 -49.33 41.63 27.73
N PRO C 404 -50.41 40.87 27.79
CA PRO C 404 -51.29 40.93 28.97
C PRO C 404 -50.91 39.93 30.05
N LEU C 405 -51.22 40.30 31.28
CA LEU C 405 -51.07 39.40 32.40
C LEU C 405 -52.31 38.51 32.51
N GLU C 406 -52.19 37.44 33.27
CA GLU C 406 -53.35 36.58 33.44
C GLU C 406 -54.43 37.24 34.28
N SER C 407 -54.08 38.27 35.06
CA SER C 407 -55.09 39.02 35.80
C SER C 407 -56.00 39.84 34.88
N GLU C 408 -55.60 40.07 33.63
CA GLU C 408 -56.32 40.93 32.70
C GLU C 408 -57.22 40.10 31.79
N GLU C 409 -58.42 40.62 31.53
CA GLU C 409 -59.36 39.99 30.62
C GLU C 409 -59.19 40.53 29.21
N LEU C 410 -59.18 39.65 28.22
CA LEU C 410 -59.03 40.02 26.83
C LEU C 410 -60.38 40.12 26.14
N PRO C 411 -60.47 40.90 25.06
CA PRO C 411 -61.73 41.02 24.33
C PRO C 411 -62.26 39.69 23.81
N ASP C 412 -63.56 39.64 23.59
CA ASP C 412 -64.21 38.42 23.10
C ASP C 412 -63.84 38.16 21.64
N LEU C 413 -64.05 36.91 21.21
CA LEU C 413 -63.67 36.47 19.88
C LEU C 413 -64.88 36.27 18.99
N PRO C 414 -64.71 36.45 17.66
CA PRO C 414 -65.76 36.18 16.67
C PRO C 414 -66.06 34.67 16.54
N ALA D 9 -49.60 -34.78 -47.32
CA ALA D 9 -48.58 -35.83 -47.32
C ALA D 9 -47.38 -35.43 -46.46
N THR D 10 -47.66 -34.93 -45.27
CA THR D 10 -46.62 -34.35 -44.41
C THR D 10 -45.62 -35.41 -43.97
N PRO D 11 -44.32 -35.16 -44.13
CA PRO D 11 -43.31 -36.13 -43.67
C PRO D 11 -43.42 -36.37 -42.17
N ARG D 12 -43.16 -37.60 -41.77
CA ARG D 12 -43.43 -38.06 -40.41
C ARG D 12 -42.18 -38.65 -39.76
N TRP D 13 -41.87 -38.17 -38.56
CA TRP D 13 -40.98 -38.85 -37.63
C TRP D 13 -41.81 -39.96 -37.01
N THR D 14 -41.62 -41.18 -37.45
CA THR D 14 -42.51 -42.28 -37.11
C THR D 14 -42.08 -42.95 -35.81
N ARG D 15 -42.94 -43.85 -35.33
CA ARG D 15 -42.64 -44.61 -34.11
C ARG D 15 -41.52 -45.62 -34.34
N GLU D 16 -41.44 -46.21 -35.54
CA GLU D 16 -40.36 -47.14 -35.83
C GLU D 16 -39.00 -46.45 -35.72
N HIS D 17 -38.96 -45.14 -36.00
CA HIS D 17 -37.74 -44.37 -35.79
C HIS D 17 -37.41 -44.25 -34.31
N ALA D 18 -38.37 -43.76 -33.51
CA ALA D 18 -38.13 -43.51 -32.10
C ALA D 18 -37.80 -44.78 -31.34
N SER D 19 -38.26 -45.95 -31.81
CA SER D 19 -37.92 -47.19 -31.15
C SER D 19 -36.42 -47.45 -31.17
N LYS D 20 -35.71 -46.87 -32.14
CA LYS D 20 -34.28 -47.05 -32.33
C LYS D 20 -33.43 -46.02 -31.58
N ILE D 21 -34.05 -45.04 -30.90
CA ILE D 21 -33.29 -44.02 -30.21
C ILE D 21 -32.42 -44.65 -29.13
N GLU D 22 -31.16 -44.26 -29.09
CA GLU D 22 -30.21 -44.90 -28.20
C GLU D 22 -28.96 -44.03 -28.10
N ARG D 23 -28.47 -43.85 -26.87
CA ARG D 23 -27.22 -43.14 -26.68
C ARG D 23 -26.07 -43.93 -27.30
N THR D 24 -25.17 -43.21 -27.97
CA THR D 24 -23.97 -43.81 -28.53
C THR D 24 -22.82 -42.83 -28.34
N ASP D 25 -21.59 -43.35 -28.47
CA ASP D 25 -20.39 -42.52 -28.31
C ASP D 25 -20.35 -41.36 -29.29
N GLU D 26 -21.09 -41.48 -30.40
CA GLU D 26 -21.15 -40.48 -31.45
C GLU D 26 -22.16 -39.37 -31.19
N THR D 27 -23.02 -39.51 -30.16
CA THR D 27 -24.05 -38.52 -29.89
C THR D 27 -24.08 -37.99 -28.46
N VAL D 28 -23.27 -38.50 -27.55
CA VAL D 28 -23.27 -38.05 -26.17
C VAL D 28 -22.18 -37.02 -25.98
N VAL D 29 -22.52 -35.89 -25.35
CA VAL D 29 -21.58 -34.79 -25.19
C VAL D 29 -20.77 -34.97 -23.91
N PRO D 30 -19.59 -34.37 -23.79
CA PRO D 30 -18.88 -34.47 -22.52
C PRO D 30 -19.63 -33.73 -21.42
N ILE D 31 -19.20 -34.01 -20.19
CA ILE D 31 -19.82 -33.40 -19.02
C ILE D 31 -19.53 -31.90 -19.02
N ILE D 32 -20.55 -31.13 -18.69
CA ILE D 32 -20.42 -29.68 -18.50
C ILE D 32 -20.23 -29.39 -17.03
N TYR D 33 -19.12 -28.70 -16.69
CA TYR D 33 -18.74 -28.16 -15.38
C TYR D 33 -18.94 -26.64 -15.34
N PRO D 34 -19.27 -26.07 -14.18
CA PRO D 34 -19.62 -24.65 -14.12
C PRO D 34 -18.50 -23.77 -14.63
N PRO D 35 -18.84 -22.67 -15.32
CA PRO D 35 -17.81 -21.80 -15.88
C PRO D 35 -17.14 -20.94 -14.82
N ARG D 36 -15.97 -20.41 -15.19
CA ARG D 36 -15.15 -19.72 -14.20
C ARG D 36 -15.69 -18.33 -13.91
N GLU D 37 -16.22 -17.66 -14.93
CA GLU D 37 -16.76 -16.31 -14.79
C GLU D 37 -18.08 -16.19 -15.53
N ASP D 38 -18.88 -15.21 -15.11
CA ASP D 38 -20.22 -14.99 -15.64
C ASP D 38 -20.32 -13.58 -16.20
N ALA D 39 -21.04 -13.43 -17.31
CA ALA D 39 -21.26 -12.11 -17.88
C ALA D 39 -22.14 -11.24 -16.98
N ALA D 40 -23.04 -11.85 -16.20
CA ALA D 40 -23.90 -11.17 -15.24
C ALA D 40 -24.36 -12.15 -14.17
N PRO D 41 -23.73 -12.17 -12.99
CA PRO D 41 -24.03 -13.22 -11.99
C PRO D 41 -25.44 -13.19 -11.42
N GLU D 42 -26.15 -12.06 -11.44
CA GLU D 42 -27.45 -12.00 -10.80
C GLU D 42 -28.61 -12.39 -11.71
N ILE D 43 -28.36 -12.79 -12.96
CA ILE D 43 -29.43 -13.17 -13.88
C ILE D 43 -29.12 -14.54 -14.46
N ASN D 44 -30.16 -15.33 -14.67
CA ASN D 44 -30.05 -16.63 -15.35
C ASN D 44 -30.52 -16.48 -16.79
N GLY D 45 -29.81 -17.12 -17.69
CA GLY D 45 -30.15 -17.07 -19.11
C GLY D 45 -30.28 -18.45 -19.70
N TRP D 46 -31.23 -18.59 -20.62
CA TRP D 46 -31.43 -19.83 -21.37
C TRP D 46 -31.97 -19.46 -22.75
N ASP D 47 -32.31 -20.47 -23.55
CA ASP D 47 -32.93 -20.30 -24.87
C ASP D 47 -32.36 -19.13 -25.66
N THR D 48 -31.13 -19.25 -26.14
CA THR D 48 -30.42 -18.13 -26.76
C THR D 48 -30.42 -18.25 -28.29
N TRP D 49 -30.40 -17.11 -28.95
CA TRP D 49 -30.40 -17.05 -30.41
C TRP D 49 -29.51 -15.91 -30.91
N PHE D 50 -29.09 -16.01 -32.18
CA PHE D 50 -28.12 -15.09 -32.74
C PHE D 50 -28.81 -14.01 -33.57
N LEU D 51 -28.22 -12.82 -33.56
CA LEU D 51 -28.58 -11.78 -34.52
C LEU D 51 -27.95 -12.12 -35.84
N ARG D 52 -28.77 -12.50 -36.82
CA ARG D 52 -28.28 -12.97 -38.11
C ARG D 52 -28.63 -11.97 -39.20
N GLU D 53 -27.82 -11.96 -40.25
CA GLU D 53 -28.19 -11.27 -41.48
C GLU D 53 -29.31 -12.04 -42.17
N ARG D 54 -29.81 -11.49 -43.27
CA ARG D 54 -30.93 -12.12 -43.96
C ARG D 54 -30.56 -13.50 -44.51
N ASP D 55 -29.34 -13.64 -45.04
CA ASP D 55 -28.93 -14.94 -45.60
C ASP D 55 -28.76 -16.00 -44.52
N GLY D 56 -28.48 -15.60 -43.28
CA GLY D 56 -28.39 -16.53 -42.17
C GLY D 56 -27.12 -16.46 -41.37
N SER D 57 -26.09 -15.85 -41.94
CA SER D 57 -24.81 -15.70 -41.26
C SER D 57 -24.95 -14.85 -39.99
N ILE D 58 -24.03 -15.06 -39.05
CA ILE D 58 -23.97 -14.23 -37.85
C ILE D 58 -23.75 -12.78 -38.27
N ALA D 59 -24.68 -11.91 -37.91
CA ALA D 59 -24.56 -10.50 -38.28
C ALA D 59 -23.41 -9.88 -37.49
N THR D 60 -22.69 -8.96 -38.14
CA THR D 60 -21.64 -8.22 -37.48
C THR D 60 -21.92 -6.72 -37.66
N VAL D 61 -21.91 -6.01 -36.55
CA VAL D 61 -22.09 -4.56 -36.52
C VAL D 61 -20.80 -3.97 -35.98
N GLY D 62 -20.09 -3.23 -36.81
CA GLY D 62 -18.74 -2.88 -36.46
C GLY D 62 -17.99 -4.19 -36.28
N GLY D 63 -17.32 -4.34 -35.15
CA GLY D 63 -16.62 -5.58 -34.84
C GLY D 63 -17.39 -6.56 -34.00
N TRP D 64 -18.67 -6.29 -33.71
CA TRP D 64 -19.41 -6.97 -32.66
C TRP D 64 -20.43 -7.97 -33.21
N ARG D 65 -20.54 -9.11 -32.53
CA ARG D 65 -21.65 -10.02 -32.63
C ARG D 65 -22.66 -9.74 -31.53
N VAL D 66 -23.94 -9.98 -31.83
CA VAL D 66 -25.00 -9.81 -30.87
C VAL D 66 -25.75 -11.12 -30.73
N ILE D 67 -26.10 -11.48 -29.49
CA ILE D 67 -26.96 -12.63 -29.21
C ILE D 67 -28.03 -12.20 -28.21
N PHE D 68 -29.11 -12.97 -28.17
CA PHE D 68 -30.27 -12.67 -27.34
C PHE D 68 -30.60 -13.89 -26.48
N SER D 69 -30.99 -13.64 -25.24
CA SER D 69 -31.33 -14.71 -24.31
C SER D 69 -32.60 -14.35 -23.54
N LEU D 70 -33.39 -15.38 -23.26
CA LEU D 70 -34.38 -15.28 -22.20
C LEU D 70 -33.68 -15.23 -20.86
N THR D 71 -34.15 -14.35 -19.97
CA THR D 71 -33.52 -14.16 -18.68
C THR D 71 -34.58 -13.97 -17.60
N ALA D 72 -34.20 -14.35 -16.38
CA ALA D 72 -34.96 -14.13 -15.15
C ALA D 72 -33.95 -13.90 -14.03
N PRO D 73 -34.35 -13.23 -12.96
CA PRO D 73 -33.42 -13.01 -11.84
C PRO D 73 -32.92 -14.32 -11.24
N ALA D 74 -31.64 -14.33 -10.86
CA ALA D 74 -31.05 -15.56 -10.31
C ALA D 74 -31.61 -15.92 -8.93
N ASP D 75 -32.08 -14.94 -8.15
CA ASP D 75 -32.70 -15.29 -6.88
C ASP D 75 -33.96 -16.11 -7.06
N LEU D 76 -34.57 -16.07 -8.24
CA LEU D 76 -35.86 -16.70 -8.46
C LEU D 76 -35.69 -18.21 -8.60
N LEU D 77 -36.76 -18.94 -8.27
CA LEU D 77 -36.75 -20.39 -8.38
C LEU D 77 -36.64 -20.79 -9.84
N PRO D 78 -35.85 -21.82 -10.16
CA PRO D 78 -35.71 -22.20 -11.58
C PRO D 78 -37.03 -22.57 -12.23
N GLY D 79 -37.83 -23.40 -11.57
CA GLY D 79 -39.08 -23.86 -12.15
C GLY D 79 -40.01 -22.78 -12.65
N LYS D 80 -39.98 -21.59 -12.03
CA LYS D 80 -40.90 -20.52 -12.40
C LYS D 80 -40.26 -19.47 -13.28
N ARG D 81 -38.98 -19.63 -13.66
CA ARG D 81 -38.31 -18.62 -14.47
C ARG D 81 -39.04 -18.40 -15.79
N HIS D 82 -39.80 -19.41 -16.27
CA HIS D 82 -40.53 -19.31 -17.53
C HIS D 82 -41.72 -18.36 -17.44
N ASP D 83 -42.14 -17.99 -16.23
CA ASP D 83 -43.29 -17.11 -16.08
C ASP D 83 -42.93 -15.64 -16.14
N VAL D 84 -41.64 -15.29 -16.01
CA VAL D 84 -41.20 -13.90 -15.98
C VAL D 84 -40.04 -13.68 -16.93
N ALA D 85 -39.96 -14.47 -17.99
CA ALA D 85 -38.83 -14.37 -18.90
C ALA D 85 -38.84 -13.04 -19.65
N GLU D 86 -37.68 -12.39 -19.70
CA GLU D 86 -37.50 -11.13 -20.43
C GLU D 86 -36.30 -11.29 -21.37
N ILE D 87 -36.37 -10.65 -22.54
CA ILE D 87 -35.32 -10.79 -23.54
C ILE D 87 -34.22 -9.78 -23.27
N ARG D 88 -33.00 -10.26 -23.05
CA ARG D 88 -31.82 -9.43 -22.93
C ARG D 88 -30.90 -9.71 -24.11
N TYR D 89 -30.02 -8.75 -24.41
CA TYR D 89 -29.03 -8.94 -25.46
C TYR D 89 -27.63 -8.78 -24.91
N PHE D 90 -26.71 -9.53 -25.49
CA PHE D 90 -25.30 -9.50 -25.14
C PHE D 90 -24.52 -9.33 -26.42
N TYR D 91 -23.34 -8.70 -26.32
CA TYR D 91 -22.50 -8.45 -27.49
C TYR D 91 -21.07 -8.87 -27.18
N SER D 92 -20.31 -9.15 -28.24
CA SER D 92 -18.93 -9.59 -28.06
C SER D 92 -18.10 -9.33 -29.31
N ARG D 93 -16.80 -9.09 -29.12
CA ARG D 93 -15.90 -8.88 -30.24
C ARG D 93 -15.23 -10.16 -30.74
N ASP D 94 -14.92 -11.10 -29.85
CA ASP D 94 -14.21 -12.33 -30.18
C ASP D 94 -15.12 -13.54 -30.30
N GLY D 95 -16.09 -13.69 -29.41
CA GLY D 95 -16.97 -14.83 -29.45
C GLY D 95 -16.99 -15.56 -28.12
N GLU D 96 -16.12 -15.14 -27.21
CA GLU D 96 -16.02 -15.73 -25.88
C GLU D 96 -16.45 -14.77 -24.78
N THR D 97 -15.91 -13.56 -24.79
CA THR D 97 -16.14 -12.59 -23.71
C THR D 97 -17.37 -11.76 -24.07
N TRP D 98 -18.50 -12.08 -23.45
CA TRP D 98 -19.77 -11.42 -23.71
C TRP D 98 -20.06 -10.35 -22.65
N PHE D 99 -20.58 -9.21 -23.11
CA PHE D 99 -20.98 -8.11 -22.23
C PHE D 99 -22.49 -8.06 -22.13
N ASP D 100 -23.00 -7.83 -20.92
CA ASP D 100 -24.43 -7.67 -20.72
C ASP D 100 -24.91 -6.35 -21.31
N GLY D 101 -25.98 -6.40 -22.10
CA GLY D 101 -26.48 -5.21 -22.79
C GLY D 101 -27.80 -4.69 -22.26
N GLY D 102 -28.34 -5.34 -21.24
CA GLY D 102 -29.59 -4.91 -20.65
C GLY D 102 -30.77 -5.44 -21.43
N PRO D 103 -31.97 -5.15 -20.96
CA PRO D 103 -33.17 -5.57 -21.69
C PRO D 103 -33.21 -4.95 -23.08
N VAL D 104 -33.74 -5.70 -24.03
CA VAL D 104 -33.79 -5.21 -25.40
C VAL D 104 -34.98 -4.27 -25.59
N PHE D 105 -36.06 -4.49 -24.85
CA PHE D 105 -37.31 -3.77 -25.03
C PHE D 105 -37.57 -2.88 -23.83
N GLU D 106 -38.01 -1.65 -24.10
CA GLU D 106 -38.30 -0.71 -23.03
C GLU D 106 -39.71 -0.91 -22.51
N GLY D 107 -40.64 -1.25 -23.39
CA GLY D 107 -41.97 -1.62 -22.97
C GLY D 107 -42.79 -2.09 -24.14
N GLY D 108 -44.11 -1.91 -24.02
CA GLY D 108 -45.02 -2.36 -25.07
C GLY D 108 -44.85 -3.77 -25.60
N THR D 109 -44.18 -4.65 -24.87
CA THR D 109 -44.00 -6.01 -25.35
C THR D 109 -45.33 -6.74 -25.32
N ARG D 110 -45.54 -7.62 -26.30
CA ARG D 110 -46.74 -8.44 -26.32
C ARG D 110 -46.61 -9.63 -25.37
N GLY D 111 -47.70 -9.94 -24.66
CA GLY D 111 -47.74 -11.07 -23.76
C GLY D 111 -47.30 -10.68 -22.36
N SER D 112 -47.76 -11.48 -21.39
CA SER D 112 -47.27 -11.33 -20.03
C SER D 112 -45.75 -11.57 -19.97
N ARG D 113 -45.25 -12.51 -20.77
CA ARG D 113 -43.81 -12.66 -20.85
C ARG D 113 -43.43 -13.09 -22.26
N GLN D 114 -42.14 -13.11 -22.54
CA GLN D 114 -41.65 -13.45 -23.86
C GLN D 114 -40.84 -14.73 -23.81
N TRP D 115 -41.06 -15.59 -24.80
CA TRP D 115 -40.30 -16.81 -25.00
C TRP D 115 -39.55 -16.70 -26.32
N ALA D 116 -38.73 -17.73 -26.57
CA ALA D 116 -37.69 -17.69 -27.58
C ALA D 116 -38.18 -17.29 -28.97
N GLY D 117 -37.27 -16.77 -29.79
CA GLY D 117 -37.56 -16.36 -31.15
C GLY D 117 -36.34 -16.37 -32.06
N SER D 118 -36.09 -15.23 -32.72
CA SER D 118 -34.98 -15.09 -33.65
C SER D 118 -34.72 -13.59 -33.85
N ALA D 119 -33.63 -13.27 -34.53
CA ALA D 119 -33.27 -11.87 -34.71
C ALA D 119 -32.75 -11.66 -36.13
N LEU D 120 -33.23 -10.62 -36.79
CA LEU D 120 -32.87 -10.32 -38.17
C LEU D 120 -32.42 -8.87 -38.26
N LEU D 121 -31.18 -8.66 -38.68
CA LEU D 121 -30.70 -7.35 -39.08
C LEU D 121 -30.77 -7.32 -40.59
N ASP D 122 -31.83 -6.71 -41.11
CA ASP D 122 -32.12 -6.77 -42.54
C ASP D 122 -31.08 -5.97 -43.31
N ASP D 123 -31.16 -6.10 -44.64
CA ASP D 123 -30.26 -5.36 -45.51
C ASP D 123 -30.48 -3.86 -45.35
N ASP D 124 -31.73 -3.46 -45.08
CA ASP D 124 -32.11 -2.07 -44.92
C ASP D 124 -31.52 -1.42 -43.67
N GLY D 125 -30.95 -2.20 -42.75
CA GLY D 125 -30.48 -1.67 -41.48
C GLY D 125 -31.53 -1.75 -40.39
N ARG D 126 -32.75 -2.13 -40.75
CA ARG D 126 -33.84 -2.30 -39.81
C ARG D 126 -33.61 -3.55 -38.96
N LEU D 127 -33.89 -3.44 -37.66
CA LEU D 127 -33.78 -4.59 -36.75
C LEU D 127 -35.17 -5.14 -36.45
N TYR D 128 -35.34 -6.46 -36.63
CA TYR D 128 -36.56 -7.18 -36.29
C TYR D 128 -36.20 -8.23 -35.25
N VAL D 129 -36.93 -8.25 -34.15
CA VAL D 129 -36.72 -9.22 -33.09
C VAL D 129 -37.99 -10.06 -32.97
N PHE D 130 -37.97 -11.27 -33.53
CA PHE D 130 -39.09 -12.18 -33.42
C PHE D 130 -39.06 -12.88 -32.07
N TYR D 131 -40.22 -12.94 -31.41
CA TYR D 131 -40.34 -13.59 -30.12
C TYR D 131 -41.74 -14.18 -30.01
N THR D 132 -41.97 -14.98 -28.96
CA THR D 132 -43.29 -15.53 -28.68
C THR D 132 -43.91 -14.86 -27.48
N ALA D 133 -45.15 -14.41 -27.64
CA ALA D 133 -45.88 -13.74 -26.57
C ALA D 133 -46.64 -14.79 -25.78
N SER D 134 -46.11 -15.15 -24.62
CA SER D 134 -46.81 -16.06 -23.72
C SER D 134 -47.78 -15.26 -22.87
N GLY D 135 -49.06 -15.59 -23.02
CA GLY D 135 -50.13 -14.94 -22.33
C GLY D 135 -50.52 -13.60 -22.94
N ARG D 136 -51.19 -12.78 -22.12
CA ARG D 136 -51.56 -11.43 -22.54
C ARG D 136 -51.13 -10.40 -21.48
N ALA D 137 -50.77 -9.20 -21.95
CA ALA D 137 -50.23 -8.19 -21.05
C ALA D 137 -51.17 -7.91 -19.88
N GLY D 138 -50.61 -7.98 -18.67
CA GLY D 138 -51.36 -7.66 -17.46
C GLY D 138 -52.51 -8.60 -17.17
N GLU D 139 -52.30 -9.90 -17.31
CA GLU D 139 -53.35 -10.84 -16.95
C GLU D 139 -53.54 -10.88 -15.45
N ALA D 140 -54.63 -11.54 -15.04
CA ALA D 140 -54.83 -11.85 -13.63
C ALA D 140 -54.00 -13.07 -13.22
N GLU D 141 -54.34 -14.25 -13.73
CA GLU D 141 -53.60 -15.48 -13.53
C GLU D 141 -52.89 -15.92 -14.81
N ILE D 142 -51.73 -16.56 -14.67
CA ILE D 142 -50.91 -16.87 -15.85
C ILE D 142 -51.63 -17.85 -16.77
N THR D 143 -51.78 -17.45 -18.04
CA THR D 143 -52.26 -18.33 -19.10
C THR D 143 -51.08 -18.77 -19.96
N TYR D 144 -51.35 -19.71 -20.86
CA TYR D 144 -50.31 -20.30 -21.71
C TYR D 144 -50.66 -20.12 -23.18
N GLU D 145 -51.27 -18.98 -23.51
CA GLU D 145 -51.59 -18.65 -24.89
C GLU D 145 -50.33 -18.16 -25.59
N GLN D 146 -50.03 -18.75 -26.73
CA GLN D 146 -48.80 -18.46 -27.46
C GLN D 146 -49.13 -17.90 -28.83
N ARG D 147 -48.52 -16.76 -29.17
CA ARG D 147 -48.68 -16.15 -30.47
C ARG D 147 -47.32 -15.65 -30.92
N LEU D 148 -47.06 -15.73 -32.24
CA LEU D 148 -45.81 -15.26 -32.79
C LEU D 148 -45.89 -13.76 -33.02
N ALA D 149 -45.05 -13.00 -32.34
CA ALA D 149 -44.98 -11.55 -32.47
C ALA D 149 -43.58 -11.10 -32.88
N VAL D 150 -43.43 -9.82 -33.18
CA VAL D 150 -42.14 -9.27 -33.61
C VAL D 150 -41.97 -7.85 -33.08
N GLY D 151 -40.74 -7.52 -32.71
CA GLY D 151 -40.35 -6.17 -32.34
C GLY D 151 -39.68 -5.43 -33.47
N SER D 152 -40.46 -4.92 -34.43
CA SER D 152 -39.91 -4.30 -35.62
C SER D 152 -39.40 -2.88 -35.33
N GLY D 153 -38.53 -2.41 -36.22
CA GLY D 153 -38.13 -1.03 -36.25
C GLY D 153 -37.02 -0.64 -35.30
N GLY D 154 -36.17 -1.61 -34.91
CA GLY D 154 -35.06 -1.32 -34.03
C GLY D 154 -33.83 -0.83 -34.77
N SER D 155 -32.95 -0.16 -34.04
CA SER D 155 -31.68 0.29 -34.61
C SER D 155 -30.53 -0.16 -33.73
N VAL D 156 -29.53 -0.81 -34.33
CA VAL D 156 -28.33 -1.26 -33.61
C VAL D 156 -27.22 -0.27 -33.88
N VAL D 157 -26.68 0.34 -32.82
CA VAL D 157 -25.57 1.26 -32.95
C VAL D 157 -24.36 0.65 -32.25
N ALA D 158 -23.17 0.85 -32.81
CA ALA D 158 -21.95 0.21 -32.32
C ALA D 158 -20.82 1.24 -32.26
N ASP D 159 -20.35 1.53 -31.05
CA ASP D 159 -19.15 2.33 -30.84
C ASP D 159 -17.94 1.41 -30.88
N ASP D 160 -16.81 1.86 -30.34
CA ASP D 160 -15.70 0.97 -30.08
C ASP D 160 -15.70 0.50 -28.64
N ASP D 161 -16.63 1.00 -27.83
CA ASP D 161 -16.79 0.59 -26.45
C ASP D 161 -17.89 -0.42 -26.25
N GLY D 162 -18.86 -0.48 -27.15
CA GLY D 162 -19.92 -1.47 -27.01
C GLY D 162 -20.97 -1.36 -28.09
N VAL D 163 -22.15 -1.87 -27.78
CA VAL D 163 -23.30 -1.92 -28.68
C VAL D 163 -24.54 -1.54 -27.90
N ARG D 164 -25.37 -0.68 -28.50
CA ARG D 164 -26.65 -0.27 -27.94
C ARG D 164 -27.76 -0.66 -28.91
N ILE D 165 -28.82 -1.27 -28.40
CA ILE D 165 -30.03 -1.51 -29.18
C ILE D 165 -30.98 -0.36 -28.85
N GLU D 166 -31.13 0.60 -29.76
CA GLU D 166 -31.86 1.82 -29.48
C GLU D 166 -33.02 2.00 -30.46
N GLY D 167 -33.83 3.00 -30.14
CA GLY D 167 -34.91 3.44 -30.99
C GLY D 167 -36.25 3.14 -30.37
N PRO D 168 -37.32 3.54 -31.04
CA PRO D 168 -38.64 3.07 -30.62
C PRO D 168 -38.96 1.75 -31.30
N PHE D 169 -39.43 0.79 -30.52
CA PHE D 169 -39.82 -0.51 -31.02
C PHE D 169 -41.32 -0.56 -31.21
N ALA D 170 -41.76 -1.21 -32.29
CA ALA D 170 -43.17 -1.40 -32.57
C ALA D 170 -43.46 -2.90 -32.55
N HIS D 171 -44.42 -3.29 -31.73
CA HIS D 171 -44.70 -4.70 -31.49
C HIS D 171 -46.09 -5.03 -32.00
N GLY D 172 -46.20 -6.21 -32.60
CA GLY D 172 -47.49 -6.70 -33.05
C GLY D 172 -47.41 -8.20 -33.19
N VAL D 173 -48.54 -8.85 -33.10
CA VAL D 173 -48.60 -10.29 -33.34
C VAL D 173 -48.52 -10.54 -34.83
N LEU D 174 -47.75 -11.54 -35.22
CA LEU D 174 -47.60 -11.97 -36.61
C LEU D 174 -48.50 -13.14 -36.94
N LEU D 175 -48.49 -14.17 -36.10
CA LEU D 175 -49.23 -15.39 -36.42
C LEU D 175 -49.88 -15.99 -35.18
N GLU D 176 -51.09 -16.52 -35.37
CA GLU D 176 -51.81 -17.32 -34.40
C GLU D 176 -52.32 -18.57 -35.09
N PRO D 177 -52.50 -19.67 -34.34
CA PRO D 177 -52.88 -20.94 -34.97
C PRO D 177 -54.23 -20.85 -35.68
N ASP D 178 -54.29 -21.40 -36.89
CA ASP D 178 -55.52 -21.32 -37.69
C ASP D 178 -56.60 -22.30 -37.22
N GLY D 179 -56.21 -23.48 -36.72
CA GLY D 179 -57.16 -24.47 -36.24
C GLY D 179 -57.45 -25.60 -37.20
N GLU D 180 -56.97 -25.53 -38.43
CA GLU D 180 -57.09 -26.61 -39.40
C GLU D 180 -55.75 -27.26 -39.73
N ARG D 181 -54.70 -26.45 -39.87
CA ARG D 181 -53.35 -26.96 -40.08
C ARG D 181 -52.57 -27.03 -38.77
N TYR D 182 -52.82 -26.10 -37.86
CA TYR D 182 -52.09 -25.97 -36.61
C TYR D 182 -53.06 -25.87 -35.46
N GLU D 183 -52.87 -26.74 -34.47
CA GLU D 183 -53.84 -26.89 -33.39
C GLU D 183 -53.92 -25.62 -32.56
N ARG D 184 -55.15 -25.28 -32.17
CA ARG D 184 -55.45 -24.18 -31.26
C ARG D 184 -55.57 -24.70 -29.84
N GLU D 185 -55.53 -23.77 -28.88
CA GLU D 185 -55.57 -24.16 -27.47
C GLU D 185 -56.85 -24.94 -27.14
N GLU D 186 -58.00 -24.46 -27.63
CA GLU D 186 -59.25 -25.16 -27.41
C GLU D 186 -59.21 -26.61 -27.89
N GLN D 187 -58.50 -26.89 -28.98
CA GLN D 187 -58.39 -28.24 -29.54
C GLN D 187 -57.43 -29.14 -28.79
N SER D 188 -56.60 -28.59 -27.92
CA SER D 188 -55.55 -29.38 -27.28
C SER D 188 -56.12 -30.48 -26.39
N ARG D 189 -55.77 -31.73 -26.71
CA ARG D 189 -55.89 -32.81 -25.75
C ARG D 189 -54.55 -33.00 -25.05
N GLY D 190 -54.53 -33.90 -24.07
CA GLY D 190 -53.33 -34.15 -23.30
C GLY D 190 -52.67 -32.91 -22.71
N MET D 191 -51.44 -32.63 -23.16
CA MET D 191 -50.67 -31.53 -22.63
C MET D 191 -51.03 -30.21 -23.31
N ILE D 192 -50.48 -29.12 -22.75
CA ILE D 192 -50.72 -27.78 -23.31
C ILE D 192 -50.23 -27.71 -24.75
N TYR D 193 -51.00 -27.04 -25.59
CA TYR D 193 -50.63 -26.89 -26.99
C TYR D 193 -49.37 -26.05 -27.11
N THR D 194 -48.81 -26.02 -28.32
CA THR D 194 -47.62 -25.23 -28.58
C THR D 194 -47.81 -24.46 -29.88
N PHE D 195 -47.39 -23.20 -29.88
CA PHE D 195 -47.32 -22.41 -31.10
C PHE D 195 -46.28 -21.32 -30.86
N ARG D 196 -45.00 -21.65 -31.02
CA ARG D 196 -43.94 -20.78 -30.53
C ARG D 196 -42.64 -20.96 -31.30
N ASP D 197 -41.63 -20.21 -30.87
CA ASP D 197 -40.24 -20.24 -31.30
C ASP D 197 -40.11 -19.90 -32.78
N PRO D 198 -40.44 -18.67 -33.19
CA PRO D 198 -40.35 -18.31 -34.61
C PRO D 198 -38.91 -18.05 -35.01
N TRP D 199 -38.47 -18.77 -36.04
CA TRP D 199 -37.11 -18.68 -36.55
C TRP D 199 -37.17 -18.25 -38.01
N PHE D 200 -36.60 -17.08 -38.31
CA PHE D 200 -36.59 -16.54 -39.67
C PHE D 200 -35.61 -17.31 -40.54
N PHE D 201 -35.95 -17.50 -41.82
CA PHE D 201 -35.11 -18.29 -42.72
C PHE D 201 -35.37 -17.90 -44.17
N GLU D 202 -34.38 -17.33 -44.83
CA GLU D 202 -34.42 -17.14 -46.27
C GLU D 202 -33.78 -18.35 -46.94
N ASP D 203 -34.52 -18.99 -47.83
CA ASP D 203 -34.02 -20.15 -48.56
C ASP D 203 -32.93 -19.69 -49.51
N PRO D 204 -31.70 -20.19 -49.40
CA PRO D 204 -30.62 -19.72 -50.28
C PRO D 204 -30.82 -20.12 -51.73
N ARG D 205 -31.74 -21.03 -52.03
CA ARG D 205 -31.98 -21.49 -53.40
C ARG D 205 -33.05 -20.65 -54.09
N SER D 206 -34.30 -20.72 -53.59
CA SER D 206 -35.40 -20.00 -54.21
C SER D 206 -35.33 -18.50 -53.96
N GLY D 207 -34.68 -18.08 -52.88
CA GLY D 207 -34.73 -16.71 -52.43
C GLY D 207 -35.95 -16.37 -51.60
N LYS D 208 -36.93 -17.27 -51.50
CA LYS D 208 -38.14 -16.98 -50.74
C LYS D 208 -37.86 -16.88 -49.24
N THR D 209 -38.76 -16.18 -48.57
CA THR D 209 -38.65 -15.87 -47.14
C THR D 209 -39.66 -16.70 -46.35
N TYR D 210 -39.17 -17.43 -45.34
CA TYR D 210 -40.01 -18.26 -44.50
C TYR D 210 -39.76 -17.96 -43.02
N LEU D 211 -40.71 -18.40 -42.20
CA LEU D 211 -40.60 -18.30 -40.75
C LEU D 211 -41.06 -19.64 -40.19
N LEU D 212 -40.13 -20.40 -39.61
CA LEU D 212 -40.44 -21.68 -39.00
C LEU D 212 -40.92 -21.45 -37.56
N PHE D 213 -41.64 -22.43 -37.04
CA PHE D 213 -42.12 -22.36 -35.67
C PHE D 213 -42.52 -23.76 -35.22
N GLU D 214 -42.67 -23.92 -33.91
CA GLU D 214 -43.11 -25.16 -33.32
C GLU D 214 -44.62 -25.10 -33.09
N ALA D 215 -45.33 -26.12 -33.56
CA ALA D 215 -46.78 -26.16 -33.41
C ALA D 215 -47.21 -27.59 -33.11
N ASN D 216 -48.51 -27.77 -32.99
CA ASN D 216 -49.13 -29.09 -32.95
C ASN D 216 -50.10 -29.21 -34.13
N THR D 217 -50.30 -30.43 -34.61
CA THR D 217 -51.25 -30.66 -35.71
C THR D 217 -52.53 -31.24 -35.15
N PRO D 218 -53.68 -30.62 -35.42
CA PRO D 218 -54.93 -31.09 -34.82
C PRO D 218 -55.29 -32.49 -35.32
N ILE D 219 -55.68 -33.35 -34.38
CA ILE D 219 -56.15 -34.68 -34.69
C ILE D 219 -57.51 -34.84 -34.01
N PRO D 220 -58.60 -35.06 -34.75
CA PRO D 220 -59.90 -35.23 -34.11
C PRO D 220 -59.93 -36.49 -33.25
N GLU D 221 -60.81 -36.49 -32.25
CA GLU D 221 -60.96 -37.70 -31.47
C GLU D 221 -61.66 -38.75 -32.31
N GLY D 222 -61.37 -40.01 -32.03
CA GLY D 222 -61.94 -41.11 -32.78
C GLY D 222 -61.46 -41.16 -34.22
N ALA D 223 -60.39 -40.42 -34.51
CA ALA D 223 -59.87 -40.36 -35.87
C ALA D 223 -59.29 -41.69 -36.32
N GLY D 224 -58.86 -42.54 -35.39
CA GLY D 224 -58.16 -43.75 -35.76
C GLY D 224 -56.80 -43.51 -36.36
N ALA D 225 -56.30 -42.26 -36.28
CA ALA D 225 -55.01 -41.89 -36.85
C ALA D 225 -53.84 -42.61 -36.20
N CYS D 226 -54.03 -43.20 -35.03
CA CYS D 226 -52.96 -43.86 -34.29
C CYS D 226 -53.41 -45.23 -33.79
N GLY D 227 -52.41 -46.06 -33.52
CA GLY D 227 -52.67 -47.41 -33.07
C GLY D 227 -53.19 -47.52 -31.67
N ASP D 228 -53.32 -46.39 -30.97
CA ASP D 228 -53.82 -46.28 -29.61
C ASP D 228 -54.40 -44.87 -29.52
N PRO D 229 -55.63 -44.72 -29.00
CA PRO D 229 -56.19 -43.36 -28.87
C PRO D 229 -55.32 -42.38 -28.09
N VAL D 230 -54.66 -42.83 -27.02
CA VAL D 230 -53.88 -41.90 -26.20
C VAL D 230 -52.72 -41.31 -26.99
N TRP D 231 -52.12 -42.10 -27.88
CA TRP D 231 -50.97 -41.64 -28.66
C TRP D 231 -51.32 -40.40 -29.47
N GLU D 232 -52.58 -40.26 -29.88
CA GLU D 232 -53.00 -39.11 -30.68
C GLU D 232 -52.86 -37.79 -29.92
N GLU D 233 -52.65 -37.83 -28.60
CA GLU D 233 -52.41 -36.60 -27.85
C GLU D 233 -51.04 -36.00 -28.16
N PHE D 234 -50.11 -36.81 -28.69
CA PHE D 234 -48.76 -36.38 -29.02
C PHE D 234 -48.71 -36.04 -30.51
N ASN D 235 -48.83 -34.75 -30.82
CA ASN D 235 -49.01 -34.29 -32.19
C ASN D 235 -48.08 -33.14 -32.52
N GLY D 236 -46.83 -33.20 -32.06
CA GLY D 236 -45.88 -32.14 -32.33
C GLY D 236 -45.53 -32.04 -33.81
N SER D 237 -45.28 -30.81 -34.25
CA SER D 237 -44.95 -30.59 -35.65
C SER D 237 -44.13 -29.32 -35.79
N VAL D 238 -43.43 -29.23 -36.91
CA VAL D 238 -42.66 -28.05 -37.27
C VAL D 238 -43.45 -27.33 -38.36
N GLY D 239 -44.10 -26.24 -37.99
CA GLY D 239 -44.84 -25.46 -38.95
C GLY D 239 -43.97 -24.41 -39.60
N ILE D 240 -44.43 -23.91 -40.74
CA ILE D 240 -43.68 -22.94 -41.53
C ILE D 240 -44.68 -21.96 -42.14
N ALA D 241 -44.27 -20.69 -42.23
CA ALA D 241 -45.04 -19.64 -42.89
C ALA D 241 -44.20 -18.97 -43.95
N HIS D 242 -44.85 -18.45 -44.98
CA HIS D 242 -44.19 -17.85 -46.13
C HIS D 242 -44.50 -16.35 -46.18
N SER D 243 -43.55 -15.57 -46.70
CA SER D 243 -43.80 -14.14 -46.95
C SER D 243 -43.62 -13.84 -48.42
N PRO D 244 -44.69 -13.57 -49.15
CA PRO D 244 -44.56 -13.32 -50.61
C PRO D 244 -43.75 -12.08 -50.96
N THR D 245 -43.98 -10.97 -50.27
CA THR D 245 -43.23 -9.75 -50.53
C THR D 245 -41.82 -9.75 -49.94
N GLY D 246 -41.52 -10.67 -49.04
CA GLY D 246 -40.26 -10.67 -48.34
C GLY D 246 -40.26 -9.81 -47.09
N ASP D 247 -41.29 -8.99 -46.91
CA ASP D 247 -41.46 -8.18 -45.72
C ASP D 247 -41.39 -9.10 -44.49
N PRO D 248 -40.48 -8.86 -43.55
CA PRO D 248 -40.36 -9.76 -42.39
C PRO D 248 -41.55 -9.69 -41.44
N THR D 249 -42.59 -8.95 -41.79
CA THR D 249 -43.75 -8.77 -40.92
C THR D 249 -45.06 -9.20 -41.55
N ASP D 250 -45.05 -9.65 -42.81
CA ASP D 250 -46.24 -10.11 -43.53
C ASP D 250 -46.09 -11.61 -43.80
N TRP D 251 -46.91 -12.41 -43.12
CA TRP D 251 -46.78 -13.87 -43.20
C TRP D 251 -48.12 -14.53 -43.50
N GLU D 252 -48.04 -15.64 -44.24
CA GLU D 252 -49.17 -16.52 -44.51
C GLU D 252 -48.77 -17.95 -44.14
N LEU D 253 -49.64 -18.65 -43.41
CA LEU D 253 -49.33 -20.00 -42.96
C LEU D 253 -49.20 -20.98 -44.13
N CYS D 254 -48.29 -21.94 -44.00
CA CYS D 254 -48.19 -23.05 -44.94
C CYS D 254 -48.33 -24.39 -44.21
N ASP D 255 -48.32 -25.46 -45.00
CA ASP D 255 -48.38 -26.81 -44.44
C ASP D 255 -47.08 -27.13 -43.70
N PRO D 256 -47.15 -27.92 -42.63
CA PRO D 256 -45.97 -28.17 -41.81
C PRO D 256 -44.88 -28.96 -42.55
N LEU D 257 -43.63 -28.69 -42.18
CA LEU D 257 -42.50 -29.38 -42.79
C LEU D 257 -42.42 -30.81 -42.32
N LEU D 258 -42.73 -31.05 -41.04
CA LEU D 258 -42.51 -32.36 -40.42
C LEU D 258 -43.41 -32.44 -39.20
N GLU D 259 -43.96 -33.63 -38.95
CA GLU D 259 -44.86 -33.86 -37.82
C GLU D 259 -44.52 -35.18 -37.13
N GLY D 260 -44.60 -35.18 -35.80
CA GLY D 260 -44.34 -36.36 -35.00
C GLY D 260 -45.53 -36.99 -34.31
N ILE D 261 -46.65 -37.13 -35.03
CA ILE D 261 -47.87 -37.71 -34.46
C ILE D 261 -47.58 -39.10 -33.94
N CYS D 262 -48.02 -39.39 -32.72
CA CYS D 262 -47.80 -40.66 -32.05
C CYS D 262 -46.37 -40.81 -31.52
N VAL D 263 -45.54 -39.76 -31.57
CA VAL D 263 -44.15 -39.82 -31.12
C VAL D 263 -43.81 -38.76 -30.10
N ASN D 264 -44.07 -37.49 -30.41
CA ASN D 264 -43.65 -36.43 -29.49
C ASN D 264 -44.64 -35.28 -29.55
N GLN D 265 -44.77 -34.59 -28.42
CA GLN D 265 -45.64 -33.43 -28.29
C GLN D 265 -44.91 -32.13 -28.59
N GLU D 266 -43.64 -32.03 -28.21
CA GLU D 266 -42.88 -30.79 -28.29
C GLU D 266 -41.65 -30.97 -29.18
N LEU D 267 -41.67 -30.39 -30.37
CA LEU D 267 -40.48 -30.28 -31.20
C LEU D 267 -39.96 -28.86 -31.05
N GLU D 268 -39.28 -28.63 -29.93
CA GLU D 268 -38.92 -27.27 -29.54
C GLU D 268 -37.81 -26.71 -30.42
N ARG D 269 -37.82 -25.37 -30.59
CA ARG D 269 -36.87 -24.55 -31.31
C ARG D 269 -36.39 -25.20 -32.60
N PRO D 270 -37.24 -25.25 -33.63
CA PRO D 270 -36.80 -25.83 -34.90
C PRO D 270 -36.05 -24.80 -35.71
N HIS D 271 -35.05 -25.29 -36.46
CA HIS D 271 -34.27 -24.42 -37.33
C HIS D 271 -33.61 -25.26 -38.41
N VAL D 272 -33.19 -24.59 -39.47
CA VAL D 272 -32.62 -25.25 -40.63
C VAL D 272 -31.20 -24.75 -40.85
N VAL D 273 -30.30 -25.70 -41.09
CA VAL D 273 -28.96 -25.43 -41.59
C VAL D 273 -28.85 -26.01 -42.99
N VAL D 274 -28.45 -25.19 -43.96
CA VAL D 274 -28.20 -25.67 -45.31
C VAL D 274 -26.72 -25.93 -45.44
N ARG D 275 -26.38 -27.14 -45.88
CA ARG D 275 -25.01 -27.61 -46.09
C ARG D 275 -25.05 -28.34 -47.41
N ASN D 276 -23.95 -28.38 -48.14
CA ASN D 276 -23.90 -27.88 -49.51
C ASN D 276 -25.22 -27.91 -50.26
N GLY D 277 -25.78 -29.09 -50.51
CA GLY D 277 -27.04 -29.14 -51.22
C GLY D 277 -28.21 -29.69 -50.45
N PHE D 278 -28.02 -29.93 -49.17
CA PHE D 278 -28.94 -30.61 -48.29
C PHE D 278 -29.41 -29.71 -47.15
N TYR D 279 -30.67 -29.92 -46.78
CA TYR D 279 -31.35 -29.14 -45.77
C TYR D 279 -31.46 -30.00 -44.54
N TYR D 280 -30.85 -29.55 -43.44
CA TYR D 280 -30.92 -30.24 -42.17
C TYR D 280 -31.86 -29.45 -41.25
N LEU D 281 -32.95 -30.10 -40.84
CA LEU D 281 -33.92 -29.56 -39.90
C LEU D 281 -33.63 -30.11 -38.51
N PHE D 282 -33.40 -29.24 -37.54
CA PHE D 282 -33.09 -29.63 -36.17
C PHE D 282 -34.20 -29.15 -35.24
N VAL D 283 -34.54 -30.00 -34.25
CA VAL D 283 -35.47 -29.67 -33.19
C VAL D 283 -34.94 -30.26 -31.90
N SER D 284 -35.03 -29.49 -30.82
CA SER D 284 -34.75 -30.02 -29.49
C SER D 284 -36.01 -30.63 -28.90
N SER D 285 -35.83 -31.62 -28.05
CA SER D 285 -37.00 -32.27 -27.46
C SER D 285 -36.66 -32.85 -26.10
N HIS D 286 -37.69 -32.96 -25.26
CA HIS D 286 -37.60 -33.49 -23.92
C HIS D 286 -37.84 -34.99 -23.92
N ASP D 287 -37.50 -35.62 -22.79
CA ASP D 287 -37.79 -37.04 -22.61
C ASP D 287 -39.24 -37.26 -22.18
N HIS D 288 -39.80 -36.36 -21.39
CA HIS D 288 -41.15 -36.56 -20.86
C HIS D 288 -42.24 -36.23 -21.87
N THR D 289 -41.90 -35.68 -23.04
CA THR D 289 -42.89 -35.38 -24.07
C THR D 289 -42.98 -36.48 -25.12
N PHE D 290 -42.31 -37.62 -24.91
CA PHE D 290 -42.44 -38.76 -25.82
C PHE D 290 -43.69 -39.55 -25.49
N ALA D 291 -44.34 -40.07 -26.53
CA ALA D 291 -45.53 -40.90 -26.35
C ALA D 291 -45.19 -42.17 -25.58
N PRO D 292 -46.18 -42.76 -24.89
CA PRO D 292 -45.90 -43.99 -24.14
C PRO D 292 -45.42 -45.10 -25.08
N GLY D 293 -44.56 -45.97 -24.54
CA GLY D 293 -43.94 -47.00 -25.33
C GLY D 293 -42.65 -46.61 -26.03
N LEU D 294 -42.28 -45.34 -25.98
CA LEU D 294 -41.03 -44.86 -26.56
C LEU D 294 -40.18 -44.24 -25.46
N GLU D 295 -38.88 -44.52 -25.49
CA GLU D 295 -37.95 -43.98 -24.50
C GLU D 295 -36.83 -43.24 -25.24
N GLY D 296 -36.88 -41.91 -25.21
CA GLY D 296 -35.85 -41.07 -25.79
C GLY D 296 -35.42 -39.99 -24.81
N PRO D 297 -34.15 -39.58 -24.87
CA PRO D 297 -33.63 -38.59 -23.93
C PRO D 297 -33.81 -37.15 -24.38
N ASP D 298 -33.72 -36.24 -23.40
CA ASP D 298 -33.54 -34.82 -23.68
C ASP D 298 -32.42 -34.66 -24.69
N GLY D 299 -32.73 -34.14 -25.87
CA GLY D 299 -31.67 -34.06 -26.87
C GLY D 299 -32.06 -33.29 -28.11
N LEU D 300 -31.07 -33.10 -28.96
CA LEU D 300 -31.24 -32.50 -30.28
C LEU D 300 -31.43 -33.60 -31.31
N TYR D 301 -32.61 -33.59 -31.95
CA TYR D 301 -33.00 -34.52 -33.01
C TYR D 301 -33.02 -33.80 -34.34
N GLY D 302 -32.69 -34.52 -35.41
CA GLY D 302 -32.42 -33.90 -36.69
C GLY D 302 -32.86 -34.76 -37.85
N PHE D 303 -33.18 -34.09 -38.97
CA PHE D 303 -33.65 -34.73 -40.19
C PHE D 303 -33.00 -34.03 -41.39
N VAL D 304 -32.98 -34.71 -42.53
CA VAL D 304 -32.30 -34.19 -43.71
C VAL D 304 -33.16 -34.45 -44.95
N ALA D 305 -33.17 -33.47 -45.87
CA ALA D 305 -33.83 -33.64 -47.16
C ALA D 305 -33.07 -32.82 -48.21
N ASP D 306 -33.49 -32.94 -49.47
CA ASP D 306 -32.87 -32.21 -50.57
C ASP D 306 -33.56 -30.89 -50.89
N SER D 307 -34.63 -30.54 -50.17
CA SER D 307 -35.26 -29.24 -50.32
C SER D 307 -35.89 -28.84 -48.98
N LEU D 308 -36.22 -27.55 -48.87
CA LEU D 308 -36.77 -27.02 -47.62
C LEU D 308 -38.10 -27.67 -47.25
N ARG D 309 -38.95 -27.90 -48.24
CA ARG D 309 -40.26 -28.50 -48.03
C ARG D 309 -40.30 -29.94 -48.53
N GLY D 310 -39.16 -30.63 -48.47
CA GLY D 310 -39.02 -31.97 -48.98
C GLY D 310 -39.36 -33.06 -47.98
N GLU D 311 -39.13 -34.30 -48.41
CA GLU D 311 -39.37 -35.51 -47.62
C GLU D 311 -38.23 -35.67 -46.62
N TYR D 312 -38.42 -35.07 -45.45
CA TYR D 312 -37.42 -35.20 -44.38
C TYR D 312 -37.31 -36.65 -43.90
N ARG D 313 -36.08 -37.08 -43.65
CA ARG D 313 -35.81 -38.41 -43.14
C ARG D 313 -34.87 -38.25 -41.94
N PRO D 314 -35.02 -39.06 -40.91
CA PRO D 314 -34.27 -38.80 -39.67
C PRO D 314 -32.79 -39.09 -39.81
N LEU D 315 -31.97 -38.22 -39.23
CA LEU D 315 -30.53 -38.45 -39.14
C LEU D 315 -30.23 -39.61 -38.20
N ASN D 316 -29.19 -40.37 -38.53
CA ASN D 316 -28.73 -41.52 -37.75
C ASN D 316 -29.80 -42.60 -37.59
N GLY D 317 -30.80 -42.62 -38.46
CA GLY D 317 -31.83 -43.64 -38.35
C GLY D 317 -32.93 -43.39 -37.32
N SER D 318 -32.54 -43.02 -36.11
CA SER D 318 -33.50 -42.74 -35.04
C SER D 318 -33.94 -41.28 -35.00
N GLY D 319 -33.05 -40.37 -35.35
CA GLY D 319 -33.29 -38.95 -35.22
C GLY D 319 -32.38 -38.30 -34.21
N LEU D 320 -31.87 -39.06 -33.25
CA LEU D 320 -31.01 -38.50 -32.20
C LEU D 320 -29.69 -38.04 -32.81
N VAL D 321 -29.41 -36.76 -32.71
CA VAL D 321 -28.14 -36.19 -33.16
C VAL D 321 -27.21 -35.93 -32.00
N LEU D 322 -27.75 -35.42 -30.89
CA LEU D 322 -26.91 -34.98 -29.79
C LEU D 322 -27.69 -35.11 -28.50
N THR D 323 -27.03 -35.59 -27.44
CA THR D 323 -27.72 -35.82 -26.17
C THR D 323 -26.72 -35.74 -25.02
N ASN D 324 -27.27 -35.61 -23.81
CA ASN D 324 -26.47 -35.54 -22.59
C ASN D 324 -26.13 -36.94 -22.08
N PRO D 325 -25.05 -37.09 -21.31
CA PRO D 325 -24.70 -38.42 -20.80
C PRO D 325 -25.72 -38.90 -19.78
N ALA D 326 -25.78 -40.24 -19.65
CA ALA D 326 -26.78 -40.85 -18.78
C ALA D 326 -26.65 -40.37 -17.34
N ASN D 327 -25.42 -40.14 -16.89
CA ASN D 327 -25.17 -39.75 -15.51
C ASN D 327 -25.19 -38.23 -15.31
N ALA D 328 -25.71 -37.47 -16.27
CA ALA D 328 -25.98 -36.03 -16.13
C ALA D 328 -27.01 -35.61 -17.18
N PRO D 329 -28.21 -36.19 -17.15
CA PRO D 329 -29.06 -36.20 -18.36
C PRO D 329 -29.79 -34.91 -18.66
N TYR D 330 -29.80 -33.93 -17.76
CA TYR D 330 -30.47 -32.67 -18.01
C TYR D 330 -29.50 -31.49 -18.02
N GLN D 331 -28.21 -31.74 -18.26
CA GLN D 331 -27.19 -30.70 -18.08
C GLN D 331 -27.27 -29.62 -19.16
N ALA D 332 -27.79 -29.93 -20.34
CA ALA D 332 -27.89 -28.95 -21.41
C ALA D 332 -29.19 -29.16 -22.16
N TYR D 333 -29.65 -28.09 -22.81
CA TYR D 333 -30.90 -28.13 -23.57
C TYR D 333 -30.98 -26.93 -24.48
N SER D 334 -31.94 -26.98 -25.40
CA SER D 334 -32.31 -25.87 -26.26
C SER D 334 -31.16 -25.52 -27.20
N TRP D 335 -30.69 -26.52 -27.93
CA TRP D 335 -29.54 -26.36 -28.81
C TRP D 335 -29.91 -25.64 -30.10
N VAL D 336 -28.97 -24.84 -30.60
CA VAL D 336 -29.08 -24.20 -31.91
C VAL D 336 -27.84 -24.57 -32.73
N ALA D 337 -28.07 -24.96 -33.98
CA ALA D 337 -27.00 -25.40 -34.88
C ALA D 337 -26.67 -24.32 -35.89
N PHE D 338 -25.37 -24.21 -36.23
CA PHE D 338 -24.92 -23.25 -37.23
C PHE D 338 -23.61 -23.73 -37.86
N SER D 339 -23.48 -23.48 -39.17
CA SER D 339 -22.31 -23.92 -39.91
C SER D 339 -21.07 -23.11 -39.55
N HIS D 340 -19.91 -23.77 -39.62
CA HIS D 340 -18.60 -23.12 -39.54
C HIS D 340 -17.69 -24.11 -40.26
N ARG D 341 -16.71 -23.62 -41.02
CA ARG D 341 -16.53 -23.94 -42.45
C ARG D 341 -17.04 -25.34 -42.78
N GLU D 342 -16.35 -26.42 -42.43
CA GLU D 342 -16.82 -27.79 -42.73
C GLU D 342 -17.31 -28.56 -41.49
N GLU D 343 -17.49 -27.87 -40.38
CA GLU D 343 -18.06 -28.39 -39.16
C GLU D 343 -19.42 -27.75 -38.91
N LEU D 344 -20.16 -28.38 -38.01
CA LEU D 344 -21.42 -27.84 -37.54
C LEU D 344 -21.23 -27.58 -36.05
N LEU D 345 -21.41 -26.34 -35.63
CA LEU D 345 -21.31 -26.02 -34.22
C LEU D 345 -22.71 -25.95 -33.64
N VAL D 346 -22.84 -26.39 -32.39
CA VAL D 346 -24.13 -26.50 -31.71
C VAL D 346 -23.97 -25.86 -30.35
N SER D 347 -24.75 -24.82 -30.08
CA SER D 347 -24.70 -24.10 -28.82
C SER D 347 -26.01 -24.31 -28.08
N GLY D 348 -25.92 -24.94 -26.91
CA GLY D 348 -27.04 -25.02 -25.99
C GLY D 348 -26.85 -24.09 -24.82
N PHE D 349 -27.58 -24.36 -23.74
CA PHE D 349 -27.37 -23.66 -22.48
C PHE D 349 -27.24 -24.69 -21.37
N PHE D 350 -26.68 -24.25 -20.24
CA PHE D 350 -26.33 -25.12 -19.12
C PHE D 350 -27.52 -25.21 -18.18
N ASN D 351 -28.17 -26.37 -18.15
CA ASN D 351 -29.50 -26.41 -17.52
C ASN D 351 -29.54 -26.89 -16.09
N TYR D 352 -29.73 -28.19 -15.88
CA TYR D 352 -29.84 -28.77 -14.55
C TYR D 352 -28.68 -29.75 -14.36
N TYR D 353 -27.85 -29.52 -13.35
CA TYR D 353 -26.71 -30.38 -13.11
C TYR D 353 -26.66 -30.74 -11.63
N ASP D 354 -25.85 -31.76 -11.32
CA ASP D 354 -25.63 -32.21 -9.96
C ASP D 354 -26.92 -32.70 -9.30
N LEU D 355 -27.75 -33.43 -10.04
CA LEU D 355 -28.97 -33.95 -9.46
C LEU D 355 -28.74 -35.16 -8.58
N GLY D 356 -27.61 -35.86 -8.73
CA GLY D 356 -27.38 -37.02 -7.90
C GLY D 356 -28.29 -38.19 -8.17
N GLY D 357 -29.15 -38.10 -9.18
CA GLY D 357 -30.10 -39.14 -9.50
C GLY D 357 -31.55 -38.74 -9.39
N LEU D 358 -31.85 -37.57 -8.82
CA LEU D 358 -33.22 -37.12 -8.65
C LEU D 358 -33.91 -36.89 -9.99
N THR D 359 -35.24 -36.99 -9.98
CA THR D 359 -35.99 -36.56 -11.16
C THR D 359 -36.21 -35.06 -11.07
N LEU D 360 -36.70 -34.48 -12.17
CA LEU D 360 -36.77 -33.02 -12.23
C LEU D 360 -37.85 -32.49 -11.29
N ASP D 361 -38.98 -33.19 -11.19
CA ASP D 361 -40.02 -32.76 -10.25
C ASP D 361 -39.59 -33.00 -8.82
N ASP D 362 -38.65 -33.94 -8.59
CA ASP D 362 -38.08 -34.12 -7.25
C ASP D 362 -37.31 -32.89 -6.82
N VAL D 363 -36.67 -32.19 -7.76
CA VAL D 363 -35.92 -30.99 -7.42
C VAL D 363 -36.84 -29.92 -6.84
N ALA D 364 -38.11 -29.91 -7.27
CA ALA D 364 -39.08 -28.95 -6.74
C ALA D 364 -39.31 -29.11 -5.24
N THR D 365 -39.00 -30.28 -4.68
CA THR D 365 -39.17 -30.50 -3.24
C THR D 365 -38.08 -29.79 -2.44
N LEU D 366 -36.91 -29.62 -3.04
CA LEU D 366 -35.75 -29.09 -2.36
C LEU D 366 -35.96 -27.63 -1.95
N SER D 367 -35.16 -27.19 -0.97
CA SER D 367 -35.24 -25.80 -0.54
C SER D 367 -34.82 -24.87 -1.67
N PRO D 368 -35.25 -23.60 -1.64
CA PRO D 368 -34.83 -22.65 -2.69
C PRO D 368 -33.32 -22.63 -2.94
N ASP D 369 -32.50 -22.69 -1.89
CA ASP D 369 -31.06 -22.64 -2.08
C ASP D 369 -30.54 -23.88 -2.80
N GLU D 370 -31.02 -25.06 -2.42
CA GLU D 370 -30.60 -26.27 -3.12
C GLU D 370 -31.13 -26.33 -4.55
N GLN D 371 -32.24 -25.64 -4.84
CA GLN D 371 -32.72 -25.61 -6.22
C GLN D 371 -31.87 -24.70 -7.08
N ARG D 372 -31.62 -23.47 -6.59
CA ARG D 372 -30.76 -22.56 -7.34
C ARG D 372 -29.36 -23.13 -7.50
N ALA D 373 -28.93 -23.99 -6.57
CA ALA D 373 -27.60 -24.60 -6.64
C ALA D 373 -27.44 -25.59 -7.77
N LYS D 374 -28.54 -26.11 -8.32
CA LYS D 374 -28.51 -27.14 -9.35
C LYS D 374 -28.92 -26.62 -10.72
N PHE D 375 -28.80 -25.31 -10.94
CA PHE D 375 -29.21 -24.68 -12.19
C PHE D 375 -28.06 -23.81 -12.69
N GLY D 376 -27.65 -24.05 -13.92
CA GLY D 376 -26.57 -23.27 -14.49
C GLY D 376 -26.97 -21.86 -14.84
N GLY D 377 -27.79 -21.71 -15.87
CA GLY D 377 -28.17 -20.38 -16.32
C GLY D 377 -27.07 -19.66 -17.07
N THR D 378 -26.22 -20.39 -17.79
CA THR D 378 -25.20 -19.81 -18.65
C THR D 378 -25.17 -20.57 -19.97
N LEU D 379 -24.18 -20.27 -20.80
CA LEU D 379 -24.02 -20.94 -22.09
C LEU D 379 -23.22 -22.22 -21.93
N ALA D 380 -23.63 -23.25 -22.65
CA ALA D 380 -22.95 -24.53 -22.62
C ALA D 380 -21.72 -24.51 -23.52
N PRO D 381 -20.75 -25.38 -23.25
CA PRO D 381 -19.59 -25.53 -24.16
C PRO D 381 -20.03 -25.92 -25.56
N THR D 382 -19.70 -25.08 -26.53
CA THR D 382 -20.13 -25.28 -27.89
C THR D 382 -19.57 -26.58 -28.46
N VAL D 383 -20.44 -27.39 -29.02
CA VAL D 383 -20.09 -28.73 -29.52
C VAL D 383 -19.82 -28.66 -31.01
N ARG D 384 -18.77 -29.36 -31.45
CA ARG D 384 -18.42 -29.46 -32.87
C ARG D 384 -18.81 -30.85 -33.33
N VAL D 385 -19.67 -30.92 -34.35
CA VAL D 385 -20.12 -32.17 -34.93
C VAL D 385 -19.74 -32.16 -36.40
N ALA D 386 -19.75 -33.37 -36.97
CA ALA D 386 -19.40 -33.59 -38.37
C ALA D 386 -20.54 -34.32 -39.05
N LEU D 387 -21.17 -33.67 -40.01
CA LEU D 387 -22.18 -34.31 -40.83
C LEU D 387 -21.52 -35.04 -41.99
N SER D 388 -22.11 -36.15 -42.38
CA SER D 388 -21.55 -37.01 -43.43
C SER D 388 -22.63 -37.53 -44.37
N GLY D 389 -23.87 -37.09 -44.22
CA GLY D 389 -24.95 -37.55 -45.06
C GLY D 389 -26.22 -37.49 -44.26
N ASP D 390 -26.82 -38.66 -44.03
CA ASP D 390 -27.84 -38.80 -42.98
C ASP D 390 -27.22 -39.29 -41.68
N ARG D 391 -25.91 -39.11 -41.51
CA ARG D 391 -25.19 -39.62 -40.36
C ARG D 391 -24.37 -38.50 -39.72
N THR D 392 -24.42 -38.39 -38.40
CA THR D 392 -23.71 -37.37 -37.65
C THR D 392 -22.77 -38.01 -36.64
N ARG D 393 -21.85 -37.21 -36.11
CA ARG D 393 -20.93 -37.70 -35.11
C ARG D 393 -20.33 -36.53 -34.33
N ILE D 394 -20.36 -36.60 -33.00
CA ILE D 394 -19.73 -35.56 -32.17
C ILE D 394 -18.21 -35.67 -32.33
N THR D 395 -17.57 -34.55 -32.68
CA THR D 395 -16.13 -34.54 -32.88
C THR D 395 -15.35 -33.69 -31.88
N GLY D 396 -15.98 -32.76 -31.18
CA GLY D 396 -15.24 -32.06 -30.12
C GLY D 396 -16.08 -31.01 -29.44
N THR D 397 -15.40 -30.21 -28.60
CA THR D 397 -16.06 -29.09 -27.93
C THR D 397 -15.13 -27.89 -27.91
N LEU D 398 -15.71 -26.74 -27.59
CA LEU D 398 -14.99 -25.50 -27.43
C LEU D 398 -15.27 -24.91 -26.06
N SER D 399 -14.70 -23.74 -25.79
CA SER D 399 -14.94 -23.05 -24.53
C SER D 399 -16.42 -22.72 -24.37
N HIS D 400 -16.83 -22.44 -23.13
CA HIS D 400 -18.20 -22.10 -22.81
C HIS D 400 -18.72 -20.95 -23.68
N GLY D 401 -19.79 -21.21 -24.42
CA GLY D 401 -20.45 -20.19 -25.22
C GLY D 401 -19.58 -19.51 -26.26
N ARG D 402 -18.75 -20.28 -26.95
CA ARG D 402 -17.94 -19.77 -28.05
C ARG D 402 -18.79 -19.81 -29.31
N ILE D 403 -19.18 -18.65 -29.81
CA ILE D 403 -19.88 -18.54 -31.09
C ILE D 403 -18.92 -17.86 -32.06
N PRO D 404 -18.17 -18.61 -32.86
CA PRO D 404 -17.18 -18.01 -33.76
C PRO D 404 -17.77 -17.74 -35.14
N LEU D 405 -17.16 -16.76 -35.81
CA LEU D 405 -17.48 -16.44 -37.19
C LEU D 405 -16.71 -17.37 -38.13
N GLU D 406 -17.13 -17.39 -39.39
CA GLU D 406 -16.40 -18.21 -40.35
C GLU D 406 -15.02 -17.64 -40.69
N SER D 407 -14.81 -16.34 -40.44
CA SER D 407 -13.50 -15.75 -40.62
C SER D 407 -12.47 -16.24 -39.62
N GLU D 408 -12.90 -16.81 -38.50
CA GLU D 408 -12.00 -17.22 -37.43
C GLU D 408 -11.67 -18.70 -37.54
N GLU D 409 -10.41 -19.04 -37.32
CA GLU D 409 -9.97 -20.43 -37.36
C GLU D 409 -10.03 -21.03 -35.96
N LEU D 410 -10.57 -22.23 -35.87
CA LEU D 410 -10.78 -22.98 -34.64
C LEU D 410 -9.64 -23.96 -34.39
N PRO D 411 -9.43 -24.33 -33.12
CA PRO D 411 -8.37 -25.28 -32.78
C PRO D 411 -8.57 -26.64 -33.48
N ASP D 412 -7.46 -27.35 -33.66
CA ASP D 412 -7.50 -28.67 -34.27
C ASP D 412 -8.09 -29.69 -33.30
N LEU D 413 -8.59 -30.79 -33.87
CA LEU D 413 -9.25 -31.84 -33.11
C LEU D 413 -8.37 -33.09 -33.06
N PRO D 414 -8.54 -33.95 -32.05
CA PRO D 414 -7.74 -35.18 -31.97
C PRO D 414 -8.02 -36.17 -33.10
N ALA E 9 -37.98 -10.75 54.63
CA ALA E 9 -37.10 -9.69 55.15
C ALA E 9 -35.67 -10.19 55.27
N THR E 10 -35.17 -10.83 54.21
CA THR E 10 -33.87 -11.49 54.26
C THR E 10 -32.76 -10.47 54.49
N PRO E 11 -31.85 -10.71 55.45
CA PRO E 11 -30.77 -9.73 55.70
C PRO E 11 -29.94 -9.50 54.45
N ARG E 12 -29.45 -8.28 54.31
CA ARG E 12 -28.83 -7.82 53.07
C ARG E 12 -27.42 -7.32 53.34
N TRP E 13 -26.47 -7.86 52.58
CA TRP E 13 -25.13 -7.29 52.47
C TRP E 13 -25.26 -6.10 51.54
N THR E 14 -25.26 -4.89 52.08
CA THR E 14 -25.61 -3.73 51.29
C THR E 14 -24.39 -3.16 50.57
N ARG E 15 -24.65 -2.22 49.65
CA ARG E 15 -23.57 -1.55 48.94
C ARG E 15 -22.81 -0.62 49.87
N GLU E 16 -23.48 -0.04 50.86
CA GLU E 16 -22.81 0.78 51.85
C GLU E 16 -21.72 0.00 52.58
N HIS E 17 -21.95 -1.29 52.79
CA HIS E 17 -20.93 -2.15 53.37
C HIS E 17 -19.74 -2.33 52.44
N ALA E 18 -20.00 -2.77 51.20
CA ALA E 18 -18.92 -3.05 50.26
C ALA E 18 -18.12 -1.80 49.93
N SER E 19 -18.71 -0.61 50.08
CA SER E 19 -17.97 0.61 49.83
C SER E 19 -16.78 0.73 50.76
N LYS E 20 -16.88 0.14 51.95
CA LYS E 20 -15.86 0.22 52.98
C LYS E 20 -14.81 -0.89 52.89
N ILE E 21 -14.94 -1.81 51.92
CA ILE E 21 -13.98 -2.90 51.78
C ILE E 21 -12.59 -2.35 51.50
N GLU E 22 -11.61 -2.80 52.26
CA GLU E 22 -10.26 -2.25 52.17
C GLU E 22 -9.31 -3.17 52.93
N ARG E 23 -8.13 -3.41 52.36
CA ARG E 23 -7.12 -4.19 53.05
C ARG E 23 -6.59 -3.46 54.28
N THR E 24 -6.35 -4.22 55.35
CA THR E 24 -5.73 -3.71 56.56
C THR E 24 -4.81 -4.78 57.14
N ASP E 25 -3.93 -4.35 58.05
CA ASP E 25 -3.02 -5.29 58.70
C ASP E 25 -3.76 -6.39 59.45
N GLU E 26 -5.02 -6.15 59.81
CA GLU E 26 -5.81 -7.11 60.55
C GLU E 26 -6.45 -8.17 59.68
N THR E 27 -6.42 -8.02 58.35
CA THR E 27 -7.10 -8.93 57.45
C THR E 27 -6.21 -9.51 56.35
N VAL E 28 -4.94 -9.10 56.25
CA VAL E 28 -4.05 -9.58 55.20
C VAL E 28 -3.20 -10.72 55.73
N VAL E 29 -3.14 -11.82 54.99
CA VAL E 29 -2.40 -13.04 55.37
C VAL E 29 -0.96 -12.93 54.90
N PRO E 30 -0.03 -13.68 55.47
CA PRO E 30 1.36 -13.65 54.97
C PRO E 30 1.47 -14.23 53.56
N ILE E 31 2.64 -13.99 52.95
CA ILE E 31 2.93 -14.57 51.65
C ILE E 31 3.06 -16.08 51.80
N ILE E 32 2.43 -16.83 50.89
CA ILE E 32 2.53 -18.28 50.86
C ILE E 32 3.61 -18.68 49.85
N TYR E 33 4.60 -19.46 50.32
CA TYR E 33 5.62 -20.07 49.50
C TYR E 33 5.35 -21.56 49.36
N PRO E 34 5.71 -22.17 48.22
CA PRO E 34 5.38 -23.58 47.99
C PRO E 34 6.00 -24.47 49.04
N PRO E 35 5.30 -25.50 49.47
CA PRO E 35 5.85 -26.41 50.48
C PRO E 35 6.83 -27.40 49.86
N ARG E 36 7.63 -28.01 50.72
CA ARG E 36 8.67 -28.92 50.23
C ARG E 36 8.10 -30.28 49.79
N GLU E 37 7.02 -30.76 50.41
CA GLU E 37 6.52 -32.09 50.06
C GLU E 37 5.01 -32.06 49.83
N ASP E 38 4.55 -33.03 49.02
CA ASP E 38 3.16 -33.17 48.62
C ASP E 38 2.67 -34.58 48.89
N ALA E 39 1.39 -34.70 49.29
CA ALA E 39 0.79 -36.02 49.50
C ALA E 39 0.63 -36.79 48.19
N ALA E 40 0.53 -36.09 47.05
CA ALA E 40 0.45 -36.71 45.74
C ALA E 40 0.93 -35.73 44.68
N PRO E 41 2.18 -35.86 44.21
CA PRO E 41 2.74 -34.84 43.30
C PRO E 41 2.05 -34.75 41.94
N GLU E 42 1.40 -35.81 41.47
CA GLU E 42 0.80 -35.79 40.14
C GLU E 42 -0.61 -35.23 40.12
N ILE E 43 -1.12 -34.75 41.25
CA ILE E 43 -2.49 -34.29 41.34
C ILE E 43 -2.52 -32.89 41.93
N ASN E 44 -3.43 -32.06 41.42
CA ASN E 44 -3.72 -30.75 41.99
C ASN E 44 -5.01 -30.86 42.81
N GLY E 45 -5.00 -30.21 43.97
CA GLY E 45 -6.16 -30.22 44.84
C GLY E 45 -6.55 -28.80 45.21
N TRP E 46 -7.85 -28.57 45.31
CA TRP E 46 -8.42 -27.32 45.77
C TRP E 46 -9.75 -27.62 46.46
N ASP E 47 -10.48 -26.57 46.85
CA ASP E 47 -11.83 -26.69 47.42
C ASP E 47 -11.99 -27.87 48.37
N THR E 48 -11.36 -27.82 49.54
CA THR E 48 -11.29 -28.97 50.43
C THR E 48 -12.22 -28.78 51.63
N TRP E 49 -12.73 -29.90 52.14
CA TRP E 49 -13.66 -29.89 53.26
C TRP E 49 -13.38 -31.05 54.21
N PHE E 50 -13.86 -30.92 55.45
CA PHE E 50 -13.55 -31.88 56.51
C PHE E 50 -14.67 -32.89 56.70
N LEU E 51 -14.30 -34.11 57.08
CA LEU E 51 -15.25 -35.09 57.57
C LEU E 51 -15.60 -34.72 58.99
N ARG E 52 -16.84 -34.30 59.21
CA ARG E 52 -17.28 -33.82 60.51
C ARG E 52 -18.30 -34.78 61.12
N GLU E 53 -18.36 -34.80 62.45
CA GLU E 53 -19.47 -35.43 63.14
C GLU E 53 -20.73 -34.60 62.95
N ARG E 54 -21.85 -35.10 63.48
CA ARG E 54 -23.10 -34.39 63.33
C ARG E 54 -23.06 -33.02 64.00
N ASP E 55 -22.43 -32.92 65.18
CA ASP E 55 -22.38 -31.63 65.87
C ASP E 55 -21.50 -30.62 65.15
N GLY E 56 -20.49 -31.08 64.40
CA GLY E 56 -19.61 -30.17 63.70
C GLY E 56 -18.14 -30.42 63.96
N SER E 57 -17.81 -31.19 65.00
CA SER E 57 -16.42 -31.50 65.30
C SER E 57 -15.78 -32.28 64.16
N ILE E 58 -14.46 -32.12 64.02
CA ILE E 58 -13.72 -32.94 63.07
C ILE E 58 -13.82 -34.40 63.48
N ALA E 59 -14.33 -35.24 62.59
CA ALA E 59 -14.49 -36.64 62.92
C ALA E 59 -13.13 -37.32 63.01
N THR E 60 -13.01 -38.24 63.98
CA THR E 60 -11.84 -39.10 64.11
C THR E 60 -12.31 -40.55 64.12
N VAL E 61 -11.72 -41.36 63.25
CA VAL E 61 -12.02 -42.79 63.18
C VAL E 61 -10.76 -43.56 63.49
N GLY E 62 -10.76 -44.29 64.60
CA GLY E 62 -9.58 -45.01 65.02
C GLY E 62 -8.31 -44.21 65.26
N GLY E 63 -8.37 -42.90 65.09
CA GLY E 63 -7.25 -42.03 65.39
C GLY E 63 -6.91 -41.11 64.24
N TRP E 64 -7.70 -41.24 63.18
CA TRP E 64 -7.45 -40.57 61.90
C TRP E 64 -8.47 -39.49 61.62
N ARG E 65 -8.00 -38.38 61.07
CA ARG E 65 -8.88 -37.38 60.46
C ARG E 65 -8.96 -37.63 58.98
N VAL E 66 -10.12 -37.30 58.41
CA VAL E 66 -10.36 -37.43 56.98
C VAL E 66 -10.75 -36.07 56.42
N ILE E 67 -10.22 -35.75 55.24
CA ILE E 67 -10.62 -34.57 54.49
C ILE E 67 -10.87 -34.99 53.05
N PHE E 68 -11.59 -34.14 52.32
CA PHE E 68 -11.96 -34.39 50.93
C PHE E 68 -11.55 -33.19 50.09
N SER E 69 -11.07 -33.46 48.87
CA SER E 69 -10.64 -32.40 47.96
C SER E 69 -11.18 -32.66 46.57
N LEU E 70 -11.52 -31.58 45.88
CA LEU E 70 -11.64 -31.62 44.43
C LEU E 70 -10.24 -31.80 43.85
N THR E 71 -10.11 -32.68 42.85
CA THR E 71 -8.81 -32.98 42.28
C THR E 71 -8.92 -33.09 40.78
N ALA E 72 -7.83 -32.78 40.11
CA ALA E 72 -7.62 -32.97 38.68
C ALA E 72 -6.16 -33.33 38.47
N PRO E 73 -5.83 -33.99 37.36
CA PRO E 73 -4.42 -34.32 37.09
C PRO E 73 -3.55 -33.08 37.00
N ALA E 74 -2.33 -33.18 37.53
CA ALA E 74 -1.40 -32.06 37.49
C ALA E 74 -0.96 -31.71 36.08
N ASP E 75 -1.02 -32.68 35.16
CA ASP E 75 -0.70 -32.44 33.76
C ASP E 75 -1.63 -31.40 33.13
N LEU E 76 -2.83 -31.25 33.66
CA LEU E 76 -3.88 -30.45 33.06
C LEU E 76 -3.64 -28.96 33.32
N LEU E 77 -4.11 -28.11 32.40
CA LEU E 77 -3.99 -26.67 32.59
C LEU E 77 -4.90 -26.20 33.73
N PRO E 78 -4.44 -25.24 34.55
CA PRO E 78 -5.26 -24.84 35.72
C PRO E 78 -6.64 -24.33 35.38
N GLY E 79 -6.74 -23.41 34.42
CA GLY E 79 -8.01 -22.83 34.07
C GLY E 79 -9.10 -23.84 33.76
N LYS E 80 -8.73 -25.04 33.30
CA LYS E 80 -9.70 -26.03 32.86
C LYS E 80 -9.96 -27.12 33.90
N ARG E 81 -9.27 -27.08 35.04
CA ARG E 81 -9.39 -28.15 36.03
C ARG E 81 -10.82 -28.33 36.51
N HIS E 82 -11.63 -27.28 36.44
CA HIS E 82 -13.01 -27.33 36.93
C HIS E 82 -13.92 -28.21 36.07
N ASP E 83 -13.49 -28.59 34.86
CA ASP E 83 -14.38 -29.38 34.02
C ASP E 83 -14.28 -30.88 34.30
N VAL E 84 -13.24 -31.33 34.99
CA VAL E 84 -13.00 -32.76 35.19
C VAL E 84 -12.72 -33.05 36.66
N ALA E 85 -13.22 -32.19 37.56
CA ALA E 85 -12.94 -32.33 38.98
C ALA E 85 -13.58 -33.59 39.56
N GLU E 86 -12.79 -34.38 40.32
CA GLU E 86 -13.28 -35.56 41.01
C GLU E 86 -12.88 -35.50 42.48
N ILE E 87 -13.71 -36.09 43.34
CA ILE E 87 -13.50 -35.99 44.79
C ILE E 87 -12.57 -37.11 45.26
N ARG E 88 -11.45 -36.73 45.88
CA ARG E 88 -10.55 -37.65 46.55
C ARG E 88 -10.58 -37.39 48.04
N TYR E 89 -10.17 -38.38 48.82
CA TYR E 89 -10.07 -38.21 50.26
C TYR E 89 -8.66 -38.47 50.74
N PHE E 90 -8.28 -37.76 51.80
CA PHE E 90 -6.98 -37.90 52.43
C PHE E 90 -7.19 -38.12 53.92
N TYR E 91 -6.24 -38.82 54.53
CA TYR E 91 -6.35 -39.11 55.96
C TYR E 91 -5.03 -38.79 56.65
N SER E 92 -5.10 -38.55 57.96
CA SER E 92 -3.88 -38.22 58.69
C SER E 92 -4.00 -38.56 60.17
N ARG E 93 -2.87 -38.88 60.77
CA ARG E 93 -2.82 -39.19 62.20
C ARG E 93 -2.56 -37.95 63.07
N ASP E 94 -1.75 -37.01 62.60
CA ASP E 94 -1.41 -35.82 63.38
C ASP E 94 -2.16 -34.57 62.96
N GLY E 95 -2.31 -34.32 61.66
CA GLY E 95 -2.96 -33.12 61.19
C GLY E 95 -2.08 -32.37 60.22
N GLU E 96 -0.84 -32.84 60.05
CA GLU E 96 0.14 -32.25 59.16
C GLU E 96 0.50 -33.14 57.97
N THR E 97 0.81 -34.40 58.24
CA THR E 97 1.27 -35.36 57.22
C THR E 97 0.09 -36.13 56.67
N TRP E 98 -0.38 -35.77 55.48
CA TRP E 98 -1.57 -36.37 54.88
C TRP E 98 -1.22 -37.47 53.89
N PHE E 99 -2.02 -38.54 53.91
CA PHE E 99 -1.90 -39.65 52.99
C PHE E 99 -3.05 -39.59 51.98
N ASP E 100 -2.72 -39.82 50.71
CA ASP E 100 -3.71 -39.91 49.65
C ASP E 100 -4.51 -41.21 49.79
N GLY E 101 -5.83 -41.09 49.72
CA GLY E 101 -6.71 -42.24 49.88
C GLY E 101 -7.41 -42.68 48.62
N GLY E 102 -7.14 -41.99 47.51
CA GLY E 102 -7.75 -42.30 46.25
C GLY E 102 -9.12 -41.68 46.08
N PRO E 103 -9.73 -41.88 44.90
CA PRO E 103 -11.07 -41.36 44.68
C PRO E 103 -12.06 -41.95 45.67
N VAL E 104 -13.05 -41.14 46.05
CA VAL E 104 -14.02 -41.61 47.03
C VAL E 104 -15.12 -42.43 46.37
N PHE E 105 -15.43 -42.14 45.11
CA PHE E 105 -16.56 -42.76 44.41
C PHE E 105 -16.08 -43.66 43.29
N GLU E 106 -16.71 -44.81 43.15
CA GLU E 106 -16.32 -45.74 42.11
C GLU E 106 -17.14 -45.49 40.85
N GLY E 107 -18.44 -45.73 40.94
CA GLY E 107 -19.32 -45.47 39.84
C GLY E 107 -20.69 -45.08 40.35
N GLY E 108 -21.41 -44.32 39.53
CA GLY E 108 -22.72 -43.84 39.88
C GLY E 108 -22.78 -42.40 40.34
N THR E 109 -21.72 -41.63 40.16
CA THR E 109 -21.75 -40.25 40.62
C THR E 109 -22.67 -39.44 39.73
N ARG E 110 -23.39 -38.50 40.33
CA ARG E 110 -24.25 -37.62 39.55
C ARG E 110 -23.43 -36.49 38.94
N GLY E 111 -23.76 -36.15 37.69
CA GLY E 111 -23.16 -35.00 37.03
C GLY E 111 -21.94 -35.37 36.20
N SER E 112 -21.69 -34.50 35.20
CA SER E 112 -20.46 -34.62 34.41
C SER E 112 -19.24 -34.50 35.30
N ARG E 113 -19.30 -33.64 36.32
CA ARG E 113 -18.25 -33.59 37.32
C ARG E 113 -18.85 -33.15 38.64
N GLN E 114 -18.03 -33.22 39.69
CA GLN E 114 -18.45 -32.92 41.05
C GLN E 114 -17.70 -31.68 41.56
N TRP E 115 -18.43 -30.80 42.21
CA TRP E 115 -17.88 -29.62 42.87
C TRP E 115 -18.13 -29.70 44.38
N ALA E 116 -17.57 -28.72 45.09
CA ALA E 116 -17.38 -28.79 46.52
C ALA E 116 -18.69 -29.08 47.26
N GLY E 117 -18.54 -29.65 48.45
CA GLY E 117 -19.65 -30.00 49.30
C GLY E 117 -19.27 -30.08 50.77
N SER E 118 -19.58 -31.20 51.39
CA SER E 118 -19.31 -31.43 52.80
C SER E 118 -19.41 -32.93 53.06
N ALA E 119 -19.05 -33.32 54.28
CA ALA E 119 -19.04 -34.75 54.63
C ALA E 119 -19.56 -34.90 56.04
N LEU E 120 -20.44 -35.88 56.23
CA LEU E 120 -21.06 -36.16 57.52
C LEU E 120 -20.85 -37.61 57.89
N LEU E 121 -20.19 -37.85 59.02
CA LEU E 121 -20.14 -39.18 59.62
C LEU E 121 -21.20 -39.20 60.72
N ASP E 122 -22.35 -39.79 60.39
CA ASP E 122 -23.49 -39.72 61.29
C ASP E 122 -23.23 -40.53 62.56
N ASP E 123 -24.15 -40.39 63.51
CA ASP E 123 -24.02 -41.10 64.78
C ASP E 123 -24.08 -42.62 64.58
N ASP E 124 -24.91 -43.07 63.63
CA ASP E 124 -25.06 -44.48 63.33
C ASP E 124 -23.84 -45.08 62.63
N GLY E 125 -22.89 -44.26 62.18
CA GLY E 125 -21.72 -44.73 61.46
C GLY E 125 -21.83 -44.64 59.95
N ARG E 126 -23.00 -44.29 59.41
CA ARG E 126 -23.15 -44.15 57.98
C ARG E 126 -22.45 -42.88 57.50
N LEU E 127 -21.79 -42.98 56.36
CA LEU E 127 -21.07 -41.87 55.76
C LEU E 127 -21.94 -41.25 54.67
N TYR E 128 -22.08 -39.92 54.73
CA TYR E 128 -22.76 -39.14 53.71
C TYR E 128 -21.77 -38.14 53.14
N VAL E 129 -21.63 -38.11 51.82
CA VAL E 129 -20.73 -37.15 51.18
C VAL E 129 -21.57 -36.25 50.28
N PHE E 130 -21.87 -35.04 50.75
CA PHE E 130 -22.61 -34.06 49.97
C PHE E 130 -21.70 -33.40 48.95
N TYR E 131 -22.19 -33.26 47.72
CA TYR E 131 -21.42 -32.63 46.65
C TYR E 131 -22.35 -31.93 45.68
N THR E 132 -21.74 -31.21 44.74
CA THR E 132 -22.46 -30.53 43.68
C THR E 132 -22.32 -31.31 42.38
N ALA E 133 -23.44 -31.60 41.74
CA ALA E 133 -23.44 -32.26 40.43
C ALA E 133 -23.45 -31.17 39.38
N SER E 134 -22.29 -30.93 38.77
CA SER E 134 -22.15 -30.02 37.65
C SER E 134 -22.35 -30.78 36.35
N GLY E 135 -23.33 -30.34 35.56
CA GLY E 135 -23.64 -31.01 34.33
C GLY E 135 -24.49 -32.25 34.57
N ARG E 136 -24.55 -33.09 33.54
CA ARG E 136 -25.21 -34.38 33.61
C ARG E 136 -24.23 -35.44 33.14
N ALA E 137 -24.32 -36.63 33.74
CA ALA E 137 -23.36 -37.68 33.46
C ALA E 137 -23.31 -38.02 31.97
N GLY E 138 -22.11 -38.02 31.41
CA GLY E 138 -21.91 -38.41 30.02
C GLY E 138 -22.59 -37.51 29.01
N GLU E 139 -22.57 -36.21 29.24
CA GLU E 139 -23.10 -35.24 28.29
C GLU E 139 -22.15 -35.11 27.08
N ALA E 140 -22.62 -34.46 26.03
CA ALA E 140 -21.76 -34.27 24.86
C ALA E 140 -20.71 -33.18 25.08
N GLU E 141 -21.13 -31.92 25.15
CA GLU E 141 -20.25 -30.82 25.52
C GLU E 141 -20.69 -30.29 26.88
N ILE E 142 -19.71 -29.80 27.66
CA ILE E 142 -19.94 -29.41 29.05
C ILE E 142 -20.97 -28.29 29.18
N THR E 143 -22.00 -28.55 30.00
CA THR E 143 -22.98 -27.59 30.46
C THR E 143 -22.68 -27.16 31.90
N TYR E 144 -23.42 -26.16 32.38
CA TYR E 144 -23.20 -25.58 33.69
C TYR E 144 -24.43 -25.68 34.59
N GLU E 145 -25.16 -26.79 34.51
CA GLU E 145 -26.27 -27.04 35.40
C GLU E 145 -25.74 -27.56 36.73
N GLN E 146 -26.19 -26.97 37.84
CA GLN E 146 -25.71 -27.29 39.17
C GLN E 146 -26.86 -27.81 40.03
N ARG E 147 -26.65 -28.97 40.65
CA ARG E 147 -27.67 -29.55 41.52
C ARG E 147 -27.01 -30.09 42.79
N LEU E 148 -27.71 -29.95 43.92
CA LEU E 148 -27.17 -30.44 45.18
C LEU E 148 -27.46 -31.93 45.30
N ALA E 149 -26.40 -32.76 45.33
CA ALA E 149 -26.51 -34.21 45.44
C ALA E 149 -25.77 -34.73 46.66
N VAL E 150 -25.96 -36.02 46.94
CA VAL E 150 -25.33 -36.67 48.08
C VAL E 150 -24.97 -38.11 47.72
N GLY E 151 -23.83 -38.54 48.24
CA GLY E 151 -23.32 -39.89 48.22
C GLY E 151 -23.58 -40.59 49.55
N SER E 152 -24.80 -41.11 49.73
CA SER E 152 -25.16 -41.75 50.98
C SER E 152 -24.65 -43.21 51.01
N GLY E 153 -24.58 -43.74 52.22
CA GLY E 153 -24.35 -45.16 52.42
C GLY E 153 -22.91 -45.63 52.42
N GLY E 154 -21.98 -44.78 52.78
CA GLY E 154 -20.58 -45.15 52.84
C GLY E 154 -20.16 -45.78 54.15
N SER E 155 -19.04 -46.50 54.10
CA SER E 155 -18.44 -47.07 55.31
C SER E 155 -16.98 -46.66 55.42
N VAL E 156 -16.59 -46.06 56.55
CA VAL E 156 -15.22 -45.65 56.80
C VAL E 156 -14.60 -46.65 57.76
N VAL E 157 -13.54 -47.33 57.32
CA VAL E 157 -12.83 -48.30 58.15
C VAL E 157 -11.41 -47.80 58.35
N ALA E 158 -10.87 -48.05 59.54
CA ALA E 158 -9.58 -47.49 59.95
C ALA E 158 -8.75 -48.56 60.65
N ASP E 159 -7.64 -48.94 60.02
CA ASP E 159 -6.63 -49.82 60.61
C ASP E 159 -5.62 -48.97 61.39
N ASP E 160 -4.46 -49.52 61.71
CA ASP E 160 -3.37 -48.70 62.23
C ASP E 160 -2.44 -48.27 61.11
N ASP E 161 -2.69 -48.72 59.89
CA ASP E 161 -1.91 -48.28 58.76
C ASP E 161 -2.59 -47.18 57.95
N GLY E 162 -3.90 -47.06 57.99
CA GLY E 162 -4.57 -46.01 57.24
C GLY E 162 -6.08 -46.08 57.35
N VAL E 163 -6.74 -45.48 56.35
CA VAL E 163 -8.20 -45.39 56.33
C VAL E 163 -8.69 -45.74 54.93
N ARG E 164 -9.72 -46.58 54.85
CA ARG E 164 -10.36 -46.93 53.59
C ARG E 164 -11.84 -46.56 53.66
N ILE E 165 -12.29 -45.84 52.64
CA ILE E 165 -13.69 -45.51 52.42
C ILE E 165 -14.24 -46.50 51.43
N GLU E 166 -15.17 -47.33 51.88
CA GLU E 166 -15.68 -48.44 51.09
C GLU E 166 -17.16 -48.23 50.76
N GLY E 167 -17.56 -48.85 49.65
CA GLY E 167 -18.89 -48.83 49.11
C GLY E 167 -19.80 -49.89 49.70
N PRO E 168 -20.98 -50.07 49.09
CA PRO E 168 -21.41 -49.39 47.88
C PRO E 168 -22.08 -48.04 48.17
N PHE E 169 -21.78 -47.06 47.33
CA PHE E 169 -22.34 -45.72 47.49
C PHE E 169 -23.61 -45.59 46.66
N ALA E 170 -24.59 -44.90 47.22
CA ALA E 170 -25.84 -44.60 46.53
C ALA E 170 -25.94 -43.10 46.37
N HIS E 171 -26.16 -42.65 45.14
CA HIS E 171 -26.13 -41.23 44.78
C HIS E 171 -27.51 -40.82 44.31
N GLY E 172 -27.93 -39.63 44.72
CA GLY E 172 -29.18 -39.07 44.25
C GLY E 172 -29.18 -37.57 44.39
N VAL E 173 -29.98 -36.90 43.57
CA VAL E 173 -30.15 -35.46 43.67
C VAL E 173 -31.03 -35.13 44.86
N LEU E 174 -30.61 -34.15 45.65
CA LEU E 174 -31.38 -33.70 46.81
C LEU E 174 -32.19 -32.45 46.50
N LEU E 175 -31.55 -31.42 45.92
CA LEU E 175 -32.25 -30.17 45.73
C LEU E 175 -31.87 -29.54 44.39
N GLU E 176 -32.88 -28.95 43.76
CA GLU E 176 -32.75 -28.10 42.58
C GLU E 176 -33.52 -26.82 42.84
N PRO E 177 -33.08 -25.70 42.26
CA PRO E 177 -33.70 -24.41 42.58
C PRO E 177 -35.18 -24.38 42.21
N ASP E 178 -35.99 -23.85 43.13
CA ASP E 178 -37.42 -23.78 42.92
C ASP E 178 -37.81 -22.67 41.93
N GLY E 179 -37.08 -21.58 41.90
CA GLY E 179 -37.33 -20.53 40.93
C GLY E 179 -38.08 -19.33 41.46
N GLU E 180 -38.62 -19.38 42.68
CA GLU E 180 -39.20 -18.21 43.31
C GLU E 180 -38.35 -17.74 44.47
N ARG E 181 -37.80 -18.66 45.25
CA ARG E 181 -36.80 -18.26 46.23
C ARG E 181 -35.37 -18.36 45.72
N TYR E 182 -35.06 -19.30 44.83
CA TYR E 182 -33.70 -19.48 44.35
C TYR E 182 -33.70 -19.53 42.83
N GLU E 183 -32.88 -18.67 42.21
CA GLU E 183 -32.95 -18.49 40.77
C GLU E 183 -32.52 -19.75 40.03
N ARG E 184 -33.26 -20.04 38.96
CA ARG E 184 -32.99 -21.15 38.07
C ARG E 184 -32.14 -20.67 36.90
N GLU E 185 -31.54 -21.63 36.17
CA GLU E 185 -30.64 -21.26 35.09
C GLU E 185 -31.34 -20.43 34.02
N GLU E 186 -32.56 -20.82 33.67
CA GLU E 186 -33.37 -20.04 32.72
C GLU E 186 -33.56 -18.58 33.15
N GLN E 187 -33.65 -18.33 34.47
CA GLN E 187 -33.83 -16.98 34.99
C GLN E 187 -32.55 -16.16 35.06
N SER E 188 -31.39 -16.79 34.91
CA SER E 188 -30.12 -16.12 35.13
C SER E 188 -29.91 -14.97 34.16
N ARG E 189 -29.74 -13.77 34.69
CA ARG E 189 -29.19 -12.67 33.92
C ARG E 189 -27.68 -12.61 34.19
N GLY E 190 -27.00 -11.72 33.48
CA GLY E 190 -25.57 -11.57 33.64
C GLY E 190 -24.78 -12.87 33.54
N MET E 191 -24.10 -13.25 34.61
CA MET E 191 -23.26 -14.44 34.59
C MET E 191 -24.10 -15.69 34.87
N ILE E 192 -23.45 -16.85 34.73
CA ILE E 192 -24.12 -18.13 34.99
C ILE E 192 -24.61 -18.19 36.43
N TYR E 193 -25.79 -18.76 36.62
CA TYR E 193 -26.36 -18.89 37.94
C TYR E 193 -25.50 -19.78 38.83
N THR E 194 -25.83 -19.80 40.11
CA THR E 194 -25.13 -20.63 41.07
C THR E 194 -26.14 -21.37 41.92
N PHE E 195 -25.90 -22.66 42.13
CA PHE E 195 -26.67 -23.46 43.07
C PHE E 195 -25.83 -24.66 43.49
N ARG E 196 -24.94 -24.47 44.45
CA ARG E 196 -23.90 -25.45 44.71
C ARG E 196 -23.41 -25.33 46.15
N ASP E 197 -22.40 -26.14 46.46
CA ASP E 197 -21.64 -26.12 47.70
C ASP E 197 -22.50 -26.45 48.92
N PRO E 198 -23.05 -27.66 49.01
CA PRO E 198 -23.90 -28.00 50.16
C PRO E 198 -23.08 -28.29 51.40
N TRP E 199 -23.41 -27.60 52.50
CA TRP E 199 -22.72 -27.74 53.77
C TRP E 199 -23.74 -28.13 54.84
N PHE E 200 -23.58 -29.32 55.41
CA PHE E 200 -24.47 -29.79 56.47
C PHE E 200 -24.19 -29.03 57.76
N PHE E 201 -25.24 -28.75 58.53
CA PHE E 201 -25.08 -28.01 59.77
C PHE E 201 -26.22 -28.33 60.72
N GLU E 202 -25.91 -28.94 61.86
CA GLU E 202 -26.88 -29.09 62.94
C GLU E 202 -26.73 -27.93 63.91
N ASP E 203 -27.84 -27.22 64.14
CA ASP E 203 -27.86 -26.09 65.07
C ASP E 203 -27.71 -26.60 66.49
N PRO E 204 -26.64 -26.22 67.21
CA PRO E 204 -26.46 -26.75 68.58
C PRO E 204 -27.49 -26.23 69.58
N ARG E 205 -28.29 -25.22 69.22
CA ARG E 205 -29.30 -24.67 70.12
C ARG E 205 -30.66 -25.35 69.97
N SER E 206 -31.29 -25.21 68.80
CA SER E 206 -32.60 -25.81 68.58
C SER E 206 -32.51 -27.32 68.41
N GLY E 207 -31.36 -27.83 67.94
CA GLY E 207 -31.22 -29.22 67.55
C GLY E 207 -31.66 -29.55 66.15
N LYS E 208 -32.32 -28.63 65.44
CA LYS E 208 -32.78 -28.89 64.09
C LYS E 208 -31.59 -29.00 63.12
N THR E 209 -31.85 -29.70 62.01
CA THR E 209 -30.84 -30.03 61.01
C THR E 209 -31.04 -29.21 59.74
N TYR E 210 -30.00 -28.52 59.28
CA TYR E 210 -30.06 -27.67 58.11
C TYR E 210 -28.96 -28.04 57.12
N LEU E 211 -29.13 -27.56 55.90
CA LEU E 211 -28.16 -27.71 54.82
C LEU E 211 -28.03 -26.36 54.13
N LEU E 212 -26.88 -25.71 54.27
CA LEU E 212 -26.62 -24.43 53.63
C LEU E 212 -26.07 -24.64 52.22
N PHE E 213 -26.26 -23.63 51.37
CA PHE E 213 -25.74 -23.70 50.01
C PHE E 213 -25.66 -22.29 49.43
N GLU E 214 -24.93 -22.16 48.33
CA GLU E 214 -24.82 -20.90 47.62
C GLU E 214 -25.80 -20.89 46.46
N ALA E 215 -26.62 -19.84 46.37
CA ALA E 215 -27.60 -19.73 45.30
C ALA E 215 -27.68 -18.28 44.83
N ASN E 216 -28.58 -18.02 43.89
CA ASN E 216 -28.95 -16.67 43.50
C ASN E 216 -30.44 -16.46 43.77
N THR E 217 -30.81 -15.22 44.08
CA THR E 217 -32.23 -14.91 44.33
C THR E 217 -32.81 -14.23 43.11
N PRO E 218 -33.87 -14.77 42.53
CA PRO E 218 -34.41 -14.21 41.27
C PRO E 218 -34.92 -12.80 41.47
N ILE E 219 -34.55 -11.93 40.55
CA ILE E 219 -34.98 -10.53 40.57
C ILE E 219 -35.66 -10.25 39.24
N PRO E 220 -36.91 -9.80 39.23
CA PRO E 220 -37.56 -9.48 37.95
C PRO E 220 -36.78 -8.38 37.26
N GLU E 221 -36.84 -8.36 35.93
CA GLU E 221 -36.07 -7.39 35.18
C GLU E 221 -36.58 -5.98 35.37
N GLY E 222 -37.88 -5.80 35.55
CA GLY E 222 -38.45 -4.48 35.73
C GLY E 222 -38.75 -4.14 37.17
N ALA E 223 -38.17 -4.91 38.10
CA ALA E 223 -38.50 -4.75 39.52
C ALA E 223 -38.04 -3.40 40.07
N GLY E 224 -37.02 -2.79 39.48
CA GLY E 224 -36.52 -1.55 40.04
C GLY E 224 -35.87 -1.70 41.41
N ALA E 225 -35.54 -2.92 41.82
CA ALA E 225 -35.01 -3.17 43.17
C ALA E 225 -33.66 -2.54 43.47
N CYS E 226 -32.91 -2.05 42.48
CA CYS E 226 -31.62 -1.44 42.73
C CYS E 226 -31.57 -0.12 41.95
N GLY E 227 -30.66 0.78 42.33
CA GLY E 227 -30.51 2.08 41.66
C GLY E 227 -29.96 2.02 40.24
N ASP E 228 -29.66 0.83 39.72
CA ASP E 228 -29.17 0.67 38.35
C ASP E 228 -29.62 -0.70 37.87
N PRO E 229 -30.20 -0.80 36.66
CA PRO E 229 -30.62 -2.12 36.15
C PRO E 229 -29.52 -3.18 36.11
N VAL E 230 -28.28 -2.80 35.76
CA VAL E 230 -27.20 -3.78 35.66
C VAL E 230 -26.87 -4.38 37.03
N TRP E 231 -26.95 -3.56 38.10
CA TRP E 231 -26.59 -4.04 39.43
C TRP E 231 -27.44 -5.24 39.84
N GLU E 232 -28.68 -5.31 39.38
CA GLU E 232 -29.55 -6.42 39.73
C GLU E 232 -29.10 -7.75 39.16
N GLU E 233 -28.15 -7.76 38.23
CA GLU E 233 -27.61 -9.01 37.70
C GLU E 233 -26.76 -9.74 38.74
N PHE E 234 -26.28 -9.02 39.76
CA PHE E 234 -25.48 -9.58 40.85
C PHE E 234 -26.43 -9.86 42.00
N ASN E 235 -26.85 -11.12 42.13
CA ASN E 235 -27.92 -11.50 43.04
C ASN E 235 -27.52 -12.69 43.89
N GLY E 236 -26.25 -12.73 44.31
CA GLY E 236 -25.78 -13.85 45.11
C GLY E 236 -26.45 -13.88 46.48
N SER E 237 -26.66 -15.10 46.98
CA SER E 237 -27.31 -15.29 48.26
C SER E 237 -26.87 -16.61 48.88
N VAL E 238 -27.03 -16.69 50.20
CA VAL E 238 -26.75 -17.91 50.97
C VAL E 238 -28.09 -18.53 51.28
N GLY E 239 -28.44 -19.59 50.56
CA GLY E 239 -29.67 -20.29 50.81
C GLY E 239 -29.52 -21.38 51.84
N ILE E 240 -30.64 -21.80 52.41
CA ILE E 240 -30.63 -22.81 53.44
C ILE E 240 -31.86 -23.69 53.26
N ALA E 241 -31.70 -24.97 53.56
CA ALA E 241 -32.79 -25.92 53.54
C ALA E 241 -32.85 -26.61 54.89
N HIS E 242 -34.03 -27.09 55.27
CA HIS E 242 -34.25 -27.73 56.55
C HIS E 242 -34.60 -29.20 56.35
N SER E 243 -34.29 -30.02 57.35
CA SER E 243 -34.68 -31.43 57.35
C SER E 243 -35.59 -31.71 58.53
N PRO E 244 -36.89 -31.94 58.32
CA PRO E 244 -37.80 -32.13 59.47
C PRO E 244 -37.49 -33.34 60.33
N THR E 245 -37.23 -34.51 59.70
CA THR E 245 -36.91 -35.70 60.46
C THR E 245 -35.47 -35.74 60.95
N GLY E 246 -34.56 -35.03 60.30
CA GLY E 246 -33.16 -35.09 60.62
C GLY E 246 -32.36 -36.04 59.73
N ASP E 247 -33.05 -36.88 58.96
CA ASP E 247 -32.40 -37.71 57.97
C ASP E 247 -31.56 -36.85 57.03
N PRO E 248 -30.28 -37.13 56.87
CA PRO E 248 -29.43 -36.27 56.02
C PRO E 248 -29.80 -36.28 54.53
N THR E 249 -30.91 -36.92 54.15
CA THR E 249 -31.29 -37.02 52.74
C THR E 249 -32.67 -36.45 52.41
N ASP E 250 -33.45 -35.96 53.38
CA ASP E 250 -34.77 -35.37 53.14
C ASP E 250 -34.75 -33.89 53.51
N TRP E 251 -34.89 -33.03 52.50
CA TRP E 251 -34.74 -31.59 52.68
C TRP E 251 -35.92 -30.82 52.09
N GLU E 252 -36.23 -29.68 52.71
CA GLU E 252 -37.22 -28.74 52.21
C GLU E 252 -36.56 -27.37 52.13
N LEU E 253 -36.73 -26.67 51.01
CA LEU E 253 -36.14 -25.35 50.86
C LEU E 253 -36.75 -24.36 51.84
N CYS E 254 -35.92 -23.44 52.35
CA CYS E 254 -36.34 -22.33 53.18
C CYS E 254 -35.88 -21.01 52.55
N ASP E 255 -36.24 -19.90 53.19
CA ASP E 255 -35.80 -18.59 52.77
C ASP E 255 -34.31 -18.41 53.03
N PRO E 256 -33.62 -17.62 52.20
CA PRO E 256 -32.16 -17.51 52.32
C PRO E 256 -31.75 -16.79 53.59
N LEU E 257 -30.57 -17.15 54.09
CA LEU E 257 -30.05 -16.55 55.30
C LEU E 257 -29.57 -15.13 55.04
N LEU E 258 -29.02 -14.89 53.86
CA LEU E 258 -28.35 -13.64 53.52
C LEU E 258 -28.31 -13.52 52.00
N GLU E 259 -28.45 -12.30 51.50
CA GLU E 259 -28.40 -12.02 50.08
C GLU E 259 -27.52 -10.81 49.82
N GLY E 260 -26.74 -10.85 48.74
CA GLY E 260 -25.84 -9.76 48.38
C GLY E 260 -26.28 -8.99 47.14
N ILE E 261 -27.57 -8.64 47.11
CA ILE E 261 -28.14 -7.99 45.93
C ILE E 261 -27.46 -6.66 45.66
N CYS E 262 -27.03 -6.49 44.41
CA CYS E 262 -26.35 -5.30 43.88
C CYS E 262 -24.95 -5.15 44.45
N VAL E 263 -24.37 -6.20 45.06
CA VAL E 263 -23.00 -6.22 45.58
C VAL E 263 -22.17 -7.34 44.98
N ASN E 264 -22.66 -8.58 45.03
CA ASN E 264 -21.84 -9.70 44.56
C ASN E 264 -22.71 -10.79 43.95
N GLN E 265 -22.12 -11.51 42.98
CA GLN E 265 -22.79 -12.61 42.29
C GLN E 265 -22.53 -13.96 42.95
N GLU E 266 -21.33 -14.18 43.48
CA GLU E 266 -20.92 -15.47 44.02
C GLU E 266 -20.53 -15.33 45.49
N LEU E 267 -21.36 -15.90 46.37
CA LEU E 267 -21.03 -16.07 47.78
C LEU E 267 -20.62 -17.54 47.98
N GLU E 268 -19.38 -17.84 47.59
CA GLU E 268 -18.92 -19.22 47.48
C GLU E 268 -18.68 -19.87 48.84
N ARG E 269 -18.92 -21.20 48.88
CA ARG E 269 -18.74 -22.09 50.03
C ARG E 269 -19.17 -21.45 51.34
N PRO E 270 -20.47 -21.30 51.60
CA PRO E 270 -20.90 -20.72 52.86
C PRO E 270 -20.90 -21.77 53.97
N HIS E 271 -20.60 -21.30 55.18
CA HIS E 271 -20.62 -22.18 56.34
C HIS E 271 -20.76 -21.33 57.60
N VAL E 272 -21.15 -22.00 58.69
CA VAL E 272 -21.39 -21.32 59.95
C VAL E 272 -20.47 -21.91 61.01
N VAL E 273 -19.86 -21.02 61.79
CA VAL E 273 -19.18 -21.38 63.03
C VAL E 273 -19.97 -20.78 64.17
N VAL E 274 -20.35 -21.60 65.13
CA VAL E 274 -21.03 -21.12 66.33
C VAL E 274 -19.97 -20.94 67.40
N ARG E 275 -19.93 -19.74 67.97
CA ARG E 275 -18.98 -19.35 69.02
C ARG E 275 -19.79 -18.60 70.05
N ASN E 276 -19.42 -18.69 71.31
CA ASN E 276 -20.29 -19.13 72.40
C ASN E 276 -21.79 -18.97 72.14
N GLY E 277 -22.29 -17.76 71.99
CA GLY E 277 -23.70 -17.59 71.69
C GLY E 277 -24.07 -16.96 70.37
N PHE E 278 -23.08 -16.75 69.50
CA PHE E 278 -23.19 -16.04 68.24
C PHE E 278 -22.85 -16.94 67.04
N TYR E 279 -23.56 -16.71 65.95
CA TYR E 279 -23.45 -17.49 64.73
C TYR E 279 -22.69 -16.64 63.71
N TYR E 280 -21.54 -17.13 63.29
CA TYR E 280 -20.71 -16.46 62.29
C TYR E 280 -20.85 -17.19 60.97
N LEU E 281 -21.38 -16.48 59.97
CA LEU E 281 -21.56 -17.00 58.62
C LEU E 281 -20.42 -16.51 57.75
N PHE E 282 -19.68 -17.44 57.14
CA PHE E 282 -18.54 -17.12 56.29
C PHE E 282 -18.82 -17.55 54.86
N VAL E 283 -18.38 -16.72 53.92
CA VAL E 283 -18.46 -16.99 52.50
C VAL E 283 -17.20 -16.45 51.84
N SER E 284 -16.63 -17.23 50.92
CA SER E 284 -15.53 -16.76 50.09
C SER E 284 -16.10 -16.09 48.84
N SER E 285 -15.37 -15.09 48.33
CA SER E 285 -15.85 -14.37 47.15
C SER E 285 -14.67 -13.82 46.36
N HIS E 286 -14.90 -13.67 45.05
CA HIS E 286 -13.91 -13.19 44.10
C HIS E 286 -13.97 -11.68 43.94
N ASP E 287 -12.91 -11.13 43.34
CA ASP E 287 -12.87 -9.71 43.05
C ASP E 287 -13.68 -9.37 41.80
N HIS E 288 -13.68 -10.26 40.82
CA HIS E 288 -14.37 -10.02 39.55
C HIS E 288 -15.86 -10.28 39.63
N THR E 289 -16.38 -10.80 40.73
CA THR E 289 -17.81 -11.03 40.86
C THR E 289 -18.52 -9.92 41.61
N PHE E 290 -17.83 -8.83 41.92
CA PHE E 290 -18.46 -7.69 42.55
C PHE E 290 -19.16 -6.82 41.52
N ALA E 291 -20.30 -6.25 41.90
CA ALA E 291 -21.05 -5.36 41.03
C ALA E 291 -20.22 -4.10 40.73
N PRO E 292 -20.48 -3.43 39.61
CA PRO E 292 -19.73 -2.22 39.27
C PRO E 292 -19.91 -1.13 40.32
N GLY E 293 -18.87 -0.31 40.48
CA GLY E 293 -18.85 0.71 41.51
C GLY E 293 -18.29 0.25 42.84
N LEU E 294 -18.01 -1.04 43.00
CA LEU E 294 -17.47 -1.61 44.23
C LEU E 294 -16.11 -2.23 43.95
N GLU E 295 -15.21 -2.08 44.92
CA GLU E 295 -13.83 -2.57 44.84
C GLU E 295 -13.59 -3.55 45.99
N GLY E 296 -13.60 -4.85 45.70
CA GLY E 296 -13.30 -5.84 46.70
C GLY E 296 -12.32 -6.89 46.21
N PRO E 297 -11.46 -7.38 47.10
CA PRO E 297 -10.48 -8.40 46.71
C PRO E 297 -11.01 -9.81 46.91
N ASP E 298 -10.35 -10.75 46.23
CA ASP E 298 -10.50 -12.18 46.53
C ASP E 298 -10.31 -12.41 48.02
N GLY E 299 -11.34 -12.91 48.70
CA GLY E 299 -11.18 -13.04 50.13
C GLY E 299 -12.32 -13.78 50.80
N LEU E 300 -12.14 -13.99 52.10
CA LEU E 300 -13.16 -14.54 52.98
C LEU E 300 -13.90 -13.40 53.68
N TYR E 301 -15.22 -13.31 53.43
CA TYR E 301 -16.12 -12.32 54.01
C TYR E 301 -17.02 -13.01 55.03
N GLY E 302 -17.38 -12.27 56.09
CA GLY E 302 -18.05 -12.87 57.23
C GLY E 302 -19.08 -11.94 57.83
N PHE E 303 -20.09 -12.55 58.46
CA PHE E 303 -21.20 -11.85 59.09
C PHE E 303 -21.54 -12.55 60.39
N VAL E 304 -22.23 -11.85 61.30
CA VAL E 304 -22.52 -12.42 62.62
C VAL E 304 -23.93 -12.05 63.05
N ALA E 305 -24.62 -13.01 63.68
CA ALA E 305 -25.92 -12.74 64.29
C ALA E 305 -26.08 -13.59 65.54
N ASP E 306 -27.17 -13.37 66.28
CA ASP E 306 -27.42 -14.10 67.52
C ASP E 306 -28.25 -15.35 67.30
N SER E 307 -28.62 -15.64 66.05
CA SER E 307 -29.34 -16.86 65.73
C SER E 307 -28.93 -17.29 64.33
N LEU E 308 -29.20 -18.57 64.01
CA LEU E 308 -28.83 -19.09 62.69
C LEU E 308 -29.58 -18.36 61.59
N ARG E 309 -30.85 -18.06 61.83
CA ARG E 309 -31.71 -17.37 60.87
C ARG E 309 -31.98 -15.93 61.31
N GLY E 310 -31.01 -15.32 62.00
CA GLY E 310 -31.14 -13.98 62.51
C GLY E 310 -30.71 -12.88 61.55
N GLU E 311 -30.74 -11.65 62.07
CA GLU E 311 -30.39 -10.45 61.32
C GLU E 311 -28.86 -10.35 61.23
N TYR E 312 -28.30 -10.95 60.18
CA TYR E 312 -26.86 -10.91 59.95
C TYR E 312 -26.38 -9.49 59.66
N ARG E 313 -25.24 -9.14 60.26
CA ARG E 313 -24.52 -7.89 60.00
C ARG E 313 -23.05 -8.17 59.75
N PRO E 314 -22.42 -7.41 58.85
CA PRO E 314 -21.07 -7.77 58.40
C PRO E 314 -20.03 -7.56 59.47
N LEU E 315 -19.05 -8.47 59.50
CA LEU E 315 -17.88 -8.33 60.35
C LEU E 315 -16.99 -7.18 59.87
N ASN E 316 -16.38 -6.48 60.83
CA ASN E 316 -15.43 -5.40 60.58
C ASN E 316 -16.05 -4.27 59.79
N GLY E 317 -17.37 -4.16 59.80
CA GLY E 317 -18.06 -3.10 59.07
C GLY E 317 -18.30 -3.33 57.59
N SER E 318 -17.26 -3.77 56.87
CA SER E 318 -17.37 -4.02 55.43
C SER E 318 -17.80 -5.45 55.13
N GLY E 319 -17.38 -6.39 55.95
CA GLY E 319 -17.57 -7.80 55.70
C GLY E 319 -16.27 -8.54 55.50
N LEU E 320 -15.21 -7.86 55.11
CA LEU E 320 -13.95 -8.52 54.83
C LEU E 320 -13.32 -9.03 56.13
N VAL E 321 -13.13 -10.34 56.22
CA VAL E 321 -12.46 -10.96 57.36
C VAL E 321 -11.01 -11.29 57.04
N LEU E 322 -10.74 -11.79 55.85
CA LEU E 322 -9.42 -12.30 55.53
C LEU E 322 -9.17 -12.14 54.03
N THR E 323 -7.97 -11.71 53.67
CA THR E 323 -7.65 -11.47 52.26
C THR E 323 -6.15 -11.60 52.04
N ASN E 324 -5.78 -11.73 50.75
CA ASN E 324 -4.40 -11.87 50.29
C ASN E 324 -3.72 -10.51 50.10
N PRO E 325 -2.39 -10.46 50.18
CA PRO E 325 -1.69 -9.18 50.02
C PRO E 325 -1.79 -8.65 48.59
N ALA E 326 -1.61 -7.33 48.46
CA ALA E 326 -1.73 -6.68 47.17
C ALA E 326 -0.72 -7.22 46.16
N ASN E 327 0.47 -7.57 46.62
CA ASN E 327 1.53 -8.03 45.72
C ASN E 327 1.53 -9.54 45.51
N ALA E 328 0.47 -10.24 45.94
CA ALA E 328 0.26 -11.66 45.64
C ALA E 328 -1.22 -11.99 45.80
N PRO E 329 -2.10 -11.31 45.06
CA PRO E 329 -3.51 -11.22 45.48
C PRO E 329 -4.35 -12.45 45.20
N TYR E 330 -3.85 -13.44 44.45
CA TYR E 330 -4.64 -14.63 44.16
C TYR E 330 -4.02 -15.88 44.74
N GLN E 331 -3.19 -15.74 45.77
CA GLN E 331 -2.37 -16.87 46.24
C GLN E 331 -3.20 -17.92 46.96
N ALA E 332 -4.33 -17.54 47.54
CA ALA E 332 -5.15 -18.52 48.26
C ALA E 332 -6.63 -18.23 48.03
N TYR E 333 -7.44 -19.27 48.19
CA TYR E 333 -8.88 -19.13 48.00
C TYR E 333 -9.58 -20.33 48.63
N SER E 334 -10.92 -20.19 48.75
CA SER E 334 -11.81 -21.26 49.21
C SER E 334 -11.56 -21.62 50.67
N TRP E 335 -11.59 -20.61 51.52
CA TRP E 335 -11.33 -20.78 52.94
C TRP E 335 -12.53 -21.41 53.65
N VAL E 336 -12.24 -22.28 54.62
CA VAL E 336 -13.24 -22.81 55.55
C VAL E 336 -12.76 -22.54 56.97
N ALA E 337 -13.65 -22.02 57.80
CA ALA E 337 -13.33 -21.66 59.18
C ALA E 337 -13.86 -22.69 60.14
N PHE E 338 -13.11 -22.94 61.21
CA PHE E 338 -13.50 -23.90 62.21
C PHE E 338 -12.88 -23.52 63.55
N SER E 339 -13.62 -23.74 64.63
CA SER E 339 -13.15 -23.31 65.93
C SER E 339 -12.00 -24.19 66.45
N HIS E 340 -11.12 -23.59 67.26
CA HIS E 340 -10.15 -24.37 68.02
C HIS E 340 -9.87 -23.62 69.33
N ARG E 341 -10.59 -24.05 70.36
CA ARG E 341 -10.66 -23.63 71.76
C ARG E 341 -11.09 -22.19 71.96
N GLU E 342 -10.37 -21.20 71.45
CA GLU E 342 -10.70 -19.78 71.54
C GLU E 342 -10.09 -19.03 70.38
N GLU E 343 -9.55 -19.76 69.43
CA GLU E 343 -9.11 -19.23 68.18
C GLU E 343 -10.06 -19.75 67.13
N LEU E 344 -10.03 -19.10 65.97
CA LEU E 344 -10.75 -19.56 64.81
C LEU E 344 -9.69 -19.85 63.75
N LEU E 345 -9.65 -21.08 63.27
CA LEU E 345 -8.69 -21.44 62.25
C LEU E 345 -9.38 -21.39 60.89
N VAL E 346 -8.63 -20.97 59.88
CA VAL E 346 -9.17 -20.78 58.55
C VAL E 346 -8.21 -21.45 57.58
N SER E 347 -8.70 -22.45 56.86
CA SER E 347 -7.88 -23.20 55.91
C SER E 347 -8.41 -22.99 54.49
N GLY E 348 -7.57 -22.42 53.64
CA GLY E 348 -7.81 -22.36 52.22
C GLY E 348 -6.95 -23.34 51.45
N PHE E 349 -6.78 -23.08 50.15
CA PHE E 349 -5.83 -23.80 49.32
C PHE E 349 -4.94 -22.80 48.59
N PHE E 350 -3.82 -23.31 48.06
CA PHE E 350 -2.77 -22.49 47.45
C PHE E 350 -3.07 -22.32 45.97
N ASN E 351 -3.47 -21.10 45.56
CA ASN E 351 -4.06 -21.01 44.24
C ASN E 351 -3.12 -20.55 43.13
N TYR E 352 -3.09 -19.24 42.86
CA TYR E 352 -2.30 -18.68 41.77
C TYR E 352 -1.22 -17.77 42.37
N TYR E 353 0.04 -18.09 42.10
CA TYR E 353 1.13 -17.31 42.65
C TYR E 353 2.14 -16.98 41.56
N ASP E 354 3.01 -16.03 41.88
CA ASP E 354 4.11 -15.63 41.01
C ASP E 354 3.58 -15.09 39.68
N LEU E 355 2.52 -14.29 39.74
CA LEU E 355 1.94 -13.67 38.56
C LEU E 355 2.75 -12.47 38.07
N GLY E 356 3.62 -11.92 38.92
CA GLY E 356 4.38 -10.73 38.61
C GLY E 356 3.48 -9.50 38.64
N GLY E 357 2.69 -9.32 37.59
CA GLY E 357 1.74 -8.24 37.55
C GLY E 357 0.50 -8.63 36.77
N LEU E 358 0.55 -9.82 36.18
CA LEU E 358 -0.50 -10.29 35.28
C LEU E 358 -1.82 -10.50 36.01
N THR E 359 -2.90 -10.34 35.26
CA THR E 359 -4.23 -10.73 35.71
C THR E 359 -4.49 -12.20 35.38
N LEU E 360 -5.59 -12.73 35.90
CA LEU E 360 -5.82 -14.17 35.79
C LEU E 360 -6.09 -14.58 34.35
N ASP E 361 -6.89 -13.78 33.62
CA ASP E 361 -7.12 -14.09 32.22
C ASP E 361 -5.88 -13.86 31.36
N ASP E 362 -4.94 -13.02 31.83
CA ASP E 362 -3.65 -12.89 31.15
C ASP E 362 -2.85 -14.18 31.25
N VAL E 363 -3.01 -14.92 32.37
CA VAL E 363 -2.30 -16.18 32.53
C VAL E 363 -2.74 -17.19 31.49
N ALA E 364 -3.98 -17.09 31.01
CA ALA E 364 -4.47 -18.01 29.99
C ALA E 364 -3.69 -17.92 28.69
N THR E 365 -2.99 -16.80 28.45
CA THR E 365 -2.21 -16.66 27.22
C THR E 365 -0.90 -17.44 27.25
N LEU E 366 -0.32 -17.64 28.44
CA LEU E 366 1.00 -18.23 28.55
C LEU E 366 0.99 -19.70 28.11
N SER E 367 2.19 -20.23 27.81
CA SER E 367 2.33 -21.62 27.40
C SER E 367 1.87 -22.55 28.52
N PRO E 368 1.52 -23.81 28.18
CA PRO E 368 1.06 -24.75 29.24
C PRO E 368 1.95 -24.82 30.47
N ASP E 369 3.27 -24.90 30.28
CA ASP E 369 4.17 -24.97 31.43
C ASP E 369 4.18 -23.66 32.19
N GLU E 370 4.16 -22.53 31.47
CA GLU E 370 4.16 -21.23 32.12
C GLU E 370 2.90 -21.03 32.96
N GLN E 371 1.81 -21.71 32.60
CA GLN E 371 0.60 -21.70 33.42
C GLN E 371 0.73 -22.63 34.62
N ARG E 372 1.16 -23.88 34.38
CA ARG E 372 1.25 -24.85 35.47
C ARG E 372 2.22 -24.38 36.55
N ALA E 373 3.25 -23.63 36.18
CA ALA E 373 4.23 -23.16 37.16
C ALA E 373 3.65 -22.14 38.13
N LYS E 374 2.51 -21.53 37.80
CA LYS E 374 1.91 -20.48 38.61
C LYS E 374 0.67 -20.95 39.38
N PHE E 375 0.54 -22.26 39.60
CA PHE E 375 -0.60 -22.82 40.31
C PHE E 375 -0.09 -23.76 41.40
N GLY E 376 -0.51 -23.53 42.63
CA GLY E 376 -0.10 -24.39 43.73
C GLY E 376 -0.77 -25.75 43.71
N GLY E 377 -2.08 -25.75 43.97
CA GLY E 377 -2.85 -26.99 44.03
C GLY E 377 -2.63 -27.81 45.28
N THR E 378 -2.31 -27.18 46.40
CA THR E 378 -2.18 -27.85 47.70
C THR E 378 -2.87 -27.05 48.78
N LEU E 379 -2.72 -27.46 50.03
CA LEU E 379 -3.35 -26.74 51.12
C LEU E 379 -2.49 -25.54 51.53
N ALA E 380 -3.15 -24.44 51.83
CA ALA E 380 -2.47 -23.24 52.26
C ALA E 380 -2.13 -23.33 53.75
N PRO E 381 -1.12 -22.58 54.20
CA PRO E 381 -0.83 -22.53 55.64
C PRO E 381 -2.04 -22.03 56.41
N THR E 382 -2.53 -22.87 57.32
CA THR E 382 -3.75 -22.56 58.05
C THR E 382 -3.56 -21.31 58.90
N VAL E 383 -4.51 -20.38 58.79
CA VAL E 383 -4.42 -19.06 59.42
C VAL E 383 -5.16 -19.09 60.74
N ARG E 384 -4.58 -18.45 61.76
CA ARG E 384 -5.19 -18.34 63.08
C ARG E 384 -5.69 -16.92 63.27
N VAL E 385 -6.99 -16.78 63.53
CA VAL E 385 -7.63 -15.49 63.73
C VAL E 385 -8.27 -15.48 65.11
N ALA E 386 -8.57 -14.26 65.57
CA ALA E 386 -9.20 -14.01 66.85
C ALA E 386 -10.49 -13.22 66.61
N LEU E 387 -11.62 -13.84 66.93
CA LEU E 387 -12.90 -13.14 66.90
C LEU E 387 -13.10 -12.40 68.22
N SER E 388 -13.75 -11.24 68.14
CA SER E 388 -13.94 -10.42 69.34
C SER E 388 -15.33 -9.81 69.42
N GLY E 389 -16.24 -10.15 68.50
CA GLY E 389 -17.57 -9.59 68.49
C GLY E 389 -18.04 -9.59 67.06
N ASP E 390 -18.26 -8.41 66.49
CA ASP E 390 -18.36 -8.30 65.05
C ASP E 390 -17.03 -7.88 64.44
N ARG E 391 -15.92 -8.10 65.15
CA ARG E 391 -14.60 -7.67 64.71
C ARG E 391 -13.59 -8.80 64.79
N THR E 392 -12.76 -8.91 63.73
CA THR E 392 -11.74 -9.95 63.57
C THR E 392 -10.34 -9.37 63.39
N ARG E 393 -9.34 -10.23 63.58
CA ARG E 393 -7.94 -9.85 63.38
C ARG E 393 -7.09 -11.10 63.20
N ILE E 394 -6.20 -11.09 62.19
CA ILE E 394 -5.27 -12.19 61.97
C ILE E 394 -4.23 -12.20 63.08
N THR E 395 -4.04 -13.36 63.72
CA THR E 395 -3.07 -13.47 64.81
C THR E 395 -1.87 -14.36 64.49
N GLY E 396 -1.97 -15.23 63.49
CA GLY E 396 -0.80 -16.01 63.11
C GLY E 396 -1.11 -17.03 62.05
N THR E 397 -0.15 -17.93 61.82
CA THR E 397 -0.31 -19.01 60.86
C THR E 397 0.28 -20.30 61.44
N LEU E 398 -0.05 -21.41 60.81
CA LEU E 398 0.48 -22.73 61.12
C LEU E 398 1.10 -23.33 59.85
N SER E 399 1.60 -24.56 59.97
CA SER E 399 2.18 -25.24 58.82
C SER E 399 1.13 -25.44 57.74
N HIS E 400 1.61 -25.71 56.52
CA HIS E 400 0.75 -25.96 55.36
C HIS E 400 -0.30 -27.03 55.64
N GLY E 401 -1.56 -26.65 55.54
CA GLY E 401 -2.68 -27.58 55.69
C GLY E 401 -2.73 -28.32 57.00
N ARG E 402 -2.42 -27.65 58.10
CA ARG E 402 -2.53 -28.24 59.44
C ARG E 402 -3.96 -28.11 59.92
N ILE E 403 -4.65 -29.24 60.05
CA ILE E 403 -6.01 -29.28 60.57
C ILE E 403 -5.97 -29.92 61.96
N PRO E 404 -5.92 -29.14 63.04
CA PRO E 404 -5.79 -29.73 64.38
C PRO E 404 -7.12 -30.00 65.07
N LEU E 405 -7.10 -30.98 65.96
CA LEU E 405 -8.23 -31.30 66.81
C LEU E 405 -8.19 -30.40 68.05
N GLU E 406 -9.31 -30.35 68.76
CA GLU E 406 -9.31 -29.53 69.98
C GLU E 406 -8.48 -30.13 71.08
N SER E 407 -8.22 -31.45 71.02
CA SER E 407 -7.35 -32.09 72.01
C SER E 407 -5.89 -31.64 71.89
N GLU E 408 -5.51 -31.05 70.77
CA GLU E 408 -4.12 -30.70 70.49
C GLU E 408 -3.83 -29.25 70.82
N GLU E 409 -2.67 -29.00 71.40
CA GLU E 409 -2.22 -27.65 71.70
C GLU E 409 -1.39 -27.10 70.55
N LEU E 410 -1.64 -25.88 70.20
CA LEU E 410 -0.99 -25.18 69.11
C LEU E 410 0.15 -24.32 69.64
N PRO E 411 1.13 -23.98 68.78
CA PRO E 411 2.22 -23.12 69.21
C PRO E 411 1.74 -21.77 69.74
N ASP E 412 2.56 -21.16 70.58
CA ASP E 412 2.23 -19.86 71.15
C ASP E 412 2.34 -18.74 70.11
N LEU E 413 1.71 -17.62 70.41
CA LEU E 413 1.59 -16.46 69.53
C LEU E 413 2.47 -15.32 70.01
N PRO E 414 2.91 -14.44 69.10
CA PRO E 414 3.66 -13.24 69.49
C PRO E 414 2.79 -12.23 70.25
N ALA F 9 34.75 -36.77 -16.69
CA ALA F 9 35.69 -37.89 -16.69
C ALA F 9 36.98 -37.51 -15.94
N THR F 10 36.82 -36.93 -14.75
CA THR F 10 37.95 -36.37 -14.01
C THR F 10 38.91 -37.49 -13.59
N PRO F 11 40.23 -37.31 -13.77
CA PRO F 11 41.18 -38.34 -13.36
C PRO F 11 41.05 -38.65 -11.88
N ARG F 12 41.30 -39.91 -11.53
CA ARG F 12 40.98 -40.40 -10.20
C ARG F 12 42.20 -41.03 -9.53
N TRP F 13 42.51 -40.56 -8.32
CA TRP F 13 43.43 -41.24 -7.42
C TRP F 13 42.66 -42.39 -6.77
N THR F 14 42.89 -43.60 -7.25
CA THR F 14 42.05 -44.74 -6.88
C THR F 14 42.54 -45.43 -5.61
N ARG F 15 41.72 -46.35 -5.10
CA ARG F 15 42.10 -47.13 -3.93
C ARG F 15 43.19 -48.13 -4.25
N GLU F 16 43.19 -48.68 -5.47
CA GLU F 16 44.28 -49.58 -5.86
C GLU F 16 45.63 -48.89 -5.79
N HIS F 17 45.66 -47.58 -6.06
CA HIS F 17 46.89 -46.82 -5.89
C HIS F 17 47.28 -46.71 -4.41
N ALA F 18 46.37 -46.21 -3.58
CA ALA F 18 46.70 -45.99 -2.16
C ALA F 18 47.05 -47.31 -1.47
N SER F 19 46.58 -48.44 -2.00
CA SER F 19 46.92 -49.73 -1.41
C SER F 19 48.42 -49.99 -1.48
N LYS F 20 49.10 -49.39 -2.43
CA LYS F 20 50.54 -49.55 -2.61
C LYS F 20 51.36 -48.50 -1.85
N ILE F 21 50.71 -47.57 -1.12
CA ILE F 21 51.44 -46.55 -0.38
C ILE F 21 52.35 -47.21 0.65
N GLU F 22 53.61 -46.78 0.67
CA GLU F 22 54.62 -47.42 1.50
C GLU F 22 55.84 -46.51 1.58
N ARG F 23 56.36 -46.36 2.79
CA ARG F 23 57.62 -45.64 2.95
C ARG F 23 58.75 -46.45 2.34
N THR F 24 59.63 -45.77 1.62
CA THR F 24 60.83 -46.40 1.11
C THR F 24 61.94 -45.36 1.15
N ASP F 25 63.20 -45.83 1.07
CA ASP F 25 64.33 -44.91 1.16
C ASP F 25 64.32 -43.84 0.07
N GLU F 26 63.60 -44.05 -1.04
CA GLU F 26 63.57 -43.03 -2.07
C GLU F 26 62.58 -41.92 -1.74
N THR F 27 61.78 -42.08 -0.68
CA THR F 27 60.72 -41.13 -0.36
C THR F 27 60.76 -40.59 1.07
N VAL F 28 61.65 -41.07 1.93
CA VAL F 28 61.73 -40.65 3.32
C VAL F 28 62.81 -39.59 3.47
N VAL F 29 62.49 -38.49 4.15
CA VAL F 29 63.41 -37.36 4.35
C VAL F 29 64.27 -37.57 5.59
N PRO F 30 65.42 -36.91 5.70
CA PRO F 30 66.20 -37.06 6.93
C PRO F 30 65.49 -36.39 8.11
N ILE F 31 66.00 -36.71 9.30
CA ILE F 31 65.47 -36.15 10.53
C ILE F 31 65.77 -34.65 10.56
N ILE F 32 64.77 -33.87 10.96
CA ILE F 32 64.93 -32.43 11.13
C ILE F 32 65.20 -32.14 12.59
N TYR F 33 66.33 -31.46 12.87
CA TYR F 33 66.65 -30.97 14.20
C TYR F 33 66.45 -29.47 14.26
N PRO F 34 66.06 -28.92 15.41
CA PRO F 34 65.76 -27.49 15.49
C PRO F 34 66.96 -26.65 15.10
N PRO F 35 66.75 -25.55 14.38
CA PRO F 35 67.87 -24.66 14.04
C PRO F 35 68.25 -23.84 15.26
N ARG F 36 69.44 -23.26 15.20
CA ARG F 36 70.00 -22.62 16.40
C ARG F 36 69.33 -21.29 16.74
N GLU F 37 68.93 -20.51 15.73
CA GLU F 37 68.20 -19.27 15.98
C GLU F 37 67.02 -19.15 15.01
N ASP F 38 66.09 -18.28 15.36
CA ASP F 38 64.82 -18.10 14.65
C ASP F 38 64.74 -16.67 14.10
N ALA F 39 64.13 -16.54 12.92
CA ALA F 39 63.95 -15.23 12.30
C ALA F 39 63.04 -14.34 13.13
N ALA F 40 62.14 -14.93 13.92
CA ALA F 40 61.27 -14.21 14.85
C ALA F 40 60.84 -15.17 15.95
N PRO F 41 61.52 -15.16 17.10
CA PRO F 41 61.26 -16.19 18.13
C PRO F 41 59.87 -16.12 18.77
N GLU F 42 59.20 -14.98 18.75
CA GLU F 42 57.94 -14.84 19.46
C GLU F 42 56.72 -15.23 18.62
N ILE F 43 56.92 -15.61 17.36
CA ILE F 43 55.82 -15.97 16.48
C ILE F 43 56.14 -17.32 15.87
N ASN F 44 55.10 -18.13 15.68
CA ASN F 44 55.21 -19.39 14.96
C ASN F 44 54.69 -19.20 13.55
N GLY F 45 55.37 -19.79 12.59
CA GLY F 45 54.95 -19.70 11.20
C GLY F 45 54.82 -21.08 10.57
N TRP F 46 53.81 -21.22 9.71
CA TRP F 46 53.62 -22.45 8.96
C TRP F 46 52.97 -22.10 7.63
N ASP F 47 52.63 -23.12 6.85
CA ASP F 47 51.91 -22.96 5.58
C ASP F 47 52.42 -21.77 4.78
N THR F 48 53.61 -21.89 4.22
CA THR F 48 54.30 -20.78 3.59
C THR F 48 54.24 -20.90 2.07
N TRP F 49 54.27 -19.74 1.39
CA TRP F 49 54.24 -19.68 -0.07
C TRP F 49 55.13 -18.55 -0.57
N PHE F 50 55.51 -18.61 -1.84
CA PHE F 50 56.46 -17.66 -2.42
C PHE F 50 55.77 -16.56 -3.20
N LEU F 51 56.37 -15.38 -3.20
CA LEU F 51 56.01 -14.32 -4.12
C LEU F 51 56.59 -14.65 -5.49
N ARG F 52 55.72 -14.96 -6.43
CA ARG F 52 56.12 -15.37 -7.77
C ARG F 52 55.71 -14.32 -8.78
N GLU F 53 56.45 -14.26 -9.89
CA GLU F 53 56.02 -13.53 -11.08
C GLU F 53 54.88 -14.29 -11.75
N ARG F 54 54.33 -13.71 -12.81
CA ARG F 54 53.20 -14.34 -13.49
C ARG F 54 53.57 -15.69 -14.10
N ASP F 55 54.78 -15.78 -14.68
CA ASP F 55 55.19 -17.05 -15.30
C ASP F 55 55.40 -18.15 -14.28
N GLY F 56 55.73 -17.79 -13.04
CA GLY F 56 55.86 -18.77 -11.98
C GLY F 56 57.17 -18.73 -11.23
N SER F 57 58.18 -18.11 -11.83
CA SER F 57 59.48 -17.99 -11.16
C SER F 57 59.36 -17.19 -9.88
N ILE F 58 60.26 -17.46 -8.92
CA ILE F 58 60.30 -16.68 -7.69
C ILE F 58 60.64 -15.23 -8.04
N ALA F 59 59.77 -14.31 -7.66
CA ALA F 59 59.98 -12.91 -7.97
C ALA F 59 61.16 -12.34 -7.18
N THR F 60 61.91 -11.45 -7.82
CA THR F 60 62.98 -10.71 -7.16
C THR F 60 62.73 -9.22 -7.34
N VAL F 61 62.70 -8.48 -6.24
CA VAL F 61 62.51 -7.03 -6.26
C VAL F 61 63.74 -6.38 -5.64
N GLY F 62 64.50 -5.66 -6.46
CA GLY F 62 65.73 -5.05 -5.97
C GLY F 62 66.65 -6.02 -5.27
N GLY F 63 66.73 -7.25 -5.76
CA GLY F 63 67.62 -8.23 -5.18
C GLY F 63 67.03 -9.03 -4.05
N TRP F 64 65.75 -8.82 -3.72
CA TRP F 64 65.11 -9.44 -2.58
C TRP F 64 64.07 -10.45 -3.03
N ARG F 65 64.01 -11.58 -2.33
CA ARG F 65 62.91 -12.51 -2.39
C ARG F 65 61.92 -12.21 -1.28
N VAL F 66 60.64 -12.47 -1.55
CA VAL F 66 59.58 -12.31 -0.58
C VAL F 66 58.86 -13.64 -0.43
N ILE F 67 58.53 -14.01 0.81
CA ILE F 67 57.73 -15.18 1.10
C ILE F 67 56.67 -14.79 2.11
N PHE F 68 55.62 -15.60 2.18
CA PHE F 68 54.48 -15.34 3.05
C PHE F 68 54.22 -16.57 3.91
N SER F 69 53.87 -16.34 5.17
CA SER F 69 53.56 -17.42 6.10
C SER F 69 52.32 -17.08 6.91
N LEU F 70 51.55 -18.13 7.20
CA LEU F 70 50.57 -18.06 8.28
C LEU F 70 51.32 -17.99 9.60
N THR F 71 50.85 -17.13 10.51
CA THR F 71 51.54 -16.93 11.77
C THR F 71 50.54 -16.79 12.91
N ALA F 72 51.00 -17.18 14.09
CA ALA F 72 50.31 -17.00 15.36
C ALA F 72 51.36 -16.76 16.43
N PRO F 73 51.00 -16.09 17.52
CA PRO F 73 51.98 -15.89 18.60
C PRO F 73 52.45 -17.22 19.18
N ALA F 74 53.75 -17.28 19.50
CA ALA F 74 54.36 -18.51 20.01
C ALA F 74 53.85 -18.90 21.39
N ASP F 75 53.39 -17.94 22.19
CA ASP F 75 52.82 -18.26 23.50
C ASP F 75 51.58 -19.14 23.38
N LEU F 76 50.93 -19.14 22.21
CA LEU F 76 49.67 -19.81 22.00
C LEU F 76 49.87 -21.31 21.85
N LEU F 77 48.84 -22.07 22.19
CA LEU F 77 48.89 -23.53 22.02
C LEU F 77 48.95 -23.87 20.53
N PRO F 78 49.72 -24.89 20.15
CA PRO F 78 49.81 -25.24 18.71
C PRO F 78 48.45 -25.58 18.12
N GLY F 79 47.71 -26.47 18.78
CA GLY F 79 46.42 -26.91 18.27
C GLY F 79 45.48 -25.77 17.90
N LYS F 80 45.63 -24.61 18.56
CA LYS F 80 44.69 -23.52 18.35
C LYS F 80 45.21 -22.45 17.39
N ARG F 81 46.43 -22.61 16.87
CA ARG F 81 47.01 -21.58 16.02
C ARG F 81 46.18 -21.33 14.76
N HIS F 82 45.38 -22.32 14.34
CA HIS F 82 44.54 -22.18 13.15
C HIS F 82 43.37 -21.22 13.34
N ASP F 83 43.04 -20.86 14.59
CA ASP F 83 41.91 -19.95 14.83
C ASP F 83 42.29 -18.48 14.74
N VAL F 84 43.58 -18.15 14.83
CA VAL F 84 44.01 -16.75 14.83
C VAL F 84 45.15 -16.53 13.83
N ALA F 85 45.22 -17.37 12.80
CA ALA F 85 46.32 -17.26 11.85
C ALA F 85 46.23 -15.96 11.04
N GLU F 86 47.34 -15.24 10.96
CA GLU F 86 47.44 -14.02 10.17
C GLU F 86 48.61 -14.12 9.22
N ILE F 87 48.50 -13.51 8.05
CA ILE F 87 49.51 -13.63 7.01
C ILE F 87 50.57 -12.56 7.23
N ARG F 88 51.82 -13.00 7.40
CA ARG F 88 52.96 -12.11 7.47
C ARG F 88 53.86 -12.38 6.26
N TYR F 89 54.72 -11.41 5.94
CA TYR F 89 55.67 -11.57 4.86
C TYR F 89 57.08 -11.38 5.39
N PHE F 90 58.02 -12.10 4.77
CA PHE F 90 59.43 -12.04 5.08
C PHE F 90 60.20 -11.82 3.78
N TYR F 91 61.36 -11.19 3.89
CA TYR F 91 62.19 -10.92 2.72
C TYR F 91 63.62 -11.35 3.03
N SER F 92 64.37 -11.63 1.97
CA SER F 92 65.75 -12.06 2.14
C SER F 92 66.55 -11.74 0.89
N ARG F 93 67.84 -11.46 1.09
CA ARG F 93 68.75 -11.19 -0.01
C ARG F 93 69.45 -12.45 -0.52
N ASP F 94 69.74 -13.43 0.35
CA ASP F 94 70.47 -14.64 -0.02
C ASP F 94 69.57 -15.86 -0.22
N GLY F 95 68.62 -16.09 0.68
CA GLY F 95 67.78 -17.26 0.55
C GLY F 95 67.77 -18.08 1.81
N GLU F 96 68.63 -17.71 2.76
CA GLU F 96 68.76 -18.37 4.05
C GLU F 96 68.33 -17.46 5.21
N THR F 97 68.85 -16.23 5.24
CA THR F 97 68.64 -15.29 6.33
C THR F 97 67.42 -14.42 6.03
N TRP F 98 66.30 -14.72 6.69
CA TRP F 98 65.02 -14.03 6.47
C TRP F 98 64.78 -12.96 7.52
N PHE F 99 64.26 -11.81 7.07
CA PHE F 99 63.90 -10.71 7.96
C PHE F 99 62.38 -10.65 8.11
N ASP F 100 61.93 -10.47 9.35
CA ASP F 100 60.49 -10.34 9.60
C ASP F 100 60.02 -8.99 9.07
N GLY F 101 58.93 -9.00 8.30
CA GLY F 101 58.41 -7.79 7.70
C GLY F 101 57.09 -7.34 8.26
N GLY F 102 56.56 -8.06 9.25
CA GLY F 102 55.32 -7.71 9.87
C GLY F 102 54.11 -8.22 9.10
N PRO F 103 52.92 -7.98 9.63
CA PRO F 103 51.71 -8.39 8.92
C PRO F 103 51.60 -7.68 7.58
N VAL F 104 51.02 -8.39 6.61
CA VAL F 104 50.87 -7.82 5.28
C VAL F 104 49.63 -6.93 5.20
N PHE F 105 48.57 -7.21 5.96
CA PHE F 105 47.31 -6.49 5.84
C PHE F 105 47.00 -5.65 7.08
N GLU F 106 46.63 -4.38 6.86
CA GLU F 106 46.17 -3.49 7.92
C GLU F 106 44.64 -3.44 7.96
N GLY F 107 44.05 -4.58 8.28
CA GLY F 107 42.62 -4.71 8.42
C GLY F 107 41.93 -4.93 7.09
N GLY F 108 40.63 -4.62 7.07
CA GLY F 108 39.76 -4.90 5.93
C GLY F 108 39.82 -6.32 5.36
N THR F 109 40.44 -7.25 6.08
CA THR F 109 40.58 -8.61 5.61
C THR F 109 39.26 -9.35 5.66
N ARG F 110 39.04 -10.22 4.69
CA ARG F 110 37.87 -11.08 4.72
C ARG F 110 38.09 -12.24 5.66
N GLY F 111 37.05 -12.59 6.43
CA GLY F 111 37.07 -13.76 7.27
C GLY F 111 37.53 -13.47 8.70
N SER F 112 37.09 -14.35 9.61
CA SER F 112 37.59 -14.30 10.99
C SER F 112 39.09 -14.51 11.04
N ARG F 113 39.63 -15.36 10.17
CA ARG F 113 41.08 -15.47 10.05
C ARG F 113 41.42 -15.88 8.62
N GLN F 114 42.72 -15.86 8.32
CA GLN F 114 43.20 -16.17 6.98
C GLN F 114 44.04 -17.44 6.99
N TRP F 115 43.82 -18.29 5.99
CA TRP F 115 44.59 -19.49 5.73
C TRP F 115 45.30 -19.37 4.38
N ALA F 116 46.14 -20.38 4.12
CA ALA F 116 47.17 -20.32 3.09
C ALA F 116 46.61 -19.98 1.71
N GLY F 117 47.49 -19.42 0.87
CA GLY F 117 47.18 -19.07 -0.50
C GLY F 117 48.39 -19.03 -1.42
N SER F 118 48.59 -17.91 -2.11
CA SER F 118 49.68 -17.71 -3.04
C SER F 118 49.83 -16.21 -3.28
N ALA F 119 50.89 -15.83 -3.98
CA ALA F 119 51.20 -14.41 -4.17
C ALA F 119 51.68 -14.17 -5.59
N LEU F 120 51.17 -13.09 -6.20
CA LEU F 120 51.50 -12.74 -7.57
C LEU F 120 51.95 -11.29 -7.64
N LEU F 121 53.16 -11.07 -8.12
CA LEU F 121 53.63 -9.74 -8.51
C LEU F 121 53.47 -9.64 -10.02
N ASP F 122 52.39 -8.97 -10.44
CA ASP F 122 52.01 -8.94 -11.84
C ASP F 122 53.00 -8.13 -12.67
N ASP F 123 52.83 -8.19 -13.99
CA ASP F 123 53.70 -7.42 -14.89
C ASP F 123 53.49 -5.93 -14.68
N ASP F 124 52.27 -5.52 -14.33
CA ASP F 124 51.92 -4.12 -14.09
C ASP F 124 52.55 -3.57 -12.82
N GLY F 125 53.11 -4.42 -11.98
CA GLY F 125 53.66 -4.01 -10.71
C GLY F 125 52.67 -4.11 -9.56
N ARG F 126 51.41 -4.39 -9.87
CA ARG F 126 50.40 -4.56 -8.84
C ARG F 126 50.59 -5.89 -8.13
N LEU F 127 50.42 -5.88 -6.82
CA LEU F 127 50.55 -7.07 -5.98
C LEU F 127 49.17 -7.64 -5.69
N TYR F 128 49.03 -8.95 -5.90
CA TYR F 128 47.83 -9.70 -5.54
C TYR F 128 48.23 -10.78 -4.55
N VAL F 129 47.57 -10.82 -3.40
CA VAL F 129 47.85 -11.82 -2.38
C VAL F 129 46.60 -12.68 -2.22
N PHE F 130 46.61 -13.86 -2.84
CA PHE F 130 45.50 -14.79 -2.69
C PHE F 130 45.62 -15.51 -1.35
N TYR F 131 44.50 -15.57 -0.62
CA TYR F 131 44.42 -16.23 0.68
C TYR F 131 43.03 -16.80 0.82
N THR F 132 42.81 -17.58 1.88
CA THR F 132 41.48 -18.10 2.21
C THR F 132 40.92 -17.40 3.43
N ALA F 133 39.69 -16.94 3.32
CA ALA F 133 39.02 -16.28 4.43
C ALA F 133 38.20 -17.32 5.17
N SER F 134 38.75 -17.82 6.27
CA SER F 134 38.03 -18.78 7.08
C SER F 134 37.16 -18.05 8.09
N GLY F 135 35.86 -18.37 8.06
CA GLY F 135 34.87 -17.71 8.90
C GLY F 135 34.42 -16.41 8.27
N ARG F 136 33.80 -15.57 9.09
CA ARG F 136 33.41 -14.24 8.66
C ARG F 136 33.90 -13.23 9.69
N ALA F 137 34.24 -12.03 9.22
CA ALA F 137 34.83 -11.01 10.09
C ALA F 137 33.93 -10.75 11.29
N GLY F 138 34.51 -10.80 12.48
CA GLY F 138 33.77 -10.49 13.70
C GLY F 138 32.64 -11.43 14.04
N GLU F 139 32.88 -12.75 13.95
CA GLU F 139 31.89 -13.74 14.33
C GLU F 139 31.74 -13.83 15.85
N ALA F 140 30.64 -14.47 16.26
CA ALA F 140 30.42 -14.85 17.65
C ALA F 140 31.22 -16.11 17.98
N GLU F 141 30.86 -17.22 17.34
CA GLU F 141 31.56 -18.50 17.44
C GLU F 141 32.36 -18.79 16.18
N ILE F 142 33.50 -19.46 16.36
CA ILE F 142 34.37 -19.79 15.22
C ILE F 142 33.62 -20.73 14.29
N THR F 143 33.46 -20.31 13.04
CA THR F 143 32.94 -21.18 12.00
C THR F 143 34.06 -21.66 11.10
N TYR F 144 33.75 -22.61 10.24
CA TYR F 144 34.72 -23.21 9.35
C TYR F 144 34.31 -23.01 7.90
N GLU F 145 33.72 -21.85 7.62
CA GLU F 145 33.36 -21.48 6.26
C GLU F 145 34.61 -20.98 5.55
N GLN F 146 34.88 -21.55 4.38
CA GLN F 146 36.08 -21.24 3.62
C GLN F 146 35.67 -20.65 2.27
N ARG F 147 36.27 -19.50 1.92
CA ARG F 147 36.02 -18.81 0.67
C ARG F 147 37.34 -18.31 0.12
N LEU F 148 37.51 -18.37 -1.20
CA LEU F 148 38.74 -17.89 -1.83
C LEU F 148 38.64 -16.39 -2.04
N ALA F 149 39.53 -15.63 -1.40
CA ALA F 149 39.58 -14.18 -1.50
C ALA F 149 40.96 -13.75 -1.99
N VAL F 150 41.09 -12.45 -2.29
CA VAL F 150 42.36 -11.90 -2.74
C VAL F 150 42.50 -10.48 -2.22
N GLY F 151 43.74 -10.14 -1.84
CA GLY F 151 44.11 -8.80 -1.43
C GLY F 151 44.75 -8.03 -2.56
N SER F 152 43.94 -7.51 -3.49
CA SER F 152 44.47 -6.87 -4.67
C SER F 152 44.99 -5.46 -4.35
N GLY F 153 45.85 -4.97 -5.24
CA GLY F 153 46.28 -3.60 -5.21
C GLY F 153 47.44 -3.27 -4.30
N GLY F 154 48.32 -4.22 -4.01
CA GLY F 154 49.47 -3.92 -3.17
C GLY F 154 50.62 -3.32 -3.96
N SER F 155 51.50 -2.64 -3.22
CA SER F 155 52.72 -2.08 -3.79
C SER F 155 53.92 -2.55 -2.98
N VAL F 156 54.90 -3.17 -3.66
CA VAL F 156 56.11 -3.65 -3.02
C VAL F 156 57.24 -2.69 -3.32
N VAL F 157 57.83 -2.10 -2.28
CA VAL F 157 58.95 -1.18 -2.41
C VAL F 157 60.17 -1.81 -1.79
N ALA F 158 61.33 -1.62 -2.41
CA ALA F 158 62.56 -2.28 -1.97
C ALA F 158 63.69 -1.25 -1.98
N ASP F 159 64.22 -0.92 -0.82
CA ASP F 159 65.44 -0.15 -0.70
C ASP F 159 66.63 -1.11 -0.69
N ASP F 160 67.78 -0.66 -0.22
CA ASP F 160 68.91 -1.54 0.01
C ASP F 160 68.96 -2.01 1.45
N ASP F 161 68.04 -1.54 2.28
CA ASP F 161 67.93 -1.99 3.66
C ASP F 161 66.85 -3.04 3.86
N GLY F 162 65.84 -3.09 3.00
CA GLY F 162 64.81 -4.10 3.14
C GLY F 162 63.71 -3.92 2.14
N VAL F 163 62.55 -4.48 2.48
CA VAL F 163 61.37 -4.47 1.61
C VAL F 163 60.14 -4.13 2.44
N ARG F 164 59.31 -3.21 1.94
CA ARG F 164 58.05 -2.85 2.58
C ARG F 164 56.91 -3.14 1.61
N ILE F 165 55.87 -3.80 2.12
CA ILE F 165 54.63 -3.98 1.37
C ILE F 165 53.66 -2.91 1.84
N GLU F 166 53.43 -1.91 0.99
CA GLU F 166 52.66 -0.72 1.31
C GLU F 166 51.47 -0.56 0.38
N GLY F 167 50.66 0.43 0.74
CA GLY F 167 49.53 0.86 -0.04
C GLY F 167 48.24 0.48 0.62
N PRO F 168 47.12 0.90 0.05
CA PRO F 168 45.83 0.41 0.53
C PRO F 168 45.49 -0.90 -0.17
N PHE F 169 45.07 -1.89 0.59
CA PHE F 169 44.67 -3.17 0.05
C PHE F 169 43.17 -3.19 -0.13
N ALA F 170 42.71 -3.80 -1.21
CA ALA F 170 41.29 -3.98 -1.47
C ALA F 170 41.01 -5.47 -1.44
N HIS F 171 40.07 -5.87 -0.59
CA HIS F 171 39.78 -7.27 -0.35
C HIS F 171 38.37 -7.59 -0.83
N GLY F 172 38.22 -8.76 -1.44
CA GLY F 172 36.93 -9.24 -1.87
C GLY F 172 36.98 -10.75 -2.02
N VAL F 173 35.82 -11.37 -1.91
CA VAL F 173 35.74 -12.80 -2.17
C VAL F 173 35.80 -13.04 -3.67
N LEU F 174 36.59 -14.02 -4.08
CA LEU F 174 36.68 -14.40 -5.49
C LEU F 174 35.79 -15.59 -5.82
N LEU F 175 35.89 -16.65 -5.02
CA LEU F 175 35.17 -17.88 -5.35
C LEU F 175 34.60 -18.54 -4.10
N GLU F 176 33.40 -19.09 -4.25
CA GLU F 176 32.73 -19.94 -3.28
C GLU F 176 32.23 -21.17 -4.02
N PRO F 177 32.12 -22.32 -3.33
CA PRO F 177 31.74 -23.55 -4.02
C PRO F 177 30.34 -23.44 -4.63
N ASP F 178 30.21 -23.94 -5.86
CA ASP F 178 28.94 -23.82 -6.59
C ASP F 178 27.89 -24.83 -6.11
N GLY F 179 28.30 -26.01 -5.64
CA GLY F 179 27.35 -26.98 -5.14
C GLY F 179 27.04 -28.12 -6.09
N GLU F 180 27.54 -28.05 -7.32
CA GLU F 180 27.40 -29.14 -8.29
C GLU F 180 28.71 -29.81 -8.62
N ARG F 181 29.77 -29.03 -8.83
CA ARG F 181 31.12 -29.55 -9.04
C ARG F 181 31.95 -29.53 -7.76
N TYR F 182 31.70 -28.57 -6.88
CA TYR F 182 32.47 -28.41 -5.66
C TYR F 182 31.51 -28.32 -4.47
N GLU F 183 31.72 -29.19 -3.49
CA GLU F 183 30.78 -29.39 -2.40
C GLU F 183 30.70 -28.18 -1.47
N ARG F 184 29.49 -27.90 -1.03
CA ARG F 184 29.15 -26.89 -0.04
C ARG F 184 29.07 -27.55 1.34
N GLU F 185 29.14 -26.75 2.40
CA GLU F 185 29.13 -27.32 3.75
C GLU F 185 27.81 -28.05 4.01
N GLU F 186 26.69 -27.48 3.55
CA GLU F 186 25.38 -28.13 3.71
C GLU F 186 25.42 -29.56 3.15
N GLN F 187 26.19 -29.76 2.09
CA GLN F 187 26.37 -31.07 1.47
C GLN F 187 27.39 -31.95 2.19
N SER F 188 28.22 -31.37 3.06
CA SER F 188 29.34 -32.09 3.67
C SER F 188 28.84 -33.20 4.61
N ARG F 189 29.20 -34.44 4.29
CA ARG F 189 29.10 -35.56 5.21
C ARG F 189 30.46 -35.78 5.87
N GLY F 190 30.51 -36.73 6.81
CA GLY F 190 31.75 -37.03 7.50
C GLY F 190 32.48 -35.83 8.09
N MET F 191 33.68 -35.56 7.59
CA MET F 191 34.47 -34.48 8.15
C MET F 191 34.07 -33.14 7.55
N ILE F 192 34.60 -32.07 8.13
CA ILE F 192 34.31 -30.73 7.62
C ILE F 192 34.80 -30.62 6.19
N TYR F 193 34.00 -29.95 5.36
CA TYR F 193 34.31 -29.80 3.95
C TYR F 193 35.60 -28.98 3.78
N THR F 194 36.07 -28.90 2.53
CA THR F 194 37.21 -28.07 2.22
C THR F 194 36.95 -27.25 0.96
N PHE F 195 37.35 -25.98 0.99
CA PHE F 195 37.38 -25.12 -0.20
C PHE F 195 38.39 -24.02 0.05
N ARG F 196 39.67 -24.30 -0.18
CA ARG F 196 40.71 -23.40 0.29
C ARG F 196 41.98 -23.55 -0.55
N ASP F 197 43.00 -22.78 -0.17
CA ASP F 197 44.36 -22.80 -0.68
C ASP F 197 44.44 -22.44 -2.17
N PRO F 198 44.12 -21.19 -2.53
CA PRO F 198 44.18 -20.80 -3.95
C PRO F 198 45.62 -20.54 -4.40
N TRP F 199 46.01 -21.20 -5.48
CA TRP F 199 47.34 -21.11 -6.03
C TRP F 199 47.23 -20.62 -7.47
N PHE F 200 47.78 -19.44 -7.74
CA PHE F 200 47.74 -18.86 -9.08
C PHE F 200 48.71 -19.61 -9.99
N PHE F 201 48.31 -19.79 -11.26
CA PHE F 201 49.14 -20.55 -12.19
C PHE F 201 48.82 -20.16 -13.62
N GLU F 202 49.78 -19.57 -14.32
CA GLU F 202 49.68 -19.38 -15.77
C GLU F 202 50.32 -20.56 -16.48
N ASP F 203 49.56 -21.18 -17.37
CA ASP F 203 50.04 -22.34 -18.13
C ASP F 203 51.12 -21.89 -19.10
N PRO F 204 52.36 -22.40 -19.00
CA PRO F 204 53.43 -21.92 -19.87
C PRO F 204 53.26 -22.33 -21.33
N ARG F 205 52.33 -23.23 -21.62
CA ARG F 205 52.09 -23.66 -23.00
C ARG F 205 51.00 -22.81 -23.64
N SER F 206 49.78 -22.89 -23.11
CA SER F 206 48.66 -22.16 -23.69
C SER F 206 48.72 -20.66 -23.42
N GLY F 207 49.34 -20.24 -22.31
CA GLY F 207 49.30 -18.86 -21.88
C GLY F 207 48.07 -18.47 -21.07
N LYS F 208 47.08 -19.35 -20.95
CA LYS F 208 45.85 -19.07 -20.20
C LYS F 208 46.14 -19.04 -18.70
N THR F 209 45.27 -18.34 -17.96
CA THR F 209 45.45 -18.10 -16.53
C THR F 209 44.48 -18.94 -15.72
N TYR F 210 45.00 -19.71 -14.76
CA TYR F 210 44.19 -20.58 -13.92
C TYR F 210 44.50 -20.33 -12.44
N LEU F 211 43.61 -20.82 -11.59
CA LEU F 211 43.77 -20.78 -10.14
C LEU F 211 43.38 -22.14 -9.59
N LEU F 212 44.35 -22.88 -9.06
CA LEU F 212 44.06 -24.17 -8.45
C LEU F 212 43.64 -23.99 -6.99
N PHE F 213 42.90 -24.96 -6.47
CA PHE F 213 42.47 -24.92 -5.08
C PHE F 213 42.06 -26.31 -4.64
N GLU F 214 41.95 -26.48 -3.33
CA GLU F 214 41.51 -27.73 -2.74
C GLU F 214 40.02 -27.64 -2.43
N ALA F 215 39.26 -28.63 -2.89
CA ALA F 215 37.83 -28.65 -2.64
C ALA F 215 37.40 -30.07 -2.35
N ASN F 216 36.11 -30.25 -2.12
CA ASN F 216 35.50 -31.56 -2.07
C ASN F 216 34.45 -31.64 -3.17
N THR F 217 34.23 -32.83 -3.67
CA THR F 217 33.24 -32.94 -4.72
C THR F 217 31.98 -33.67 -4.24
N PRO F 218 30.81 -33.08 -4.45
CA PRO F 218 29.56 -33.63 -3.87
C PRO F 218 29.25 -35.01 -4.42
N ILE F 219 28.90 -35.91 -3.51
CA ILE F 219 28.50 -37.27 -3.84
C ILE F 219 27.12 -37.52 -3.23
N PRO F 220 26.11 -37.85 -4.03
CA PRO F 220 24.80 -38.15 -3.46
C PRO F 220 24.88 -39.34 -2.51
N GLU F 221 23.94 -39.37 -1.58
CA GLU F 221 23.92 -40.45 -0.59
C GLU F 221 23.61 -41.80 -1.22
N GLY F 222 22.58 -41.85 -2.07
CA GLY F 222 22.22 -43.11 -2.70
C GLY F 222 22.94 -43.39 -4.00
N ALA F 223 24.03 -42.65 -4.26
CA ALA F 223 24.72 -42.78 -5.54
C ALA F 223 25.34 -44.16 -5.72
N GLY F 224 25.71 -44.83 -4.62
CA GLY F 224 26.39 -46.09 -4.79
C GLY F 224 27.75 -45.97 -5.46
N ALA F 225 28.28 -44.74 -5.55
CA ALA F 225 29.53 -44.48 -6.25
C ALA F 225 30.72 -45.22 -5.66
N CYS F 226 30.60 -45.80 -4.46
CA CYS F 226 31.68 -46.56 -3.86
C CYS F 226 31.19 -47.87 -3.27
N GLY F 227 32.14 -48.78 -3.08
CA GLY F 227 31.84 -50.08 -2.58
C GLY F 227 31.43 -50.12 -1.13
N ASP F 228 31.42 -48.99 -0.43
CA ASP F 228 31.03 -48.91 0.97
C ASP F 228 30.47 -47.52 1.20
N PRO F 229 29.32 -47.39 1.87
CA PRO F 229 28.77 -46.05 2.14
C PRO F 229 29.70 -45.10 2.88
N VAL F 230 30.47 -45.58 3.87
CA VAL F 230 31.33 -44.68 4.65
C VAL F 230 32.40 -44.06 3.76
N TRP F 231 32.91 -44.84 2.81
CA TRP F 231 33.98 -44.38 1.94
C TRP F 231 33.58 -43.15 1.15
N GLU F 232 32.28 -43.00 0.86
CA GLU F 232 31.77 -41.86 0.10
C GLU F 232 31.94 -40.55 0.84
N GLU F 233 32.25 -40.60 2.14
CA GLU F 233 32.53 -39.38 2.90
C GLU F 233 33.87 -38.75 2.55
N PHE F 234 34.80 -39.51 1.98
CA PHE F 234 36.12 -39.00 1.62
C PHE F 234 36.14 -38.62 0.13
N ASN F 235 35.95 -37.34 -0.14
CA ASN F 235 35.70 -36.84 -1.49
C ASN F 235 36.59 -35.64 -1.81
N GLY F 236 37.86 -35.71 -1.42
CA GLY F 236 38.77 -34.62 -1.71
C GLY F 236 39.08 -34.52 -3.20
N SER F 237 39.30 -33.28 -3.65
CA SER F 237 39.57 -33.03 -5.06
C SER F 237 40.39 -31.76 -5.22
N VAL F 238 41.10 -31.67 -6.34
CA VAL F 238 41.86 -30.49 -6.70
C VAL F 238 41.03 -29.78 -7.76
N GLY F 239 40.36 -28.72 -7.37
CA GLY F 239 39.59 -27.94 -8.30
C GLY F 239 40.42 -26.87 -8.94
N ILE F 240 39.92 -26.34 -10.06
CA ILE F 240 40.62 -25.33 -10.84
C ILE F 240 39.60 -24.34 -11.39
N ALA F 241 40.00 -23.07 -11.44
CA ALA F 241 39.19 -22.01 -12.03
C ALA F 241 39.99 -21.31 -13.11
N HIS F 242 39.29 -20.75 -14.09
CA HIS F 242 39.91 -20.11 -15.24
C HIS F 242 39.61 -18.61 -15.25
N SER F 243 40.54 -17.84 -15.81
CA SER F 243 40.30 -16.41 -16.06
C SER F 243 40.36 -16.13 -17.54
N PRO F 244 39.22 -15.85 -18.19
CA PRO F 244 39.26 -15.61 -19.64
C PRO F 244 40.07 -14.37 -20.02
N THR F 245 39.87 -13.27 -19.29
CA THR F 245 40.64 -12.06 -19.54
C THR F 245 42.05 -12.11 -19.00
N GLY F 246 42.32 -13.00 -18.05
CA GLY F 246 43.61 -13.02 -17.40
C GLY F 246 43.70 -12.15 -16.17
N ASP F 247 42.69 -11.31 -15.94
CA ASP F 247 42.59 -10.50 -14.75
C ASP F 247 42.71 -11.40 -13.52
N PRO F 248 43.64 -11.14 -12.62
CA PRO F 248 43.80 -12.02 -11.46
C PRO F 248 42.63 -11.95 -10.47
N THR F 249 41.56 -11.24 -10.84
CA THR F 249 40.41 -11.06 -9.97
C THR F 249 39.10 -11.55 -10.58
N ASP F 250 39.12 -12.04 -11.83
CA ASP F 250 37.93 -12.54 -12.53
C ASP F 250 38.10 -14.04 -12.79
N TRP F 251 37.30 -14.86 -12.12
CA TRP F 251 37.44 -16.30 -12.22
C TRP F 251 36.11 -16.98 -12.52
N GLU F 252 36.18 -18.08 -13.26
CA GLU F 252 35.05 -18.97 -13.54
C GLU F 252 35.45 -20.40 -13.18
N LEU F 253 34.56 -21.08 -12.44
CA LEU F 253 34.85 -22.45 -12.02
C LEU F 253 34.93 -23.38 -13.23
N CYS F 254 35.84 -24.35 -13.16
CA CYS F 254 35.95 -25.42 -14.14
C CYS F 254 35.80 -26.78 -13.46
N ASP F 255 35.83 -27.84 -14.26
CA ASP F 255 35.79 -29.17 -13.72
C ASP F 255 37.12 -29.48 -13.03
N PRO F 256 37.09 -30.29 -11.97
CA PRO F 256 38.30 -30.51 -11.17
C PRO F 256 39.39 -31.29 -11.91
N LEU F 257 40.64 -31.02 -11.52
CA LEU F 257 41.78 -31.68 -12.14
C LEU F 257 41.90 -33.14 -11.71
N LEU F 258 41.58 -33.44 -10.46
CA LEU F 258 41.82 -34.75 -9.88
C LEU F 258 40.94 -34.92 -8.65
N GLU F 259 40.47 -36.16 -8.42
CA GLU F 259 39.63 -36.48 -7.28
C GLU F 259 40.12 -37.76 -6.61
N GLY F 260 40.08 -37.78 -5.27
CA GLY F 260 40.46 -38.93 -4.47
C GLY F 260 39.25 -39.60 -3.83
N ILE F 261 38.20 -39.81 -4.62
CA ILE F 261 36.96 -40.35 -4.09
C ILE F 261 37.22 -41.70 -3.49
N CYS F 262 36.80 -41.87 -2.23
CA CYS F 262 36.93 -43.12 -1.49
C CYS F 262 38.35 -43.43 -1.05
N VAL F 263 39.21 -42.42 -1.09
CA VAL F 263 40.61 -42.53 -0.70
C VAL F 263 41.01 -41.50 0.37
N ASN F 264 40.78 -40.21 0.09
CA ASN F 264 41.21 -39.15 1.01
C ASN F 264 40.23 -37.98 0.99
N GLN F 265 40.14 -37.29 2.14
CA GLN F 265 39.28 -36.11 2.32
C GLN F 265 40.00 -34.80 2.02
N GLU F 266 41.28 -34.70 2.35
CA GLU F 266 42.01 -33.43 2.25
C GLU F 266 43.21 -33.59 1.32
N LEU F 267 43.13 -32.97 0.14
CA LEU F 267 44.27 -32.80 -0.76
C LEU F 267 44.77 -31.37 -0.59
N GLU F 268 45.53 -31.14 0.49
CA GLU F 268 45.88 -29.79 0.89
C GLU F 268 46.93 -29.19 -0.03
N ARG F 269 46.88 -27.86 -0.16
CA ARG F 269 47.82 -27.01 -0.90
C ARG F 269 48.27 -27.62 -2.22
N PRO F 270 47.40 -27.64 -3.22
CA PRO F 270 47.79 -28.21 -4.52
C PRO F 270 48.56 -27.18 -5.33
N HIS F 271 49.51 -27.68 -6.12
CA HIS F 271 50.27 -26.79 -6.99
C HIS F 271 50.87 -27.59 -8.13
N VAL F 272 51.27 -26.90 -9.18
CA VAL F 272 51.81 -27.54 -10.37
C VAL F 272 53.23 -27.06 -10.61
N VAL F 273 54.10 -28.00 -10.93
CA VAL F 273 55.43 -27.73 -11.46
C VAL F 273 55.48 -28.25 -12.88
N VAL F 274 55.87 -27.40 -13.82
CA VAL F 274 56.03 -27.81 -15.22
C VAL F 274 57.50 -28.13 -15.43
N ARG F 275 57.79 -29.33 -15.94
CA ARG F 275 59.16 -29.74 -16.18
C ARG F 275 59.28 -30.43 -17.52
N ASN F 276 60.03 -29.80 -18.43
CA ASN F 276 60.31 -30.35 -19.75
C ASN F 276 59.07 -30.91 -20.43
N GLY F 277 57.97 -30.18 -20.33
CA GLY F 277 56.77 -30.53 -21.06
C GLY F 277 55.81 -31.41 -20.32
N PHE F 278 56.08 -31.71 -19.05
CA PHE F 278 55.21 -32.56 -18.24
C PHE F 278 54.72 -31.78 -17.05
N TYR F 279 53.47 -32.04 -16.66
CA TYR F 279 52.82 -31.31 -15.59
C TYR F 279 52.77 -32.22 -14.37
N TYR F 280 53.45 -31.81 -13.30
CA TYR F 280 53.47 -32.53 -12.04
C TYR F 280 52.57 -31.78 -11.07
N LEU F 281 51.51 -32.44 -10.64
CA LEU F 281 50.56 -31.92 -9.66
C LEU F 281 50.90 -32.50 -8.29
N PHE F 282 51.14 -31.62 -7.32
CA PHE F 282 51.50 -32.02 -5.97
C PHE F 282 50.41 -31.57 -5.01
N VAL F 283 50.14 -32.43 -4.02
CA VAL F 283 49.21 -32.14 -2.93
C VAL F 283 49.79 -32.71 -1.65
N SER F 284 49.70 -31.95 -0.57
CA SER F 284 50.04 -32.48 0.74
C SER F 284 48.81 -33.15 1.33
N SER F 285 49.04 -34.19 2.13
CA SER F 285 47.91 -34.91 2.70
C SER F 285 48.28 -35.52 4.04
N HIS F 286 47.27 -35.67 4.88
CA HIS F 286 47.39 -36.21 6.23
C HIS F 286 47.17 -37.72 6.25
N ASP F 287 47.58 -38.33 7.35
CA ASP F 287 47.32 -39.75 7.55
C ASP F 287 45.91 -39.99 8.06
N HIS F 288 45.39 -39.09 8.90
CA HIS F 288 44.08 -39.26 9.51
C HIS F 288 42.93 -38.90 8.58
N THR F 289 43.23 -38.39 7.39
CA THR F 289 42.20 -38.09 6.41
C THR F 289 42.06 -39.18 5.35
N PHE F 290 42.73 -40.31 5.53
CA PHE F 290 42.59 -41.42 4.59
C PHE F 290 41.33 -42.23 4.91
N ALA F 291 40.68 -42.71 3.85
CA ALA F 291 39.49 -43.52 4.03
C ALA F 291 39.85 -44.81 4.77
N PRO F 292 38.89 -45.42 5.47
CA PRO F 292 39.18 -46.65 6.19
C PRO F 292 39.63 -47.76 5.25
N GLY F 293 40.51 -48.62 5.76
CA GLY F 293 41.10 -49.66 4.96
C GLY F 293 42.36 -49.24 4.22
N LEU F 294 42.70 -47.96 4.22
CA LEU F 294 43.91 -47.45 3.59
C LEU F 294 44.75 -46.79 4.67
N GLU F 295 46.06 -47.05 4.65
CA GLU F 295 46.96 -46.45 5.62
C GLU F 295 48.11 -45.78 4.86
N GLY F 296 48.09 -44.45 4.86
CA GLY F 296 49.14 -43.65 4.27
C GLY F 296 49.63 -42.61 5.24
N PRO F 297 50.90 -42.23 5.14
CA PRO F 297 51.47 -41.25 6.07
C PRO F 297 51.28 -39.80 5.62
N ASP F 298 51.38 -38.90 6.60
CA ASP F 298 51.53 -37.48 6.32
C ASP F 298 52.61 -37.28 5.28
N GLY F 299 52.24 -36.75 4.13
CA GLY F 299 53.27 -36.64 3.10
C GLY F 299 52.82 -35.83 1.90
N LEU F 300 53.79 -35.62 1.00
CA LEU F 300 53.58 -34.97 -0.28
C LEU F 300 53.36 -36.04 -1.34
N TYR F 301 52.16 -36.05 -1.93
CA TYR F 301 51.76 -36.98 -2.97
C TYR F 301 51.67 -36.24 -4.31
N GLY F 302 51.95 -36.94 -5.40
CA GLY F 302 52.14 -36.30 -6.68
C GLY F 302 51.63 -37.12 -7.84
N PHE F 303 51.28 -36.42 -8.91
CA PHE F 303 50.73 -37.01 -10.11
C PHE F 303 51.33 -36.30 -11.30
N VAL F 304 51.30 -36.94 -12.47
CA VAL F 304 51.97 -36.40 -13.65
C VAL F 304 51.09 -36.64 -14.88
N ALA F 305 51.08 -35.65 -15.79
CA ALA F 305 50.40 -35.78 -17.07
C ALA F 305 51.15 -34.98 -18.12
N ASP F 306 50.70 -35.08 -19.37
CA ASP F 306 51.32 -34.37 -20.49
C ASP F 306 50.63 -33.03 -20.79
N SER F 307 49.58 -32.69 -20.05
CA SER F 307 48.92 -31.40 -20.18
C SER F 307 48.37 -31.02 -18.81
N LEU F 308 48.00 -29.73 -18.67
CA LEU F 308 47.53 -29.25 -17.37
C LEU F 308 46.27 -29.97 -16.92
N ARG F 309 45.35 -30.25 -17.84
CA ARG F 309 44.12 -30.98 -17.53
C ARG F 309 44.10 -32.37 -18.14
N GLY F 310 45.26 -33.02 -18.23
CA GLY F 310 45.34 -34.33 -18.82
C GLY F 310 45.03 -35.42 -17.81
N GLU F 311 45.19 -36.65 -18.26
CA GLU F 311 44.90 -37.83 -17.45
C GLU F 311 46.06 -38.01 -16.47
N TYR F 312 45.92 -37.38 -15.29
CA TYR F 312 46.95 -37.48 -14.26
C TYR F 312 47.10 -38.91 -13.76
N ARG F 313 48.35 -39.34 -13.57
CA ARG F 313 48.66 -40.64 -13.03
C ARG F 313 49.65 -40.49 -11.88
N PRO F 314 49.53 -41.33 -10.85
CA PRO F 314 50.30 -41.11 -9.62
C PRO F 314 51.78 -41.41 -9.80
N LEU F 315 52.61 -40.57 -9.20
CA LEU F 315 54.05 -40.79 -9.18
C LEU F 315 54.39 -42.00 -8.33
N ASN F 316 55.44 -42.73 -8.74
CA ASN F 316 55.94 -43.90 -8.02
C ASN F 316 54.89 -45.00 -7.87
N GLY F 317 53.85 -44.98 -8.70
CA GLY F 317 52.81 -46.00 -8.60
C GLY F 317 51.76 -45.78 -7.54
N SER F 318 52.18 -45.46 -6.31
CA SER F 318 51.24 -45.24 -5.21
C SER F 318 50.76 -43.80 -5.13
N GLY F 319 51.63 -42.85 -5.45
CA GLY F 319 51.37 -41.44 -5.25
C GLY F 319 52.30 -40.81 -4.25
N LEU F 320 52.86 -41.58 -3.33
CA LEU F 320 53.75 -41.01 -2.31
C LEU F 320 55.04 -40.55 -2.97
N VAL F 321 55.31 -39.25 -2.90
CA VAL F 321 56.55 -38.69 -3.41
C VAL F 321 57.54 -38.42 -2.30
N LEU F 322 57.06 -37.92 -1.16
CA LEU F 322 57.95 -37.49 -0.09
C LEU F 322 57.23 -37.67 1.23
N THR F 323 57.94 -38.18 2.24
CA THR F 323 57.31 -38.44 3.52
C THR F 323 58.33 -38.41 4.65
N ASN F 324 57.82 -38.31 5.87
CA ASN F 324 58.65 -38.29 7.07
C ASN F 324 58.97 -39.71 7.53
N PRO F 325 60.06 -39.90 8.26
CA PRO F 325 60.41 -41.24 8.74
C PRO F 325 59.42 -41.74 9.78
N ALA F 326 59.35 -43.07 9.90
CA ALA F 326 58.39 -43.68 10.81
C ALA F 326 58.59 -43.21 12.25
N ASN F 327 59.85 -43.00 12.66
CA ASN F 327 60.17 -42.63 14.03
C ASN F 327 60.19 -41.12 14.26
N ALA F 328 59.68 -40.33 13.33
CA ALA F 328 59.47 -38.89 13.51
C ALA F 328 58.41 -38.43 12.52
N PRO F 329 57.21 -38.99 12.58
CA PRO F 329 56.29 -38.96 11.43
C PRO F 329 55.56 -37.66 11.22
N TYR F 330 55.60 -36.71 12.16
CA TYR F 330 54.90 -35.45 11.99
C TYR F 330 55.85 -34.26 11.96
N GLN F 331 57.13 -34.49 11.63
CA GLN F 331 58.14 -33.45 11.79
C GLN F 331 57.99 -32.33 10.76
N ALA F 332 57.41 -32.63 9.60
CA ALA F 332 57.24 -31.60 8.58
C ALA F 332 55.92 -31.81 7.87
N TYR F 333 55.42 -30.71 7.29
CA TYR F 333 54.16 -30.76 6.57
C TYR F 333 54.04 -29.53 5.70
N SER F 334 53.05 -29.57 4.79
CA SER F 334 52.67 -28.44 3.93
C SER F 334 53.79 -28.11 2.95
N TRP F 335 54.22 -29.12 2.20
CA TRP F 335 55.34 -28.97 1.27
C TRP F 335 54.93 -28.20 0.03
N VAL F 336 55.86 -27.39 -0.47
CA VAL F 336 55.72 -26.67 -1.73
C VAL F 336 56.89 -27.05 -2.62
N ALA F 337 56.60 -27.43 -3.85
CA ALA F 337 57.60 -27.85 -4.80
C ALA F 337 57.87 -26.73 -5.80
N PHE F 338 59.13 -26.59 -6.19
CA PHE F 338 59.51 -25.58 -7.17
C PHE F 338 60.78 -26.05 -7.87
N SER F 339 60.88 -25.76 -9.16
CA SER F 339 62.02 -26.23 -9.94
C SER F 339 63.29 -25.45 -9.59
N HIS F 340 64.45 -26.12 -9.73
CA HIS F 340 65.73 -25.40 -9.71
C HIS F 340 66.71 -26.18 -10.59
N ARG F 341 66.81 -25.69 -11.81
CA ARG F 341 67.62 -26.09 -12.97
C ARG F 341 67.35 -27.50 -13.48
N GLU F 342 67.54 -28.53 -12.68
CA GLU F 342 67.36 -29.93 -13.06
C GLU F 342 67.05 -30.75 -11.84
N GLU F 343 66.87 -30.07 -10.73
CA GLU F 343 66.39 -30.63 -9.49
C GLU F 343 65.02 -30.06 -9.23
N LEU F 344 64.31 -30.73 -8.34
CA LEU F 344 63.06 -30.21 -7.81
C LEU F 344 63.29 -30.00 -6.33
N LEU F 345 63.11 -28.77 -5.87
CA LEU F 345 63.26 -28.47 -4.45
C LEU F 345 61.89 -28.45 -3.84
N VAL F 346 61.80 -28.91 -2.59
CA VAL F 346 60.55 -28.99 -1.87
C VAL F 346 60.77 -28.41 -0.48
N SER F 347 60.04 -27.35 -0.15
CA SER F 347 60.17 -26.70 1.16
C SER F 347 58.88 -26.88 1.94
N GLY F 348 58.98 -27.53 3.10
CA GLY F 348 57.90 -27.58 4.06
C GLY F 348 58.15 -26.65 5.23
N PHE F 349 57.46 -26.92 6.34
CA PHE F 349 57.71 -26.24 7.59
C PHE F 349 57.88 -27.28 8.69
N PHE F 350 58.48 -26.85 9.80
CA PHE F 350 58.88 -27.74 10.88
C PHE F 350 57.74 -27.88 11.88
N ASN F 351 57.11 -29.06 11.91
CA ASN F 351 55.83 -29.16 12.62
C ASN F 351 55.87 -29.73 14.03
N TYR F 352 55.67 -31.04 14.17
CA TYR F 352 55.59 -31.70 15.47
C TYR F 352 56.73 -32.70 15.60
N TYR F 353 57.57 -32.49 16.61
CA TYR F 353 58.72 -33.35 16.83
C TYR F 353 58.82 -33.70 18.30
N ASP F 354 59.65 -34.70 18.59
CA ASP F 354 59.92 -35.16 19.95
C ASP F 354 58.64 -35.67 20.63
N LEU F 355 57.83 -36.40 19.87
CA LEU F 355 56.61 -36.98 20.43
C LEU F 355 56.89 -38.23 21.25
N GLY F 356 58.06 -38.84 21.09
CA GLY F 356 58.39 -40.07 21.80
C GLY F 356 57.70 -41.30 21.24
N GLY F 357 56.53 -41.12 20.66
CA GLY F 357 55.73 -42.21 20.13
C GLY F 357 54.25 -41.88 20.24
N LEU F 358 53.97 -40.77 20.92
CA LEU F 358 52.60 -40.32 21.16
C LEU F 358 51.92 -40.00 19.84
N THR F 359 50.59 -40.13 19.82
CA THR F 359 49.82 -39.65 18.69
C THR F 359 49.46 -38.18 18.89
N LEU F 360 48.91 -37.56 17.84
CA LEU F 360 48.72 -36.12 17.86
C LEU F 360 47.63 -35.71 18.85
N ASP F 361 46.55 -36.48 18.94
CA ASP F 361 45.54 -36.14 19.92
C ASP F 361 46.05 -36.38 21.34
N ASP F 362 47.04 -37.26 21.51
CA ASP F 362 47.67 -37.42 22.82
C ASP F 362 48.42 -36.16 23.25
N VAL F 363 49.00 -35.42 22.29
CA VAL F 363 49.76 -34.21 22.62
C VAL F 363 48.86 -33.16 23.27
N ALA F 364 47.57 -33.15 22.91
CA ALA F 364 46.62 -32.20 23.49
C ALA F 364 46.44 -32.39 24.99
N THR F 365 46.78 -33.58 25.53
CA THR F 365 46.65 -33.80 26.95
C THR F 365 47.76 -33.15 27.77
N LEU F 366 48.96 -33.01 27.20
CA LEU F 366 50.11 -32.52 27.95
C LEU F 366 49.91 -31.05 28.34
N SER F 367 50.72 -30.61 29.31
CA SER F 367 50.66 -29.23 29.77
C SER F 367 50.99 -28.27 28.64
N PRO F 368 50.51 -27.03 28.73
CA PRO F 368 50.81 -26.03 27.67
C PRO F 368 52.27 -25.93 27.31
N ASP F 369 53.16 -25.92 28.29
CA ASP F 369 54.58 -25.74 28.02
C ASP F 369 55.15 -26.96 27.28
N GLU F 370 54.77 -28.17 27.69
CA GLU F 370 55.22 -29.36 26.96
C GLU F 370 54.61 -29.46 25.56
N GLN F 371 53.46 -28.83 25.32
CA GLN F 371 52.93 -28.79 23.96
C GLN F 371 53.74 -27.83 23.10
N ARG F 372 53.97 -26.62 23.60
CA ARG F 372 54.77 -25.66 22.85
C ARG F 372 56.17 -26.19 22.59
N ALA F 373 56.69 -27.02 23.51
CA ALA F 373 58.02 -27.59 23.34
C ALA F 373 58.11 -28.61 22.21
N LYS F 374 56.98 -29.13 21.72
CA LYS F 374 56.97 -30.15 20.69
C LYS F 374 56.52 -29.62 19.33
N PHE F 375 56.63 -28.31 19.12
CA PHE F 375 56.23 -27.66 17.88
C PHE F 375 57.38 -26.79 17.40
N GLY F 376 57.76 -26.97 16.13
CA GLY F 376 58.82 -26.15 15.57
C GLY F 376 58.41 -24.72 15.29
N GLY F 377 57.55 -24.54 14.28
CA GLY F 377 57.14 -23.21 13.86
C GLY F 377 58.18 -22.44 13.08
N THR F 378 59.04 -23.12 12.32
CA THR F 378 60.00 -22.49 11.41
C THR F 378 59.98 -23.26 10.10
N LEU F 379 60.88 -22.93 9.18
CA LEU F 379 60.94 -23.61 7.91
C LEU F 379 61.79 -24.88 8.02
N ALA F 380 61.35 -25.93 7.34
CA ALA F 380 62.06 -27.20 7.31
C ALA F 380 63.22 -27.14 6.33
N PRO F 381 64.23 -28.01 6.50
CA PRO F 381 65.30 -28.11 5.50
C PRO F 381 64.76 -28.48 4.13
N THR F 382 64.91 -27.58 3.16
CA THR F 382 64.36 -27.82 1.84
C THR F 382 65.04 -29.04 1.23
N VAL F 383 64.22 -29.93 0.71
CA VAL F 383 64.64 -31.23 0.23
C VAL F 383 64.86 -31.15 -1.28
N ARG F 384 65.92 -31.80 -1.76
CA ARG F 384 66.23 -31.88 -3.18
C ARG F 384 65.86 -33.27 -3.68
N VAL F 385 64.98 -33.32 -4.68
CA VAL F 385 64.55 -34.57 -5.29
C VAL F 385 64.88 -34.51 -6.77
N ALA F 386 64.90 -35.69 -7.38
CA ALA F 386 65.18 -35.86 -8.79
C ALA F 386 64.00 -36.59 -9.42
N LEU F 387 63.32 -35.91 -10.34
CA LEU F 387 62.25 -36.51 -11.12
C LEU F 387 62.81 -37.18 -12.36
N SER F 388 62.15 -38.26 -12.77
CA SER F 388 62.59 -39.03 -13.94
C SER F 388 61.46 -39.50 -14.84
N GLY F 389 60.22 -39.12 -14.56
CA GLY F 389 59.10 -39.55 -15.35
C GLY F 389 57.91 -39.59 -14.42
N ASP F 390 57.35 -40.77 -14.20
CA ASP F 390 56.43 -41.01 -13.09
C ASP F 390 57.16 -41.57 -11.87
N ARG F 391 58.47 -41.32 -11.77
CA ARG F 391 59.34 -41.84 -10.72
C ARG F 391 60.13 -40.72 -10.07
N THR F 392 60.17 -40.72 -8.73
CA THR F 392 60.89 -39.72 -7.95
C THR F 392 61.91 -40.40 -7.02
N ARG F 393 62.84 -39.58 -6.52
CA ARG F 393 63.88 -40.05 -5.63
C ARG F 393 64.42 -38.87 -4.82
N ILE F 394 64.45 -39.02 -3.49
CA ILE F 394 65.07 -38.01 -2.63
C ILE F 394 66.58 -38.08 -2.82
N THR F 395 67.19 -36.95 -3.15
CA THR F 395 68.61 -36.92 -3.41
C THR F 395 69.41 -36.11 -2.42
N GLY F 396 68.79 -35.22 -1.65
CA GLY F 396 69.54 -34.53 -0.60
C GLY F 396 68.70 -33.49 0.12
N THR F 397 69.38 -32.67 0.92
CA THR F 397 68.74 -31.57 1.63
C THR F 397 69.65 -30.35 1.61
N LEU F 398 69.09 -29.20 1.95
CA LEU F 398 69.80 -27.94 2.09
C LEU F 398 69.55 -27.37 3.49
N SER F 399 70.06 -26.17 3.72
CA SER F 399 69.88 -25.49 4.99
C SER F 399 68.39 -25.28 5.28
N HIS F 400 68.08 -25.04 6.55
CA HIS F 400 66.72 -24.74 6.98
C HIS F 400 66.13 -23.58 6.18
N GLY F 401 65.06 -23.85 5.45
CA GLY F 401 64.40 -22.79 4.70
C GLY F 401 65.26 -22.06 3.70
N ARG F 402 66.07 -22.80 2.93
CA ARG F 402 66.84 -22.23 1.83
C ARG F 402 65.96 -22.21 0.58
N ILE F 403 65.56 -21.02 0.13
CA ILE F 403 64.82 -20.87 -1.12
C ILE F 403 65.75 -20.20 -2.12
N PRO F 404 66.44 -20.95 -2.96
CA PRO F 404 67.39 -20.36 -3.89
C PRO F 404 66.77 -20.01 -5.23
N LEU F 405 67.40 -19.03 -5.88
CA LEU F 405 67.07 -18.64 -7.24
C LEU F 405 67.81 -19.53 -8.22
N GLU F 406 67.37 -19.52 -9.48
CA GLU F 406 68.06 -20.33 -10.48
C GLU F 406 69.43 -19.78 -10.82
N SER F 407 69.69 -18.50 -10.56
CA SER F 407 71.02 -17.94 -10.79
C SER F 407 72.05 -18.49 -9.81
N GLU F 408 71.62 -19.09 -8.70
CA GLU F 408 72.51 -19.53 -7.64
C GLU F 408 72.87 -21.00 -7.79
N GLU F 409 74.12 -21.32 -7.51
CA GLU F 409 74.59 -22.69 -7.58
C GLU F 409 74.43 -23.37 -6.24
N LEU F 410 73.94 -24.59 -6.26
CA LEU F 410 73.74 -25.36 -5.06
C LEU F 410 74.92 -26.30 -4.81
N PRO F 411 75.16 -26.69 -3.56
CA PRO F 411 76.25 -27.63 -3.27
C PRO F 411 76.10 -28.95 -4.02
N ASP F 412 77.24 -29.60 -4.23
CA ASP F 412 77.27 -30.90 -4.90
C ASP F 412 76.68 -31.98 -4.01
N LEU F 413 76.32 -33.09 -4.64
CA LEU F 413 75.64 -34.21 -4.00
C LEU F 413 76.60 -35.40 -3.84
N PRO F 414 76.39 -36.27 -2.83
CA PRO F 414 77.20 -37.47 -2.60
C PRO F 414 77.04 -38.59 -3.64
N ALA G 9 -76.42 45.37 -45.44
CA ALA G 9 -75.62 46.38 -44.79
C ALA G 9 -74.17 45.93 -44.68
N THR G 10 -73.63 45.42 -45.78
CA THR G 10 -72.31 44.78 -45.76
C THR G 10 -71.22 45.80 -45.47
N PRO G 11 -70.31 45.51 -44.53
CA PRO G 11 -69.22 46.44 -44.22
C PRO G 11 -68.38 46.75 -45.45
N ARG G 12 -67.85 47.97 -45.50
CA ARG G 12 -67.21 48.48 -46.70
C ARG G 12 -65.79 48.94 -46.42
N TRP G 13 -64.85 48.43 -47.23
CA TRP G 13 -63.52 49.03 -47.36
C TRP G 13 -63.67 50.24 -48.28
N THR G 14 -63.71 51.43 -47.70
CA THR G 14 -64.09 52.62 -48.46
C THR G 14 -62.87 53.23 -49.16
N ARG G 15 -63.15 54.21 -50.03
CA ARG G 15 -62.05 54.87 -50.76
C ARG G 15 -61.20 55.76 -49.87
N GLU G 16 -61.80 56.42 -48.87
CA GLU G 16 -61.01 57.23 -47.95
C GLU G 16 -60.02 56.38 -47.17
N HIS G 17 -60.35 55.11 -46.93
CA HIS G 17 -59.38 54.20 -46.36
C HIS G 17 -58.22 53.97 -47.32
N ALA G 18 -58.53 53.58 -48.57
CA ALA G 18 -57.48 53.30 -49.54
C ALA G 18 -56.63 54.52 -49.85
N SER G 19 -57.17 55.72 -49.69
CA SER G 19 -56.39 56.93 -49.94
C SER G 19 -55.22 57.04 -48.96
N LYS G 20 -55.36 56.45 -47.78
CA LYS G 20 -54.34 56.50 -46.75
C LYS G 20 -53.32 55.38 -46.86
N ILE G 21 -53.44 54.52 -47.86
CA ILE G 21 -52.48 53.43 -48.05
C ILE G 21 -51.11 54.04 -48.30
N GLU G 22 -50.11 53.53 -47.58
CA GLU G 22 -48.77 54.10 -47.65
C GLU G 22 -47.78 53.13 -47.01
N ARG G 23 -46.64 52.92 -47.65
CA ARG G 23 -45.61 52.11 -47.03
C ARG G 23 -45.07 52.82 -45.80
N THR G 24 -44.86 52.06 -44.74
CA THR G 24 -44.28 52.58 -43.51
C THR G 24 -43.31 51.55 -42.96
N ASP G 25 -42.48 51.99 -42.02
CA ASP G 25 -41.51 51.08 -41.43
C ASP G 25 -42.18 49.91 -40.73
N GLU G 26 -43.44 50.05 -40.33
CA GLU G 26 -44.18 49.00 -39.63
C GLU G 26 -44.84 47.97 -40.54
N THR G 27 -44.85 48.17 -41.87
CA THR G 27 -45.56 47.26 -42.76
C THR G 27 -44.69 46.70 -43.89
N VAL G 28 -43.43 47.13 -44.01
CA VAL G 28 -42.55 46.70 -45.09
C VAL G 28 -41.70 45.53 -44.62
N VAL G 29 -41.61 44.49 -45.44
CA VAL G 29 -40.87 43.28 -45.11
C VAL G 29 -39.42 43.48 -45.52
N PRO G 30 -38.48 42.74 -44.95
CA PRO G 30 -37.09 42.81 -45.41
C PRO G 30 -36.95 42.21 -46.80
N ILE G 31 -35.79 42.47 -47.42
CA ILE G 31 -35.52 41.91 -48.73
C ILE G 31 -35.42 40.39 -48.64
N ILE G 32 -36.05 39.71 -49.59
CA ILE G 32 -35.96 38.26 -49.70
C ILE G 32 -34.86 37.92 -50.69
N TYR G 33 -33.89 37.11 -50.26
CA TYR G 33 -32.86 36.56 -51.10
C TYR G 33 -33.12 35.06 -51.32
N PRO G 34 -32.78 34.54 -52.50
CA PRO G 34 -33.10 33.13 -52.82
C PRO G 34 -32.47 32.17 -51.82
N PRO G 35 -33.19 31.10 -51.47
CA PRO G 35 -32.65 30.13 -50.52
C PRO G 35 -31.57 29.25 -51.16
N ARG G 36 -30.80 28.58 -50.29
CA ARG G 36 -29.62 27.86 -50.78
C ARG G 36 -29.99 26.59 -51.54
N GLU G 37 -31.01 25.86 -51.09
CA GLU G 37 -31.43 24.62 -51.74
C GLU G 37 -32.95 24.54 -51.85
N ASP G 38 -33.41 23.65 -52.73
CA ASP G 38 -34.83 23.48 -53.05
C ASP G 38 -35.31 22.06 -52.72
N ALA G 39 -36.56 21.99 -52.26
CA ALA G 39 -37.19 20.69 -52.00
C ALA G 39 -37.40 19.89 -53.27
N ALA G 40 -37.57 20.58 -54.41
CA ALA G 40 -37.71 19.97 -55.72
C ALA G 40 -37.33 20.98 -56.80
N PRO G 41 -36.10 20.93 -57.32
CA PRO G 41 -35.65 21.98 -58.25
C PRO G 41 -36.41 22.06 -59.57
N GLU G 42 -37.08 20.99 -60.01
CA GLU G 42 -37.71 20.97 -61.31
C GLU G 42 -39.13 21.53 -61.33
N ILE G 43 -39.68 21.93 -60.18
CA ILE G 43 -41.04 22.44 -60.10
C ILE G 43 -41.04 23.76 -59.34
N ASN G 44 -41.88 24.69 -59.78
CA ASN G 44 -42.12 25.95 -59.08
C ASN G 44 -43.44 25.85 -58.32
N GLY G 45 -43.44 26.39 -57.11
CA GLY G 45 -44.63 26.37 -56.28
C GLY G 45 -45.01 27.76 -55.80
N TRP G 46 -46.31 28.00 -55.71
CA TRP G 46 -46.83 29.24 -55.16
C TRP G 46 -48.18 28.93 -54.50
N ASP G 47 -48.88 29.97 -54.06
CA ASP G 47 -50.22 29.87 -53.48
C ASP G 47 -50.35 28.68 -52.56
N THR G 48 -49.72 28.73 -51.39
CA THR G 48 -49.60 27.57 -50.52
C THR G 48 -50.54 27.68 -49.32
N TRP G 49 -51.02 26.53 -48.86
CA TRP G 49 -51.95 26.49 -47.73
C TRP G 49 -51.64 25.29 -46.85
N PHE G 50 -52.12 25.36 -45.60
CA PHE G 50 -51.80 24.36 -44.59
C PHE G 50 -52.91 23.34 -44.45
N LEU G 51 -52.52 22.09 -44.19
CA LEU G 51 -53.46 21.07 -43.74
C LEU G 51 -53.74 21.30 -42.26
N ARG G 52 -54.96 21.72 -41.95
CA ARG G 52 -55.33 22.11 -40.60
C ARG G 52 -56.35 21.11 -40.03
N GLU G 53 -56.36 20.99 -38.71
CA GLU G 53 -57.45 20.30 -38.05
C GLU G 53 -58.72 21.16 -38.11
N ARG G 54 -59.82 20.62 -37.60
CA ARG G 54 -61.10 21.33 -37.74
C ARG G 54 -61.10 22.66 -37.00
N ASP G 55 -60.48 22.73 -35.82
CA ASP G 55 -60.45 23.99 -35.08
C ASP G 55 -59.58 25.03 -35.77
N GLY G 56 -58.58 24.59 -36.54
CA GLY G 56 -57.73 25.51 -37.26
C GLY G 56 -56.25 25.30 -37.04
N SER G 57 -55.88 24.56 -35.98
CA SER G 57 -54.47 24.31 -35.70
C SER G 57 -53.81 23.53 -36.82
N ILE G 58 -52.50 23.72 -36.97
CA ILE G 58 -51.73 22.96 -37.95
C ILE G 58 -51.81 21.48 -37.58
N ALA G 59 -52.32 20.68 -38.50
CA ALA G 59 -52.49 19.25 -38.24
C ALA G 59 -51.14 18.56 -38.17
N THR G 60 -51.02 17.58 -37.27
CA THR G 60 -49.83 16.74 -37.18
C THR G 60 -50.27 15.29 -37.24
N VAL G 61 -49.68 14.52 -38.18
CA VAL G 61 -49.94 13.10 -38.33
C VAL G 61 -48.62 12.34 -38.16
N GLY G 62 -48.50 11.57 -37.09
CA GLY G 62 -47.26 10.86 -36.81
C GLY G 62 -46.02 11.73 -36.81
N GLY G 63 -46.12 12.96 -36.30
CA GLY G 63 -44.98 13.85 -36.21
C GLY G 63 -44.74 14.72 -37.44
N TRP G 64 -45.59 14.62 -38.45
CA TRP G 64 -45.41 15.32 -39.72
C TRP G 64 -46.44 16.41 -39.91
N ARG G 65 -46.00 17.55 -40.42
CA ARG G 65 -46.88 18.59 -40.96
C ARG G 65 -46.96 18.42 -42.48
N VAL G 66 -48.13 18.76 -43.03
CA VAL G 66 -48.38 18.70 -44.46
C VAL G 66 -48.85 20.05 -44.94
N ILE G 67 -48.35 20.48 -46.11
CA ILE G 67 -48.79 21.70 -46.78
C ILE G 67 -49.05 21.39 -48.25
N PHE G 68 -49.83 22.26 -48.90
CA PHE G 68 -50.20 22.07 -50.30
C PHE G 68 -49.88 23.32 -51.09
N SER G 69 -49.39 23.14 -52.32
CA SER G 69 -49.07 24.26 -53.20
C SER G 69 -49.57 24.00 -54.60
N LEU G 70 -50.00 25.06 -55.26
CA LEU G 70 -50.12 25.04 -56.71
C LEU G 70 -48.74 24.93 -57.32
N THR G 71 -48.59 24.07 -58.34
CA THR G 71 -47.28 23.85 -58.95
C THR G 71 -47.41 23.74 -60.46
N ALA G 72 -46.33 24.10 -61.14
CA ALA G 72 -46.14 23.95 -62.58
C ALA G 72 -44.66 23.63 -62.81
N PRO G 73 -44.34 23.01 -63.95
CA PRO G 73 -42.92 22.71 -64.24
C PRO G 73 -42.08 23.98 -64.30
N ALA G 74 -40.85 23.87 -63.78
CA ALA G 74 -39.97 25.03 -63.70
C ALA G 74 -39.51 25.56 -65.06
N ASP G 75 -39.46 24.71 -66.09
CA ASP G 75 -39.11 25.20 -67.42
C ASP G 75 -40.12 26.18 -67.98
N LEU G 76 -41.36 26.16 -67.48
CA LEU G 76 -42.43 26.92 -68.08
C LEU G 76 -42.29 28.41 -67.80
N LEU G 77 -42.82 29.23 -68.71
CA LEU G 77 -42.77 30.66 -68.48
C LEU G 77 -43.63 31.02 -67.27
N PRO G 78 -43.17 31.94 -66.42
CA PRO G 78 -43.96 32.28 -65.22
C PRO G 78 -45.35 32.79 -65.55
N GLY G 79 -45.45 33.72 -66.49
CA GLY G 79 -46.74 34.31 -66.84
C GLY G 79 -47.84 33.30 -67.14
N LYS G 80 -47.45 32.11 -67.62
CA LYS G 80 -48.42 31.10 -68.05
C LYS G 80 -48.60 29.99 -67.02
N ARG G 81 -47.89 30.05 -65.88
CA ARG G 81 -47.96 28.95 -64.92
C ARG G 81 -49.37 28.73 -64.40
N HIS G 82 -50.22 29.77 -64.45
CA HIS G 82 -51.59 29.68 -63.96
C HIS G 82 -52.48 28.80 -64.84
N ASP G 83 -52.05 28.45 -66.06
CA ASP G 83 -52.88 27.63 -66.94
C ASP G 83 -52.72 26.14 -66.69
N VAL G 84 -51.66 25.71 -66.01
CA VAL G 84 -51.38 24.29 -65.81
C VAL G 84 -51.13 24.03 -64.34
N ALA G 85 -51.69 24.89 -63.47
CA ALA G 85 -51.46 24.73 -62.04
C ALA G 85 -52.13 23.47 -61.54
N GLU G 86 -51.36 22.62 -60.85
CA GLU G 86 -51.91 21.43 -60.25
C GLU G 86 -51.42 21.33 -58.80
N ILE G 87 -52.23 20.72 -57.95
CA ILE G 87 -51.98 20.74 -56.50
C ILE G 87 -51.02 19.62 -56.12
N ARG G 88 -49.90 19.98 -55.51
CA ARG G 88 -48.96 19.05 -54.90
C ARG G 88 -48.95 19.25 -53.39
N TYR G 89 -48.48 18.23 -52.68
CA TYR G 89 -48.33 18.30 -51.23
C TYR G 89 -46.88 18.03 -50.82
N PHE G 90 -46.46 18.68 -49.75
CA PHE G 90 -45.14 18.52 -49.16
C PHE G 90 -45.29 18.26 -47.66
N TYR G 91 -44.33 17.54 -47.09
CA TYR G 91 -44.38 17.22 -45.68
C TYR G 91 -43.05 17.52 -45.00
N SER G 92 -43.10 17.72 -43.68
CA SER G 92 -41.90 18.03 -42.92
C SER G 92 -42.09 17.63 -41.46
N ARG G 93 -40.98 17.28 -40.81
CA ARG G 93 -41.01 16.93 -39.39
C ARG G 93 -40.78 18.12 -38.47
N ASP G 94 -39.95 19.08 -38.89
CA ASP G 94 -39.60 20.23 -38.08
C ASP G 94 -40.36 21.50 -38.47
N GLY G 95 -40.51 21.76 -39.77
CA GLY G 95 -41.17 22.96 -40.21
C GLY G 95 -40.31 23.74 -41.19
N GLU G 96 -39.07 23.28 -41.38
CA GLU G 96 -38.10 23.93 -42.25
C GLU G 96 -37.75 23.10 -43.48
N THR G 97 -37.41 21.83 -43.28
CA THR G 97 -36.95 20.97 -44.38
C THR G 97 -38.16 20.21 -44.95
N TRP G 98 -38.66 20.67 -46.09
CA TRP G 98 -39.84 20.08 -46.71
C TRP G 98 -39.45 19.09 -47.80
N PHE G 99 -40.14 17.97 -47.84
CA PHE G 99 -39.92 16.93 -48.85
C PHE G 99 -41.09 16.90 -49.82
N ASP G 100 -40.79 16.74 -51.11
CA ASP G 100 -41.82 16.66 -52.14
C ASP G 100 -42.60 15.36 -52.00
N GLY G 101 -43.93 15.46 -52.04
CA GLY G 101 -44.79 14.29 -51.91
C GLY G 101 -45.54 13.93 -53.18
N GLY G 102 -45.34 14.69 -54.25
CA GLY G 102 -46.00 14.43 -55.51
C GLY G 102 -47.40 15.01 -55.57
N PRO G 103 -48.05 14.87 -56.73
CA PRO G 103 -49.41 15.38 -56.88
C PRO G 103 -50.38 14.75 -55.89
N VAL G 104 -51.37 15.54 -55.48
CA VAL G 104 -52.35 15.04 -54.52
C VAL G 104 -53.44 14.24 -55.24
N PHE G 105 -53.75 14.54 -56.49
CA PHE G 105 -54.83 13.89 -57.21
C PHE G 105 -54.26 13.10 -58.38
N GLU G 106 -54.73 11.86 -58.56
CA GLU G 106 -54.35 11.05 -59.70
C GLU G 106 -55.39 11.11 -60.82
N GLY G 107 -56.30 12.09 -60.76
CA GLY G 107 -57.25 12.35 -61.81
C GLY G 107 -58.61 12.69 -61.23
N GLY G 108 -59.63 12.42 -62.03
CA GLY G 108 -61.01 12.79 -61.72
C GLY G 108 -61.23 14.23 -61.28
N THR G 109 -60.25 15.10 -61.51
CA THR G 109 -60.33 16.48 -61.02
C THR G 109 -61.32 17.30 -61.84
N ARG G 110 -62.01 18.21 -61.15
CA ARG G 110 -62.89 19.16 -61.81
C ARG G 110 -62.08 20.34 -62.34
N GLY G 111 -62.42 20.78 -63.55
CA GLY G 111 -61.78 21.97 -64.10
C GLY G 111 -60.55 21.64 -64.92
N SER G 112 -60.26 22.53 -65.88
CA SER G 112 -59.02 22.41 -66.65
C SER G 112 -57.80 22.51 -65.74
N ARG G 113 -57.86 23.36 -64.73
CA ARG G 113 -56.79 23.35 -63.75
C ARG G 113 -57.35 23.72 -62.39
N GLN G 114 -56.50 23.58 -61.38
CA GLN G 114 -56.89 23.79 -60.00
C GLN G 114 -56.17 25.01 -59.46
N TRP G 115 -56.92 25.84 -58.75
CA TRP G 115 -56.40 27.01 -58.06
C TRP G 115 -56.59 26.86 -56.56
N ALA G 116 -56.04 27.84 -55.83
CA ALA G 116 -55.79 27.71 -54.40
C ALA G 116 -57.08 27.42 -53.65
N GLY G 117 -56.91 26.77 -52.49
CA GLY G 117 -58.00 26.44 -51.61
C GLY G 117 -57.54 26.29 -50.17
N SER G 118 -57.89 25.17 -49.55
CA SER G 118 -57.55 24.88 -48.16
C SER G 118 -57.67 23.38 -47.95
N ALA G 119 -57.27 22.93 -46.76
CA ALA G 119 -57.25 21.50 -46.47
C ALA G 119 -57.75 21.27 -45.05
N LEU G 120 -58.61 20.27 -44.90
CA LEU G 120 -59.22 19.94 -43.61
C LEU G 120 -58.99 18.46 -43.32
N LEU G 121 -58.32 18.19 -42.20
CA LEU G 121 -58.23 16.84 -41.65
C LEU G 121 -59.26 16.77 -40.52
N ASP G 122 -60.42 16.21 -40.82
CA ASP G 122 -61.53 16.23 -39.88
C ASP G 122 -61.22 15.35 -38.67
N ASP G 123 -62.09 15.44 -37.66
CA ASP G 123 -61.89 14.65 -36.44
C ASP G 123 -61.99 13.16 -36.72
N ASP G 124 -62.87 12.76 -37.65
CA ASP G 124 -63.04 11.36 -38.00
C ASP G 124 -61.85 10.79 -38.79
N GLY G 125 -60.92 11.63 -39.25
CA GLY G 125 -59.79 11.18 -40.04
C GLY G 125 -59.95 11.31 -41.54
N ARG G 126 -61.13 11.69 -42.03
CA ARG G 126 -61.34 11.88 -43.46
C ARG G 126 -60.63 13.15 -43.91
N LEU G 127 -59.96 13.08 -45.06
CA LEU G 127 -59.27 14.25 -45.60
C LEU G 127 -60.12 14.91 -46.67
N TYR G 128 -60.30 16.23 -46.55
CA TYR G 128 -60.99 17.05 -47.54
C TYR G 128 -60.02 18.10 -48.06
N VAL G 129 -59.87 18.20 -49.38
CA VAL G 129 -58.99 19.17 -50.00
C VAL G 129 -59.86 20.11 -50.85
N PHE G 130 -60.16 21.30 -50.33
CA PHE G 130 -60.92 22.30 -51.07
C PHE G 130 -60.02 23.03 -52.06
N TYR G 131 -60.51 23.20 -53.28
CA TYR G 131 -59.75 23.87 -54.33
C TYR G 131 -60.72 24.60 -55.26
N THR G 132 -60.14 25.37 -56.18
CA THR G 132 -60.91 26.07 -57.19
C THR G 132 -60.79 25.32 -58.51
N ALA G 133 -61.93 25.03 -59.13
CA ALA G 133 -61.92 24.40 -60.45
C ALA G 133 -61.97 25.51 -61.48
N SER G 134 -60.82 25.87 -62.04
CA SER G 134 -60.77 26.87 -63.11
C SER G 134 -60.93 26.20 -64.47
N GLY G 135 -61.95 26.64 -65.20
CA GLY G 135 -62.30 26.08 -66.47
C GLY G 135 -63.13 24.82 -66.32
N ARG G 136 -63.19 24.05 -67.40
CA ARG G 136 -63.84 22.75 -67.43
C ARG G 136 -62.89 21.71 -67.99
N ALA G 137 -63.01 20.49 -67.48
CA ALA G 137 -62.10 19.41 -67.88
C ALA G 137 -62.13 19.20 -69.39
N GLY G 138 -60.96 19.18 -70.00
CA GLY G 138 -60.84 18.89 -71.43
C GLY G 138 -61.48 19.91 -72.33
N GLU G 139 -61.30 21.20 -72.04
CA GLU G 139 -61.82 22.27 -72.89
C GLU G 139 -61.01 22.39 -74.17
N ALA G 140 -61.58 23.12 -75.14
CA ALA G 140 -60.85 23.45 -76.37
C ALA G 140 -59.89 24.62 -76.14
N GLU G 141 -60.44 25.80 -75.85
CA GLU G 141 -59.67 26.99 -75.52
C GLU G 141 -59.81 27.28 -74.03
N ILE G 142 -58.73 27.79 -73.42
CA ILE G 142 -58.74 28.02 -71.98
C ILE G 142 -59.77 29.09 -71.62
N THR G 143 -60.73 28.74 -70.77
CA THR G 143 -61.69 29.68 -70.21
C THR G 143 -61.32 30.01 -68.76
N TYR G 144 -62.02 31.00 -68.21
CA TYR G 144 -61.73 31.51 -66.87
C TYR G 144 -62.94 31.39 -65.96
N GLU G 145 -63.73 30.32 -66.13
CA GLU G 145 -64.86 30.07 -65.26
C GLU G 145 -64.36 29.42 -63.97
N GLN G 146 -64.78 29.98 -62.84
CA GLN G 146 -64.29 29.57 -61.52
C GLN G 146 -65.45 29.04 -60.67
N ARG G 147 -65.25 27.85 -60.09
CA ARG G 147 -66.22 27.19 -59.22
C ARG G 147 -65.49 26.58 -58.03
N LEU G 148 -66.12 26.63 -56.86
CA LEU G 148 -65.54 26.05 -55.65
C LEU G 148 -65.85 24.56 -55.59
N ALA G 149 -64.80 23.73 -55.59
CA ALA G 149 -64.89 22.28 -55.54
C ALA G 149 -64.13 21.72 -54.33
N VAL G 150 -64.26 20.41 -54.09
CA VAL G 150 -63.56 19.77 -52.98
C VAL G 150 -63.15 18.36 -53.40
N GLY G 151 -61.98 17.94 -52.92
CA GLY G 151 -61.50 16.58 -53.07
C GLY G 151 -61.73 15.74 -51.84
N SER G 152 -62.96 15.28 -51.64
CA SER G 152 -63.31 14.57 -50.42
C SER G 152 -62.81 13.12 -50.46
N GLY G 153 -62.68 12.54 -49.27
CA GLY G 153 -62.43 11.12 -49.15
C GLY G 153 -60.99 10.70 -49.22
N GLY G 154 -60.03 11.56 -48.84
CA GLY G 154 -58.65 11.14 -48.82
C GLY G 154 -58.25 10.45 -47.52
N SER G 155 -57.17 9.67 -47.61
CA SER G 155 -56.60 9.00 -46.45
C SER G 155 -55.12 9.37 -46.33
N VAL G 156 -54.73 9.88 -45.17
CA VAL G 156 -53.36 10.29 -44.90
C VAL G 156 -52.68 9.21 -44.05
N VAL G 157 -51.60 8.64 -44.59
CA VAL G 157 -50.83 7.64 -43.87
C VAL G 157 -49.43 8.19 -43.65
N ALA G 158 -48.85 7.89 -42.50
CA ALA G 158 -47.56 8.44 -42.12
C ALA G 158 -46.72 7.35 -41.48
N ASP G 159 -45.67 6.94 -42.17
CA ASP G 159 -44.59 6.17 -41.59
C ASP G 159 -43.57 7.18 -41.08
N ASP G 160 -42.33 6.78 -40.80
CA ASP G 160 -41.32 7.78 -40.50
C ASP G 160 -40.45 8.09 -41.71
N ASP G 161 -40.73 7.47 -42.85
CA ASP G 161 -39.99 7.75 -44.07
C ASP G 161 -40.62 8.88 -44.87
N GLY G 162 -41.91 9.12 -44.66
CA GLY G 162 -42.58 10.20 -45.33
C GLY G 162 -44.05 10.18 -45.00
N VAL G 163 -44.84 10.80 -45.86
CA VAL G 163 -46.29 10.87 -45.72
C VAL G 163 -46.89 10.60 -47.09
N ARG G 164 -47.91 9.74 -47.14
CA ARG G 164 -48.58 9.43 -48.38
C ARG G 164 -50.06 9.79 -48.25
N ILE G 165 -50.57 10.53 -49.21
CA ILE G 165 -52.00 10.80 -49.30
C ILE G 165 -52.55 9.82 -50.33
N GLU G 166 -53.20 8.77 -49.86
CA GLU G 166 -53.65 7.68 -50.70
C GLU G 166 -55.16 7.51 -50.60
N GLY G 167 -55.66 6.68 -51.52
CA GLY G 167 -57.05 6.30 -51.56
C GLY G 167 -57.72 6.80 -52.81
N PRO G 168 -59.00 6.50 -52.97
CA PRO G 168 -59.75 7.09 -54.08
C PRO G 168 -60.27 8.46 -53.68
N PHE G 169 -60.09 9.46 -54.54
CA PHE G 169 -60.60 10.79 -54.29
C PHE G 169 -61.91 10.98 -55.06
N ALA G 170 -62.86 11.65 -54.43
CA ALA G 170 -64.14 11.96 -55.04
C ALA G 170 -64.25 13.47 -55.12
N HIS G 171 -64.52 13.98 -56.32
CA HIS G 171 -64.51 15.41 -56.60
C HIS G 171 -65.90 15.84 -57.03
N GLY G 172 -66.30 17.03 -56.59
CA GLY G 172 -67.56 17.60 -57.01
C GLY G 172 -67.55 19.09 -56.82
N VAL G 173 -68.38 19.78 -57.59
CA VAL G 173 -68.56 21.22 -57.42
C VAL G 173 -69.46 21.46 -56.21
N LEU G 174 -69.04 22.39 -55.35
CA LEU G 174 -69.83 22.78 -54.19
C LEU G 174 -70.58 24.08 -54.43
N LEU G 175 -69.89 25.10 -54.95
CA LEU G 175 -70.55 26.40 -55.09
C LEU G 175 -70.17 27.07 -56.40
N GLU G 176 -71.17 27.72 -56.99
CA GLU G 176 -71.07 28.62 -58.13
C GLU G 176 -71.84 29.88 -57.78
N PRO G 177 -71.46 31.03 -58.33
CA PRO G 177 -72.10 32.28 -57.93
C PRO G 177 -73.59 32.28 -58.28
N ASP G 178 -74.40 32.73 -57.32
CA ASP G 178 -75.85 32.73 -57.48
C ASP G 178 -76.34 33.83 -58.41
N GLY G 179 -75.65 34.97 -58.48
CA GLY G 179 -76.02 36.05 -59.37
C GLY G 179 -76.75 37.20 -58.73
N GLU G 180 -77.12 37.09 -57.45
CA GLU G 180 -77.75 38.18 -56.72
C GLU G 180 -76.88 38.75 -55.61
N ARG G 181 -76.21 37.89 -54.83
CA ARG G 181 -75.21 38.32 -53.87
C ARG G 181 -73.79 38.24 -54.41
N TYR G 182 -73.51 37.30 -55.32
CA TYR G 182 -72.18 37.09 -55.84
C TYR G 182 -72.23 37.09 -57.36
N GLU G 183 -71.40 37.94 -57.97
CA GLU G 183 -71.49 38.22 -59.40
C GLU G 183 -71.12 37.01 -60.26
N ARG G 184 -71.88 36.85 -61.35
CA ARG G 184 -71.66 35.85 -62.38
C ARG G 184 -70.84 36.48 -63.51
N GLU G 185 -70.25 35.63 -64.35
CA GLU G 185 -69.36 36.07 -65.43
C GLU G 185 -70.10 36.96 -66.43
N GLU G 186 -71.31 36.55 -66.82
CA GLU G 186 -72.12 37.36 -67.72
C GLU G 186 -72.29 38.77 -67.18
N GLN G 187 -72.38 38.90 -65.84
CA GLN G 187 -72.52 40.17 -65.16
C GLN G 187 -71.20 40.93 -65.05
N SER G 188 -70.07 40.26 -65.29
CA SER G 188 -68.76 40.87 -65.09
C SER G 188 -68.51 42.03 -66.05
N ARG G 189 -68.34 43.23 -65.51
CA ARG G 189 -67.76 44.31 -66.26
C ARG G 189 -66.26 44.39 -65.94
N GLY G 190 -65.58 45.31 -66.62
CA GLY G 190 -64.14 45.48 -66.46
C GLY G 190 -63.35 44.19 -66.61
N MET G 191 -62.66 43.78 -65.56
CA MET G 191 -61.83 42.58 -65.61
C MET G 191 -62.66 41.34 -65.33
N ILE G 192 -62.02 40.18 -65.51
CA ILE G 192 -62.70 38.91 -65.27
C ILE G 192 -63.19 38.86 -63.83
N TYR G 193 -64.37 38.27 -63.65
CA TYR G 193 -64.96 38.13 -62.33
C TYR G 193 -64.09 37.22 -61.47
N THR G 194 -64.43 37.10 -60.19
CA THR G 194 -63.73 36.19 -59.30
C THR G 194 -64.74 35.40 -58.47
N PHE G 195 -64.47 34.10 -58.32
CA PHE G 195 -65.22 33.24 -57.39
C PHE G 195 -64.35 32.04 -57.03
N ARG G 196 -63.45 32.19 -56.06
CA ARG G 196 -62.38 31.22 -55.85
C ARG G 196 -61.86 31.27 -54.42
N ASP G 197 -60.85 30.42 -54.17
CA ASP G 197 -60.06 30.37 -52.94
C ASP G 197 -60.91 30.00 -51.73
N PRO G 198 -61.43 28.77 -51.67
CA PRO G 198 -62.26 28.37 -50.53
C PRO G 198 -61.41 28.06 -49.31
N TRP G 199 -61.72 28.71 -48.19
CA TRP G 199 -60.98 28.55 -46.94
C TRP G 199 -61.96 28.10 -45.86
N PHE G 200 -61.75 26.88 -45.36
CA PHE G 200 -62.61 26.31 -44.32
C PHE G 200 -62.34 27.00 -42.99
N PHE G 201 -63.39 27.19 -42.18
CA PHE G 201 -63.22 27.90 -40.92
C PHE G 201 -64.32 27.51 -39.95
N GLU G 202 -63.94 26.89 -38.84
CA GLU G 202 -64.86 26.68 -37.72
C GLU G 202 -64.74 27.85 -36.75
N ASP G 203 -65.86 28.52 -36.49
CA ASP G 203 -65.90 29.64 -35.57
C ASP G 203 -65.69 29.13 -34.15
N PRO G 204 -64.64 29.56 -33.45
CA PRO G 204 -64.41 29.05 -32.09
C PRO G 204 -65.44 29.49 -31.07
N ARG G 205 -66.28 30.46 -31.40
CA ARG G 205 -67.31 30.94 -30.46
C ARG G 205 -68.63 30.19 -30.62
N SER G 206 -69.29 30.38 -31.77
CA SER G 206 -70.58 29.75 -32.00
C SER G 206 -70.47 28.25 -32.25
N GLY G 207 -69.34 27.78 -32.76
CA GLY G 207 -69.18 26.42 -33.21
C GLY G 207 -69.65 26.15 -34.63
N LYS G 208 -70.30 27.12 -35.27
CA LYS G 208 -70.80 26.93 -36.63
C LYS G 208 -69.64 26.80 -37.61
N THR G 209 -69.93 26.15 -38.73
CA THR G 209 -68.95 25.85 -39.77
C THR G 209 -69.18 26.72 -40.99
N TYR G 210 -68.13 27.42 -41.43
CA TYR G 210 -68.21 28.32 -42.58
C TYR G 210 -67.12 27.99 -43.59
N LEU G 211 -67.32 28.53 -44.79
CA LEU G 211 -66.35 28.44 -45.88
C LEU G 211 -66.26 29.82 -46.51
N LEU G 212 -65.13 30.49 -46.32
CA LEU G 212 -64.92 31.81 -46.93
C LEU G 212 -64.39 31.65 -48.35
N PHE G 213 -64.59 32.70 -49.16
CA PHE G 213 -64.09 32.70 -50.52
C PHE G 213 -64.04 34.13 -51.03
N GLU G 214 -63.33 34.31 -52.14
CA GLU G 214 -63.24 35.60 -52.82
C GLU G 214 -64.27 35.64 -53.94
N ALA G 215 -65.08 36.70 -53.98
CA ALA G 215 -66.09 36.83 -55.01
C ALA G 215 -66.16 38.27 -55.47
N ASN G 216 -67.06 38.52 -56.43
CA ASN G 216 -67.46 39.87 -56.82
C ASN G 216 -68.93 40.01 -56.55
N THR G 217 -69.35 41.20 -56.20
CA THR G 217 -70.76 41.41 -55.93
C THR G 217 -71.40 42.24 -57.04
N PRO G 218 -72.48 41.74 -57.64
CA PRO G 218 -73.06 42.42 -58.81
C PRO G 218 -73.56 43.80 -58.45
N ILE G 219 -73.19 44.79 -59.27
CA ILE G 219 -73.65 46.15 -59.13
C ILE G 219 -74.23 46.57 -60.48
N PRO G 220 -75.50 46.95 -60.56
CA PRO G 220 -76.07 47.35 -61.85
C PRO G 220 -75.35 48.57 -62.42
N GLU G 221 -75.46 48.72 -63.75
CA GLU G 221 -74.78 49.82 -64.42
C GLU G 221 -75.39 51.17 -64.05
N GLY G 222 -76.71 51.25 -63.95
CA GLY G 222 -77.35 52.51 -63.61
C GLY G 222 -77.58 52.72 -62.13
N ALA G 223 -76.90 51.94 -61.28
CA ALA G 223 -77.13 52.02 -59.85
C ALA G 223 -76.70 53.36 -59.25
N GLY G 224 -75.70 54.01 -59.85
CA GLY G 224 -75.20 55.24 -59.26
C GLY G 224 -74.53 55.07 -57.91
N ALA G 225 -74.20 53.85 -57.52
CA ALA G 225 -73.69 53.58 -56.17
C ALA G 225 -72.35 54.25 -55.87
N CYS G 226 -71.62 54.74 -56.87
CA CYS G 226 -70.36 55.44 -56.63
C CYS G 226 -70.29 56.70 -57.47
N GLY G 227 -69.37 57.58 -57.08
CA GLY G 227 -69.18 58.88 -57.71
C GLY G 227 -68.62 58.85 -59.12
N ASP G 228 -68.36 57.67 -59.68
CA ASP G 228 -67.88 57.60 -61.06
C ASP G 228 -68.31 56.26 -61.66
N PRO G 229 -68.89 56.28 -62.86
CA PRO G 229 -69.28 55.01 -63.51
C PRO G 229 -68.17 53.98 -63.67
N VAL G 230 -66.93 54.37 -63.95
CA VAL G 230 -65.89 53.36 -64.10
C VAL G 230 -65.63 52.65 -62.78
N TRP G 231 -65.73 53.37 -61.66
CA TRP G 231 -65.43 52.81 -60.35
C TRP G 231 -66.28 51.58 -60.02
N GLU G 232 -67.52 51.53 -60.49
CA GLU G 232 -68.38 50.37 -60.17
C GLU G 232 -67.87 49.07 -60.78
N GLU G 233 -66.89 49.13 -61.68
CA GLU G 233 -66.34 47.89 -62.22
C GLU G 233 -65.49 47.13 -61.21
N PHE G 234 -64.99 47.80 -60.17
CA PHE G 234 -64.15 47.18 -59.14
C PHE G 234 -65.05 46.80 -57.95
N ASN G 235 -65.43 45.53 -57.88
CA ASN G 235 -66.46 45.06 -56.97
C ASN G 235 -66.00 43.85 -56.18
N GLY G 236 -64.74 43.83 -55.76
CA GLY G 236 -64.24 42.70 -54.98
C GLY G 236 -64.90 42.61 -53.62
N SER G 237 -65.10 41.37 -53.16
CA SER G 237 -65.76 41.13 -51.89
C SER G 237 -65.31 39.79 -51.32
N VAL G 238 -65.46 39.65 -50.01
CA VAL G 238 -65.18 38.40 -49.31
C VAL G 238 -66.52 37.75 -49.03
N GLY G 239 -66.87 36.73 -49.80
CA GLY G 239 -68.08 36.00 -49.56
C GLY G 239 -67.87 34.87 -48.58
N ILE G 240 -68.96 34.41 -47.98
CA ILE G 240 -68.92 33.36 -46.97
C ILE G 240 -70.14 32.47 -47.16
N ALA G 241 -69.96 31.17 -46.93
CA ALA G 241 -71.03 30.21 -46.98
C ALA G 241 -71.09 29.48 -45.65
N HIS G 242 -72.29 29.01 -45.30
CA HIS G 242 -72.53 28.35 -44.03
C HIS G 242 -72.87 26.89 -44.26
N SER G 243 -72.55 26.06 -43.29
CA SER G 243 -72.96 24.66 -43.29
C SER G 243 -73.84 24.40 -42.07
N PRO G 244 -75.15 24.16 -42.24
CA PRO G 244 -76.00 23.96 -41.05
C PRO G 244 -75.59 22.77 -40.20
N THR G 245 -75.39 21.60 -40.79
CA THR G 245 -74.70 20.55 -40.06
C THR G 245 -73.20 20.68 -40.29
N GLY G 246 -72.43 19.83 -39.61
CA GLY G 246 -70.98 19.90 -39.69
C GLY G 246 -70.35 19.36 -40.94
N ASP G 247 -71.13 18.70 -41.81
CA ASP G 247 -70.62 18.10 -43.04
C ASP G 247 -69.81 19.11 -43.85
N PRO G 248 -68.54 18.82 -44.16
CA PRO G 248 -67.72 19.76 -44.94
C PRO G 248 -68.13 19.87 -46.41
N THR G 249 -69.24 19.25 -46.81
CA THR G 249 -69.66 19.22 -48.21
C THR G 249 -71.02 19.83 -48.49
N ASP G 250 -71.74 20.33 -47.47
CA ASP G 250 -73.03 20.97 -47.69
C ASP G 250 -72.94 22.45 -47.35
N TRP G 251 -73.09 23.29 -48.36
CA TRP G 251 -72.95 24.72 -48.14
C TRP G 251 -74.13 25.46 -48.76
N GLU G 252 -74.55 26.53 -48.09
CA GLU G 252 -75.52 27.47 -48.61
C GLU G 252 -74.96 28.87 -48.43
N LEU G 253 -75.02 29.66 -49.50
CA LEU G 253 -74.41 30.98 -49.51
C LEU G 253 -75.06 31.91 -48.50
N CYS G 254 -74.25 32.77 -47.91
CA CYS G 254 -74.70 33.85 -47.03
C CYS G 254 -74.25 35.19 -47.60
N ASP G 255 -74.66 36.27 -46.94
CA ASP G 255 -74.27 37.60 -47.36
C ASP G 255 -72.77 37.83 -47.12
N PRO G 256 -72.12 38.63 -47.96
CA PRO G 256 -70.67 38.76 -47.86
C PRO G 256 -70.23 39.48 -46.59
N LEU G 257 -69.03 39.10 -46.12
CA LEU G 257 -68.47 39.67 -44.90
C LEU G 257 -68.02 41.12 -45.11
N LEU G 258 -67.48 41.41 -46.28
CA LEU G 258 -66.84 42.69 -46.56
C LEU G 258 -66.80 42.89 -48.06
N GLU G 259 -66.97 44.15 -48.50
CA GLU G 259 -66.94 44.51 -49.91
C GLU G 259 -66.03 45.72 -50.10
N GLY G 260 -65.25 45.69 -51.17
CA GLY G 260 -64.37 46.79 -51.54
C GLY G 260 -64.84 47.50 -52.78
N ILE G 261 -66.15 47.79 -52.84
CA ILE G 261 -66.72 48.41 -54.02
C ILE G 261 -66.07 49.77 -54.25
N CYS G 262 -65.56 49.98 -55.47
CA CYS G 262 -64.89 51.20 -55.91
C CYS G 262 -63.51 51.36 -55.27
N VAL G 263 -62.96 50.28 -54.73
CA VAL G 263 -61.61 50.26 -54.16
C VAL G 263 -60.75 49.18 -54.81
N ASN G 264 -61.23 47.94 -54.85
CA ASN G 264 -60.42 46.86 -55.41
C ASN G 264 -61.31 45.80 -56.04
N GLN G 265 -60.77 45.14 -57.06
CA GLN G 265 -61.46 44.08 -57.79
C GLN G 265 -61.17 42.69 -57.23
N GLU G 266 -59.95 42.46 -56.74
CA GLU G 266 -59.53 41.14 -56.27
C GLU G 266 -59.07 41.22 -54.82
N LEU G 267 -59.87 40.67 -53.91
CA LEU G 267 -59.47 40.46 -52.52
C LEU G 267 -59.10 38.98 -52.38
N GLU G 268 -57.89 38.66 -52.81
CA GLU G 268 -57.49 37.26 -52.96
C GLU G 268 -57.24 36.58 -51.62
N ARG G 269 -57.48 35.27 -51.61
CA ARG G 269 -57.28 34.29 -50.53
C ARG G 269 -57.66 34.86 -49.16
N PRO G 270 -58.96 34.99 -48.88
CA PRO G 270 -59.36 35.55 -47.58
C PRO G 270 -59.32 34.49 -46.50
N HIS G 271 -59.01 34.94 -45.29
CA HIS G 271 -59.00 34.03 -44.15
C HIS G 271 -59.13 34.83 -42.86
N VAL G 272 -59.49 34.13 -41.78
CA VAL G 272 -59.70 34.74 -40.47
C VAL G 272 -58.76 34.10 -39.44
N VAL G 273 -58.16 34.96 -38.62
CA VAL G 273 -57.45 34.56 -37.40
C VAL G 273 -58.21 35.12 -36.21
N VAL G 274 -58.54 34.27 -35.26
CA VAL G 274 -59.19 34.70 -34.03
C VAL G 274 -58.13 34.90 -32.96
N ARG G 275 -58.10 36.11 -32.40
CA ARG G 275 -57.17 36.55 -31.35
C ARG G 275 -58.05 37.37 -30.41
N ASN G 276 -57.70 37.41 -29.12
CA ASN G 276 -58.52 36.83 -28.03
C ASN G 276 -60.01 36.94 -28.39
N GLY G 277 -60.59 38.13 -28.41
CA GLY G 277 -62.01 38.19 -28.69
C GLY G 277 -62.40 38.78 -30.01
N PHE G 278 -61.41 39.01 -30.86
CA PHE G 278 -61.48 39.72 -32.11
C PHE G 278 -61.13 38.82 -33.29
N TYR G 279 -61.80 39.09 -34.39
CA TYR G 279 -61.69 38.35 -35.64
C TYR G 279 -60.94 39.24 -36.61
N TYR G 280 -59.77 38.79 -37.06
CA TYR G 280 -58.96 39.51 -38.02
C TYR G 280 -59.12 38.83 -39.37
N LEU G 281 -59.65 39.57 -40.33
CA LEU G 281 -59.86 39.10 -41.70
C LEU G 281 -58.70 39.62 -42.55
N PHE G 282 -58.00 38.70 -43.20
CA PHE G 282 -56.86 39.04 -44.04
C PHE G 282 -57.16 38.64 -45.48
N VAL G 283 -56.73 39.50 -46.40
CA VAL G 283 -56.84 39.28 -47.84
C VAL G 283 -55.58 39.82 -48.50
N SER G 284 -55.04 39.08 -49.46
CA SER G 284 -53.98 39.59 -50.30
C SER G 284 -54.57 40.35 -51.48
N SER G 285 -53.84 41.35 -51.98
CA SER G 285 -54.34 42.12 -53.11
C SER G 285 -53.19 42.67 -53.94
N HIS G 286 -53.46 42.87 -55.22
CA HIS G 286 -52.50 43.37 -56.20
C HIS G 286 -52.56 44.89 -56.30
N ASP G 287 -51.53 45.46 -56.91
CA ASP G 287 -51.51 46.90 -57.13
C ASP G 287 -52.36 47.30 -58.34
N HIS G 288 -52.37 46.48 -59.38
CA HIS G 288 -53.08 46.81 -60.61
C HIS G 288 -54.58 46.55 -60.53
N THR G 289 -55.06 45.94 -59.44
CA THR G 289 -56.48 45.69 -59.29
C THR G 289 -57.18 46.78 -58.47
N PHE G 290 -56.46 47.85 -58.15
CA PHE G 290 -57.06 48.99 -57.47
C PHE G 290 -57.79 49.86 -58.46
N ALA G 291 -58.92 50.43 -58.03
CA ALA G 291 -59.67 51.35 -58.87
C ALA G 291 -58.83 52.58 -59.16
N PRO G 292 -59.10 53.28 -60.27
CA PRO G 292 -58.33 54.49 -60.58
C PRO G 292 -58.49 55.55 -59.51
N GLY G 293 -57.43 56.36 -59.34
CA GLY G 293 -57.39 57.34 -58.29
C GLY G 293 -56.84 56.85 -56.96
N LEU G 294 -56.63 55.53 -56.83
CA LEU G 294 -56.07 54.92 -55.63
C LEU G 294 -54.76 54.24 -55.98
N GLU G 295 -53.77 54.39 -55.11
CA GLU G 295 -52.44 53.79 -55.29
C GLU G 295 -52.13 52.93 -54.08
N GLY G 296 -52.22 51.61 -54.26
CA GLY G 296 -51.86 50.66 -53.24
C GLY G 296 -50.96 49.59 -53.81
N PRO G 297 -50.02 49.10 -53.01
CA PRO G 297 -49.06 48.10 -53.49
C PRO G 297 -49.55 46.67 -53.29
N ASP G 298 -48.92 45.76 -54.03
CA ASP G 298 -49.04 44.32 -53.76
C ASP G 298 -48.81 44.06 -52.28
N GLY G 299 -49.83 43.55 -51.59
CA GLY G 299 -49.68 43.37 -50.17
C GLY G 299 -50.82 42.62 -49.52
N LEU G 300 -50.62 42.34 -48.23
CA LEU G 300 -51.63 41.75 -47.36
C LEU G 300 -52.36 42.86 -46.60
N TYR G 301 -53.66 42.95 -46.83
CA TYR G 301 -54.56 43.90 -46.19
C TYR G 301 -55.45 43.19 -45.19
N GLY G 302 -55.82 43.91 -44.13
CA GLY G 302 -56.48 43.28 -43.00
C GLY G 302 -57.51 44.19 -42.35
N PHE G 303 -58.51 43.56 -41.74
CA PHE G 303 -59.62 44.22 -41.09
C PHE G 303 -59.94 43.46 -39.80
N VAL G 304 -60.63 44.12 -38.88
CA VAL G 304 -60.89 43.50 -37.58
C VAL G 304 -62.32 43.81 -37.14
N ALA G 305 -62.96 42.83 -36.52
CA ALA G 305 -64.28 43.04 -35.93
C ALA G 305 -64.36 42.19 -34.67
N ASP G 306 -65.45 42.35 -33.92
CA ASP G 306 -65.64 41.60 -32.69
C ASP G 306 -66.43 40.32 -32.91
N SER G 307 -66.86 40.06 -34.13
CA SER G 307 -67.57 38.83 -34.48
C SER G 307 -67.23 38.48 -35.91
N LEU G 308 -67.53 37.23 -36.29
CA LEU G 308 -67.18 36.77 -37.63
C LEU G 308 -67.90 37.57 -38.71
N ARG G 309 -69.18 37.88 -38.49
CA ARG G 309 -69.94 38.67 -39.46
C ARG G 309 -70.23 40.08 -38.96
N GLY G 310 -69.30 40.67 -38.21
CA GLY G 310 -69.49 41.99 -37.64
C GLY G 310 -69.05 43.11 -38.58
N GLU G 311 -69.08 44.32 -38.04
CA GLU G 311 -68.72 45.54 -38.77
C GLU G 311 -67.20 45.61 -38.85
N TYR G 312 -66.63 45.03 -39.90
CA TYR G 312 -65.19 45.08 -40.10
C TYR G 312 -64.71 46.51 -40.32
N ARG G 313 -63.58 46.85 -39.72
CA ARG G 313 -62.92 48.14 -39.92
C ARG G 313 -61.46 47.90 -40.25
N PRO G 314 -60.85 48.72 -41.10
CA PRO G 314 -59.52 48.39 -41.61
C PRO G 314 -58.44 48.53 -40.54
N LEU G 315 -57.50 47.57 -40.56
CA LEU G 315 -56.33 47.67 -39.71
C LEU G 315 -55.44 48.82 -40.17
N ASN G 316 -54.79 49.47 -39.20
CA ASN G 316 -53.85 50.57 -39.45
C ASN G 316 -54.50 51.75 -40.17
N GLY G 317 -55.83 51.86 -40.11
CA GLY G 317 -56.51 52.96 -40.78
C GLY G 317 -56.74 52.80 -42.26
N SER G 318 -55.70 52.42 -43.00
CA SER G 318 -55.78 52.25 -44.44
C SER G 318 -56.20 50.84 -44.85
N GLY G 319 -55.79 49.83 -44.10
CA GLY G 319 -55.99 48.43 -44.47
C GLY G 319 -54.69 47.68 -44.69
N LEU G 320 -53.61 48.37 -45.03
CA LEU G 320 -52.34 47.70 -45.31
C LEU G 320 -51.75 47.11 -44.03
N VAL G 321 -51.56 45.80 -44.02
CA VAL G 321 -50.91 45.11 -42.91
C VAL G 321 -49.45 44.81 -43.23
N LEU G 322 -49.17 44.38 -44.45
CA LEU G 322 -47.84 43.89 -44.79
C LEU G 322 -47.60 44.10 -46.28
N THR G 323 -46.40 44.55 -46.63
CA THR G 323 -46.11 44.83 -48.03
C THR G 323 -44.61 44.70 -48.28
N ASN G 324 -44.26 44.62 -49.57
CA ASN G 324 -42.89 44.50 -50.01
C ASN G 324 -42.22 45.87 -50.14
N PRO G 325 -40.88 45.93 -50.05
CA PRO G 325 -40.22 47.22 -50.19
C PRO G 325 -40.34 47.77 -51.60
N ALA G 326 -40.23 49.09 -51.69
CA ALA G 326 -40.41 49.78 -52.97
C ALA G 326 -39.39 49.31 -54.01
N ASN G 327 -38.18 48.98 -53.58
CA ASN G 327 -37.13 48.59 -54.52
C ASN G 327 -37.10 47.09 -54.82
N ALA G 328 -38.14 46.35 -54.43
CA ALA G 328 -38.36 44.95 -54.82
C ALA G 328 -39.84 44.62 -54.66
N PRO G 329 -40.73 45.33 -55.35
CA PRO G 329 -42.13 45.40 -54.92
C PRO G 329 -42.96 44.17 -55.23
N TYR G 330 -42.44 43.20 -55.98
CA TYR G 330 -43.20 42.00 -56.31
C TYR G 330 -42.53 40.75 -55.75
N GLN G 331 -41.71 40.89 -54.71
CA GLN G 331 -40.90 39.77 -54.26
C GLN G 331 -41.72 38.68 -53.57
N ALA G 332 -42.86 39.03 -52.99
CA ALA G 332 -43.68 38.03 -52.32
C ALA G 332 -45.15 38.33 -52.55
N TYR G 333 -45.97 37.30 -52.40
CA TYR G 333 -47.42 37.45 -52.57
C TYR G 333 -48.11 36.23 -51.97
N SER G 334 -49.43 36.34 -51.83
CA SER G 334 -50.29 35.24 -51.41
C SER G 334 -49.97 34.83 -49.96
N TRP G 335 -50.02 35.81 -49.07
CA TRP G 335 -49.69 35.59 -47.67
C TRP G 335 -50.84 34.89 -46.95
N VAL G 336 -50.49 33.99 -46.02
CA VAL G 336 -51.44 33.34 -45.12
C VAL G 336 -51.00 33.58 -43.69
N ALA G 337 -51.92 34.03 -42.84
CA ALA G 337 -51.61 34.35 -41.45
C ALA G 337 -52.12 33.26 -40.50
N PHE G 338 -51.35 32.99 -39.45
CA PHE G 338 -51.72 32.00 -38.46
C PHE G 338 -51.06 32.32 -37.12
N SER G 339 -51.79 32.06 -36.04
CA SER G 339 -51.31 32.39 -34.71
C SER G 339 -50.19 31.46 -34.26
N HIS G 340 -49.29 32.00 -33.46
CA HIS G 340 -48.25 31.25 -32.76
C HIS G 340 -47.94 32.13 -31.55
N ARG G 341 -47.70 31.53 -30.39
CA ARG G 341 -48.44 31.79 -29.14
C ARG G 341 -48.96 33.22 -29.11
N GLU G 342 -48.13 34.25 -28.88
CA GLU G 342 -48.61 35.64 -28.85
C GLU G 342 -48.17 36.48 -30.04
N GLU G 343 -47.64 35.85 -31.06
CA GLU G 343 -47.29 36.43 -32.35
C GLU G 343 -48.24 35.93 -33.42
N LEU G 344 -48.22 36.62 -34.54
CA LEU G 344 -48.94 36.20 -35.73
C LEU G 344 -47.89 35.98 -36.80
N LEU G 345 -47.85 34.78 -37.36
CA LEU G 345 -46.91 34.48 -38.44
C LEU G 345 -47.62 34.60 -39.77
N VAL G 346 -46.88 35.04 -40.78
CA VAL G 346 -47.43 35.29 -42.10
C VAL G 346 -46.48 34.65 -43.11
N SER G 347 -46.98 33.70 -43.89
CA SER G 347 -46.18 33.00 -44.89
C SER G 347 -46.70 33.29 -46.28
N GLY G 348 -45.87 33.92 -47.10
CA GLY G 348 -46.11 34.08 -48.51
C GLY G 348 -45.28 33.12 -49.34
N PHE G 349 -45.13 33.44 -50.61
CA PHE G 349 -44.23 32.71 -51.49
C PHE G 349 -43.32 33.71 -52.20
N PHE G 350 -42.22 33.20 -52.75
CA PHE G 350 -41.17 34.01 -53.35
C PHE G 350 -41.51 34.24 -54.82
N ASN G 351 -41.89 35.47 -55.17
CA ASN G 351 -42.50 35.67 -56.48
C ASN G 351 -41.56 36.19 -57.58
N TYR G 352 -41.52 37.51 -57.75
CA TYR G 352 -40.77 38.15 -58.82
C TYR G 352 -39.69 39.02 -58.20
N TYR G 353 -38.44 38.73 -58.49
CA TYR G 353 -37.34 39.50 -57.94
C TYR G 353 -36.34 39.86 -59.01
N ASP G 354 -35.47 40.82 -58.67
CA ASP G 354 -34.38 41.26 -59.54
C ASP G 354 -34.92 41.86 -60.84
N LEU G 355 -35.99 42.66 -60.73
CA LEU G 355 -36.55 43.29 -61.92
C LEU G 355 -35.74 44.49 -62.40
N GLY G 356 -34.92 45.08 -61.54
CA GLY G 356 -34.15 46.25 -61.96
C GLY G 356 -34.95 47.50 -62.22
N GLY G 357 -36.22 47.51 -61.85
CA GLY G 357 -37.11 48.63 -62.07
C GLY G 357 -38.21 48.37 -63.08
N LEU G 358 -38.14 47.25 -63.79
CA LEU G 358 -39.14 46.92 -64.81
C LEU G 358 -40.50 46.65 -64.16
N THR G 359 -41.55 46.88 -64.95
CA THR G 359 -42.90 46.49 -64.57
C THR G 359 -43.17 45.05 -64.99
N LEU G 360 -44.31 44.51 -64.55
CA LEU G 360 -44.58 43.09 -64.78
C LEU G 360 -44.86 42.80 -66.25
N ASP G 361 -45.56 43.70 -66.94
CA ASP G 361 -45.79 43.50 -68.37
C ASP G 361 -44.48 43.63 -69.16
N ASP G 362 -43.51 44.36 -68.62
CA ASP G 362 -42.18 44.42 -69.22
C ASP G 362 -41.47 43.09 -69.16
N VAL G 363 -41.69 42.31 -68.09
CA VAL G 363 -41.03 41.01 -67.94
C VAL G 363 -41.46 40.07 -69.06
N ALA G 364 -42.67 40.24 -69.58
CA ALA G 364 -43.14 39.42 -70.70
C ALA G 364 -42.32 39.61 -71.97
N THR G 365 -41.62 40.75 -72.10
CA THR G 365 -40.81 41.01 -73.30
C THR G 365 -39.53 40.20 -73.33
N LEU G 366 -38.95 39.90 -72.17
CA LEU G 366 -37.64 39.26 -72.09
C LEU G 366 -37.69 37.84 -72.63
N SER G 367 -36.49 37.31 -72.93
CA SER G 367 -36.36 35.93 -73.38
C SER G 367 -36.82 34.96 -72.30
N PRO G 368 -37.18 33.73 -72.69
CA PRO G 368 -37.64 32.75 -71.69
C PRO G 368 -36.73 32.59 -70.47
N ASP G 369 -35.42 32.47 -70.70
CA ASP G 369 -34.50 32.26 -69.59
C ASP G 369 -34.42 33.49 -68.69
N GLU G 370 -34.39 34.69 -69.27
CA GLU G 370 -34.36 35.91 -68.49
C GLU G 370 -35.64 36.08 -67.67
N GLN G 371 -36.76 35.47 -68.10
CA GLN G 371 -37.97 35.49 -67.30
C GLN G 371 -37.87 34.50 -66.15
N ARG G 372 -37.50 33.24 -66.45
CA ARG G 372 -37.39 32.25 -65.38
C ARG G 372 -36.35 32.65 -64.33
N ALA G 373 -35.32 33.39 -64.71
CA ALA G 373 -34.30 33.79 -63.74
C ALA G 373 -34.84 34.77 -62.71
N LYS G 374 -35.97 35.41 -62.98
CA LYS G 374 -36.54 36.42 -62.10
C LYS G 374 -37.77 35.92 -61.34
N PHE G 375 -37.93 34.60 -61.21
CA PHE G 375 -39.06 34.02 -60.51
C PHE G 375 -38.56 33.04 -59.46
N GLY G 376 -38.99 33.23 -58.22
CA GLY G 376 -38.57 32.34 -57.16
C GLY G 376 -39.21 30.97 -57.23
N GLY G 377 -40.50 30.91 -56.96
CA GLY G 377 -41.19 29.64 -56.92
C GLY G 377 -40.89 28.81 -55.70
N THR G 378 -40.65 29.44 -54.56
CA THR G 378 -40.46 28.75 -53.28
C THR G 378 -41.23 29.50 -52.21
N LEU G 379 -41.04 29.10 -50.96
CA LEU G 379 -41.68 29.76 -49.84
C LEU G 379 -40.88 30.98 -49.40
N ALA G 380 -41.59 32.04 -49.04
CA ALA G 380 -40.94 33.23 -48.54
C ALA G 380 -40.59 33.07 -47.06
N PRO G 381 -39.59 33.81 -46.58
CA PRO G 381 -39.30 33.80 -45.13
C PRO G 381 -40.50 34.27 -44.33
N THR G 382 -41.02 33.37 -43.48
CA THR G 382 -42.23 33.70 -42.74
C THR G 382 -41.98 34.87 -41.80
N VAL G 383 -42.88 35.86 -41.86
CA VAL G 383 -42.73 37.13 -41.16
C VAL G 383 -43.47 37.05 -39.84
N ARG G 384 -42.88 37.62 -38.79
CA ARG G 384 -43.49 37.67 -37.46
C ARG G 384 -44.03 39.08 -37.24
N VAL G 385 -45.34 39.18 -37.00
CA VAL G 385 -46.02 40.43 -36.75
C VAL G 385 -46.67 40.38 -35.38
N ALA G 386 -46.97 41.56 -34.86
CA ALA G 386 -47.61 41.73 -33.56
C ALA G 386 -48.87 42.58 -33.73
N LEU G 387 -50.02 41.99 -33.42
CA LEU G 387 -51.28 42.73 -33.39
C LEU G 387 -51.48 43.38 -32.03
N SER G 388 -52.12 44.55 -32.03
CA SER G 388 -52.35 45.30 -30.80
C SER G 388 -53.74 45.94 -30.74
N GLY G 389 -54.61 45.64 -31.69
CA GLY G 389 -55.93 46.23 -31.73
C GLY G 389 -56.37 46.30 -33.18
N ASP G 390 -56.55 47.52 -33.68
CA ASP G 390 -56.65 47.76 -35.11
C ASP G 390 -55.31 48.17 -35.71
N ARG G 391 -54.21 47.80 -35.04
CA ARG G 391 -52.86 48.22 -35.40
C ARG G 391 -51.93 47.02 -35.49
N THR G 392 -51.08 47.01 -36.51
CA THR G 392 -50.10 45.95 -36.73
C THR G 392 -48.70 46.54 -36.79
N ARG G 393 -47.70 45.65 -36.64
CA ARG G 393 -46.30 46.06 -36.70
C ARG G 393 -45.46 44.85 -37.05
N ILE G 394 -44.60 44.98 -38.06
CA ILE G 394 -43.66 43.91 -38.39
C ILE G 394 -42.59 43.85 -37.32
N THR G 395 -42.37 42.66 -36.74
CA THR G 395 -41.35 42.52 -35.70
C THR G 395 -40.17 41.66 -36.09
N GLY G 396 -40.29 40.81 -37.11
CA GLY G 396 -39.11 40.07 -37.54
C GLY G 396 -39.43 39.05 -38.62
N THR G 397 -38.45 38.18 -38.86
CA THR G 397 -38.61 37.09 -39.81
C THR G 397 -37.95 35.83 -39.27
N LEU G 398 -38.28 34.70 -39.88
CA LEU G 398 -37.71 33.39 -39.61
C LEU G 398 -37.18 32.82 -40.92
N SER G 399 -36.70 31.58 -40.87
CA SER G 399 -36.18 30.92 -42.05
C SER G 399 -37.25 30.81 -43.15
N HIS G 400 -36.80 30.58 -44.38
CA HIS G 400 -37.68 30.37 -45.53
C HIS G 400 -38.70 29.27 -45.28
N GLY G 401 -39.97 29.61 -45.36
CA GLY G 401 -41.04 28.64 -45.21
C GLY G 401 -41.04 27.89 -43.90
N ARG G 402 -40.78 28.59 -42.79
CA ARG G 402 -40.86 28.00 -41.46
C ARG G 402 -42.31 28.07 -40.98
N ILE G 403 -42.99 26.93 -40.92
CA ILE G 403 -44.33 26.87 -40.37
C ILE G 403 -44.25 26.09 -39.05
N PRO G 404 -44.13 26.77 -37.92
CA PRO G 404 -43.93 26.08 -36.65
C PRO G 404 -45.25 25.77 -35.95
N LEU G 405 -45.20 24.74 -35.11
CA LEU G 405 -46.32 24.41 -34.26
C LEU G 405 -46.27 25.27 -33.00
N GLU G 406 -47.38 25.30 -32.27
CA GLU G 406 -47.36 26.04 -31.01
C GLU G 406 -46.49 25.36 -29.98
N SER G 407 -46.20 24.06 -30.16
CA SER G 407 -45.32 23.31 -29.27
C SER G 407 -43.87 23.81 -29.35
N GLU G 408 -43.52 24.51 -30.43
CA GLU G 408 -42.15 24.95 -30.68
C GLU G 408 -41.98 26.42 -30.29
N GLU G 409 -40.85 26.73 -29.66
CA GLU G 409 -40.51 28.11 -29.31
C GLU G 409 -39.58 28.70 -30.36
N LEU G 410 -39.84 29.97 -30.72
CA LEU G 410 -39.16 30.73 -31.76
C LEU G 410 -38.02 31.57 -31.19
N PRO G 411 -37.04 31.92 -32.02
CA PRO G 411 -35.93 32.78 -31.57
C PRO G 411 -36.42 34.13 -31.06
N ASP G 412 -35.61 34.73 -30.19
CA ASP G 412 -35.92 36.02 -29.62
C ASP G 412 -35.79 37.15 -30.64
N LEU G 413 -36.42 38.28 -30.33
CA LEU G 413 -36.52 39.46 -31.18
C LEU G 413 -35.66 40.61 -30.67
N PRO G 414 -35.26 41.54 -31.55
CA PRO G 414 -34.51 42.74 -31.13
C PRO G 414 -35.35 43.67 -30.26
N ALA H 9 35.85 18.82 49.42
CA ALA H 9 34.46 19.09 49.06
C ALA H 9 33.75 17.79 48.65
N THR H 10 33.93 16.73 49.45
CA THR H 10 33.44 15.39 49.10
C THR H 10 31.91 15.36 49.09
N PRO H 11 31.29 14.79 48.05
CA PRO H 11 29.83 14.69 48.01
C PRO H 11 29.29 13.89 49.18
N ARG H 12 28.12 14.32 49.68
CA ARG H 12 27.54 13.75 50.88
C ARG H 12 26.11 13.30 50.62
N TRP H 13 25.83 12.04 50.96
CA TRP H 13 24.45 11.56 51.13
C TRP H 13 23.97 12.05 52.48
N THR H 14 23.16 13.11 52.50
CA THR H 14 22.83 13.80 53.74
C THR H 14 21.59 13.23 54.40
N ARG H 15 21.34 13.68 55.62
CA ARG H 15 20.17 13.23 56.39
C ARG H 15 18.87 13.79 55.81
N GLU H 16 18.90 14.99 55.23
CA GLU H 16 17.69 15.49 54.58
C GLU H 16 17.26 14.59 53.44
N HIS H 17 18.23 13.95 52.77
CA HIS H 17 17.92 12.95 51.76
C HIS H 17 17.31 11.71 52.39
N ALA H 18 17.98 11.13 53.39
CA ALA H 18 17.53 9.88 53.99
C ALA H 18 16.17 10.01 54.68
N SER H 19 15.79 11.22 55.11
CA SER H 19 14.47 11.40 55.71
C SER H 19 13.34 11.12 54.73
N LYS H 20 13.60 11.25 53.42
CA LYS H 20 12.61 11.05 52.38
C LYS H 20 12.51 9.60 51.89
N ILE H 21 13.32 8.69 52.44
CA ILE H 21 13.28 7.29 52.00
C ILE H 21 11.90 6.71 52.27
N GLU H 22 11.35 6.04 51.28
CA GLU H 22 9.98 5.53 51.33
C GLU H 22 9.77 4.54 50.18
N ARG H 23 9.13 3.41 50.48
CA ARG H 23 8.76 2.46 49.45
C ARG H 23 7.70 3.03 48.52
N THR H 24 7.84 2.76 47.23
CA THR H 24 6.87 3.16 46.22
C THR H 24 6.75 2.06 45.18
N ASP H 25 5.66 2.10 44.41
CA ASP H 25 5.48 1.13 43.33
C ASP H 25 6.59 1.22 42.29
N GLU H 26 7.29 2.35 42.23
CA GLU H 26 8.37 2.53 41.27
C GLU H 26 9.69 1.94 41.75
N THR H 27 9.78 1.52 43.00
CA THR H 27 11.03 1.01 43.56
C THR H 27 10.92 -0.36 44.24
N VAL H 28 9.73 -0.93 44.38
CA VAL H 28 9.54 -2.20 45.07
C VAL H 28 9.51 -3.33 44.04
N VAL H 29 10.32 -4.36 44.27
CA VAL H 29 10.47 -5.49 43.34
C VAL H 29 9.40 -6.55 43.62
N PRO H 30 9.09 -7.41 42.66
CA PRO H 30 8.10 -8.46 42.92
C PRO H 30 8.60 -9.47 43.93
N ILE H 31 7.66 -10.28 44.44
CA ILE H 31 8.01 -11.33 45.38
C ILE H 31 8.84 -12.38 44.66
N ILE H 32 9.92 -12.81 45.31
CA ILE H 32 10.78 -13.88 44.80
C ILE H 32 10.34 -15.18 45.44
N TYR H 33 9.99 -16.16 44.61
CA TYR H 33 9.72 -17.52 45.01
C TYR H 33 10.87 -18.42 44.59
N PRO H 34 11.18 -19.47 45.35
CA PRO H 34 12.36 -20.29 45.06
C PRO H 34 12.29 -20.88 43.66
N PRO H 35 13.42 -20.97 42.97
CA PRO H 35 13.41 -21.54 41.62
C PRO H 35 13.26 -23.05 41.69
N ARG H 36 12.90 -23.64 40.53
CA ARG H 36 12.54 -25.06 40.55
C ARG H 36 13.77 -25.97 40.64
N GLU H 37 14.89 -25.61 40.01
CA GLU H 37 16.10 -26.44 40.12
C GLU H 37 17.24 -25.49 40.42
N ASP H 38 18.34 -26.03 40.97
CA ASP H 38 19.48 -25.22 41.41
C ASP H 38 20.76 -25.70 40.70
N ALA H 39 21.66 -24.74 40.41
CA ALA H 39 22.91 -25.04 39.73
C ALA H 39 23.83 -25.94 40.55
N ALA H 40 23.72 -25.91 41.88
CA ALA H 40 24.49 -26.79 42.74
C ALA H 40 23.75 -26.94 44.08
N PRO H 41 23.01 -28.03 44.28
CA PRO H 41 22.18 -28.16 45.49
C PRO H 41 22.96 -28.21 46.79
N GLU H 42 24.25 -28.55 46.75
CA GLU H 42 25.02 -28.73 47.98
C GLU H 42 25.67 -27.46 48.49
N ILE H 43 25.60 -26.34 47.76
CA ILE H 43 26.26 -25.10 48.16
C ILE H 43 25.28 -23.94 48.06
N ASN H 44 25.45 -22.98 48.98
CA ASN H 44 24.73 -21.72 48.94
C ASN H 44 25.63 -20.66 48.34
N GLY H 45 25.06 -19.82 47.49
CA GLY H 45 25.82 -18.75 46.86
C GLY H 45 25.15 -17.40 47.06
N TRP H 46 25.99 -16.39 47.26
CA TRP H 46 25.53 -15.01 47.38
C TRP H 46 26.62 -14.11 46.81
N ASP H 47 26.43 -12.79 46.95
CA ASP H 47 27.41 -11.78 46.53
C ASP H 47 28.12 -12.13 45.22
N THR H 48 27.40 -12.06 44.11
CA THR H 48 27.92 -12.54 42.83
C THR H 48 28.32 -11.37 41.94
N TRP H 49 29.33 -11.61 41.11
CA TRP H 49 29.85 -10.59 40.19
C TRP H 49 30.25 -11.21 38.86
N PHE H 50 30.37 -10.35 37.85
CA PHE H 50 30.62 -10.78 36.48
C PHE H 50 32.10 -10.68 36.12
N LEU H 51 32.55 -11.60 35.27
CA LEU H 51 33.84 -11.47 34.62
C LEU H 51 33.67 -10.49 33.46
N ARG H 52 34.28 -9.31 33.59
CA ARG H 52 34.10 -8.22 32.65
C ARG H 52 35.39 -7.98 31.87
N GLU H 53 35.23 -7.46 30.65
CA GLU H 53 36.37 -6.93 29.91
C GLU H 53 36.80 -5.60 30.55
N ARG H 54 37.89 -5.03 30.03
CA ARG H 54 38.42 -3.81 30.62
C ARG H 54 37.42 -2.66 30.51
N ASP H 55 36.70 -2.58 29.38
CA ASP H 55 35.73 -1.51 29.20
C ASP H 55 34.52 -1.68 30.11
N GLY H 56 34.20 -2.92 30.49
CA GLY H 56 33.10 -3.17 31.41
C GLY H 56 32.09 -4.19 30.90
N SER H 57 32.11 -4.48 29.60
CA SER H 57 31.19 -5.45 29.02
C SER H 57 31.38 -6.82 29.64
N ILE H 58 30.31 -7.61 29.65
CA ILE H 58 30.40 -8.99 30.12
C ILE H 58 31.36 -9.73 29.20
N ALA H 59 32.41 -10.30 29.79
CA ALA H 59 33.37 -11.03 28.98
C ALA H 59 32.76 -12.33 28.47
N THR H 60 33.04 -12.66 27.22
CA THR H 60 32.59 -13.91 26.63
C THR H 60 33.81 -14.64 26.07
N VAL H 61 34.00 -15.89 26.49
CA VAL H 61 35.08 -16.74 26.01
C VAL H 61 34.48 -17.98 25.36
N GLY H 62 34.63 -18.10 24.04
CA GLY H 62 34.03 -19.22 23.33
C GLY H 62 32.54 -19.41 23.57
N GLY H 63 31.79 -18.31 23.67
CA GLY H 63 30.36 -18.38 23.84
C GLY H 63 29.90 -18.52 25.28
N TRP H 64 30.81 -18.54 26.24
CA TRP H 64 30.49 -18.77 27.64
C TRP H 64 30.67 -17.47 28.42
N ARG H 65 29.70 -17.15 29.26
CA ARG H 65 29.86 -16.12 30.26
C ARG H 65 30.27 -16.77 31.58
N VAL H 66 31.07 -16.05 32.35
CA VAL H 66 31.55 -16.52 33.64
C VAL H 66 31.13 -15.53 34.72
N ILE H 67 30.68 -16.07 35.85
CA ILE H 67 30.33 -15.28 37.03
C ILE H 67 31.01 -15.92 38.23
N PHE H 68 31.15 -15.15 39.29
CA PHE H 68 31.84 -15.58 40.50
C PHE H 68 30.93 -15.35 41.70
N SER H 69 30.95 -16.29 42.64
CA SER H 69 30.12 -16.20 43.83
C SER H 69 30.90 -16.56 45.08
N LEU H 70 30.59 -15.88 46.18
CA LEU H 70 30.90 -16.42 47.49
C LEU H 70 30.00 -17.61 47.78
N THR H 71 30.59 -18.68 48.32
CA THR H 71 29.87 -19.91 48.56
C THR H 71 30.29 -20.49 49.91
N ALA H 72 29.37 -21.22 50.52
CA ALA H 72 29.60 -22.01 51.73
C ALA H 72 28.77 -23.26 51.58
N PRO H 73 29.14 -24.35 52.26
CA PRO H 73 28.32 -25.57 52.19
C PRO H 73 26.91 -25.29 52.70
N ALA H 74 25.93 -25.88 52.01
CA ALA H 74 24.54 -25.68 52.39
C ALA H 74 24.23 -26.25 53.76
N ASP H 75 25.01 -27.23 54.22
CA ASP H 75 24.83 -27.81 55.55
C ASP H 75 24.99 -26.78 56.66
N LEU H 76 25.73 -25.72 56.38
CA LEU H 76 26.11 -24.73 57.39
C LEU H 76 24.96 -23.76 57.65
N LEU H 77 24.93 -23.22 58.86
CA LEU H 77 23.89 -22.25 59.23
C LEU H 77 24.08 -20.94 58.46
N PRO H 78 23.00 -20.28 58.06
CA PRO H 78 23.13 -19.03 57.28
C PRO H 78 23.92 -17.96 57.99
N GLY H 79 23.60 -17.68 59.25
CA GLY H 79 24.29 -16.62 59.98
C GLY H 79 25.80 -16.73 59.97
N LYS H 80 26.33 -17.96 59.85
CA LYS H 80 27.76 -18.20 59.93
C LYS H 80 28.43 -18.36 58.57
N ARG H 81 27.66 -18.30 57.46
CA ARG H 81 28.26 -18.57 56.16
C ARG H 81 29.38 -17.58 55.85
N HIS H 82 29.36 -16.39 56.45
CA HIS H 82 30.38 -15.39 56.19
C HIS H 82 31.75 -15.78 56.72
N ASP H 83 31.85 -16.78 57.59
CA ASP H 83 33.14 -17.15 58.15
C ASP H 83 33.91 -18.15 57.30
N VAL H 84 33.26 -18.82 56.34
CA VAL H 84 33.87 -19.87 55.54
C VAL H 84 33.60 -19.58 54.06
N ALA H 85 33.45 -18.29 53.71
CA ALA H 85 33.13 -17.93 52.33
C ALA H 85 34.31 -18.27 51.41
N GLU H 86 34.02 -18.99 50.32
CA GLU H 86 35.02 -19.37 49.34
C GLU H 86 34.51 -19.00 47.95
N ILE H 87 35.41 -18.54 47.08
CA ILE H 87 35.01 -18.04 45.77
C ILE H 87 34.96 -19.18 44.76
N ARG H 88 33.79 -19.38 44.18
CA ARG H 88 33.58 -20.33 43.09
C ARG H 88 33.21 -19.58 41.82
N TYR H 89 33.38 -20.25 40.68
CA TYR H 89 32.98 -19.68 39.41
C TYR H 89 31.96 -20.57 38.72
N PHE H 90 31.05 -19.95 37.98
CA PHE H 90 30.03 -20.65 37.22
C PHE H 90 30.03 -20.11 35.79
N TYR H 91 29.65 -20.96 34.84
CA TYR H 91 29.65 -20.58 33.43
C TYR H 91 28.33 -20.94 32.77
N SER H 92 28.03 -20.25 31.67
CA SER H 92 26.79 -20.52 30.95
C SER H 92 26.90 -20.10 29.50
N ARG H 93 26.14 -20.79 28.65
CA ARG H 93 26.10 -20.45 27.22
C ARG H 93 25.00 -19.44 26.89
N ASP H 94 23.86 -19.52 27.56
CA ASP H 94 22.72 -18.65 27.26
C ASP H 94 22.58 -17.49 28.23
N GLY H 95 22.77 -17.72 29.52
CA GLY H 95 22.61 -16.67 30.51
C GLY H 95 21.65 -17.07 31.61
N GLU H 96 21.03 -18.24 31.45
CA GLU H 96 20.04 -18.77 32.39
C GLU H 96 20.52 -20.02 33.09
N THR H 97 20.99 -21.02 32.34
CA THR H 97 21.35 -22.32 32.88
C THR H 97 22.84 -22.31 33.21
N TRP H 98 23.16 -22.15 34.50
CA TRP H 98 24.53 -22.04 34.98
C TRP H 98 25.05 -23.38 35.48
N PHE H 99 26.31 -23.67 35.17
CA PHE H 99 26.99 -24.89 35.60
C PHE H 99 28.05 -24.53 36.65
N ASP H 100 28.13 -25.33 37.70
CA ASP H 100 29.15 -25.12 38.73
C ASP H 100 30.53 -25.46 38.18
N GLY H 101 31.49 -24.56 38.42
CA GLY H 101 32.83 -24.76 37.93
C GLY H 101 33.88 -25.05 39.00
N GLY H 102 33.45 -25.07 40.26
CA GLY H 102 34.34 -25.36 41.37
C GLY H 102 35.13 -24.16 41.84
N PRO H 103 35.90 -24.33 42.92
CA PRO H 103 36.70 -23.23 43.44
C PRO H 103 37.74 -22.72 42.45
N VAL H 104 37.99 -21.41 42.50
CA VAL H 104 38.99 -20.82 41.62
C VAL H 104 40.40 -20.89 42.22
N PHE H 105 40.53 -20.82 43.55
CA PHE H 105 41.82 -20.73 44.20
C PHE H 105 42.12 -22.01 44.96
N GLU H 106 43.32 -22.56 44.74
CA GLU H 106 43.79 -23.75 45.45
C GLU H 106 44.77 -23.35 46.56
N GLY H 107 44.24 -22.95 47.70
CA GLY H 107 45.05 -22.73 48.90
C GLY H 107 45.93 -21.49 48.93
N GLY H 108 46.29 -20.92 47.79
CA GLY H 108 47.16 -19.77 47.87
C GLY H 108 46.50 -18.50 48.33
N THR H 109 45.29 -18.60 48.88
CA THR H 109 44.53 -17.40 49.23
C THR H 109 45.11 -16.67 50.44
N ARG H 110 45.16 -15.34 50.34
CA ARG H 110 45.41 -14.51 51.51
C ARG H 110 44.08 -14.33 52.25
N GLY H 111 44.15 -14.35 53.58
CA GLY H 111 43.00 -14.12 54.43
C GLY H 111 42.36 -15.41 54.93
N SER H 112 41.73 -15.31 56.10
CA SER H 112 40.96 -16.44 56.62
C SER H 112 39.86 -16.84 55.67
N ARG H 113 39.19 -15.86 55.06
CA ARG H 113 38.22 -16.18 54.03
C ARG H 113 38.16 -15.03 53.03
N GLN H 114 37.41 -15.26 51.96
CA GLN H 114 37.31 -14.33 50.86
C GLN H 114 35.92 -13.72 50.82
N TRP H 115 35.87 -12.41 50.67
CA TRP H 115 34.63 -11.67 50.47
C TRP H 115 34.63 -11.02 49.10
N ALA H 116 33.46 -10.46 48.77
CA ALA H 116 33.12 -10.12 47.40
C ALA H 116 34.14 -9.18 46.79
N GLY H 117 34.21 -9.22 45.44
CA GLY H 117 35.12 -8.40 44.68
C GLY H 117 34.66 -8.13 43.25
N SER H 118 35.54 -8.39 42.28
CA SER H 118 35.25 -8.18 40.87
C SER H 118 36.25 -9.00 40.06
N ALA H 119 36.01 -9.06 38.74
CA ALA H 119 36.83 -9.89 37.88
C ALA H 119 37.12 -9.17 36.58
N LEU H 120 38.38 -9.22 36.14
CA LEU H 120 38.82 -8.52 34.94
C LEU H 120 39.52 -9.50 34.01
N LEU H 121 38.99 -9.67 32.81
CA LEU H 121 39.68 -10.37 31.73
C LEU H 121 40.29 -9.32 30.83
N ASP H 122 41.58 -9.06 31.01
CA ASP H 122 42.26 -7.96 30.35
C ASP H 122 42.36 -8.22 28.84
N ASP H 123 42.83 -7.20 28.12
CA ASP H 123 42.98 -7.33 26.67
C ASP H 123 44.04 -8.36 26.31
N ASP H 124 45.13 -8.45 27.08
CA ASP H 124 46.19 -9.41 26.82
C ASP H 124 45.77 -10.86 27.08
N GLY H 125 44.63 -11.08 27.72
CA GLY H 125 44.19 -12.42 28.08
C GLY H 125 44.47 -12.82 29.52
N ARG H 126 45.19 -12.01 30.28
CA ARG H 126 45.41 -12.31 31.69
C ARG H 126 44.14 -12.11 32.50
N LEU H 127 43.88 -13.03 33.42
CA LEU H 127 42.73 -12.94 34.31
C LEU H 127 43.15 -12.43 35.68
N TYR H 128 42.45 -11.41 36.18
CA TYR H 128 42.64 -10.87 37.52
C TYR H 128 41.34 -11.03 38.29
N VAL H 129 41.41 -11.60 39.49
CA VAL H 129 40.21 -11.74 40.32
C VAL H 129 40.43 -10.91 41.59
N PHE H 130 39.84 -9.72 41.64
CA PHE H 130 39.93 -8.89 42.82
C PHE H 130 38.96 -9.41 43.88
N TYR H 131 39.43 -9.50 45.11
CA TYR H 131 38.58 -9.95 46.19
C TYR H 131 39.00 -9.26 47.48
N THR H 132 38.22 -9.48 48.53
CA THR H 132 38.56 -8.97 49.84
C THR H 132 39.11 -10.11 50.67
N ALA H 133 40.30 -9.90 51.23
CA ALA H 133 40.90 -10.88 52.12
C ALA H 133 40.45 -10.48 53.52
N SER H 134 39.49 -11.22 54.08
CA SER H 134 39.14 -11.02 55.47
C SER H 134 40.03 -11.93 56.31
N GLY H 135 40.84 -11.32 57.18
CA GLY H 135 41.84 -12.01 57.97
C GLY H 135 43.12 -12.27 57.19
N ARG H 136 43.93 -13.18 57.75
CA ARG H 136 45.11 -13.73 57.11
C ARG H 136 45.03 -15.25 57.24
N ALA H 137 45.62 -15.93 56.26
CA ALA H 137 45.50 -17.38 56.16
C ALA H 137 45.89 -18.09 57.46
N GLY H 138 45.03 -19.01 57.89
CA GLY H 138 45.28 -19.86 59.05
C GLY H 138 45.34 -19.17 60.40
N GLU H 139 44.40 -18.27 60.67
CA GLU H 139 44.32 -17.65 61.99
C GLU H 139 43.80 -18.63 63.02
N ALA H 140 43.99 -18.28 64.29
CA ALA H 140 43.43 -19.07 65.39
C ALA H 140 41.94 -18.77 65.56
N GLU H 141 41.61 -17.55 65.96
CA GLU H 141 40.23 -17.11 66.07
C GLU H 141 39.94 -16.12 64.96
N ILE H 142 38.70 -16.16 64.45
CA ILE H 142 38.34 -15.30 63.31
C ILE H 142 38.41 -13.84 63.71
N THR H 143 39.21 -13.07 62.98
CA THR H 143 39.27 -11.62 63.08
C THR H 143 38.49 -11.00 61.92
N TYR H 144 38.33 -9.68 61.96
CA TYR H 144 37.56 -8.96 60.95
C TYR H 144 38.39 -7.89 60.23
N GLU H 145 39.68 -8.18 60.00
CA GLU H 145 40.52 -7.28 59.22
C GLU H 145 40.31 -7.55 57.73
N GLN H 146 40.01 -6.49 56.98
CA GLN H 146 39.69 -6.61 55.57
C GLN H 146 40.70 -5.83 54.76
N ARG H 147 41.28 -6.48 53.74
CA ARG H 147 42.22 -5.77 52.86
C ARG H 147 41.94 -6.18 51.42
N LEU H 148 42.12 -5.25 50.50
CA LEU H 148 41.83 -5.52 49.09
C LEU H 148 42.99 -6.26 48.46
N ALA H 149 42.74 -7.48 47.98
CA ALA H 149 43.76 -8.25 47.28
C ALA H 149 43.26 -8.61 45.89
N VAL H 150 44.17 -9.15 45.08
CA VAL H 150 43.82 -9.55 43.72
C VAL H 150 44.56 -10.84 43.39
N GLY H 151 43.86 -11.73 42.68
CA GLY H 151 44.33 -12.98 42.12
C GLY H 151 44.75 -12.87 40.68
N SER H 152 45.97 -12.40 40.45
CA SER H 152 46.49 -12.20 39.10
C SER H 152 46.96 -13.53 38.50
N GLY H 153 47.06 -13.54 37.17
CA GLY H 153 47.70 -14.64 36.47
C GLY H 153 46.82 -15.82 36.14
N GLY H 154 45.52 -15.63 35.98
CA GLY H 154 44.64 -16.71 35.59
C GLY H 154 44.59 -16.90 34.07
N SER H 155 44.27 -18.12 33.67
CA SER H 155 44.10 -18.46 32.26
C SER H 155 42.76 -19.16 32.09
N VAL H 156 41.91 -18.64 31.22
CA VAL H 156 40.58 -19.23 30.98
C VAL H 156 40.60 -19.99 29.68
N VAL H 157 40.28 -21.28 29.74
CA VAL H 157 40.18 -22.13 28.56
C VAL H 157 38.73 -22.57 28.43
N ALA H 158 38.24 -22.63 27.20
CA ALA H 158 36.83 -22.91 26.92
C ALA H 158 36.71 -23.88 25.75
N ASP H 159 36.26 -25.09 26.06
CA ASP H 159 35.86 -26.15 25.14
C ASP H 159 34.36 -26.03 24.83
N ASP H 160 33.73 -27.10 24.37
CA ASP H 160 32.28 -27.19 24.19
C ASP H 160 31.55 -27.86 25.34
N ASP H 161 32.28 -28.41 26.33
CA ASP H 161 31.64 -29.01 27.51
C ASP H 161 31.59 -28.10 28.71
N GLY H 162 32.45 -27.08 28.76
CA GLY H 162 32.47 -26.19 29.90
C GLY H 162 33.58 -25.14 29.78
N VAL H 163 34.02 -24.62 30.93
CA VAL H 163 35.09 -23.61 31.02
C VAL H 163 35.98 -23.95 32.22
N ARG H 164 37.30 -23.89 32.02
CA ARG H 164 38.27 -24.15 33.08
C ARG H 164 39.14 -22.92 33.33
N ILE H 165 39.25 -22.54 34.60
CA ILE H 165 40.16 -21.49 35.05
C ILE H 165 41.39 -22.23 35.59
N GLU H 166 42.54 -22.06 34.92
CA GLU H 166 43.70 -22.89 35.19
C GLU H 166 44.81 -22.07 35.83
N GLY H 167 45.78 -22.79 36.41
CA GLY H 167 46.92 -22.20 37.07
C GLY H 167 47.95 -21.69 36.09
N PRO H 168 49.09 -21.23 36.64
CA PRO H 168 49.39 -21.16 38.08
C PRO H 168 48.89 -19.87 38.74
N PHE H 169 48.28 -19.99 39.92
CA PHE H 169 47.79 -18.83 40.66
C PHE H 169 48.75 -18.40 41.76
N ALA H 170 48.87 -17.08 41.93
CA ALA H 170 49.69 -16.46 42.97
C ALA H 170 49.22 -15.03 43.11
N HIS H 171 48.99 -14.58 44.34
CA HIS H 171 48.33 -13.29 44.50
C HIS H 171 48.61 -12.68 45.88
N GLY H 172 48.75 -11.35 45.90
CA GLY H 172 49.02 -10.60 47.10
C GLY H 172 48.02 -9.49 47.41
N VAL H 173 48.24 -8.85 48.56
CA VAL H 173 47.43 -7.72 49.00
C VAL H 173 47.76 -6.48 48.18
N LEU H 174 46.72 -5.73 47.80
CA LEU H 174 46.88 -4.49 47.05
C LEU H 174 46.79 -3.22 47.89
N LEU H 175 45.75 -3.06 48.71
CA LEU H 175 45.54 -1.82 49.44
C LEU H 175 45.02 -2.07 50.85
N GLU H 176 45.47 -1.24 51.79
CA GLU H 176 45.03 -1.16 53.17
C GLU H 176 44.74 0.28 53.54
N PRO H 177 43.83 0.54 54.49
CA PRO H 177 43.43 1.92 54.80
C PRO H 177 44.60 2.76 55.29
N ASP H 178 44.68 3.99 54.77
CA ASP H 178 45.78 4.89 55.13
C ASP H 178 45.60 5.50 56.51
N GLY H 179 44.36 5.71 56.95
CA GLY H 179 44.08 6.22 58.28
C GLY H 179 43.70 7.69 58.38
N GLU H 180 43.81 8.45 57.30
CA GLU H 180 43.30 9.83 57.31
C GLU H 180 42.15 10.07 56.34
N ARG H 181 42.18 9.46 55.15
CA ARG H 181 41.02 9.53 54.27
C ARG H 181 40.10 8.33 54.45
N TYR H 182 40.64 7.17 54.80
CA TYR H 182 39.85 5.96 54.95
C TYR H 182 40.16 5.34 56.31
N GLU H 183 39.12 5.16 57.12
CA GLU H 183 39.27 4.81 58.52
C GLU H 183 39.79 3.39 58.68
N ARG H 184 40.72 3.23 59.62
CA ARG H 184 41.13 1.91 60.08
C ARG H 184 40.45 1.65 61.43
N GLU H 185 40.42 0.39 61.85
CA GLU H 185 39.61 -0.03 63.01
C GLU H 185 40.03 0.66 64.31
N GLU H 186 41.34 0.84 64.53
CA GLU H 186 41.76 1.53 65.75
C GLU H 186 40.98 2.83 65.90
N GLN H 187 40.65 3.47 64.77
CA GLN H 187 39.78 4.62 64.81
C GLN H 187 38.30 4.27 64.85
N SER H 188 37.94 3.04 64.51
CA SER H 188 36.53 2.69 64.34
C SER H 188 35.79 2.79 65.67
N ARG H 189 34.78 3.67 65.72
CA ARG H 189 33.79 3.64 66.78
C ARG H 189 32.56 2.87 66.31
N GLY H 190 31.59 2.74 67.22
CA GLY H 190 30.36 2.01 66.95
C GLY H 190 30.56 0.61 66.41
N MET H 191 30.11 0.37 65.18
CA MET H 191 30.20 -0.97 64.61
C MET H 191 31.57 -1.19 63.98
N ILE H 192 31.79 -2.44 63.55
CA ILE H 192 33.02 -2.80 62.88
C ILE H 192 33.15 -1.94 61.62
N TYR H 193 34.38 -1.54 61.32
CA TYR H 193 34.70 -0.71 60.17
C TYR H 193 34.39 -1.44 58.88
N THR H 194 34.56 -0.77 57.75
CA THR H 194 34.48 -1.43 56.45
C THR H 194 35.66 -0.98 55.59
N PHE H 195 36.26 -1.94 54.86
CA PHE H 195 37.22 -1.62 53.82
C PHE H 195 37.30 -2.78 52.83
N ARG H 196 36.35 -2.87 51.88
CA ARG H 196 36.22 -4.09 51.08
C ARG H 196 35.53 -3.79 49.76
N ASP H 197 35.27 -4.86 49.00
CA ASP H 197 34.52 -4.89 47.75
C ASP H 197 35.21 -4.09 46.65
N PRO H 198 36.36 -4.56 46.16
CA PRO H 198 37.09 -3.84 45.10
C PRO H 198 36.41 -4.09 43.75
N TRP H 199 36.05 -3.01 43.07
CA TRP H 199 35.36 -3.09 41.79
C TRP H 199 36.20 -2.33 40.77
N PHE H 200 36.69 -3.05 39.77
CA PHE H 200 37.53 -2.45 38.73
C PHE H 200 36.66 -1.62 37.79
N PHE H 201 37.19 -0.48 37.34
CA PHE H 201 36.41 0.42 36.48
C PHE H 201 37.34 1.27 35.64
N GLU H 202 37.29 1.09 34.32
CA GLU H 202 37.96 2.00 33.40
C GLU H 202 36.98 3.08 32.97
N ASP H 203 37.34 4.34 33.20
CA ASP H 203 36.47 5.45 32.82
C ASP H 203 36.41 5.56 31.30
N PRO H 204 35.23 5.40 30.69
CA PRO H 204 35.16 5.48 29.22
C PRO H 204 35.41 6.87 28.66
N ARG H 205 35.46 7.90 29.50
CA ARG H 205 35.76 9.27 29.03
C ARG H 205 37.26 9.55 29.10
N SER H 206 37.81 9.57 30.30
CA SER H 206 39.23 9.88 30.48
C SER H 206 40.14 8.73 30.04
N GLY H 207 39.65 7.49 30.11
CA GLY H 207 40.50 6.33 29.90
C GLY H 207 41.29 5.90 31.11
N LYS H 208 41.30 6.70 32.18
CA LYS H 208 42.05 6.37 33.37
C LYS H 208 41.43 5.16 34.07
N THR H 209 42.25 4.45 34.84
CA THR H 209 41.86 3.19 35.47
C THR H 209 41.69 3.40 36.97
N TYR H 210 40.52 3.02 37.50
CA TYR H 210 40.21 3.19 38.91
C TYR H 210 39.72 1.88 39.50
N LEU H 211 39.72 1.82 40.82
CA LEU H 211 39.22 0.69 41.60
C LEU H 211 38.39 1.24 42.75
N LEU H 212 37.08 1.02 42.72
CA LEU H 212 36.18 1.48 43.77
C LEU H 212 36.13 0.47 44.90
N PHE H 213 35.75 0.95 46.09
CA PHE H 213 35.62 0.07 47.25
C PHE H 213 34.75 0.75 48.29
N GLU H 214 34.31 -0.03 49.26
CA GLU H 214 33.55 0.48 50.40
C GLU H 214 34.51 0.70 51.55
N ALA H 215 34.48 1.88 52.14
CA ALA H 215 35.35 2.20 53.27
C ALA H 215 34.56 3.00 54.28
N ASN H 216 35.23 3.38 55.36
CA ASN H 216 34.71 4.35 56.31
C ASN H 216 35.65 5.54 56.32
N THR H 217 35.10 6.72 56.56
CA THR H 217 35.96 7.87 56.59
C THR H 217 36.11 8.35 58.01
N PRO H 218 37.35 8.47 58.49
CA PRO H 218 37.62 8.78 59.90
C PRO H 218 37.05 10.13 60.31
N ILE H 219 36.38 10.15 61.44
CA ILE H 219 35.82 11.36 62.03
C ILE H 219 36.35 11.44 63.45
N PRO H 220 37.09 12.49 63.80
CA PRO H 220 37.61 12.61 65.17
C PRO H 220 36.47 12.70 66.19
N GLU H 221 36.77 12.28 67.41
CA GLU H 221 35.79 12.34 68.48
C GLU H 221 35.51 13.79 68.87
N GLY H 222 34.24 14.13 69.03
CA GLY H 222 33.88 15.48 69.38
C GLY H 222 34.06 16.50 68.28
N ALA H 223 34.19 16.03 67.03
CA ALA H 223 34.47 16.93 65.92
C ALA H 223 33.35 17.95 65.70
N GLY H 224 32.14 17.64 66.15
CA GLY H 224 31.00 18.50 65.94
C GLY H 224 30.53 18.62 64.51
N ALA H 225 31.02 17.76 63.61
CA ALA H 225 30.62 17.81 62.21
C ALA H 225 29.15 17.48 62.00
N CYS H 226 28.49 16.88 62.99
CA CYS H 226 27.06 16.59 62.95
C CYS H 226 26.39 16.98 64.26
N GLY H 227 25.06 17.08 64.19
CA GLY H 227 24.20 17.49 65.27
C GLY H 227 24.09 16.54 66.44
N ASP H 228 24.77 15.39 66.40
CA ASP H 228 24.72 14.48 67.54
C ASP H 228 26.01 13.65 67.59
N PRO H 229 26.65 13.55 68.75
CA PRO H 229 27.85 12.69 68.87
C PRO H 229 27.64 11.25 68.43
N VAL H 230 26.47 10.64 68.67
CA VAL H 230 26.31 9.24 68.27
C VAL H 230 26.30 9.10 66.75
N TRP H 231 25.73 10.08 66.05
CA TRP H 231 25.56 9.98 64.60
C TRP H 231 26.88 9.82 63.85
N GLU H 232 27.96 10.43 64.34
CA GLU H 232 29.28 10.38 63.70
C GLU H 232 29.91 8.99 63.72
N GLU H 233 29.33 8.04 64.45
CA GLU H 233 29.80 6.66 64.38
C GLU H 233 29.46 6.02 63.04
N PHE H 234 28.48 6.57 62.33
CA PHE H 234 28.05 6.08 61.02
C PHE H 234 28.77 6.91 59.97
N ASN H 235 29.86 6.37 59.41
CA ASN H 235 30.77 7.11 58.56
C ASN H 235 31.08 6.34 57.29
N GLY H 236 30.06 5.70 56.70
CA GLY H 236 30.26 4.94 55.48
C GLY H 236 30.65 5.80 54.29
N SER H 237 31.44 5.24 53.38
CA SER H 237 31.87 5.99 52.21
C SER H 237 32.21 5.04 51.08
N VAL H 238 32.19 5.58 49.87
CA VAL H 238 32.64 4.88 48.68
C VAL H 238 34.00 5.48 48.32
N GLY H 239 35.06 4.75 48.61
CA GLY H 239 36.39 5.18 48.25
C GLY H 239 36.78 4.74 46.85
N ILE H 240 37.81 5.38 46.33
CA ILE H 240 38.29 5.10 44.97
C ILE H 240 39.82 5.18 44.98
N ALA H 241 40.45 4.30 44.19
CA ALA H 241 41.88 4.32 43.99
C ALA H 241 42.18 4.43 42.50
N HIS H 242 43.31 5.03 42.17
CA HIS H 242 43.70 5.26 40.78
C HIS H 242 44.96 4.46 40.46
N SER H 243 45.10 4.09 39.19
CA SER H 243 46.32 3.44 38.70
C SER H 243 46.96 4.32 37.63
N PRO H 244 48.14 4.91 37.87
CA PRO H 244 48.71 5.80 36.84
C PRO H 244 48.96 5.08 35.52
N THR H 245 49.64 3.94 35.55
CA THR H 245 49.62 3.09 34.37
C THR H 245 48.38 2.21 34.39
N GLY H 246 48.13 1.50 33.29
CA GLY H 246 46.91 0.71 33.21
C GLY H 246 46.98 -0.67 33.82
N ASP H 247 48.17 -1.16 34.16
CA ASP H 247 48.33 -2.47 34.79
C ASP H 247 47.47 -2.55 36.06
N PRO H 248 46.62 -3.56 36.18
CA PRO H 248 45.68 -3.65 37.32
C PRO H 248 46.25 -3.94 38.71
N THR H 249 47.57 -3.88 38.93
CA THR H 249 48.11 -4.29 40.21
C THR H 249 48.83 -3.17 40.99
N ASP H 250 48.94 -1.96 40.44
CA ASP H 250 49.55 -0.84 41.14
C ASP H 250 48.51 0.26 41.33
N TRP H 251 48.16 0.55 42.59
CA TRP H 251 47.08 1.48 42.89
C TRP H 251 47.56 2.54 43.88
N GLU H 252 46.98 3.73 43.75
CA GLU H 252 47.20 4.84 44.68
C GLU H 252 45.83 5.34 45.14
N LEU H 253 45.66 5.49 46.45
CA LEU H 253 44.38 5.92 46.99
C LEU H 253 44.06 7.35 46.58
N CYS H 254 42.78 7.62 46.36
CA CYS H 254 42.29 8.96 46.08
C CYS H 254 41.25 9.37 47.12
N ASP H 255 40.78 10.61 47.01
CA ASP H 255 39.71 11.07 47.88
C ASP H 255 38.41 10.36 47.54
N PRO H 256 37.55 10.14 48.54
CA PRO H 256 36.34 9.33 48.32
C PRO H 256 35.34 10.00 47.40
N LEU H 257 34.60 9.16 46.67
CA LEU H 257 33.59 9.68 45.73
C LEU H 257 32.38 10.23 46.46
N LEU H 258 32.00 9.58 47.56
CA LEU H 258 30.76 9.92 48.24
C LEU H 258 30.83 9.39 49.66
N GLU H 259 30.27 10.15 50.60
CA GLU H 259 30.29 9.80 52.01
C GLU H 259 28.90 9.96 52.60
N GLY H 260 28.51 9.03 53.46
CA GLY H 260 27.22 9.04 54.11
C GLY H 260 27.32 9.36 55.58
N ILE H 261 28.08 10.40 55.91
CA ILE H 261 28.29 10.76 57.31
C ILE H 261 26.95 11.08 57.93
N CYS H 262 26.65 10.40 59.05
CA CYS H 262 25.45 10.57 59.87
C CYS H 262 24.18 10.02 59.22
N VAL H 263 24.29 9.16 58.21
CA VAL H 263 23.15 8.47 57.61
C VAL H 263 23.32 6.96 57.60
N ASN H 264 24.48 6.46 57.16
CA ASN H 264 24.67 5.03 57.05
C ASN H 264 26.12 4.66 57.33
N GLN H 265 26.31 3.45 57.87
CA GLN H 265 27.61 2.92 58.20
C GLN H 265 28.22 2.10 57.06
N GLU H 266 27.38 1.37 56.33
CA GLU H 266 27.82 0.43 55.30
C GLU H 266 27.17 0.77 53.95
N LEU H 267 27.98 1.26 53.02
CA LEU H 267 27.56 1.41 51.62
C LEU H 267 28.16 0.24 50.82
N GLU H 268 27.50 -0.91 50.92
CA GLU H 268 28.09 -2.16 50.46
C GLU H 268 28.14 -2.22 48.92
N ARG H 269 29.18 -2.91 48.41
CA ARG H 269 29.47 -3.19 47.00
C ARG H 269 29.14 -2.03 46.07
N PRO H 270 29.95 -0.97 46.05
CA PRO H 270 29.67 0.15 45.16
C PRO H 270 30.17 -0.11 43.74
N HIS H 271 29.44 0.45 42.78
CA HIS H 271 29.87 0.35 41.38
C HIS H 271 29.21 1.46 40.57
N VAL H 272 29.77 1.70 39.38
CA VAL H 272 29.32 2.76 38.50
C VAL H 272 28.86 2.17 37.18
N VAL H 273 27.71 2.64 36.71
CA VAL H 273 27.23 2.43 35.35
C VAL H 273 27.24 3.78 34.66
N VAL H 274 27.89 3.86 33.51
CA VAL H 274 27.93 5.07 32.71
C VAL H 274 26.86 4.97 31.63
N ARG H 275 26.01 5.99 31.53
CA ARG H 275 24.92 5.99 30.56
C ARG H 275 24.86 7.35 29.89
N ASN H 276 25.15 7.38 28.58
CA ASN H 276 25.08 8.60 27.76
C ASN H 276 25.71 9.81 28.46
N GLY H 277 26.87 9.60 29.06
CA GLY H 277 27.60 10.72 29.61
C GLY H 277 27.31 11.02 31.06
N PHE H 278 26.51 10.21 31.73
CA PHE H 278 26.18 10.42 33.13
C PHE H 278 26.66 9.20 33.92
N TYR H 279 27.16 9.46 35.12
CA TYR H 279 27.76 8.43 35.97
C TYR H 279 26.79 8.14 37.10
N TYR H 280 26.29 6.90 37.13
CA TYR H 280 25.39 6.43 38.16
C TYR H 280 26.17 5.53 39.11
N LEU H 281 26.28 5.96 40.37
CA LEU H 281 26.94 5.22 41.43
C LEU H 281 25.89 4.50 42.26
N PHE H 282 25.99 3.18 42.36
CA PHE H 282 25.05 2.36 43.11
C PHE H 282 25.76 1.69 44.29
N VAL H 283 25.05 1.60 45.40
CA VAL H 283 25.50 0.93 46.61
C VAL H 283 24.33 0.18 47.23
N SER H 284 24.58 -1.05 47.68
CA SER H 284 23.59 -1.76 48.49
C SER H 284 23.75 -1.38 49.95
N SER H 285 22.64 -1.39 50.69
CA SER H 285 22.73 -1.02 52.10
C SER H 285 21.62 -1.71 52.90
N HIS H 286 21.94 -1.95 54.18
CA HIS H 286 21.06 -2.60 55.12
C HIS H 286 20.19 -1.57 55.85
N ASP H 287 19.13 -2.08 56.48
CA ASP H 287 18.26 -1.23 57.29
C ASP H 287 18.87 -0.94 58.67
N HIS H 288 19.57 -1.91 59.26
CA HIS H 288 20.13 -1.77 60.59
C HIS H 288 21.43 -0.96 60.63
N THR H 289 21.99 -0.59 59.48
CA THR H 289 23.19 0.23 59.44
C THR H 289 22.88 1.71 59.25
N PHE H 290 21.60 2.09 59.30
CA PHE H 290 21.22 3.49 59.24
C PHE H 290 21.39 4.14 60.61
N ALA H 291 21.82 5.39 60.60
CA ALA H 291 21.95 6.14 61.84
C ALA H 291 20.58 6.34 62.50
N PRO H 292 20.56 6.52 63.82
CA PRO H 292 19.27 6.71 64.51
C PRO H 292 18.54 7.95 64.02
N GLY H 293 17.21 7.87 64.05
CA GLY H 293 16.35 8.91 63.52
C GLY H 293 16.01 8.75 62.05
N LEU H 294 16.63 7.80 61.36
CA LEU H 294 16.39 7.54 59.94
C LEU H 294 15.82 6.15 59.75
N GLU H 295 14.84 6.04 58.86
CA GLU H 295 14.16 4.78 58.56
C GLU H 295 14.36 4.46 57.09
N GLY H 296 15.24 3.52 56.80
CA GLY H 296 15.45 3.05 55.44
C GLY H 296 15.47 1.54 55.36
N PRO H 297 14.96 0.98 54.26
CA PRO H 297 14.95 -0.47 54.09
C PRO H 297 16.21 -1.02 53.42
N ASP H 298 16.41 -2.32 53.62
CA ASP H 298 17.38 -3.07 52.82
C ASP H 298 17.15 -2.78 51.34
N GLY H 299 18.14 -2.22 50.66
CA GLY H 299 17.88 -1.87 49.28
C GLY H 299 19.10 -1.41 48.52
N LEU H 300 18.89 -1.21 47.23
CA LEU H 300 19.86 -0.62 46.31
C LEU H 300 19.61 0.88 46.20
N TYR H 301 20.58 1.68 46.63
CA TYR H 301 20.56 3.14 46.61
C TYR H 301 21.53 3.66 45.55
N GLY H 302 21.19 4.80 44.97
CA GLY H 302 21.89 5.28 43.78
C GLY H 302 22.01 6.78 43.73
N PHE H 303 23.05 7.24 43.03
CA PHE H 303 23.35 8.65 42.87
C PHE H 303 23.85 8.89 41.44
N VAL H 304 23.77 10.13 40.98
CA VAL H 304 24.11 10.46 39.60
C VAL H 304 24.89 11.76 39.55
N ALA H 305 25.90 11.81 38.67
CA ALA H 305 26.64 13.04 38.40
C ALA H 305 27.09 13.04 36.95
N ASP H 306 27.69 14.15 36.51
CA ASP H 306 28.15 14.28 35.14
C ASP H 306 29.61 13.88 34.95
N SER H 307 30.31 13.47 36.01
CA SER H 307 31.67 12.98 35.91
C SER H 307 31.87 11.94 37.01
N LEU H 308 32.96 11.17 36.89
CA LEU H 308 33.20 10.08 37.83
C LEU H 308 33.39 10.60 39.26
N ARG H 309 34.12 11.69 39.43
CA ARG H 309 34.35 12.25 40.76
C ARG H 309 33.60 13.58 40.95
N GLY H 310 32.42 13.71 40.36
CA GLY H 310 31.65 14.94 40.43
C GLY H 310 30.75 14.98 41.65
N GLU H 311 29.92 16.03 41.69
CA GLU H 311 28.99 16.20 42.80
C GLU H 311 27.80 15.26 42.61
N TYR H 312 27.92 14.06 43.17
CA TYR H 312 26.86 13.07 43.13
C TYR H 312 25.64 13.56 43.91
N ARG H 313 24.46 13.34 43.36
CA ARG H 313 23.22 13.67 44.03
C ARG H 313 22.28 12.48 43.98
N PRO H 314 21.46 12.28 45.02
CA PRO H 314 20.71 11.01 45.13
C PRO H 314 19.61 10.86 44.08
N LEU H 315 19.48 9.65 43.57
CA LEU H 315 18.39 9.31 42.68
C LEU H 315 17.06 9.32 43.44
N ASN H 316 16.01 9.73 42.74
CA ASN H 316 14.65 9.77 43.28
C ASN H 316 14.52 10.68 44.49
N GLY H 317 15.46 11.60 44.67
CA GLY H 317 15.39 12.50 45.83
C GLY H 317 15.91 11.95 47.14
N SER H 318 15.51 10.73 47.50
CA SER H 318 15.96 10.09 48.73
C SER H 318 17.23 9.27 48.53
N GLY H 319 17.40 8.65 47.37
CA GLY H 319 18.47 7.71 47.13
C GLY H 319 18.00 6.29 46.84
N LEU H 320 16.80 5.91 47.29
CA LEU H 320 16.31 4.55 47.07
C LEU H 320 15.99 4.31 45.60
N VAL H 321 16.67 3.35 44.99
CA VAL H 321 16.39 2.94 43.63
C VAL H 321 15.56 1.68 43.60
N LEU H 322 15.85 0.74 44.49
CA LEU H 322 15.23 -0.58 44.42
C LEU H 322 15.20 -1.17 45.82
N THR H 323 14.09 -1.81 46.18
CA THR H 323 13.94 -2.37 47.51
C THR H 323 12.94 -3.52 47.46
N ASN H 324 12.94 -4.31 48.53
CA ASN H 324 12.04 -5.45 48.66
C ASN H 324 10.67 -5.02 49.20
N PRO H 325 9.63 -5.80 48.95
CA PRO H 325 8.31 -5.43 49.46
C PRO H 325 8.27 -5.54 50.98
N ALA H 326 7.36 -4.77 51.58
CA ALA H 326 7.29 -4.69 53.03
C ALA H 326 7.08 -6.05 53.67
N ASN H 327 6.29 -6.91 53.03
CA ASN H 327 5.92 -8.22 53.56
C ASN H 327 6.88 -9.33 53.14
N ALA H 328 8.05 -8.99 52.60
CA ALA H 328 9.15 -9.92 52.34
C ALA H 328 10.44 -9.12 52.26
N PRO H 329 10.78 -8.40 53.33
CA PRO H 329 11.73 -7.28 53.19
C PRO H 329 13.19 -7.69 53.10
N TYR H 330 13.53 -8.97 53.32
CA TYR H 330 14.90 -9.42 53.26
C TYR H 330 15.11 -10.46 52.17
N GLN H 331 14.22 -10.52 51.18
CA GLN H 331 14.24 -11.61 50.21
C GLN H 331 15.43 -11.53 49.27
N ALA H 332 15.97 -10.35 49.03
CA ALA H 332 17.10 -10.20 48.13
C ALA H 332 18.06 -9.16 48.68
N TYR H 333 19.32 -9.24 48.25
CA TYR H 333 20.35 -8.29 48.67
C TYR H 333 21.56 -8.41 47.74
N SER H 334 22.46 -7.42 47.85
CA SER H 334 23.75 -7.39 47.15
C SER H 334 23.56 -7.27 45.63
N TRP H 335 22.82 -6.25 45.22
CA TRP H 335 22.49 -6.07 43.82
C TRP H 335 23.66 -5.48 43.04
N VAL H 336 23.80 -5.92 41.78
CA VAL H 336 24.78 -5.37 40.85
C VAL H 336 24.03 -4.85 39.62
N ALA H 337 24.35 -3.63 39.20
CA ALA H 337 23.68 -2.99 38.08
C ALA H 337 24.57 -3.04 36.83
N PHE H 338 23.96 -3.30 35.69
CA PHE H 338 24.69 -3.36 34.42
C PHE H 338 23.74 -3.02 33.28
N SER H 339 24.24 -2.27 32.31
CA SER H 339 23.39 -1.79 31.23
C SER H 339 23.01 -2.91 30.26
N HIS H 340 21.83 -2.76 29.63
CA HIS H 340 21.49 -3.63 28.50
C HIS H 340 20.60 -2.82 27.55
N ARG H 341 21.25 -2.27 26.54
CA ARG H 341 20.80 -1.44 25.40
C ARG H 341 20.12 -0.13 25.77
N GLU H 342 19.01 -0.15 26.49
CA GLU H 342 18.27 1.03 26.91
C GLU H 342 17.57 0.77 28.21
N GLU H 343 17.87 -0.38 28.80
CA GLU H 343 17.44 -0.76 30.12
C GLU H 343 18.66 -0.85 31.02
N LEU H 344 18.41 -0.88 32.31
CA LEU H 344 19.42 -1.19 33.31
C LEU H 344 18.97 -2.47 33.99
N LEU H 345 19.80 -3.50 33.97
CA LEU H 345 19.47 -4.73 34.67
C LEU H 345 20.18 -4.77 36.01
N VAL H 346 19.52 -5.36 36.99
CA VAL H 346 19.99 -5.40 38.38
C VAL H 346 19.85 -6.83 38.89
N SER H 347 20.97 -7.45 39.23
CA SER H 347 21.00 -8.84 39.70
C SER H 347 21.45 -8.90 41.15
N GLY H 348 20.55 -9.37 42.03
CA GLY H 348 20.88 -9.69 43.39
C GLY H 348 20.96 -11.18 43.62
N PHE H 349 20.83 -11.56 44.89
CA PHE H 349 20.72 -12.97 45.24
C PHE H 349 19.52 -13.15 46.17
N PHE H 350 19.08 -14.39 46.29
CA PHE H 350 17.85 -14.74 47.01
C PHE H 350 18.20 -14.99 48.48
N ASN H 351 17.80 -14.07 49.36
CA ASN H 351 18.38 -14.11 50.70
C ASN H 351 17.56 -14.78 51.80
N TYR H 352 16.73 -14.01 52.50
CA TYR H 352 15.93 -14.52 53.60
C TYR H 352 14.46 -14.36 53.25
N TYR H 353 13.72 -15.45 53.21
CA TYR H 353 12.31 -15.40 52.86
C TYR H 353 11.52 -16.21 53.86
N ASP H 354 10.21 -15.99 53.85
CA ASP H 354 9.25 -16.71 54.70
C ASP H 354 9.56 -16.52 56.17
N LEU H 355 9.93 -15.30 56.55
CA LEU H 355 10.20 -15.02 57.95
C LEU H 355 8.93 -14.86 58.75
N GLY H 356 7.80 -14.63 58.07
CA GLY H 356 6.51 -14.35 58.66
C GLY H 356 6.42 -12.94 59.19
N GLY H 357 6.99 -12.71 60.37
CA GLY H 357 7.02 -11.40 60.96
C GLY H 357 8.32 -11.16 61.69
N LEU H 358 9.11 -12.23 61.79
CA LEU H 358 10.35 -12.22 62.56
C LEU H 358 11.37 -11.26 61.96
N THR H 359 12.22 -10.72 62.83
CA THR H 359 13.38 -9.97 62.38
C THR H 359 14.58 -10.91 62.21
N LEU H 360 15.67 -10.38 61.65
CA LEU H 360 16.76 -11.25 61.23
C LEU H 360 17.48 -11.87 62.43
N ASP H 361 17.70 -11.10 63.50
CA ASP H 361 18.31 -11.69 64.69
C ASP H 361 17.37 -12.65 65.41
N ASP H 362 16.05 -12.52 65.20
CA ASP H 362 15.12 -13.51 65.72
C ASP H 362 15.32 -14.86 65.03
N VAL H 363 15.69 -14.86 63.75
CA VAL H 363 15.89 -16.10 63.02
C VAL H 363 17.02 -16.91 63.65
N ALA H 364 17.98 -16.24 64.29
CA ALA H 364 19.09 -16.92 64.94
C ALA H 364 18.64 -17.82 66.09
N THR H 365 17.46 -17.58 66.66
CA THR H 365 16.98 -18.43 67.74
C THR H 365 16.45 -19.76 67.23
N LEU H 366 15.97 -19.79 65.99
CA LEU H 366 15.31 -20.97 65.45
C LEU H 366 16.29 -22.13 65.34
N SER H 367 15.73 -23.34 65.22
CA SER H 367 16.56 -24.52 65.05
C SER H 367 17.33 -24.44 63.73
N PRO H 368 18.45 -25.16 63.63
CA PRO H 368 19.21 -25.16 62.36
C PRO H 368 18.35 -25.46 61.13
N ASP H 369 17.47 -26.44 61.23
CA ASP H 369 16.63 -26.83 60.10
C ASP H 369 15.68 -25.71 59.71
N GLU H 370 15.03 -25.08 60.70
CA GLU H 370 14.13 -23.98 60.45
C GLU H 370 14.85 -22.74 59.95
N GLN H 371 16.15 -22.59 60.26
CA GLN H 371 16.93 -21.48 59.73
C GLN H 371 17.30 -21.71 58.27
N ARG H 372 17.86 -22.88 57.96
CA ARG H 372 18.21 -23.18 56.57
C ARG H 372 16.99 -23.16 55.67
N ALA H 373 15.81 -23.48 56.20
CA ALA H 373 14.61 -23.47 55.37
C ALA H 373 14.22 -22.07 54.94
N LYS H 374 14.75 -21.03 55.58
CA LYS H 374 14.39 -19.65 55.27
C LYS H 374 15.51 -18.89 54.54
N PHE H 375 16.43 -19.61 53.91
CA PHE H 375 17.56 -19.00 53.21
C PHE H 375 17.65 -19.59 51.80
N GLY H 376 17.63 -18.71 50.80
CA GLY H 376 17.70 -19.14 49.42
C GLY H 376 19.07 -19.64 49.00
N GLY H 377 20.03 -18.73 48.91
CA GLY H 377 21.35 -19.09 48.43
C GLY H 377 21.42 -19.32 46.93
N THR H 378 20.59 -18.62 46.15
CA THR H 378 20.67 -18.69 44.70
C THR H 378 20.59 -17.28 44.13
N LEU H 379 20.51 -17.18 42.81
CA LEU H 379 20.43 -15.87 42.19
C LEU H 379 18.98 -15.37 42.18
N ALA H 380 18.82 -14.08 42.42
CA ALA H 380 17.49 -13.48 42.38
C ALA H 380 17.05 -13.23 40.94
N PRO H 381 15.75 -13.18 40.68
CA PRO H 381 15.28 -12.77 39.35
C PRO H 381 15.74 -11.37 39.01
N THR H 382 16.55 -11.27 37.96
CA THR H 382 17.15 -10.00 37.60
C THR H 382 16.06 -8.98 37.25
N VAL H 383 16.17 -7.78 37.81
CA VAL H 383 15.16 -6.74 37.68
C VAL H 383 15.54 -5.82 36.54
N ARG H 384 14.55 -5.40 35.76
CA ARG H 384 14.74 -4.46 34.67
C ARG H 384 14.18 -3.12 35.11
N VAL H 385 15.04 -2.11 35.13
CA VAL H 385 14.69 -0.76 35.53
C VAL H 385 14.97 0.18 34.37
N ALA H 386 14.32 1.35 34.44
CA ALA H 386 14.45 2.40 33.44
C ALA H 386 14.92 3.67 34.12
N LEU H 387 16.13 4.10 33.78
CA LEU H 387 16.68 5.37 34.23
C LEU H 387 16.28 6.48 33.26
N SER H 388 16.08 7.68 33.79
CA SER H 388 15.83 8.79 32.88
C SER H 388 16.81 9.92 33.15
N GLY H 389 16.70 10.50 34.32
CA GLY H 389 17.54 11.58 34.76
C GLY H 389 18.16 11.21 36.07
N ASP H 390 17.70 11.89 37.13
CA ASP H 390 17.94 11.45 38.49
C ASP H 390 16.79 10.62 39.04
N ARG H 391 15.99 10.01 38.16
CA ARG H 391 14.82 9.23 38.56
C ARG H 391 14.85 7.84 37.91
N THR H 392 14.47 6.83 38.69
CA THR H 392 14.44 5.44 38.26
C THR H 392 13.01 4.92 38.37
N ARG H 393 12.77 3.76 37.75
CA ARG H 393 11.44 3.15 37.79
C ARG H 393 11.61 1.66 37.52
N ILE H 394 11.04 0.81 38.38
CA ILE H 394 11.04 -0.63 38.13
C ILE H 394 10.12 -0.94 36.96
N THR H 395 10.62 -1.65 35.95
CA THR H 395 9.82 -1.96 34.78
C THR H 395 9.50 -3.44 34.60
N GLY H 396 10.26 -4.34 35.20
CA GLY H 396 9.90 -5.74 35.11
C GLY H 396 10.96 -6.64 35.71
N THR H 397 10.81 -7.93 35.43
CA THR H 397 11.77 -8.93 35.86
C THR H 397 11.98 -9.93 34.75
N LEU H 398 13.04 -10.72 34.90
CA LEU H 398 13.38 -11.82 34.01
C LEU H 398 13.52 -13.09 34.86
N SER H 399 13.91 -14.18 34.20
CA SER H 399 14.11 -15.45 34.89
C SER H 399 15.22 -15.31 35.94
N HIS H 400 15.25 -16.27 36.86
CA HIS H 400 16.23 -16.34 37.94
C HIS H 400 17.67 -16.30 37.43
N GLY H 401 18.41 -15.27 37.85
CA GLY H 401 19.82 -15.13 37.45
C GLY H 401 20.04 -15.04 35.96
N ARG H 402 19.22 -14.25 35.27
CA ARG H 402 19.35 -14.05 33.83
C ARG H 402 20.36 -12.93 33.60
N ILE H 403 21.55 -13.28 33.12
CA ILE H 403 22.55 -12.27 32.77
C ILE H 403 22.70 -12.27 31.25
N PRO H 404 21.97 -11.41 30.53
CA PRO H 404 22.05 -11.42 29.07
C PRO H 404 23.10 -10.45 28.54
N LEU H 405 23.58 -10.78 27.35
CA LEU H 405 24.49 -9.94 26.60
C LEU H 405 23.67 -8.91 25.80
N GLU H 406 24.36 -7.88 25.29
CA GLU H 406 23.67 -6.92 24.44
C GLU H 406 23.29 -7.52 23.09
N SER H 407 23.92 -8.64 22.72
CA SER H 407 23.56 -9.34 21.49
C SER H 407 22.16 -9.93 21.55
N GLU H 408 21.63 -10.14 22.75
CA GLU H 408 20.37 -10.84 22.95
C GLU H 408 19.22 -9.87 23.15
N GLU H 409 18.06 -10.20 22.59
CA GLU H 409 16.86 -9.41 22.78
C GLU H 409 16.04 -10.01 23.93
N LEU H 410 15.56 -9.14 24.80
CA LEU H 410 14.78 -9.54 25.96
C LEU H 410 13.30 -9.45 25.66
N PRO H 411 12.47 -10.21 26.37
CA PRO H 411 11.02 -10.14 26.15
C PRO H 411 10.48 -8.74 26.34
N ASP H 412 9.36 -8.45 25.67
CA ASP H 412 8.76 -7.14 25.73
C ASP H 412 8.13 -6.90 27.11
N LEU H 413 7.90 -5.65 27.40
CA LEU H 413 7.37 -5.36 28.72
C LEU H 413 5.88 -5.05 28.62
N PRO H 414 5.09 -5.33 29.67
CA PRO H 414 3.66 -5.02 29.61
C PRO H 414 3.37 -3.52 29.60
N ALA I 9 27.45 -4.46 -44.05
CA ALA I 9 26.64 -3.25 -43.94
C ALA I 9 27.49 -2.07 -43.46
N THR I 10 28.66 -1.90 -44.09
CA THR I 10 29.65 -0.91 -43.63
C THR I 10 29.13 0.52 -43.76
N PRO I 11 29.27 1.35 -42.72
CA PRO I 11 28.84 2.75 -42.82
C PRO I 11 29.59 3.50 -43.92
N ARG I 12 28.89 4.42 -44.56
CA ARG I 12 29.38 5.07 -45.77
C ARG I 12 29.40 6.58 -45.63
N TRP I 13 30.55 7.19 -45.90
CA TRP I 13 30.65 8.63 -46.18
C TRP I 13 30.18 8.83 -47.61
N THR I 14 28.94 9.30 -47.77
CA THR I 14 28.30 9.28 -49.08
C THR I 14 28.64 10.53 -49.87
N ARG I 15 28.31 10.50 -51.16
CA ARG I 15 28.53 11.66 -52.02
C ARG I 15 27.56 12.79 -51.69
N GLU I 16 26.33 12.46 -51.28
CA GLU I 16 25.41 13.53 -50.92
C GLU I 16 25.92 14.30 -49.71
N HIS I 17 26.70 13.64 -48.85
CA HIS I 17 27.38 14.35 -47.76
C HIS I 17 28.45 15.28 -48.31
N ALA I 18 29.36 14.75 -49.14
CA ALA I 18 30.48 15.55 -49.66
C ALA I 18 30.03 16.71 -50.52
N SER I 19 28.85 16.62 -51.13
CA SER I 19 28.33 17.73 -51.92
C SER I 19 28.10 18.97 -51.07
N LYS I 20 27.87 18.78 -49.76
CA LYS I 20 27.61 19.88 -48.85
C LYS I 20 28.88 20.44 -48.20
N ILE I 21 30.06 19.91 -48.54
CA ILE I 21 31.30 20.42 -47.96
C ILE I 21 31.47 21.88 -48.32
N GLU I 22 31.79 22.70 -47.32
CA GLU I 22 31.85 24.15 -47.48
C GLU I 22 32.56 24.81 -46.31
N ARG I 23 33.46 25.74 -46.59
CA ARG I 23 34.11 26.48 -45.52
C ARG I 23 33.12 27.41 -44.83
N THR I 24 33.20 27.47 -43.50
CA THR I 24 32.40 28.39 -42.69
C THR I 24 33.26 28.89 -41.54
N ASP I 25 32.84 30.00 -40.92
CA ASP I 25 33.60 30.51 -39.77
C ASP I 25 33.69 29.49 -38.65
N GLU I 26 32.79 28.52 -38.62
CA GLU I 26 32.79 27.51 -37.57
C GLU I 26 33.79 26.39 -37.83
N THR I 27 34.40 26.34 -39.01
CA THR I 27 35.30 25.25 -39.36
C THR I 27 36.66 25.69 -39.86
N VAL I 28 36.88 26.99 -40.06
CA VAL I 28 38.14 27.50 -40.60
C VAL I 28 39.02 28.01 -39.45
N VAL I 29 40.30 27.63 -39.50
CA VAL I 29 41.27 27.98 -38.44
C VAL I 29 41.91 29.32 -38.77
N PRO I 30 42.50 30.00 -37.79
CA PRO I 30 43.20 31.26 -38.08
C PRO I 30 44.45 31.03 -38.90
N ILE I 31 45.00 32.13 -39.42
CA ILE I 31 46.24 32.07 -40.16
C ILE I 31 47.38 31.68 -39.24
N ILE I 32 48.25 30.79 -39.72
CA ILE I 32 49.45 30.38 -39.01
C ILE I 32 50.62 31.22 -39.50
N TYR I 33 51.30 31.90 -38.58
CA TYR I 33 52.54 32.58 -38.88
C TYR I 33 53.71 31.81 -38.27
N PRO I 34 54.87 31.80 -38.92
CA PRO I 34 55.99 30.97 -38.44
C PRO I 34 56.38 31.33 -37.02
N PRO I 35 56.75 30.35 -36.21
CA PRO I 35 57.16 30.64 -34.84
C PRO I 35 58.57 31.20 -34.80
N ARG I 36 58.90 31.82 -33.67
CA ARG I 36 60.16 32.55 -33.55
C ARG I 36 61.35 31.62 -33.33
N GLU I 37 61.16 30.49 -32.63
CA GLU I 37 62.24 29.54 -32.38
C GLU I 37 61.78 28.15 -32.78
N ASP I 38 62.77 27.29 -33.04
CA ASP I 38 62.56 25.92 -33.50
C ASP I 38 63.25 24.95 -32.55
N ALA I 39 62.63 23.78 -32.34
CA ALA I 39 63.23 22.76 -31.49
C ALA I 39 64.51 22.19 -32.10
N ALA I 40 64.63 22.21 -33.43
CA ALA I 40 65.83 21.78 -34.14
C ALA I 40 65.86 22.44 -35.53
N PRO I 41 66.63 23.51 -35.71
CA PRO I 41 66.58 24.26 -36.98
C PRO I 41 67.02 23.46 -38.21
N GLU I 42 67.80 22.39 -38.04
CA GLU I 42 68.32 21.64 -39.17
C GLU I 42 67.37 20.53 -39.64
N ILE I 43 66.22 20.37 -38.99
CA ILE I 43 65.31 19.27 -39.27
C ILE I 43 63.90 19.81 -39.53
N ASN I 44 63.21 19.20 -40.48
CA ASN I 44 61.80 19.43 -40.71
C ASN I 44 61.00 18.27 -40.15
N GLY I 45 59.90 18.57 -39.49
CA GLY I 45 59.05 17.54 -38.91
C GLY I 45 57.61 17.70 -39.33
N TRP I 46 56.94 16.55 -39.53
CA TRP I 46 55.51 16.53 -39.82
C TRP I 46 54.94 15.23 -39.25
N ASP I 47 53.66 14.97 -39.55
CA ASP I 47 52.97 13.74 -39.16
C ASP I 47 53.34 13.30 -37.74
N THR I 48 52.88 14.03 -36.74
CA THR I 48 53.34 13.82 -35.37
C THR I 48 52.26 13.11 -34.55
N TRP I 49 52.71 12.30 -33.57
CA TRP I 49 51.80 11.55 -32.70
C TRP I 49 52.35 11.50 -31.29
N PHE I 50 51.46 11.18 -30.33
CA PHE I 50 51.80 11.21 -28.92
C PHE I 50 52.13 9.82 -28.38
N LEU I 51 53.05 9.78 -27.42
CA LEU I 51 53.23 8.59 -26.60
C LEU I 51 52.09 8.56 -25.59
N ARG I 52 51.18 7.60 -25.75
CA ARG I 52 49.98 7.53 -24.93
C ARG I 52 50.07 6.31 -24.03
N GLU I 53 49.38 6.39 -22.88
CA GLU I 53 49.16 5.19 -22.08
C GLU I 53 48.16 4.28 -22.82
N ARG I 54 47.91 3.11 -22.24
CA ARG I 54 47.00 2.17 -22.90
C ARG I 54 45.59 2.72 -22.98
N ASP I 55 45.14 3.43 -21.94
CA ASP I 55 43.79 3.99 -21.96
C ASP I 55 43.66 5.13 -22.97
N GLY I 56 44.75 5.82 -23.27
CA GLY I 56 44.71 6.89 -24.25
C GLY I 56 45.29 8.20 -23.76
N SER I 57 45.46 8.35 -22.45
CA SER I 57 46.02 9.58 -21.88
C SER I 57 47.44 9.81 -22.38
N ILE I 58 47.84 11.07 -22.44
CA ILE I 58 49.22 11.39 -22.76
C ILE I 58 50.10 10.80 -21.67
N ALA I 59 51.01 9.91 -22.06
CA ALA I 59 51.89 9.29 -21.09
C ALA I 59 52.92 10.30 -20.58
N THR I 60 53.19 10.24 -19.27
CA THR I 60 54.22 11.07 -18.63
C THR I 60 55.18 10.17 -17.86
N VAL I 61 56.48 10.33 -18.12
CA VAL I 61 57.51 9.59 -17.39
C VAL I 61 58.38 10.61 -16.66
N GLY I 62 58.31 10.60 -15.33
CA GLY I 62 59.03 11.56 -14.52
C GLY I 62 58.80 13.02 -14.87
N GLY I 63 57.56 13.37 -15.24
CA GLY I 63 57.22 14.74 -15.53
C GLY I 63 57.38 15.15 -16.98
N TRP I 64 57.77 14.24 -17.86
CA TRP I 64 58.05 14.55 -19.25
C TRP I 64 56.99 13.94 -20.16
N ARG I 65 56.53 14.70 -21.15
CA ARG I 65 55.76 14.17 -22.25
C ARG I 65 56.68 13.90 -23.43
N VAL I 66 56.36 12.85 -24.19
CA VAL I 66 57.12 12.46 -25.36
C VAL I 66 56.19 12.45 -26.57
N ILE I 67 56.70 12.96 -27.69
CA ILE I 67 56.00 12.94 -28.97
C ILE I 67 56.95 12.44 -30.05
N PHE I 68 56.36 11.99 -31.15
CA PHE I 68 57.10 11.39 -32.26
C PHE I 68 56.74 12.10 -33.55
N SER I 69 57.73 12.30 -34.42
CA SER I 69 57.53 12.94 -35.70
C SER I 69 58.30 12.22 -36.79
N LEU I 70 57.71 12.16 -37.98
CA LEU I 70 58.51 11.91 -39.17
C LEU I 70 59.39 13.13 -39.44
N THR I 71 60.64 12.87 -39.79
CA THR I 71 61.61 13.94 -39.99
C THR I 71 62.49 13.63 -41.19
N ALA I 72 62.96 14.70 -41.81
CA ALA I 72 63.94 14.69 -42.88
C ALA I 72 64.82 15.91 -42.71
N PRO I 73 66.05 15.89 -43.23
CA PRO I 73 66.92 17.07 -43.12
C PRO I 73 66.31 18.27 -43.81
N ALA I 74 66.47 19.44 -43.18
CA ALA I 74 65.90 20.67 -43.69
C ALA I 74 66.51 21.09 -45.02
N ASP I 75 67.74 20.67 -45.31
CA ASP I 75 68.35 20.98 -46.60
C ASP I 75 67.57 20.37 -47.78
N LEU I 76 66.81 19.32 -47.52
CA LEU I 76 66.16 18.57 -48.59
C LEU I 76 64.93 19.30 -49.12
N LEU I 77 64.62 19.04 -50.39
CA LEU I 77 63.43 19.62 -51.01
C LEU I 77 62.18 19.06 -50.34
N PRO I 78 61.15 19.90 -50.12
CA PRO I 78 59.95 19.40 -49.43
C PRO I 78 59.28 18.23 -50.13
N GLY I 79 59.06 18.34 -51.44
CA GLY I 79 58.36 17.29 -52.18
C GLY I 79 58.92 15.90 -51.98
N LYS I 80 60.22 15.78 -51.70
CA LYS I 80 60.88 14.49 -51.59
C LYS I 80 61.07 14.03 -50.15
N ARG I 81 60.64 14.81 -49.16
CA ARG I 81 60.87 14.43 -47.77
C ARG I 81 60.22 13.09 -47.45
N HIS I 82 59.17 12.72 -48.18
CA HIS I 82 58.47 11.45 -47.93
C HIS I 82 59.31 10.24 -48.32
N ASP I 83 60.39 10.42 -49.08
CA ASP I 83 61.18 9.28 -49.51
C ASP I 83 62.25 8.88 -48.49
N VAL I 84 62.59 9.75 -47.54
CA VAL I 84 63.69 9.49 -46.61
C VAL I 84 63.26 9.75 -45.16
N ALA I 85 61.96 9.61 -44.89
CA ALA I 85 61.41 9.93 -43.57
C ALA I 85 61.93 8.97 -42.50
N GLU I 86 62.37 9.54 -41.37
CA GLU I 86 62.81 8.76 -40.22
C GLU I 86 62.10 9.24 -38.96
N ILE I 87 61.86 8.33 -38.02
CA ILE I 87 61.08 8.66 -36.82
C ILE I 87 62.01 9.23 -35.75
N ARG I 88 61.75 10.46 -35.32
CA ARG I 88 62.43 11.06 -34.18
C ARG I 88 61.43 11.28 -33.04
N TYR I 89 61.97 11.41 -31.83
CA TYR I 89 61.15 11.69 -30.65
C TYR I 89 61.65 12.97 -29.97
N PHE I 90 60.70 13.69 -29.38
CA PHE I 90 60.96 14.92 -28.65
C PHE I 90 60.27 14.83 -27.29
N TYR I 91 60.83 15.54 -26.30
CA TYR I 91 60.29 15.51 -24.95
C TYR I 91 60.13 16.93 -24.43
N SER I 92 59.25 17.08 -23.44
CA SER I 92 58.96 18.39 -22.86
C SER I 92 58.45 18.26 -21.43
N ARG I 93 58.73 19.30 -20.63
CA ARG I 93 58.21 19.33 -19.27
C ARG I 93 56.87 20.05 -19.17
N ASP I 94 56.66 21.12 -19.95
CA ASP I 94 55.43 21.91 -19.86
C ASP I 94 54.43 21.58 -20.96
N GLY I 95 54.88 21.38 -22.18
CA GLY I 95 53.98 21.11 -23.27
C GLY I 95 54.21 22.09 -24.40
N GLU I 96 55.09 23.06 -24.16
CA GLU I 96 55.43 24.08 -25.14
C GLU I 96 56.87 23.97 -25.64
N THR I 97 57.84 23.87 -24.73
CA THR I 97 59.25 23.89 -25.10
C THR I 97 59.72 22.46 -25.34
N TRP I 98 59.85 22.07 -26.61
CA TRP I 98 60.24 20.71 -26.97
C TRP I 98 61.73 20.63 -27.30
N PHE I 99 62.36 19.57 -26.81
CA PHE I 99 63.77 19.30 -27.04
C PHE I 99 63.92 18.14 -28.01
N ASP I 100 64.88 18.25 -28.92
CA ASP I 100 65.16 17.16 -29.85
C ASP I 100 65.77 15.98 -29.11
N GLY I 101 65.24 14.78 -29.35
CA GLY I 101 65.73 13.58 -28.69
C GLY I 101 66.45 12.62 -29.61
N GLY I 102 66.56 12.98 -30.89
CA GLY I 102 67.24 12.15 -31.86
C GLY I 102 66.38 11.04 -32.45
N PRO I 103 66.95 10.27 -33.37
CA PRO I 103 66.20 9.15 -33.98
C PRO I 103 65.76 8.14 -32.94
N VAL I 104 64.61 7.52 -33.20
CA VAL I 104 64.09 6.54 -32.25
C VAL I 104 64.73 5.17 -32.45
N PHE I 105 65.06 4.81 -33.69
CA PHE I 105 65.55 3.47 -33.99
C PHE I 105 67.01 3.55 -34.42
N GLU I 106 67.84 2.66 -33.88
CA GLU I 106 69.25 2.60 -34.20
C GLU I 106 69.54 1.55 -35.28
N GLY I 107 68.50 1.07 -35.96
CA GLY I 107 68.59 0.17 -37.09
C GLY I 107 67.55 -0.92 -37.02
N GLY I 108 67.83 -2.04 -37.68
CA GLY I 108 66.91 -3.16 -37.81
C GLY I 108 65.48 -2.85 -38.23
N THR I 109 65.22 -1.63 -38.72
CA THR I 109 63.88 -1.20 -39.08
C THR I 109 63.39 -1.84 -40.37
N ARG I 110 62.08 -2.13 -40.42
CA ARG I 110 61.44 -2.59 -41.64
C ARG I 110 61.14 -1.43 -42.58
N GLY I 111 61.34 -1.68 -43.87
CA GLY I 111 60.99 -0.73 -44.91
C GLY I 111 62.13 0.19 -45.29
N SER I 112 62.10 0.64 -46.55
CA SER I 112 63.05 1.65 -46.99
C SER I 112 62.92 2.92 -46.16
N ARG I 113 61.69 3.29 -45.80
CA ARG I 113 61.50 4.41 -44.88
C ARG I 113 60.25 4.16 -44.05
N GLN I 114 60.04 5.03 -43.06
CA GLN I 114 58.95 4.89 -42.10
C GLN I 114 57.96 6.03 -42.23
N TRP I 115 56.67 5.70 -42.20
CA TRP I 115 55.59 6.67 -42.20
C TRP I 115 54.80 6.56 -40.90
N ALA I 116 53.86 7.49 -40.74
CA ALA I 116 53.23 7.77 -39.45
C ALA I 116 52.60 6.52 -38.82
N GLY I 117 52.50 6.56 -37.50
CA GLY I 117 51.92 5.49 -36.71
C GLY I 117 51.38 5.98 -35.38
N SER I 118 51.81 5.35 -34.30
CA SER I 118 51.36 5.65 -32.94
C SER I 118 52.38 5.10 -31.97
N ALA I 119 52.21 5.42 -30.69
CA ALA I 119 53.14 5.00 -29.66
C ALA I 119 52.36 4.59 -28.42
N LEU I 120 52.75 3.46 -27.83
CA LEU I 120 52.10 2.90 -26.66
C LEU I 120 53.14 2.63 -25.59
N LEU I 121 52.98 3.28 -24.43
CA LEU I 121 53.72 2.93 -23.23
C LEU I 121 52.81 2.06 -22.38
N ASP I 122 53.02 0.75 -22.45
CA ASP I 122 52.11 -0.19 -21.82
C ASP I 122 52.21 -0.10 -20.30
N ASP I 123 51.30 -0.79 -19.63
CA ASP I 123 51.28 -0.79 -18.17
C ASP I 123 52.54 -1.44 -17.58
N ASP I 124 53.04 -2.49 -18.24
CA ASP I 124 54.23 -3.19 -17.78
C ASP I 124 55.51 -2.37 -17.93
N GLY I 125 55.46 -1.23 -18.62
CA GLY I 125 56.65 -0.44 -18.87
C GLY I 125 57.30 -0.67 -20.22
N ARG I 126 56.82 -1.64 -20.98
CA ARG I 126 57.33 -1.88 -22.33
C ARG I 126 56.84 -0.80 -23.28
N LEU I 127 57.74 -0.32 -24.14
CA LEU I 127 57.39 0.68 -25.15
C LEU I 127 57.21 0.00 -26.51
N TYR I 128 56.09 0.30 -27.17
CA TYR I 128 55.79 -0.17 -28.53
C TYR I 128 55.63 1.04 -29.43
N VAL I 129 56.33 1.05 -30.57
CA VAL I 129 56.23 2.15 -31.53
C VAL I 129 55.67 1.58 -32.84
N PHE I 130 54.38 1.81 -33.08
CA PHE I 130 53.76 1.39 -34.33
C PHE I 130 54.08 2.41 -35.42
N TYR I 131 54.46 1.91 -36.59
CA TYR I 131 54.79 2.77 -37.73
C TYR I 131 54.44 2.04 -39.01
N THR I 132 54.54 2.75 -40.14
CA THR I 132 54.32 2.15 -41.45
C THR I 132 55.66 1.91 -42.12
N ALA I 133 55.87 0.69 -42.62
CA ALA I 133 57.08 0.34 -43.35
C ALA I 133 56.80 0.56 -44.84
N SER I 134 57.27 1.69 -45.37
CA SER I 134 57.18 1.97 -46.79
C SER I 134 58.39 1.37 -47.50
N GLY I 135 58.13 0.49 -48.47
CA GLY I 135 59.19 -0.17 -49.19
C GLY I 135 59.76 -1.35 -48.44
N ARG I 136 60.95 -1.75 -48.88
CA ARG I 136 61.73 -2.80 -48.25
C ARG I 136 63.12 -2.26 -47.98
N ALA I 137 63.72 -2.72 -46.89
CA ALA I 137 65.02 -2.18 -46.47
C ALA I 137 66.04 -2.34 -47.58
N GLY I 138 66.71 -1.24 -47.91
CA GLY I 138 67.80 -1.28 -48.88
C GLY I 138 67.41 -1.69 -50.28
N GLU I 139 66.30 -1.17 -50.78
CA GLU I 139 65.91 -1.45 -52.16
C GLU I 139 66.81 -0.72 -53.16
N ALA I 140 66.69 -1.13 -54.42
CA ALA I 140 67.38 -0.44 -55.51
C ALA I 140 66.65 0.85 -55.82
N GLU I 141 65.42 0.76 -56.33
CA GLU I 141 64.58 1.92 -56.56
C GLU I 141 63.46 1.96 -55.52
N ILE I 142 63.10 3.17 -55.09
CA ILE I 142 62.09 3.33 -54.05
C ILE I 142 60.72 2.86 -54.55
N THR I 143 60.13 1.91 -53.83
CA THR I 143 58.77 1.43 -54.07
C THR I 143 57.78 2.01 -53.06
N TYR I 144 56.49 1.77 -53.31
CA TYR I 144 55.42 2.33 -52.49
C TYR I 144 54.55 1.24 -51.86
N GLU I 145 55.16 0.11 -51.49
CA GLU I 145 54.43 -0.93 -50.77
C GLU I 145 54.37 -0.58 -49.29
N GLN I 146 53.16 -0.64 -48.72
CA GLN I 146 52.90 -0.23 -47.34
C GLN I 146 52.40 -1.41 -46.51
N ARG I 147 53.04 -1.63 -45.35
CA ARG I 147 52.69 -2.68 -44.40
C ARG I 147 52.76 -2.14 -42.98
N LEU I 148 51.87 -2.62 -42.10
CA LEU I 148 51.85 -2.18 -40.72
C LEU I 148 52.86 -2.98 -39.90
N ALA I 149 53.86 -2.29 -39.34
CA ALA I 149 54.92 -2.89 -38.52
C ALA I 149 54.93 -2.23 -37.14
N VAL I 150 55.76 -2.79 -36.23
CA VAL I 150 55.89 -2.24 -34.89
C VAL I 150 57.32 -2.44 -34.40
N GLY I 151 57.82 -1.44 -33.67
CA GLY I 151 59.11 -1.50 -32.99
C GLY I 151 58.97 -1.81 -31.51
N SER I 152 58.77 -3.08 -31.17
CA SER I 152 58.47 -3.46 -29.80
C SER I 152 59.74 -3.46 -28.93
N GLY I 153 59.51 -3.39 -27.62
CA GLY I 153 60.55 -3.63 -26.64
C GLY I 153 61.43 -2.47 -26.24
N GLY I 154 60.93 -1.23 -26.35
CA GLY I 154 61.73 -0.09 -25.94
C GLY I 154 61.64 0.21 -24.46
N SER I 155 62.66 0.92 -23.96
CA SER I 155 62.70 1.34 -22.56
C SER I 155 62.90 2.85 -22.48
N VAL I 156 62.01 3.52 -21.75
CA VAL I 156 62.05 4.97 -21.57
C VAL I 156 62.64 5.28 -20.21
N VAL I 157 63.75 6.03 -20.20
CA VAL I 157 64.37 6.48 -18.95
C VAL I 157 64.30 8.00 -18.92
N ALA I 158 64.03 8.55 -17.73
CA ALA I 158 63.82 9.98 -17.60
C ALA I 158 64.53 10.49 -16.34
N ASP I 159 65.59 11.25 -16.54
CA ASP I 159 66.26 12.03 -15.49
C ASP I 159 65.70 13.43 -15.38
N ASP I 160 66.51 14.34 -14.82
CA ASP I 160 66.24 15.78 -14.80
C ASP I 160 66.90 16.49 -15.97
N ASP I 161 67.68 15.79 -16.79
CA ASP I 161 68.28 16.44 -17.96
C ASP I 161 67.48 16.19 -19.23
N GLY I 162 66.75 15.09 -19.31
CA GLY I 162 65.95 14.80 -20.48
C GLY I 162 65.34 13.43 -20.40
N VAL I 163 65.05 12.86 -21.56
CA VAL I 163 64.47 11.52 -21.67
C VAL I 163 65.21 10.79 -22.78
N ARG I 164 65.62 9.56 -22.50
CA ARG I 164 66.28 8.70 -23.49
C ARG I 164 65.48 7.43 -23.70
N ILE I 165 65.19 7.14 -24.96
CA ILE I 165 64.53 5.90 -25.36
C ILE I 165 65.64 4.95 -25.81
N GLU I 166 65.99 4.00 -24.95
CA GLU I 166 67.10 3.09 -25.19
C GLU I 166 66.64 1.64 -25.09
N GLY I 167 67.57 0.76 -25.47
CA GLY I 167 67.42 -0.66 -25.38
C GLY I 167 67.53 -1.26 -26.77
N PRO I 168 67.43 -2.59 -26.87
CA PRO I 168 67.34 -3.18 -28.21
C PRO I 168 65.90 -3.19 -28.70
N PHE I 169 65.71 -2.74 -29.93
CA PHE I 169 64.40 -2.72 -30.57
C PHE I 169 64.24 -3.94 -31.45
N ALA I 170 63.05 -4.54 -31.42
CA ALA I 170 62.73 -5.68 -32.26
C ALA I 170 61.61 -5.25 -33.18
N HIS I 171 61.84 -5.40 -34.49
CA HIS I 171 60.92 -4.89 -35.50
C HIS I 171 60.38 -6.06 -36.30
N GLY I 172 59.10 -5.98 -36.62
CA GLY I 172 58.46 -6.98 -37.46
C GLY I 172 57.21 -6.42 -38.07
N VAL I 173 56.82 -6.99 -39.21
CA VAL I 173 55.56 -6.61 -39.83
C VAL I 173 54.42 -7.23 -39.05
N LEU I 174 53.37 -6.44 -38.81
CA LEU I 174 52.19 -6.94 -38.13
C LEU I 174 51.08 -7.32 -39.10
N LEU I 175 50.75 -6.43 -40.05
CA LEU I 175 49.63 -6.70 -40.94
C LEU I 175 49.92 -6.23 -42.36
N GLU I 176 49.44 -7.02 -43.32
CA GLU I 176 49.43 -6.70 -44.74
C GLU I 176 48.03 -6.94 -45.30
N PRO I 177 47.63 -6.20 -46.33
CA PRO I 177 46.25 -6.31 -46.81
C PRO I 177 45.92 -7.72 -47.33
N ASP I 178 44.73 -8.20 -46.93
CA ASP I 178 44.31 -9.56 -47.30
C ASP I 178 43.86 -9.67 -48.75
N GLY I 179 43.29 -8.60 -49.31
CA GLY I 179 42.87 -8.58 -50.69
C GLY I 179 41.37 -8.71 -50.93
N GLU I 180 40.58 -9.03 -49.90
CA GLU I 180 39.13 -9.00 -50.07
C GLU I 180 38.47 -7.95 -49.19
N ARG I 181 38.95 -7.73 -47.97
CA ARG I 181 38.48 -6.62 -47.17
C ARG I 181 39.31 -5.36 -47.35
N TYR I 182 40.62 -5.52 -47.58
CA TYR I 182 41.52 -4.39 -47.72
C TYR I 182 42.36 -4.57 -48.99
N GLU I 183 42.34 -3.55 -49.84
CA GLU I 183 42.88 -3.67 -51.18
C GLU I 183 44.39 -3.89 -51.16
N ARG I 184 44.86 -4.72 -52.09
CA ARG I 184 46.26 -5.01 -52.36
C ARG I 184 46.75 -4.09 -53.47
N GLU I 185 48.08 -3.99 -53.57
CA GLU I 185 48.65 -3.12 -54.60
C GLU I 185 48.24 -3.57 -56.00
N GLU I 186 48.25 -4.89 -56.23
CA GLU I 186 47.83 -5.46 -57.51
C GLU I 186 46.41 -5.04 -57.89
N GLN I 187 45.53 -4.91 -56.90
CA GLN I 187 44.14 -4.50 -57.14
C GLN I 187 43.99 -3.00 -57.31
N SER I 188 45.00 -2.21 -56.97
CA SER I 188 44.86 -0.76 -56.96
C SER I 188 44.58 -0.24 -58.36
N ARG I 189 43.42 0.39 -58.52
CA ARG I 189 43.09 1.21 -59.66
C ARG I 189 43.41 2.68 -59.33
N GLY I 190 43.28 3.55 -60.34
CA GLY I 190 43.56 4.96 -60.15
C GLY I 190 44.89 5.27 -59.51
N MET I 191 44.86 5.86 -58.31
CA MET I 191 46.06 6.26 -57.59
C MET I 191 46.63 5.10 -56.77
N ILE I 192 47.78 5.36 -56.13
CA ILE I 192 48.44 4.37 -55.30
C ILE I 192 47.50 3.90 -54.18
N TYR I 193 47.55 2.60 -53.90
CA TYR I 193 46.75 2.08 -52.80
C TYR I 193 47.28 2.63 -51.47
N THR I 194 46.53 2.40 -50.41
CA THR I 194 46.95 2.82 -49.09
C THR I 194 46.74 1.68 -48.10
N PHE I 195 47.71 1.48 -47.22
CA PHE I 195 47.58 0.57 -46.09
C PHE I 195 48.57 0.99 -45.02
N ARG I 196 48.22 1.98 -44.20
CA ARG I 196 49.22 2.64 -43.37
C ARG I 196 48.56 3.30 -42.16
N ASP I 197 49.40 3.97 -41.36
CA ASP I 197 49.03 4.81 -40.23
C ASP I 197 48.35 4.01 -39.12
N PRO I 198 49.08 3.10 -38.46
CA PRO I 198 48.48 2.29 -37.40
C PRO I 198 48.34 3.10 -36.11
N TRP I 199 47.13 3.14 -35.57
CA TRP I 199 46.82 3.88 -34.36
C TRP I 199 46.24 2.91 -33.33
N PHE I 200 46.95 2.76 -32.21
CA PHE I 200 46.49 1.84 -31.16
C PHE I 200 45.29 2.44 -30.43
N PHE I 201 44.34 1.59 -30.03
CA PHE I 201 43.14 2.10 -29.37
C PHE I 201 42.50 1.00 -28.54
N GLU I 202 42.46 1.19 -27.22
CA GLU I 202 41.66 0.36 -26.33
C GLU I 202 40.29 0.99 -26.13
N ASP I 203 39.23 0.25 -26.42
CA ASP I 203 37.87 0.73 -26.25
C ASP I 203 37.57 0.88 -24.77
N PRO I 204 37.27 2.07 -24.27
CA PRO I 204 37.01 2.24 -22.83
C PRO I 204 35.73 1.56 -22.36
N ARG I 205 34.89 1.09 -23.27
CA ARG I 205 33.64 0.42 -22.88
C ARG I 205 33.86 -1.08 -22.75
N SER I 206 34.16 -1.75 -23.87
CA SER I 206 34.33 -3.21 -23.84
C SER I 206 35.66 -3.62 -23.19
N GLY I 207 36.68 -2.79 -23.27
CA GLY I 207 38.02 -3.17 -22.87
C GLY I 207 38.82 -3.90 -23.94
N LYS I 208 38.20 -4.29 -25.05
CA LYS I 208 38.91 -4.97 -26.12
C LYS I 208 39.89 -4.03 -26.80
N THR I 209 40.91 -4.61 -27.43
CA THR I 209 42.03 -3.89 -28.01
C THR I 209 41.96 -3.88 -29.53
N TYR I 210 42.04 -2.69 -30.13
CA TYR I 210 41.98 -2.56 -31.57
C TYR I 210 43.16 -1.73 -32.06
N LEU I 211 43.39 -1.82 -33.37
CA LEU I 211 44.40 -1.03 -34.06
C LEU I 211 43.75 -0.51 -35.34
N LEU I 212 43.55 0.80 -35.41
CA LEU I 212 42.97 1.42 -36.59
C LEU I 212 44.05 1.71 -37.62
N PHE I 213 43.64 1.82 -38.88
CA PHE I 213 44.55 2.15 -39.95
C PHE I 213 43.76 2.64 -41.15
N GLU I 214 44.46 3.26 -42.09
CA GLU I 214 43.89 3.72 -43.34
C GLU I 214 44.14 2.66 -44.39
N ALA I 215 43.10 2.26 -45.12
CA ALA I 215 43.27 1.27 -46.17
C ALA I 215 42.40 1.67 -47.35
N ASN I 216 42.44 0.85 -48.39
CA ASN I 216 41.48 0.90 -49.46
C ASN I 216 40.77 -0.44 -49.51
N THR I 217 39.49 -0.42 -49.88
CA THR I 217 38.71 -1.64 -49.96
C THR I 217 38.48 -2.00 -51.41
N PRO I 218 38.84 -3.23 -51.79
CA PRO I 218 38.80 -3.60 -53.22
C PRO I 218 37.40 -3.53 -53.80
N ILE I 219 37.31 -2.94 -54.99
CA ILE I 219 36.06 -2.86 -55.72
C ILE I 219 36.29 -3.50 -57.09
N PRO I 220 35.56 -4.56 -57.44
CA PRO I 220 35.79 -5.22 -58.74
C PRO I 220 35.46 -4.28 -59.89
N GLU I 221 36.11 -4.50 -61.01
CA GLU I 221 35.84 -3.70 -62.20
C GLU I 221 34.47 -4.08 -62.76
N GLY I 222 33.69 -3.07 -63.12
CA GLY I 222 32.36 -3.30 -63.63
C GLY I 222 31.35 -3.69 -62.58
N ALA I 223 31.67 -3.46 -61.30
CA ALA I 223 30.78 -3.85 -60.21
C ALA I 223 29.45 -3.10 -60.25
N GLY I 224 29.43 -1.92 -60.88
CA GLY I 224 28.26 -1.07 -60.90
C GLY I 224 27.88 -0.48 -59.56
N ALA I 225 28.75 -0.59 -58.56
CA ALA I 225 28.46 -0.09 -57.22
C ALA I 225 28.31 1.42 -57.18
N CYS I 226 28.72 2.12 -58.22
CA CYS I 226 28.53 3.56 -58.25
C CYS I 226 28.04 4.02 -59.63
N GLY I 227 27.53 5.25 -59.65
CA GLY I 227 26.92 5.83 -60.83
C GLY I 227 27.87 6.17 -61.95
N ASP I 228 29.17 5.93 -61.76
CA ASP I 228 30.15 6.16 -62.77
C ASP I 228 31.31 5.21 -62.49
N PRO I 229 31.81 4.49 -63.50
CA PRO I 229 32.96 3.60 -63.30
C PRO I 229 34.20 4.26 -62.70
N VAL I 230 34.51 5.50 -63.09
CA VAL I 230 35.73 6.16 -62.59
C VAL I 230 35.64 6.43 -61.09
N TRP I 231 34.44 6.74 -60.57
CA TRP I 231 34.28 7.07 -59.16
C TRP I 231 34.76 5.95 -58.26
N GLU I 232 34.63 4.69 -58.72
CA GLU I 232 35.04 3.54 -57.93
C GLU I 232 36.56 3.46 -57.72
N GLU I 233 37.35 4.27 -58.43
CA GLU I 233 38.78 4.29 -58.16
C GLU I 233 39.09 4.93 -56.82
N PHE I 234 38.16 5.72 -56.27
CA PHE I 234 38.31 6.38 -54.97
C PHE I 234 37.63 5.52 -53.91
N ASN I 235 38.41 4.70 -53.22
CA ASN I 235 37.89 3.66 -52.35
C ASN I 235 38.55 3.69 -51.00
N GLY I 236 38.79 4.88 -50.47
CA GLY I 236 39.41 5.00 -49.16
C GLY I 236 38.50 4.50 -48.05
N SER I 237 39.11 3.92 -47.02
CA SER I 237 38.35 3.37 -45.91
C SER I 237 39.20 3.39 -44.65
N VAL I 238 38.52 3.34 -43.51
CA VAL I 238 39.17 3.24 -42.21
C VAL I 238 39.05 1.79 -41.79
N GLY I 239 40.14 1.04 -41.93
CA GLY I 239 40.14 -0.34 -41.49
C GLY I 239 40.54 -0.48 -40.04
N ILE I 240 40.17 -1.61 -39.46
CA ILE I 240 40.43 -1.85 -38.04
C ILE I 240 40.80 -3.32 -37.86
N ALA I 241 41.72 -3.58 -36.93
CA ALA I 241 42.10 -4.93 -36.57
C ALA I 241 41.90 -5.10 -35.07
N HIS I 242 41.62 -6.33 -34.66
CA HIS I 242 41.34 -6.65 -33.27
C HIS I 242 42.45 -7.55 -32.74
N SER I 243 42.72 -7.44 -31.45
CA SER I 243 43.65 -8.36 -30.78
C SER I 243 42.88 -9.14 -29.73
N PRO I 244 42.68 -10.46 -29.92
CA PRO I 244 41.88 -11.19 -28.92
C PRO I 244 42.50 -11.15 -27.53
N THR I 245 43.79 -11.44 -27.43
CA THR I 245 44.48 -11.16 -26.17
C THR I 245 44.93 -9.70 -26.17
N GLY I 246 45.44 -9.27 -25.02
CA GLY I 246 45.85 -7.89 -24.91
C GLY I 246 47.17 -7.57 -25.56
N ASP I 247 47.92 -8.59 -26.00
CA ASP I 247 49.22 -8.43 -26.62
C ASP I 247 49.18 -7.44 -27.79
N PRO I 248 49.97 -6.36 -27.74
CA PRO I 248 49.96 -5.37 -28.83
C PRO I 248 50.60 -5.82 -30.14
N THR I 249 50.97 -7.11 -30.29
CA THR I 249 51.69 -7.52 -31.48
C THR I 249 51.03 -8.62 -32.30
N ASP I 250 49.91 -9.20 -31.85
CA ASP I 250 49.21 -10.22 -32.62
C ASP I 250 47.81 -9.70 -32.91
N TRP I 251 47.51 -9.48 -34.20
CA TRP I 251 46.28 -8.82 -34.63
C TRP I 251 45.54 -9.67 -35.67
N GLU I 252 44.21 -9.51 -35.68
CA GLU I 252 43.34 -10.12 -36.68
C GLU I 252 42.45 -9.06 -37.30
N LEU I 253 42.36 -9.05 -38.63
CA LEU I 253 41.58 -8.05 -39.35
C LEU I 253 40.07 -8.16 -39.02
N CYS I 254 39.41 -7.01 -38.98
CA CYS I 254 37.95 -6.88 -38.80
C CYS I 254 37.33 -6.11 -39.96
N ASP I 255 36.02 -5.89 -39.88
CA ASP I 255 35.33 -5.10 -40.89
C ASP I 255 35.79 -3.66 -40.84
N PRO I 256 35.83 -2.97 -41.98
CA PRO I 256 36.26 -1.57 -41.97
C PRO I 256 35.21 -0.74 -41.24
N LEU I 257 35.67 0.28 -40.52
CA LEU I 257 34.75 1.08 -39.72
C LEU I 257 33.89 1.97 -40.61
N LEU I 258 34.45 2.47 -41.70
CA LEU I 258 33.84 3.50 -42.52
C LEU I 258 34.46 3.45 -43.91
N GLU I 259 33.66 3.74 -44.93
CA GLU I 259 34.15 3.68 -46.29
C GLU I 259 33.74 4.95 -47.05
N GLY I 260 34.65 5.46 -47.87
CA GLY I 260 34.35 6.62 -48.70
C GLY I 260 34.30 6.33 -50.19
N ILE I 261 33.67 5.22 -50.58
CA ILE I 261 33.66 4.84 -51.98
C ILE I 261 32.95 5.91 -52.79
N CYS I 262 33.62 6.37 -53.84
CA CYS I 262 33.09 7.35 -54.78
C CYS I 262 33.08 8.75 -54.22
N VAL I 263 33.84 8.96 -53.14
CA VAL I 263 34.07 10.25 -52.50
C VAL I 263 35.55 10.58 -52.36
N ASN I 264 36.34 9.69 -51.74
CA ASN I 264 37.75 10.02 -51.49
C ASN I 264 38.62 8.78 -51.52
N GLN I 265 39.89 8.98 -51.89
CA GLN I 265 40.87 7.90 -51.94
C GLN I 265 41.67 7.74 -50.66
N GLU I 266 42.00 8.84 -49.98
CA GLU I 266 42.88 8.81 -48.82
C GLU I 266 42.15 9.37 -47.60
N LEU I 267 41.81 8.49 -46.66
CA LEU I 267 41.31 8.86 -45.35
C LEU I 267 42.48 8.75 -44.37
N GLU I 268 43.32 9.78 -44.39
CA GLU I 268 44.63 9.72 -43.73
C GLU I 268 44.50 9.80 -42.21
N ARG I 269 45.44 9.12 -41.53
CA ARG I 269 45.61 9.10 -40.07
C ARG I 269 44.28 9.05 -39.32
N PRO I 270 43.59 7.91 -39.32
CA PRO I 270 42.32 7.83 -38.61
C PRO I 270 42.54 7.60 -37.14
N HIS I 271 41.63 8.16 -36.32
CA HIS I 271 41.70 7.95 -34.89
C HIS I 271 40.34 8.24 -34.27
N VAL I 272 40.14 7.76 -33.05
CA VAL I 272 38.89 7.94 -32.31
C VAL I 272 39.16 8.65 -31.00
N VAL I 273 38.32 9.61 -30.68
CA VAL I 273 38.22 10.19 -29.34
C VAL I 273 36.84 9.84 -28.77
N VAL I 274 36.83 9.28 -27.57
CA VAL I 274 35.59 8.91 -26.89
C VAL I 274 35.21 10.03 -25.95
N ARG I 275 33.96 10.50 -26.06
CA ARG I 275 33.47 11.60 -25.24
C ARG I 275 32.08 11.24 -24.72
N ASN I 276 31.99 11.03 -23.41
CA ASN I 276 30.74 10.72 -22.70
C ASN I 276 29.88 9.72 -23.46
N GLY I 277 30.48 8.60 -23.83
CA GLY I 277 29.72 7.52 -24.41
C GLY I 277 29.53 7.59 -25.91
N PHE I 278 30.16 8.56 -26.58
CA PHE I 278 30.07 8.70 -28.03
C PHE I 278 31.45 8.58 -28.64
N TYR I 279 31.53 7.96 -29.80
CA TYR I 279 32.80 7.70 -30.47
C TYR I 279 32.91 8.61 -31.67
N TYR I 280 33.92 9.48 -31.66
CA TYR I 280 34.19 10.37 -32.77
C TYR I 280 35.40 9.85 -33.54
N LEU I 281 35.19 9.49 -34.81
CA LEU I 281 36.22 9.02 -35.72
C LEU I 281 36.65 10.17 -36.62
N PHE I 282 37.93 10.51 -36.58
CA PHE I 282 38.51 11.61 -37.35
C PHE I 282 39.52 11.08 -38.36
N VAL I 283 39.52 11.70 -39.55
CA VAL I 283 40.48 11.39 -40.61
C VAL I 283 40.88 12.70 -41.28
N SER I 284 42.17 12.86 -41.55
CA SER I 284 42.64 13.97 -42.37
C SER I 284 42.59 13.57 -43.84
N SER I 285 42.31 14.56 -44.71
CA SER I 285 42.23 14.24 -46.13
C SER I 285 42.57 15.45 -46.99
N HIS I 286 43.07 15.16 -48.20
CA HIS I 286 43.51 16.15 -49.17
C HIS I 286 42.37 16.58 -50.09
N ASP I 287 42.59 17.69 -50.79
CA ASP I 287 41.63 18.18 -51.78
C ASP I 287 41.73 17.43 -53.11
N HIS I 288 42.95 17.02 -53.51
CA HIS I 288 43.15 16.35 -54.78
C HIS I 288 42.79 14.87 -54.77
N THR I 289 42.48 14.29 -53.61
CA THR I 289 42.08 12.89 -53.52
C THR I 289 40.56 12.70 -53.50
N PHE I 290 39.79 13.77 -53.72
CA PHE I 290 38.35 13.66 -53.83
C PHE I 290 37.95 13.18 -55.22
N ALA I 291 36.88 12.38 -55.27
CA ALA I 291 36.37 11.90 -56.55
C ALA I 291 35.89 13.08 -57.38
N PRO I 292 35.89 12.95 -58.71
CA PRO I 292 35.42 14.04 -59.55
C PRO I 292 33.96 14.36 -59.29
N GLY I 293 33.62 15.64 -59.46
CA GLY I 293 32.30 16.15 -59.13
C GLY I 293 32.15 16.62 -57.71
N LEU I 294 33.14 16.39 -56.86
CA LEU I 294 33.11 16.82 -55.46
C LEU I 294 34.25 17.80 -55.22
N GLU I 295 33.98 18.86 -54.46
CA GLU I 295 34.97 19.88 -54.16
C GLU I 295 35.10 19.98 -52.64
N GLY I 296 36.20 19.43 -52.11
CA GLY I 296 36.50 19.54 -50.70
C GLY I 296 37.93 19.97 -50.46
N PRO I 297 38.15 20.75 -49.40
CA PRO I 297 39.49 21.24 -49.09
C PRO I 297 40.29 20.30 -48.21
N ASP I 298 41.62 20.48 -48.23
CA ASP I 298 42.52 19.89 -47.25
C ASP I 298 42.01 20.14 -45.84
N GLY I 299 41.69 19.06 -45.12
CA GLY I 299 41.12 19.30 -43.80
C GLY I 299 40.94 18.04 -42.98
N LEU I 300 40.50 18.27 -41.74
CA LEU I 300 40.12 17.21 -40.81
C LEU I 300 38.61 16.98 -40.91
N TYR I 301 38.21 15.77 -41.31
CA TYR I 301 36.82 15.36 -41.44
C TYR I 301 36.50 14.38 -40.32
N GLY I 302 35.25 14.38 -39.87
CA GLY I 302 34.88 13.66 -38.66
C GLY I 302 33.50 13.05 -38.73
N PHE I 303 33.31 11.98 -37.97
CA PHE I 303 32.07 11.20 -37.91
C PHE I 303 31.84 10.76 -36.47
N VAL I 304 30.59 10.43 -36.15
CA VAL I 304 30.21 10.13 -34.77
C VAL I 304 29.24 8.95 -34.75
N ALA I 305 29.39 8.09 -33.75
CA ALA I 305 28.42 7.02 -33.51
C ALA I 305 28.33 6.74 -32.01
N ASP I 306 27.41 5.84 -31.64
CA ASP I 306 27.21 5.48 -30.25
C ASP I 306 28.01 4.25 -29.82
N SER I 307 28.78 3.65 -30.73
CA SER I 307 29.69 2.56 -30.39
C SER I 307 30.86 2.63 -31.35
N LEU I 308 31.95 1.92 -30.99
CA LEU I 308 33.17 2.00 -31.78
C LEU I 308 32.98 1.48 -33.21
N ARG I 309 32.20 0.41 -33.37
CA ARG I 309 31.92 -0.18 -34.68
C ARG I 309 30.49 0.11 -35.12
N GLY I 310 29.96 1.27 -34.75
CA GLY I 310 28.58 1.61 -35.02
C GLY I 310 28.38 2.30 -36.35
N GLU I 311 27.14 2.73 -36.59
CA GLU I 311 26.73 3.40 -37.81
C GLU I 311 27.19 4.85 -37.75
N TYR I 312 28.41 5.08 -38.22
CA TYR I 312 28.98 6.42 -38.25
C TYR I 312 28.22 7.32 -39.21
N ARG I 313 28.00 8.56 -38.76
CA ARG I 313 27.36 9.61 -39.54
C ARG I 313 28.22 10.87 -39.50
N PRO I 314 28.24 11.63 -40.58
CA PRO I 314 29.20 12.74 -40.67
C PRO I 314 28.85 13.89 -39.74
N LEU I 315 29.88 14.46 -39.13
CA LEU I 315 29.74 15.68 -38.33
C LEU I 315 29.43 16.86 -39.24
N ASN I 316 28.61 17.79 -38.73
CA ASN I 316 28.25 19.02 -39.44
C ASN I 316 27.54 18.76 -40.77
N GLY I 317 26.98 17.58 -40.96
CA GLY I 317 26.28 17.29 -42.21
C GLY I 317 27.15 16.91 -43.37
N SER I 318 28.22 17.66 -43.62
CA SER I 318 29.13 17.37 -44.71
C SER I 318 30.26 16.42 -44.31
N GLY I 319 30.72 16.51 -43.07
CA GLY I 319 31.87 15.79 -42.60
C GLY I 319 33.03 16.69 -42.23
N LEU I 320 33.08 17.90 -42.78
CA LEU I 320 34.19 18.81 -42.51
C LEU I 320 34.13 19.30 -41.08
N VAL I 321 35.18 19.00 -40.31
CA VAL I 321 35.30 19.49 -38.94
C VAL I 321 36.23 20.70 -38.85
N LEU I 322 37.32 20.67 -39.61
CA LEU I 322 38.35 21.69 -39.47
C LEU I 322 39.07 21.84 -40.81
N THR I 323 39.34 23.09 -41.21
CA THR I 323 39.98 23.33 -42.48
C THR I 323 40.71 24.67 -42.45
N ASN I 324 41.60 24.87 -43.43
CA ASN I 324 42.40 26.08 -43.59
C ASN I 324 41.63 27.14 -44.37
N PRO I 325 41.97 28.42 -44.20
CA PRO I 325 41.27 29.48 -44.94
C PRO I 325 41.59 29.45 -46.42
N ALA I 326 40.67 30.05 -47.20
CA ALA I 326 40.78 30.05 -48.65
C ALA I 326 42.08 30.68 -49.13
N ASN I 327 42.53 31.74 -48.46
CA ASN I 327 43.72 32.47 -48.86
C ASN I 327 45.02 31.94 -48.26
N ALA I 328 45.00 30.74 -47.65
CA ALA I 328 46.20 30.03 -47.21
C ALA I 328 45.88 28.55 -47.06
N PRO I 329 45.44 27.89 -48.13
CA PRO I 329 44.68 26.64 -47.97
C PRO I 329 45.49 25.40 -47.63
N TYR I 330 46.82 25.46 -47.68
CA TYR I 330 47.64 24.28 -47.40
C TYR I 330 48.53 24.51 -46.17
N GLN I 331 48.16 25.44 -45.30
CA GLN I 331 49.05 25.87 -44.23
C GLN I 331 49.22 24.80 -43.15
N ALA I 332 48.26 23.91 -42.97
CA ALA I 332 48.36 22.90 -41.95
C ALA I 332 47.79 21.59 -42.46
N TYR I 333 48.23 20.48 -41.86
CA TYR I 333 47.76 19.16 -42.27
C TYR I 333 48.13 18.14 -41.19
N SER I 334 47.53 16.96 -41.31
CA SER I 334 47.82 15.78 -40.48
C SER I 334 47.44 16.05 -39.04
N TRP I 335 46.19 16.41 -38.82
CA TRP I 335 45.69 16.76 -37.50
C TRP I 335 45.44 15.51 -36.66
N VAL I 336 45.71 15.62 -35.35
CA VAL I 336 45.40 14.60 -34.36
C VAL I 336 44.54 15.21 -33.26
N ALA I 337 43.44 14.54 -32.92
CA ALA I 337 42.48 15.04 -31.94
C ALA I 337 42.65 14.32 -30.60
N PHE I 338 42.50 15.07 -29.50
CA PHE I 338 42.60 14.50 -28.16
C PHE I 338 41.79 15.37 -27.20
N SER I 339 41.14 14.70 -26.23
CA SER I 339 40.29 15.42 -25.28
C SER I 339 41.11 16.21 -24.27
N HIS I 340 40.51 17.31 -23.80
CA HIS I 340 41.02 18.09 -22.67
C HIS I 340 39.79 18.79 -22.10
N ARG I 341 39.68 18.89 -20.78
CA ARG I 341 38.51 18.45 -20.00
C ARG I 341 37.21 18.57 -20.79
N GLU I 342 36.66 19.76 -21.07
CA GLU I 342 35.41 19.90 -21.83
C GLU I 342 35.58 20.42 -23.24
N GLU I 343 36.81 20.50 -23.72
CA GLU I 343 37.23 20.85 -25.06
C GLU I 343 37.86 19.66 -25.76
N LEU I 344 37.99 19.81 -27.07
CA LEU I 344 38.75 18.90 -27.91
C LEU I 344 39.90 19.70 -28.50
N LEU I 345 41.13 19.23 -28.29
CA LEU I 345 42.29 19.88 -28.88
C LEU I 345 42.72 19.11 -30.12
N VAL I 346 43.20 19.85 -31.12
CA VAL I 346 43.56 19.30 -32.42
C VAL I 346 44.92 19.86 -32.80
N SER I 347 45.91 18.99 -32.95
CA SER I 347 47.28 19.40 -33.27
C SER I 347 47.66 18.92 -34.66
N GLY I 348 47.93 19.86 -35.56
CA GLY I 348 48.53 19.56 -36.84
C GLY I 348 49.99 19.96 -36.90
N PHE I 349 50.50 20.08 -38.12
CA PHE I 349 51.83 20.60 -38.35
C PHE I 349 51.75 21.69 -39.40
N PHE I 350 52.81 22.50 -39.46
CA PHE I 350 52.84 23.70 -40.29
C PHE I 350 53.36 23.34 -41.68
N ASN I 351 52.47 23.36 -42.69
CA ASN I 351 52.86 22.73 -43.95
C ASN I 351 53.39 23.67 -45.04
N TYR I 352 52.49 24.16 -45.89
CA TYR I 352 52.84 24.99 -47.03
C TYR I 352 52.16 26.35 -46.88
N TYR I 353 52.97 27.41 -46.79
CA TYR I 353 52.44 28.75 -46.59
C TYR I 353 53.11 29.73 -47.55
N ASP I 354 52.49 30.90 -47.67
CA ASP I 354 53.03 31.99 -48.49
C ASP I 354 53.17 31.57 -49.96
N LEU I 355 52.16 30.86 -50.47
CA LEU I 355 52.21 30.43 -51.86
C LEU I 355 51.88 31.56 -52.84
N GLY I 356 51.24 32.63 -52.36
CA GLY I 356 50.88 33.71 -53.25
C GLY I 356 49.78 33.39 -54.24
N GLY I 357 49.17 32.22 -54.13
CA GLY I 357 48.14 31.77 -55.04
C GLY I 357 48.49 30.54 -55.84
N LEU I 358 49.74 30.10 -55.79
CA LEU I 358 50.19 28.93 -56.54
C LEU I 358 49.51 27.67 -56.03
N THR I 359 49.37 26.68 -56.90
CA THR I 359 48.97 25.35 -56.47
C THR I 359 50.20 24.54 -56.07
N LEU I 360 49.96 23.36 -55.51
CA LEU I 360 51.05 22.61 -54.92
C LEU I 360 52.01 22.10 -55.99
N ASP I 361 51.47 21.66 -57.14
CA ASP I 361 52.30 21.21 -58.24
C ASP I 361 53.07 22.37 -58.87
N ASP I 362 52.53 23.60 -58.79
CA ASP I 362 53.28 24.75 -59.27
C ASP I 362 54.52 25.00 -58.41
N VAL I 363 54.46 24.69 -57.11
CA VAL I 363 55.60 24.92 -56.23
C VAL I 363 56.80 24.07 -56.64
N ALA I 364 56.56 22.91 -57.24
CA ALA I 364 57.66 22.04 -57.67
C ALA I 364 58.54 22.69 -58.74
N THR I 365 58.05 23.70 -59.46
CA THR I 365 58.85 24.34 -60.50
C THR I 365 59.90 25.29 -59.93
N LEU I 366 59.63 25.89 -58.76
CA LEU I 366 60.49 26.91 -58.19
C LEU I 366 61.86 26.34 -57.82
N SER I 367 62.82 27.26 -57.64
CA SER I 367 64.17 26.88 -57.22
C SER I 367 64.12 26.25 -55.83
N PRO I 368 65.14 25.43 -55.49
CA PRO I 368 65.17 24.82 -54.15
C PRO I 368 64.95 25.80 -53.00
N ASP I 369 65.59 26.97 -53.04
CA ASP I 369 65.45 27.92 -51.94
C ASP I 369 64.01 28.46 -51.85
N GLU I 370 63.42 28.78 -53.01
CA GLU I 370 62.04 29.28 -53.03
C GLU I 370 61.04 28.21 -52.58
N GLN I 371 61.39 26.92 -52.71
CA GLN I 371 60.55 25.84 -52.18
C GLN I 371 60.70 25.72 -50.67
N ARG I 372 61.96 25.64 -50.18
CA ARG I 372 62.18 25.52 -48.74
C ARG I 372 61.64 26.71 -47.98
N ALA I 373 61.62 27.90 -48.62
CA ALA I 373 61.12 29.10 -47.96
C ALA I 373 59.63 29.03 -47.71
N LYS I 374 58.91 28.14 -48.39
CA LYS I 374 57.46 28.02 -48.27
C LYS I 374 57.04 26.75 -47.52
N PHE I 375 57.92 26.18 -46.71
CA PHE I 375 57.61 24.98 -45.95
C PHE I 375 57.99 25.21 -44.49
N GLY I 376 57.03 25.02 -43.60
CA GLY I 376 57.30 25.19 -42.18
C GLY I 376 58.11 24.06 -41.58
N GLY I 377 57.49 22.88 -41.50
CA GLY I 377 58.12 21.74 -40.86
C GLY I 377 58.15 21.80 -39.34
N THR I 378 57.17 22.44 -38.72
CA THR I 378 57.06 22.46 -37.26
C THR I 378 55.61 22.19 -36.86
N LEU I 379 55.31 22.32 -35.58
CA LEU I 379 53.96 22.05 -35.12
C LEU I 379 53.07 23.27 -35.31
N ALA I 380 51.84 23.03 -35.75
CA ALA I 380 50.88 24.10 -35.94
C ALA I 380 50.26 24.50 -34.61
N PRO I 381 49.77 25.74 -34.51
CA PRO I 381 49.07 26.16 -33.28
C PRO I 381 47.86 25.28 -33.01
N THR I 382 47.91 24.58 -31.88
CA THR I 382 46.86 23.62 -31.55
C THR I 382 45.53 24.33 -31.41
N VAL I 383 44.50 23.76 -32.04
CA VAL I 383 43.18 24.36 -32.14
C VAL I 383 42.29 23.80 -31.04
N ARG I 384 41.49 24.65 -30.43
CA ARG I 384 40.51 24.27 -29.41
C ARG I 384 39.13 24.32 -30.06
N VAL I 385 38.45 23.19 -30.04
CA VAL I 385 37.11 23.06 -30.62
C VAL I 385 36.15 22.58 -29.53
N ALA I 386 34.86 22.81 -29.80
CA ALA I 386 33.77 22.44 -28.90
C ALA I 386 32.80 21.55 -29.66
N LEU I 387 32.67 20.30 -29.21
CA LEU I 387 31.72 19.36 -29.77
C LEU I 387 30.36 19.54 -29.10
N SER I 388 29.30 19.31 -29.87
CA SER I 388 27.94 19.54 -29.38
C SER I 388 26.98 18.44 -29.78
N GLY I 389 27.46 17.38 -30.43
CA GLY I 389 26.60 16.31 -30.87
C GLY I 389 27.23 15.76 -32.13
N ASP I 390 26.52 15.91 -33.25
CA ASP I 390 27.12 15.76 -34.56
C ASP I 390 27.54 17.10 -35.14
N ARG I 391 27.73 18.12 -34.29
CA ARG I 391 28.09 19.47 -34.72
C ARG I 391 29.30 19.97 -33.94
N THR I 392 30.24 20.58 -34.65
CA THR I 392 31.49 21.10 -34.10
C THR I 392 31.62 22.59 -34.37
N ARG I 393 32.55 23.22 -33.64
CA ARG I 393 32.83 24.64 -33.80
C ARG I 393 34.22 24.92 -33.28
N ILE I 394 35.05 25.59 -34.08
CA ILE I 394 36.36 26.06 -33.62
C ILE I 394 36.16 27.21 -32.65
N THR I 395 36.77 27.12 -31.47
CA THR I 395 36.63 28.15 -30.45
C THR I 395 37.90 28.93 -30.17
N GLY I 396 39.06 28.41 -30.54
CA GLY I 396 40.27 29.20 -30.35
C GLY I 396 41.52 28.45 -30.70
N THR I 397 42.66 29.03 -30.31
CA THR I 397 43.96 28.42 -30.52
C THR I 397 44.83 28.62 -29.29
N LEU I 398 45.92 27.85 -29.25
CA LEU I 398 46.96 27.94 -28.22
C LEU I 398 48.30 28.16 -28.91
N SER I 399 49.36 28.19 -28.11
CA SER I 399 50.71 28.37 -28.63
C SER I 399 51.08 27.22 -29.57
N HIS I 400 52.10 27.47 -30.40
CA HIS I 400 52.61 26.49 -31.35
C HIS I 400 52.99 25.18 -30.66
N GLY I 401 52.35 24.10 -31.07
CA GLY I 401 52.64 22.77 -30.54
C GLY I 401 52.45 22.62 -29.04
N ARG I 402 51.37 23.20 -28.50
CA ARG I 402 51.03 23.02 -27.09
C ARG I 402 50.21 21.75 -26.92
N ILE I 403 50.82 20.74 -26.31
CA ILE I 403 50.10 19.52 -25.97
C ILE I 403 49.95 19.49 -24.45
N PRO I 404 48.82 19.95 -23.92
CA PRO I 404 48.66 20.02 -22.47
C PRO I 404 48.04 18.76 -21.90
N LEU I 405 48.32 18.54 -20.62
CA LEU I 405 47.71 17.46 -19.86
C LEU I 405 46.36 17.93 -19.30
N GLU I 406 45.55 16.98 -18.84
CA GLU I 406 44.29 17.37 -18.22
C GLU I 406 44.50 18.02 -16.86
N SER I 407 45.66 17.80 -16.23
CA SER I 407 45.99 18.45 -14.97
C SER I 407 46.21 19.95 -15.13
N GLU I 408 46.45 20.42 -16.35
CA GLU I 408 46.78 21.82 -16.61
C GLU I 408 45.55 22.59 -17.02
N GLU I 409 45.44 23.83 -16.54
CA GLU I 409 44.35 24.71 -16.93
C GLU I 409 44.78 25.57 -18.11
N LEU I 410 43.88 25.69 -19.11
CA LEU I 410 44.13 26.47 -20.31
C LEU I 410 43.54 27.87 -20.19
N PRO I 411 44.09 28.83 -20.93
CA PRO I 411 43.56 30.20 -20.88
C PRO I 411 42.08 30.27 -21.27
N ASP I 412 41.42 31.31 -20.80
CA ASP I 412 40.01 31.53 -21.06
C ASP I 412 39.80 31.95 -22.53
N LEU I 413 38.56 31.78 -23.02
CA LEU I 413 38.30 32.04 -24.43
C LEU I 413 37.55 33.36 -24.62
N PRO I 414 37.76 34.02 -25.77
CA PRO I 414 37.05 35.24 -26.16
C PRO I 414 35.57 34.97 -26.49
N ALA J 9 16.14 -8.46 -30.79
CA ALA J 9 17.31 -7.98 -30.06
C ALA J 9 17.01 -6.66 -29.37
N THR J 10 15.87 -6.60 -28.68
CA THR J 10 15.39 -5.33 -28.11
C THR J 10 16.34 -4.84 -27.02
N PRO J 11 16.75 -3.56 -27.05
CA PRO J 11 17.63 -3.03 -26.01
C PRO J 11 16.99 -3.14 -24.64
N ARG J 12 17.82 -3.37 -23.63
CA ARG J 12 17.37 -3.72 -22.30
C ARG J 12 17.97 -2.77 -21.26
N TRP J 13 17.12 -2.16 -20.45
CA TRP J 13 17.53 -1.52 -19.20
C TRP J 13 17.73 -2.64 -18.19
N THR J 14 18.99 -3.02 -17.94
CA THR J 14 19.27 -4.23 -17.20
C THR J 14 19.32 -3.97 -15.69
N ARG J 15 19.42 -5.06 -14.93
CA ARG J 15 19.49 -4.94 -13.47
C ARG J 15 20.80 -4.34 -13.01
N GLU J 16 21.90 -4.63 -13.72
CA GLU J 16 23.19 -4.05 -13.36
C GLU J 16 23.16 -2.52 -13.47
N HIS J 17 22.33 -1.99 -14.36
CA HIS J 17 22.13 -0.55 -14.43
C HIS J 17 21.40 -0.05 -13.19
N ALA J 18 20.23 -0.63 -12.90
CA ALA J 18 19.42 -0.16 -11.78
C ALA J 18 20.13 -0.30 -10.45
N SER J 19 21.11 -1.22 -10.34
CA SER J 19 21.87 -1.35 -9.10
C SER J 19 22.63 -0.07 -8.79
N LYS J 20 22.97 0.72 -9.81
CA LYS J 20 23.73 1.94 -9.66
C LYS J 20 22.86 3.16 -9.43
N ILE J 21 21.53 3.00 -9.38
CA ILE J 21 20.64 4.13 -9.17
C ILE J 21 20.94 4.76 -7.82
N GLU J 22 21.08 6.09 -7.81
CA GLU J 22 21.49 6.78 -6.61
C GLU J 22 21.21 8.27 -6.72
N ARG J 23 20.64 8.88 -5.69
CA ARG J 23 20.47 10.32 -5.70
C ARG J 23 21.83 10.99 -5.65
N THR J 24 21.97 12.04 -6.45
CA THR J 24 23.18 12.85 -6.47
C THR J 24 22.76 14.30 -6.64
N ASP J 25 23.68 15.22 -6.31
CA ASP J 25 23.37 16.64 -6.49
C ASP J 25 23.12 16.99 -7.96
N GLU J 26 23.55 16.15 -8.91
CA GLU J 26 23.33 16.39 -10.32
C GLU J 26 21.95 15.93 -10.80
N THR J 27 21.18 15.22 -9.97
CA THR J 27 19.89 14.67 -10.38
C THR J 27 18.72 15.07 -9.48
N VAL J 28 18.95 15.78 -8.39
CA VAL J 28 17.89 16.11 -7.44
C VAL J 28 17.36 17.50 -7.70
N VAL J 29 16.03 17.64 -7.68
CA VAL J 29 15.32 18.88 -7.95
C VAL J 29 15.23 19.69 -6.65
N PRO J 30 15.10 21.01 -6.71
CA PRO J 30 14.86 21.78 -5.47
C PRO J 30 13.47 21.50 -4.91
N ILE J 31 13.27 21.92 -3.66
CA ILE J 31 11.98 21.77 -3.02
C ILE J 31 10.94 22.62 -3.73
N ILE J 32 9.76 22.05 -3.96
CA ILE J 32 8.64 22.77 -4.55
C ILE J 32 7.73 23.25 -3.42
N TYR J 33 7.51 24.56 -3.37
CA TYR J 33 6.55 25.18 -2.46
C TYR J 33 5.31 25.60 -3.24
N PRO J 34 4.13 25.56 -2.62
CA PRO J 34 2.88 25.83 -3.36
C PRO J 34 2.89 27.21 -3.98
N PRO J 35 2.31 27.34 -5.18
CA PRO J 35 2.30 28.64 -5.86
C PRO J 35 1.28 29.59 -5.26
N ARG J 36 1.45 30.87 -5.61
CA ARG J 36 0.64 31.92 -4.99
C ARG J 36 -0.80 31.92 -5.48
N GLU J 37 -1.03 31.64 -6.76
CA GLU J 37 -2.40 31.54 -7.27
C GLU J 37 -2.53 30.34 -8.19
N ASP J 38 -3.77 29.94 -8.44
CA ASP J 38 -4.10 28.77 -9.23
C ASP J 38 -4.88 29.23 -10.45
N ALA J 39 -4.64 28.56 -11.60
CA ALA J 39 -5.37 28.91 -12.82
C ALA J 39 -6.85 28.60 -12.68
N ALA J 40 -7.20 27.62 -11.85
CA ALA J 40 -8.57 27.26 -11.55
C ALA J 40 -8.63 26.55 -10.20
N PRO J 41 -9.01 27.26 -9.14
CA PRO J 41 -8.99 26.64 -7.80
C PRO J 41 -9.94 25.44 -7.67
N GLU J 42 -10.94 25.30 -8.54
CA GLU J 42 -11.95 24.27 -8.43
C GLU J 42 -11.53 22.94 -9.05
N ILE J 43 -10.38 22.86 -9.70
CA ILE J 43 -9.95 21.65 -10.37
C ILE J 43 -8.50 21.32 -10.00
N ASN J 44 -8.21 20.04 -9.92
CA ASN J 44 -6.86 19.53 -9.77
C ASN J 44 -6.38 19.02 -11.13
N GLY J 45 -5.12 19.31 -11.45
CA GLY J 45 -4.55 18.87 -12.71
C GLY J 45 -3.24 18.12 -12.54
N TRP J 46 -3.02 17.13 -13.38
CA TRP J 46 -1.77 16.39 -13.43
C TRP J 46 -1.56 15.91 -14.87
N ASP J 47 -0.50 15.11 -15.08
CA ASP J 47 -0.21 14.46 -16.36
C ASP J 47 -0.45 15.35 -17.56
N THR J 48 0.40 16.36 -17.77
CA THR J 48 0.17 17.40 -18.75
C THR J 48 1.04 17.22 -19.98
N TRP J 49 0.53 17.68 -21.13
CA TRP J 49 1.25 17.59 -22.40
C TRP J 49 1.01 18.83 -23.26
N PHE J 50 1.88 19.04 -24.24
CA PHE J 50 1.85 20.26 -25.05
C PHE J 50 1.18 20.02 -26.39
N LEU J 51 0.51 21.06 -26.89
CA LEU J 51 0.06 21.08 -28.29
C LEU J 51 1.26 21.42 -29.17
N ARG J 52 1.73 20.44 -29.94
CA ARG J 52 2.93 20.59 -30.73
C ARG J 52 2.59 20.58 -32.22
N GLU J 53 3.43 21.25 -33.01
CA GLU J 53 3.39 21.10 -34.46
C GLU J 53 3.94 19.74 -34.84
N ARG J 54 3.88 19.41 -36.14
CA ARG J 54 4.30 18.09 -36.58
C ARG J 54 5.78 17.83 -36.29
N ASP J 55 6.62 18.85 -36.48
CA ASP J 55 8.05 18.69 -36.23
C ASP J 55 8.36 18.52 -34.74
N GLY J 56 7.51 19.05 -33.87
CA GLY J 56 7.71 18.92 -32.44
C GLY J 56 7.70 20.23 -31.68
N SER J 57 7.85 21.35 -32.38
CA SER J 57 7.85 22.66 -31.74
C SER J 57 6.54 22.92 -31.04
N ILE J 58 6.59 23.75 -29.99
CA ILE J 58 5.36 24.16 -29.32
C ILE J 58 4.49 24.92 -30.31
N ALA J 59 3.27 24.43 -30.54
CA ALA J 59 2.38 25.07 -31.49
C ALA J 59 1.91 26.41 -30.95
N THR J 60 1.81 27.39 -31.84
CA THR J 60 1.30 28.70 -31.49
C THR J 60 0.14 29.04 -32.42
N VAL J 61 -0.97 29.45 -31.82
CA VAL J 61 -2.16 29.90 -32.54
C VAL J 61 -2.35 31.37 -32.19
N GLY J 62 -2.25 32.23 -33.19
CA GLY J 62 -2.18 33.65 -32.90
C GLY J 62 -1.00 33.88 -31.97
N GLY J 63 -1.28 34.35 -30.76
CA GLY J 63 -0.25 34.56 -29.76
C GLY J 63 -0.24 33.56 -28.62
N TRP J 64 -1.05 32.52 -28.69
CA TRP J 64 -1.33 31.66 -27.55
C TRP J 64 -0.67 30.29 -27.70
N ARG J 65 -0.12 29.78 -26.60
CA ARG J 65 0.23 28.37 -26.45
C ARG J 65 -0.91 27.64 -25.76
N VAL J 66 -1.07 26.37 -26.09
CA VAL J 66 -2.09 25.51 -25.49
C VAL J 66 -1.41 24.29 -24.88
N ILE J 67 -1.86 23.91 -23.69
CA ILE J 67 -1.43 22.69 -23.02
C ILE J 67 -2.67 21.94 -22.55
N PHE J 68 -2.51 20.66 -22.30
CA PHE J 68 -3.60 19.78 -21.90
C PHE J 68 -3.24 19.07 -20.60
N SER J 69 -4.23 18.89 -19.73
CA SER J 69 -4.04 18.22 -18.45
C SER J 69 -5.19 17.26 -18.18
N LEU J 70 -4.85 16.15 -17.54
CA LEU J 70 -5.86 15.35 -16.84
C LEU J 70 -6.36 16.13 -15.63
N THR J 71 -7.68 16.11 -15.42
CA THR J 71 -8.28 16.88 -14.35
C THR J 71 -9.36 16.08 -13.63
N ALA J 72 -9.55 16.42 -12.37
CA ALA J 72 -10.62 15.92 -11.52
C ALA J 72 -11.03 17.06 -10.59
N PRO J 73 -12.26 17.03 -10.07
CA PRO J 73 -12.66 18.08 -9.13
C PRO J 73 -11.79 18.10 -7.89
N ALA J 74 -11.49 19.31 -7.39
CA ALA J 74 -10.71 19.44 -6.17
C ALA J 74 -11.48 18.91 -4.97
N ASP J 75 -12.80 18.85 -5.07
CA ASP J 75 -13.66 18.26 -4.05
C ASP J 75 -13.33 16.79 -3.80
N LEU J 76 -12.77 16.11 -4.80
CA LEU J 76 -12.54 14.67 -4.75
C LEU J 76 -11.28 14.34 -3.95
N LEU J 77 -11.26 13.15 -3.37
CA LEU J 77 -10.05 12.67 -2.70
C LEU J 77 -8.95 12.37 -3.73
N PRO J 78 -7.69 12.67 -3.42
CA PRO J 78 -6.63 12.46 -4.41
C PRO J 78 -6.52 11.02 -4.92
N GLY J 79 -6.49 10.05 -4.00
CA GLY J 79 -6.27 8.66 -4.39
C GLY J 79 -7.17 8.18 -5.50
N LYS J 80 -8.35 8.77 -5.64
CA LYS J 80 -9.36 8.30 -6.56
C LYS J 80 -9.46 9.13 -7.85
N ARG J 81 -8.62 10.17 -8.00
CA ARG J 81 -8.75 11.07 -9.13
C ARG J 81 -8.60 10.36 -10.47
N HIS J 82 -7.86 9.25 -10.52
CA HIS J 82 -7.66 8.51 -11.77
C HIS J 82 -8.91 7.80 -12.28
N ASP J 83 -9.96 7.70 -11.47
CA ASP J 83 -11.15 7.00 -11.95
C ASP J 83 -12.08 7.90 -12.73
N VAL J 84 -11.93 9.23 -12.63
CA VAL J 84 -12.83 10.17 -13.29
C VAL J 84 -12.06 11.24 -14.05
N ALA J 85 -10.84 10.93 -14.49
CA ALA J 85 -9.99 11.93 -15.14
C ALA J 85 -10.60 12.39 -16.45
N GLU J 86 -10.64 13.71 -16.66
CA GLU J 86 -11.14 14.31 -17.89
C GLU J 86 -10.10 15.26 -18.46
N ILE J 87 -10.02 15.35 -19.79
CA ILE J 87 -8.98 16.16 -20.43
C ILE J 87 -9.47 17.60 -20.55
N ARG J 88 -8.73 18.52 -19.94
CA ARG J 88 -8.98 19.95 -20.10
C ARG J 88 -7.79 20.59 -20.81
N TYR J 89 -8.04 21.74 -21.42
CA TYR J 89 -6.98 22.50 -22.07
C TYR J 89 -6.89 23.89 -21.46
N PHE J 90 -5.66 24.39 -21.42
CA PHE J 90 -5.34 25.72 -20.92
C PHE J 90 -4.51 26.43 -21.96
N TYR J 91 -4.62 27.76 -21.99
CA TYR J 91 -3.90 28.58 -22.95
C TYR J 91 -3.21 29.72 -22.23
N SER J 92 -2.18 30.25 -22.87
CA SER J 92 -1.41 31.35 -22.29
C SER J 92 -0.76 32.16 -23.38
N ARG J 93 -0.58 33.45 -23.14
CA ARG J 93 0.11 34.31 -24.09
C ARG J 93 1.61 34.37 -23.83
N ASP J 94 2.04 34.31 -22.56
CA ASP J 94 3.44 34.41 -22.20
C ASP J 94 4.10 33.06 -21.92
N GLY J 95 3.42 32.18 -21.19
CA GLY J 95 4.01 30.90 -20.83
C GLY J 95 3.96 30.65 -19.34
N GLU J 96 3.51 31.66 -18.58
CA GLU J 96 3.39 31.58 -17.14
C GLU J 96 1.94 31.64 -16.66
N THR J 97 1.17 32.60 -17.14
CA THR J 97 -0.21 32.80 -16.68
C THR J 97 -1.15 32.03 -17.60
N TRP J 98 -1.65 30.89 -17.11
CA TRP J 98 -2.52 30.01 -17.88
C TRP J 98 -3.98 30.26 -17.53
N PHE J 99 -4.84 30.25 -18.54
CA PHE J 99 -6.26 30.42 -18.36
C PHE J 99 -6.97 29.10 -18.64
N ASP J 100 -7.96 28.77 -17.81
CA ASP J 100 -8.74 27.55 -17.99
C ASP J 100 -9.60 27.65 -19.24
N GLY J 101 -9.55 26.61 -20.08
CA GLY J 101 -10.31 26.59 -21.32
C GLY J 101 -11.45 25.60 -21.31
N GLY J 102 -11.62 24.90 -20.19
CA GLY J 102 -12.69 23.95 -20.07
C GLY J 102 -12.34 22.61 -20.68
N PRO J 103 -13.25 21.65 -20.57
CA PRO J 103 -13.00 20.34 -21.17
C PRO J 103 -12.81 20.45 -22.68
N VAL J 104 -11.99 19.55 -23.21
CA VAL J 104 -11.71 19.57 -24.65
C VAL J 104 -12.81 18.86 -25.44
N PHE J 105 -13.47 17.87 -24.85
CA PHE J 105 -14.43 17.01 -25.56
C PHE J 105 -15.86 17.20 -25.06
N GLU J 106 -16.79 17.31 -26.01
CA GLU J 106 -18.22 17.38 -25.73
C GLU J 106 -18.84 16.00 -25.84
N GLY J 107 -18.26 15.04 -25.14
CA GLY J 107 -18.76 13.68 -25.11
C GLY J 107 -18.16 12.81 -26.19
N GLY J 108 -18.91 11.77 -26.57
CA GLY J 108 -18.43 10.79 -27.53
C GLY J 108 -17.04 10.23 -27.25
N THR J 109 -16.52 10.47 -26.06
CA THR J 109 -15.18 10.04 -25.72
C THR J 109 -15.14 8.54 -25.51
N ARG J 110 -14.04 7.92 -25.94
CA ARG J 110 -13.85 6.49 -25.70
C ARG J 110 -13.39 6.25 -24.27
N GLY J 111 -13.91 5.19 -23.67
CA GLY J 111 -13.45 4.78 -22.36
C GLY J 111 -14.27 5.37 -21.22
N SER J 112 -14.23 4.65 -20.09
CA SER J 112 -14.82 5.12 -18.84
C SER J 112 -14.22 6.45 -18.41
N ARG J 113 -12.92 6.61 -18.60
CA ARG J 113 -12.25 7.88 -18.39
C ARG J 113 -11.06 7.95 -19.34
N GLN J 114 -10.40 9.11 -19.35
CA GLN J 114 -9.27 9.33 -20.23
C GLN J 114 -8.00 9.54 -19.42
N TRP J 115 -6.90 8.92 -19.86
CA TRP J 115 -5.59 9.12 -19.29
C TRP J 115 -4.67 9.74 -20.35
N ALA J 116 -3.47 10.11 -19.90
CA ALA J 116 -2.59 11.03 -20.62
C ALA J 116 -2.30 10.56 -22.05
N GLY J 117 -1.96 11.55 -22.89
CA GLY J 117 -1.63 11.34 -24.29
C GLY J 117 -0.73 12.42 -24.88
N SER J 118 -1.14 13.00 -26.00
CA SER J 118 -0.37 14.01 -26.71
C SER J 118 -1.31 14.77 -27.64
N ALA J 119 -0.80 15.85 -28.22
CA ALA J 119 -1.63 16.70 -29.08
C ALA J 119 -0.82 17.15 -30.28
N LEU J 120 -1.43 17.08 -31.46
CA LEU J 120 -0.77 17.43 -32.71
C LEU J 120 -1.65 18.40 -33.49
N LEU J 121 -1.13 19.59 -33.78
CA LEU J 121 -1.76 20.51 -34.71
C LEU J 121 -1.05 20.33 -36.04
N ASP J 122 -1.65 19.55 -36.92
CA ASP J 122 -1.02 19.16 -38.16
C ASP J 122 -0.89 20.35 -39.10
N ASP J 123 -0.20 20.12 -40.23
CA ASP J 123 -0.01 21.16 -41.23
C ASP J 123 -1.32 21.61 -41.84
N ASP J 124 -2.28 20.69 -41.98
CA ASP J 124 -3.59 20.99 -42.56
C ASP J 124 -4.44 21.89 -41.68
N GLY J 125 -4.06 22.06 -40.41
CA GLY J 125 -4.84 22.81 -39.46
C GLY J 125 -5.78 21.96 -38.62
N ARG J 126 -5.92 20.68 -38.96
CA ARG J 126 -6.73 19.77 -38.18
C ARG J 126 -6.04 19.46 -36.86
N LEU J 127 -6.82 19.40 -35.80
CA LEU J 127 -6.29 19.08 -34.48
C LEU J 127 -6.54 17.61 -34.18
N TYR J 128 -5.50 16.91 -33.74
CA TYR J 128 -5.58 15.53 -33.28
C TYR J 128 -5.16 15.49 -31.82
N VAL J 129 -6.02 14.94 -30.96
CA VAL J 129 -5.72 14.83 -29.53
C VAL J 129 -5.66 13.35 -29.20
N PHE J 130 -4.44 12.82 -29.10
CA PHE J 130 -4.26 11.42 -28.72
C PHE J 130 -4.40 11.27 -27.21
N TYR J 131 -5.15 10.25 -26.79
CA TYR J 131 -5.34 9.98 -25.38
C TYR J 131 -5.51 8.48 -25.19
N THR J 132 -5.52 8.03 -23.94
CA THR J 132 -5.77 6.64 -23.63
C THR J 132 -7.16 6.46 -23.06
N ALA J 133 -7.90 5.50 -23.60
CA ALA J 133 -9.25 5.20 -23.13
C ALA J 133 -9.10 4.17 -22.02
N SER J 134 -9.21 4.62 -20.78
CA SER J 134 -9.20 3.73 -19.64
C SER J 134 -10.64 3.24 -19.40
N GLY J 135 -10.84 1.93 -19.49
CA GLY J 135 -12.15 1.35 -19.37
C GLY J 135 -12.94 1.44 -20.67
N ARG J 136 -14.26 1.27 -20.53
CA ARG J 136 -15.19 1.43 -21.63
C ARG J 136 -16.34 2.34 -21.18
N ALA J 137 -16.85 3.12 -22.14
CA ALA J 137 -17.90 4.10 -21.84
C ALA J 137 -19.10 3.43 -21.18
N GLY J 138 -19.59 4.02 -20.09
CA GLY J 138 -20.78 3.53 -19.43
C GLY J 138 -20.65 2.15 -18.81
N GLU J 139 -19.55 1.89 -18.13
CA GLU J 139 -19.35 0.63 -17.43
C GLU J 139 -20.23 0.53 -16.17
N ALA J 140 -20.36 -0.70 -15.68
CA ALA J 140 -20.98 -0.93 -14.38
C ALA J 140 -19.98 -0.66 -13.27
N GLU J 141 -18.94 -1.48 -13.19
CA GLU J 141 -17.83 -1.33 -12.27
C GLU J 141 -16.57 -0.92 -13.03
N ILE J 142 -15.69 -0.16 -12.35
CA ILE J 142 -14.48 0.35 -12.98
C ILE J 142 -13.62 -0.81 -13.47
N THR J 143 -13.33 -0.81 -14.78
CA THR J 143 -12.36 -1.73 -15.36
C THR J 143 -11.06 -0.97 -15.62
N TYR J 144 -10.01 -1.72 -15.95
CA TYR J 144 -8.68 -1.15 -16.17
C TYR J 144 -8.18 -1.50 -17.57
N GLU J 145 -9.08 -1.54 -18.55
CA GLU J 145 -8.68 -1.80 -19.92
C GLU J 145 -8.16 -0.51 -20.56
N GLN J 146 -6.98 -0.61 -21.17
CA GLN J 146 -6.29 0.53 -21.76
C GLN J 146 -6.12 0.30 -23.25
N ARG J 147 -6.53 1.27 -24.06
CA ARG J 147 -6.36 1.23 -25.51
C ARG J 147 -5.95 2.63 -25.96
N LEU J 148 -5.12 2.70 -27.00
CA LEU J 148 -4.71 3.99 -27.53
C LEU J 148 -5.78 4.50 -28.51
N ALA J 149 -6.36 5.66 -28.19
CA ALA J 149 -7.40 6.29 -29.00
C ALA J 149 -6.97 7.69 -29.43
N VAL J 150 -7.76 8.30 -30.33
CA VAL J 150 -7.48 9.65 -30.82
C VAL J 150 -8.80 10.40 -31.05
N GLY J 151 -8.81 11.68 -30.70
CA GLY J 151 -9.91 12.53 -31.05
C GLY J 151 -9.55 13.45 -32.20
N SER J 152 -9.79 12.99 -33.43
CA SER J 152 -9.40 13.74 -34.62
C SER J 152 -10.42 14.83 -34.96
N GLY J 153 -9.97 15.77 -35.80
CA GLY J 153 -10.86 16.70 -36.43
C GLY J 153 -11.24 17.91 -35.64
N GLY J 154 -10.40 18.35 -34.70
CA GLY J 154 -10.73 19.55 -33.96
C GLY J 154 -10.32 20.82 -34.67
N SER J 155 -10.96 21.93 -34.29
CA SER J 155 -10.60 23.23 -34.84
C SER J 155 -10.31 24.20 -33.70
N VAL J 156 -9.12 24.79 -33.71
CA VAL J 156 -8.69 25.73 -32.68
C VAL J 156 -8.79 27.15 -33.22
N VAL J 157 -9.58 27.98 -32.56
CA VAL J 157 -9.74 29.37 -32.93
C VAL J 157 -9.20 30.23 -31.79
N ALA J 158 -8.61 31.35 -32.15
CA ALA J 158 -7.93 32.23 -31.20
C ALA J 158 -8.32 33.66 -31.51
N ASP J 159 -9.04 34.29 -30.61
CA ASP J 159 -9.33 35.72 -30.66
C ASP J 159 -8.18 36.47 -29.99
N ASP J 160 -8.47 37.69 -29.54
CA ASP J 160 -7.53 38.46 -28.72
C ASP J 160 -7.82 38.32 -27.23
N ASP J 161 -8.92 37.65 -26.87
CA ASP J 161 -9.32 37.39 -25.50
C ASP J 161 -9.02 35.98 -25.01
N GLY J 162 -8.91 35.00 -25.91
CA GLY J 162 -8.62 33.64 -25.49
C GLY J 162 -8.58 32.67 -26.65
N VAL J 163 -8.73 31.38 -26.33
CA VAL J 163 -8.66 30.31 -27.33
C VAL J 163 -9.80 29.33 -27.06
N ARG J 164 -10.52 28.95 -28.12
CA ARG J 164 -11.56 27.93 -28.02
C ARG J 164 -11.22 26.79 -28.96
N ILE J 165 -11.26 25.58 -28.41
CA ILE J 165 -11.13 24.35 -29.17
C ILE J 165 -12.54 23.83 -29.41
N GLU J 166 -12.96 23.82 -30.68
CA GLU J 166 -14.33 23.52 -31.04
C GLU J 166 -14.38 22.23 -31.86
N GLY J 167 -15.59 21.67 -31.91
CA GLY J 167 -15.91 20.45 -32.60
C GLY J 167 -16.43 20.65 -34.01
N PRO J 168 -16.87 19.57 -34.66
CA PRO J 168 -17.13 18.23 -34.09
C PRO J 168 -15.90 17.33 -34.03
N PHE J 169 -15.75 16.63 -32.91
CA PHE J 169 -14.66 15.69 -32.72
C PHE J 169 -15.12 14.28 -33.08
N ALA J 170 -14.23 13.53 -33.71
CA ALA J 170 -14.47 12.13 -34.05
C ALA J 170 -13.45 11.27 -33.31
N HIS J 171 -13.93 10.28 -32.56
CA HIS J 171 -13.08 9.49 -31.69
C HIS J 171 -13.08 8.04 -32.14
N GLY J 172 -11.92 7.40 -32.06
CA GLY J 172 -11.82 6.00 -32.38
C GLY J 172 -10.60 5.40 -31.72
N VAL J 173 -10.63 4.09 -31.49
CA VAL J 173 -9.47 3.40 -30.96
C VAL J 173 -8.47 3.21 -32.09
N LEU J 174 -7.19 3.48 -31.79
CA LEU J 174 -6.10 3.32 -32.74
C LEU J 174 -5.35 2.01 -32.54
N LEU J 175 -4.99 1.69 -31.30
CA LEU J 175 -4.15 0.52 -31.05
C LEU J 175 -4.58 -0.21 -29.80
N GLU J 176 -4.54 -1.53 -29.86
CA GLU J 176 -4.71 -2.44 -28.73
C GLU J 176 -3.57 -3.45 -28.76
N PRO J 177 -3.17 -3.98 -27.60
CA PRO J 177 -2.02 -4.89 -27.59
C PRO J 177 -2.28 -6.13 -28.43
N ASP J 178 -1.27 -6.51 -29.24
CA ASP J 178 -1.44 -7.64 -30.14
C ASP J 178 -1.34 -8.99 -29.42
N GLY J 179 -0.55 -9.06 -28.36
CA GLY J 179 -0.39 -10.28 -27.57
C GLY J 179 0.90 -11.04 -27.84
N GLU J 180 1.66 -10.63 -28.86
CA GLU J 180 2.94 -11.21 -29.18
C GLU J 180 4.10 -10.25 -28.95
N ARG J 181 3.93 -8.99 -29.34
CA ARG J 181 4.90 -7.94 -29.07
C ARG J 181 4.59 -7.16 -27.80
N TYR J 182 3.31 -6.96 -27.51
CA TYR J 182 2.86 -6.18 -26.36
C TYR J 182 1.81 -6.95 -25.59
N GLU J 183 2.02 -7.09 -24.28
CA GLU J 183 1.23 -7.99 -23.46
C GLU J 183 -0.22 -7.50 -23.36
N ARG J 184 -1.16 -8.46 -23.38
CA ARG J 184 -2.57 -8.21 -23.16
C ARG J 184 -2.92 -8.42 -21.69
N GLU J 185 -4.08 -7.91 -21.29
CA GLU J 185 -4.47 -8.03 -19.89
C GLU J 185 -4.59 -9.49 -19.46
N GLU J 186 -5.14 -10.33 -20.33
CA GLU J 186 -5.20 -11.77 -20.06
C GLU J 186 -3.83 -12.35 -19.75
N GLN J 187 -2.78 -11.84 -20.39
CA GLN J 187 -1.41 -12.30 -20.16
C GLN J 187 -0.77 -11.69 -18.92
N SER J 188 -1.37 -10.66 -18.34
CA SER J 188 -0.75 -9.94 -17.24
C SER J 188 -0.59 -10.83 -16.00
N ARG J 189 0.65 -11.05 -15.61
CA ARG J 189 0.96 -11.57 -14.28
C ARG J 189 1.30 -10.40 -13.38
N GLY J 190 1.53 -10.69 -12.10
CA GLY J 190 1.85 -9.64 -11.14
C GLY J 190 0.89 -8.46 -11.13
N MET J 191 1.40 -7.28 -11.49
CA MET J 191 0.60 -6.07 -11.43
C MET J 191 -0.24 -5.90 -12.69
N ILE J 192 -1.15 -4.92 -12.66
CA ILE J 192 -2.01 -4.66 -13.81
C ILE J 192 -1.17 -4.26 -15.01
N TYR J 193 -1.55 -4.77 -16.18
CA TYR J 193 -0.80 -4.48 -17.40
C TYR J 193 -0.92 -3.00 -17.76
N THR J 194 -0.09 -2.60 -18.73
CA THR J 194 -0.09 -1.22 -19.21
C THR J 194 -0.09 -1.22 -20.73
N PHE J 195 -0.90 -0.33 -21.30
CA PHE J 195 -0.85 -0.03 -22.73
C PHE J 195 -1.41 1.35 -22.94
N ARG J 196 -0.59 2.39 -22.74
CA ARG J 196 -1.12 3.73 -22.62
C ARG J 196 -0.05 4.76 -22.99
N ASP J 197 -0.44 6.03 -22.87
CA ASP J 197 0.36 7.24 -23.04
C ASP J 197 0.88 7.36 -24.45
N PRO J 198 0.02 7.56 -25.47
CA PRO J 198 0.50 7.70 -26.84
C PRO J 198 1.07 9.09 -27.06
N TRP J 199 2.32 9.13 -27.53
CA TRP J 199 3.05 10.36 -27.80
C TRP J 199 3.43 10.36 -29.27
N PHE J 200 2.91 11.34 -30.01
CA PHE J 200 3.22 11.46 -31.44
C PHE J 200 4.65 11.96 -31.62
N PHE J 201 5.33 11.46 -32.65
CA PHE J 201 6.72 11.83 -32.89
C PHE J 201 7.06 11.68 -34.35
N GLU J 202 7.37 12.78 -35.02
CA GLU J 202 7.94 12.74 -36.37
C GLU J 202 9.46 12.74 -36.26
N ASP J 203 10.09 11.73 -36.83
CA ASP J 203 11.55 11.64 -36.81
C ASP J 203 12.15 12.71 -37.72
N PRO J 204 12.94 13.65 -37.19
CA PRO J 204 13.49 14.71 -38.05
C PRO J 204 14.52 14.22 -39.06
N ARG J 205 15.00 12.97 -38.94
CA ARG J 205 15.98 12.44 -39.90
C ARG J 205 15.30 11.71 -41.05
N SER J 206 14.62 10.60 -40.76
CA SER J 206 13.99 9.82 -41.82
C SER J 206 12.75 10.50 -42.38
N GLY J 207 12.09 11.35 -41.59
CA GLY J 207 10.80 11.90 -41.96
C GLY J 207 9.62 11.01 -41.63
N LYS J 208 9.87 9.76 -41.21
CA LYS J 208 8.80 8.83 -40.90
C LYS J 208 8.05 9.27 -39.64
N THR J 209 6.81 8.81 -39.53
CA THR J 209 5.90 9.19 -38.45
C THR J 209 5.72 8.02 -37.49
N TYR J 210 5.96 8.27 -36.20
CA TYR J 210 5.84 7.23 -35.18
C TYR J 210 4.95 7.72 -34.04
N LEU J 211 4.52 6.75 -33.23
CA LEU J 211 3.72 7.00 -32.04
C LEU J 211 4.27 6.11 -30.93
N LEU J 212 4.88 6.71 -29.92
CA LEU J 212 5.41 5.97 -28.78
C LEU J 212 4.31 5.73 -27.76
N PHE J 213 4.49 4.70 -26.93
CA PHE J 213 3.56 4.40 -25.85
C PHE J 213 4.24 3.50 -24.85
N GLU J 214 3.62 3.38 -23.67
CA GLU J 214 4.08 2.50 -22.61
C GLU J 214 3.33 1.18 -22.68
N ALA J 215 4.05 0.07 -22.73
CA ALA J 215 3.43 -1.25 -22.82
C ALA J 215 4.22 -2.23 -21.96
N ASN J 216 3.78 -3.48 -21.97
CA ASN J 216 4.53 -4.57 -21.38
C ASN J 216 4.85 -5.59 -22.48
N THR J 217 5.99 -6.27 -22.36
CA THR J 217 6.35 -7.27 -23.35
C THR J 217 6.07 -8.64 -22.75
N PRO J 218 5.22 -9.44 -23.40
CA PRO J 218 4.76 -10.70 -22.77
C PRO J 218 5.91 -11.67 -22.57
N ILE J 219 5.95 -12.26 -21.38
CA ILE J 219 6.92 -13.30 -21.05
C ILE J 219 6.10 -14.51 -20.59
N PRO J 220 6.20 -15.65 -21.26
CA PRO J 220 5.41 -16.80 -20.86
C PRO J 220 5.80 -17.26 -19.46
N GLU J 221 4.86 -17.96 -18.81
CA GLU J 221 5.13 -18.48 -17.48
C GLU J 221 6.17 -19.59 -17.58
N GLY J 222 7.09 -19.60 -16.61
CA GLY J 222 8.15 -20.60 -16.61
C GLY J 222 9.15 -20.47 -17.74
N ALA J 223 9.15 -19.33 -18.43
CA ALA J 223 10.03 -19.13 -19.58
C ALA J 223 11.51 -19.14 -19.19
N GLY J 224 11.83 -18.87 -17.93
CA GLY J 224 13.22 -18.72 -17.53
C GLY J 224 13.87 -17.45 -18.04
N ALA J 225 13.08 -16.48 -18.50
CA ALA J 225 13.59 -15.21 -19.01
C ALA J 225 14.32 -14.39 -17.95
N CYS J 226 14.17 -14.72 -16.66
CA CYS J 226 14.87 -14.04 -15.57
C CYS J 226 15.48 -15.05 -14.61
N GLY J 227 16.44 -14.55 -13.85
CA GLY J 227 17.13 -15.37 -12.89
C GLY J 227 16.32 -15.75 -11.68
N ASP J 228 15.07 -15.26 -11.59
CA ASP J 228 14.12 -15.51 -10.53
C ASP J 228 12.76 -15.42 -11.20
N PRO J 229 11.88 -16.39 -11.00
CA PRO J 229 10.55 -16.34 -11.63
C PRO J 229 9.74 -15.08 -11.34
N VAL J 230 9.75 -14.58 -10.09
CA VAL J 230 8.91 -13.43 -9.77
C VAL J 230 9.34 -12.21 -10.55
N TRP J 231 10.66 -12.06 -10.79
CA TRP J 231 11.17 -10.91 -11.53
C TRP J 231 10.53 -10.79 -12.90
N GLU J 232 10.13 -11.92 -13.50
CA GLU J 232 9.55 -11.93 -14.83
C GLU J 232 8.21 -11.21 -14.88
N GLU J 233 7.60 -10.93 -13.73
CA GLU J 233 6.35 -10.17 -13.70
C GLU J 233 6.57 -8.70 -14.02
N PHE J 234 7.80 -8.21 -13.89
CA PHE J 234 8.15 -6.82 -14.17
C PHE J 234 8.70 -6.77 -15.59
N ASN J 235 7.83 -6.40 -16.54
CA ASN J 235 8.12 -6.51 -17.97
C ASN J 235 7.75 -5.22 -18.69
N GLY J 236 8.03 -4.08 -18.07
CA GLY J 236 7.74 -2.80 -18.71
C GLY J 236 8.59 -2.57 -19.94
N SER J 237 8.00 -1.88 -20.92
CA SER J 237 8.67 -1.63 -22.19
C SER J 237 8.11 -0.36 -22.82
N VAL J 238 8.91 0.23 -23.70
CA VAL J 238 8.51 1.39 -24.47
C VAL J 238 8.19 0.90 -25.87
N GLY J 239 6.90 0.81 -26.20
CA GLY J 239 6.50 0.39 -27.52
C GLY J 239 6.37 1.55 -28.48
N ILE J 240 6.41 1.23 -29.78
CA ILE J 240 6.36 2.24 -30.82
C ILE J 240 5.56 1.69 -32.00
N ALA J 241 4.80 2.57 -32.64
CA ALA J 241 4.04 2.22 -33.85
C ALA J 241 4.42 3.19 -34.96
N HIS J 242 4.29 2.72 -36.20
CA HIS J 242 4.68 3.47 -37.38
C HIS J 242 3.46 3.79 -38.23
N SER J 243 3.51 4.91 -38.95
CA SER J 243 2.48 5.26 -39.93
C SER J 243 3.08 5.35 -41.32
N PRO J 244 2.81 4.38 -42.20
CA PRO J 244 3.41 4.42 -43.54
C PRO J 244 2.96 5.62 -44.37
N THR J 245 1.67 5.95 -44.34
CA THR J 245 1.20 7.12 -45.04
C THR J 245 1.50 8.41 -44.31
N GLY J 246 1.67 8.37 -42.99
CA GLY J 246 1.83 9.57 -42.22
C GLY J 246 0.55 10.11 -41.65
N ASP J 247 -0.60 9.57 -42.07
CA ASP J 247 -1.90 9.90 -41.51
C ASP J 247 -1.87 9.67 -40.01
N PRO J 248 -2.22 10.68 -39.19
CA PRO J 248 -2.13 10.51 -37.73
C PRO J 248 -3.11 9.50 -37.15
N THR J 249 -3.86 8.80 -37.99
CA THR J 249 -4.87 7.85 -37.52
C THR J 249 -4.65 6.42 -38.04
N ASP J 250 -3.64 6.17 -38.88
CA ASP J 250 -3.34 4.85 -39.42
C ASP J 250 -1.99 4.41 -38.86
N TRP J 251 -2.01 3.39 -38.02
CA TRP J 251 -0.81 2.94 -37.33
C TRP J 251 -0.62 1.44 -37.48
N GLU J 252 0.65 1.02 -37.51
CA GLU J 252 1.03 -0.38 -37.52
C GLU J 252 2.05 -0.58 -36.41
N LEU J 253 1.82 -1.57 -35.55
CA LEU J 253 2.72 -1.80 -34.41
C LEU J 253 4.10 -2.21 -34.89
N CYS J 254 5.13 -1.78 -34.17
CA CYS J 254 6.52 -2.17 -34.40
C CYS J 254 7.09 -2.85 -33.16
N ASP J 255 8.33 -3.31 -33.29
CA ASP J 255 9.03 -3.89 -32.15
C ASP J 255 9.38 -2.81 -31.13
N PRO J 256 9.38 -3.15 -29.83
CA PRO J 256 9.57 -2.12 -28.80
C PRO J 256 10.97 -1.51 -28.82
N LEU J 257 11.03 -0.23 -28.43
CA LEU J 257 12.30 0.48 -28.42
C LEU J 257 13.20 0.00 -27.30
N LEU J 258 12.61 -0.29 -26.14
CA LEU J 258 13.37 -0.55 -24.93
C LEU J 258 12.48 -1.32 -23.97
N GLU J 259 13.06 -2.26 -23.25
CA GLU J 259 12.35 -3.07 -22.28
C GLU J 259 13.17 -3.16 -21.00
N GLY J 260 12.49 -3.09 -19.86
CA GLY J 260 13.15 -3.23 -18.58
C GLY J 260 12.81 -4.53 -17.87
N ILE J 261 12.84 -5.66 -18.59
CA ILE J 261 12.47 -6.94 -18.00
C ILE J 261 13.40 -7.27 -16.83
N CYS J 262 12.81 -7.65 -15.70
CA CYS J 262 13.40 -7.94 -14.39
C CYS J 262 13.79 -6.63 -13.69
N VAL J 263 13.36 -5.45 -14.16
CA VAL J 263 13.75 -4.18 -13.54
C VAL J 263 12.53 -3.36 -13.13
N ASN J 264 11.61 -3.11 -14.05
CA ASN J 264 10.50 -2.23 -13.72
C ASN J 264 9.26 -2.64 -14.51
N GLN J 265 8.09 -2.39 -13.93
CA GLN J 265 6.81 -2.71 -14.56
C GLN J 265 6.24 -1.56 -15.36
N GLU J 266 6.42 -0.32 -14.91
CA GLU J 266 5.78 0.84 -15.52
C GLU J 266 6.85 1.84 -15.97
N LEU J 267 7.01 1.97 -17.29
CA LEU J 267 7.80 3.05 -17.88
C LEU J 267 6.80 4.08 -18.40
N GLU J 268 6.27 4.90 -17.49
CA GLU J 268 5.16 5.77 -17.84
C GLU J 268 5.63 6.94 -18.70
N ARG J 269 4.71 7.42 -19.57
CA ARG J 269 4.86 8.57 -20.47
C ARG J 269 6.22 8.64 -21.14
N PRO J 270 6.47 7.77 -22.13
CA PRO J 270 7.75 7.82 -22.82
C PRO J 270 7.74 8.86 -23.94
N HIS J 271 8.90 9.47 -24.16
CA HIS J 271 9.02 10.45 -25.23
C HIS J 271 10.49 10.59 -25.61
N VAL J 272 10.71 11.19 -26.78
CA VAL J 272 12.03 11.36 -27.34
C VAL J 272 12.30 12.85 -27.55
N VAL J 273 13.50 13.26 -27.15
CA VAL J 273 14.06 14.55 -27.50
C VAL J 273 15.25 14.28 -28.42
N VAL J 274 15.25 14.92 -29.58
CA VAL J 274 16.37 14.81 -30.51
C VAL J 274 17.27 16.01 -30.30
N ARG J 275 18.56 15.76 -30.11
CA ARG J 275 19.52 16.85 -29.91
C ARG J 275 20.76 16.57 -30.74
N ASN J 276 20.95 17.39 -31.77
CA ASN J 276 22.11 17.35 -32.65
C ASN J 276 22.50 15.93 -33.06
N GLY J 277 21.51 15.16 -33.49
CA GLY J 277 21.78 13.86 -34.04
C GLY J 277 21.74 12.74 -33.04
N PHE J 278 21.38 13.01 -31.79
CA PHE J 278 21.28 11.99 -30.76
C PHE J 278 19.86 11.94 -30.25
N TYR J 279 19.39 10.72 -29.96
CA TYR J 279 18.02 10.47 -29.56
C TYR J 279 18.01 10.13 -28.07
N TYR J 280 17.34 10.98 -27.28
CA TYR J 280 17.18 10.77 -25.86
C TYR J 280 15.76 10.29 -25.58
N LEU J 281 15.64 9.09 -25.04
CA LEU J 281 14.37 8.50 -24.65
C LEU J 281 14.19 8.68 -23.15
N PHE J 282 13.10 9.34 -22.76
CA PHE J 282 12.79 9.60 -21.35
C PHE J 282 11.50 8.90 -20.97
N VAL J 283 11.51 8.33 -19.75
CA VAL J 283 10.33 7.70 -19.16
C VAL J 283 10.31 8.05 -17.67
N SER J 284 9.11 8.36 -17.17
CA SER J 284 8.92 8.53 -15.74
C SER J 284 8.63 7.18 -15.11
N SER J 285 9.03 7.02 -13.85
CA SER J 285 8.81 5.74 -13.19
C SER J 285 8.63 5.93 -11.70
N HIS J 286 7.88 5.01 -11.10
CA HIS J 286 7.60 5.01 -9.67
C HIS J 286 8.66 4.19 -8.93
N ASP J 287 8.72 4.39 -7.62
CA ASP J 287 9.63 3.56 -6.83
C ASP J 287 9.03 2.19 -6.54
N HIS J 288 7.70 2.12 -6.37
CA HIS J 288 7.07 0.85 -6.01
C HIS J 288 6.88 -0.09 -7.19
N THR J 289 7.22 0.33 -8.40
CA THR J 289 7.13 -0.55 -9.56
C THR J 289 8.47 -1.18 -9.92
N PHE J 290 9.50 -1.00 -9.10
CA PHE J 290 10.78 -1.67 -9.33
C PHE J 290 10.72 -3.12 -8.84
N ALA J 291 11.43 -3.99 -9.56
CA ALA J 291 11.50 -5.39 -9.18
C ALA J 291 12.19 -5.54 -7.82
N PRO J 292 11.89 -6.62 -7.10
CA PRO J 292 12.54 -6.82 -5.79
C PRO J 292 14.04 -6.96 -5.93
N GLY J 293 14.76 -6.49 -4.91
CA GLY J 293 16.20 -6.42 -4.93
C GLY J 293 16.77 -5.17 -5.54
N LEU J 294 15.92 -4.32 -6.12
CA LEU J 294 16.33 -3.06 -6.74
C LEU J 294 15.65 -1.92 -6.01
N GLU J 295 16.39 -0.85 -5.75
CA GLU J 295 15.87 0.32 -5.06
C GLU J 295 16.09 1.55 -5.94
N GLY J 296 15.01 2.06 -6.54
CA GLY J 296 15.06 3.29 -7.30
C GLY J 296 13.92 4.20 -6.88
N PRO J 297 14.15 5.52 -6.92
CA PRO J 297 13.11 6.47 -6.51
C PRO J 297 12.20 6.87 -7.68
N ASP J 298 11.03 7.40 -7.31
CA ASP J 298 10.17 8.10 -8.25
C ASP J 298 10.98 9.13 -9.01
N GLY J 299 11.07 8.98 -10.33
CA GLY J 299 11.92 9.90 -11.07
C GLY J 299 11.82 9.77 -12.57
N LEU J 300 12.48 10.70 -13.24
CA LEU J 300 12.62 10.69 -14.70
C LEU J 300 13.93 10.00 -15.07
N TYR J 301 13.81 8.87 -15.78
CA TYR J 301 14.94 8.07 -16.25
C TYR J 301 15.10 8.21 -17.75
N GLY J 302 16.33 8.12 -18.23
CA GLY J 302 16.64 8.47 -19.61
C GLY J 302 17.71 7.60 -20.20
N PHE J 303 17.65 7.47 -21.53
CA PHE J 303 18.57 6.63 -22.30
C PHE J 303 18.91 7.37 -23.60
N VAL J 304 20.03 7.01 -24.23
CA VAL J 304 20.47 7.75 -25.41
C VAL J 304 20.99 6.76 -26.47
N ALA J 305 20.67 7.05 -27.72
CA ALA J 305 21.22 6.29 -28.85
C ALA J 305 21.42 7.23 -30.03
N ASP J 306 22.01 6.69 -31.10
CA ASP J 306 22.30 7.49 -32.29
C ASP J 306 21.21 7.41 -33.36
N SER J 307 20.17 6.61 -33.13
CA SER J 307 19.03 6.57 -34.05
C SER J 307 17.78 6.25 -33.22
N LEU J 308 16.61 6.48 -33.82
CA LEU J 308 15.37 6.35 -33.07
C LEU J 308 15.18 4.93 -32.54
N ARG J 309 15.48 3.92 -33.37
CA ARG J 309 15.33 2.54 -32.91
C ARG J 309 16.69 1.86 -32.70
N GLY J 310 17.68 2.63 -32.24
CA GLY J 310 19.02 2.12 -32.02
C GLY J 310 19.21 1.54 -30.63
N GLU J 311 20.47 1.18 -30.35
CA GLU J 311 20.85 0.54 -29.09
C GLU J 311 20.89 1.60 -27.98
N TYR J 312 19.75 1.77 -27.31
CA TYR J 312 19.67 2.72 -26.20
C TYR J 312 20.56 2.30 -25.04
N ARG J 313 21.25 3.27 -24.45
CA ARG J 313 22.07 3.07 -23.27
C ARG J 313 21.71 4.09 -22.20
N PRO J 314 21.76 3.71 -20.93
CA PRO J 314 21.23 4.59 -19.87
C PRO J 314 22.08 5.81 -19.64
N LEU J 315 21.42 6.95 -19.43
CA LEU J 315 22.10 8.18 -19.03
C LEU J 315 22.65 8.04 -17.62
N ASN J 316 23.81 8.65 -17.37
CA ASN J 316 24.45 8.67 -16.07
C ASN J 316 24.78 7.26 -15.56
N GLY J 317 24.85 6.28 -16.45
CA GLY J 317 25.16 4.92 -16.02
C GLY J 317 24.00 4.11 -15.48
N SER J 318 23.21 4.69 -14.58
CA SER J 318 22.06 4.00 -14.01
C SER J 318 20.80 4.20 -14.81
N GLY J 319 20.62 5.37 -15.40
CA GLY J 319 19.38 5.75 -16.04
C GLY J 319 18.70 6.93 -15.40
N LEU J 320 18.99 7.21 -14.12
CA LEU J 320 18.32 8.30 -13.41
C LEU J 320 18.79 9.65 -13.94
N VAL J 321 17.84 10.43 -14.44
CA VAL J 321 18.11 11.78 -14.93
C VAL J 321 17.71 12.84 -13.91
N LEU J 322 16.56 12.64 -13.28
CA LEU J 322 15.98 13.69 -12.44
C LEU J 322 15.11 13.04 -11.37
N THR J 323 15.21 13.52 -10.13
CA THR J 323 14.45 12.89 -9.06
C THR J 323 14.18 13.89 -7.95
N ASN J 324 13.22 13.54 -7.08
CA ASN J 324 12.83 14.38 -5.96
C ASN J 324 13.76 14.15 -4.77
N PRO J 325 13.89 15.14 -3.89
CA PRO J 325 14.77 14.98 -2.72
C PRO J 325 14.22 13.95 -1.76
N ALA J 326 15.14 13.38 -0.96
CA ALA J 326 14.77 12.32 -0.02
C ALA J 326 13.73 12.81 0.99
N ASN J 327 13.80 14.08 1.40
CA ASN J 327 12.91 14.61 2.41
C ASN J 327 11.61 15.20 1.83
N ALA J 328 11.34 14.97 0.54
CA ALA J 328 10.08 15.30 -0.11
C ALA J 328 9.93 14.43 -1.35
N PRO J 329 9.94 13.10 -1.21
CA PRO J 329 10.25 12.25 -2.37
C PRO J 329 9.12 12.10 -3.36
N TYR J 330 7.92 12.58 -3.07
CA TYR J 330 6.79 12.45 -3.99
C TYR J 330 6.27 13.80 -4.47
N GLN J 331 7.10 14.84 -4.40
CA GLN J 331 6.61 16.20 -4.66
C GLN J 331 6.28 16.44 -6.13
N ALA J 332 6.89 15.69 -7.04
CA ALA J 332 6.61 15.88 -8.46
C ALA J 332 6.61 14.54 -9.17
N TYR J 333 5.96 14.51 -10.33
CA TYR J 333 5.89 13.32 -11.15
C TYR J 333 5.42 13.68 -12.55
N SER J 334 5.58 12.73 -13.47
CA SER J 334 5.06 12.82 -14.84
C SER J 334 5.78 13.91 -15.63
N TRP J 335 7.10 13.81 -15.67
CA TRP J 335 7.94 14.82 -16.32
C TRP J 335 7.92 14.67 -17.84
N VAL J 336 7.95 15.80 -18.55
CA VAL J 336 8.10 15.86 -20.00
C VAL J 336 9.30 16.74 -20.33
N ALA J 337 10.18 16.25 -21.20
CA ALA J 337 11.38 16.98 -21.57
C ALA J 337 11.21 17.58 -22.96
N PHE J 338 11.74 18.79 -23.14
CA PHE J 338 11.66 19.50 -24.41
C PHE J 338 12.83 20.46 -24.53
N SER J 339 13.38 20.57 -25.74
CA SER J 339 14.57 21.40 -25.92
C SER J 339 14.25 22.88 -25.86
N HIS J 340 15.22 23.67 -25.40
CA HIS J 340 15.12 25.13 -25.52
C HIS J 340 16.55 25.66 -25.71
N ARG J 341 16.87 25.84 -26.97
CA ARG J 341 18.10 26.31 -27.61
C ARG J 341 19.34 25.47 -27.33
N GLU J 342 19.72 25.28 -26.08
CA GLU J 342 20.92 24.56 -25.67
C GLU J 342 20.75 23.99 -24.29
N GLU J 343 19.54 24.12 -23.76
CA GLU J 343 19.12 23.51 -22.52
C GLU J 343 18.04 22.49 -22.82
N LEU J 344 17.80 21.63 -21.84
CA LEU J 344 16.66 20.72 -21.87
C LEU J 344 15.77 21.13 -20.71
N LEU J 345 14.53 21.48 -21.00
CA LEU J 345 13.60 21.82 -19.94
C LEU J 345 12.73 20.61 -19.63
N VAL J 346 12.36 20.48 -18.37
CA VAL J 346 11.61 19.32 -17.90
C VAL J 346 10.45 19.86 -17.05
N SER J 347 9.22 19.58 -17.48
CA SER J 347 8.04 20.04 -16.78
C SER J 347 7.29 18.84 -16.20
N GLY J 348 7.20 18.79 -14.88
CA GLY J 348 6.36 17.85 -14.19
C GLY J 348 5.11 18.51 -13.65
N PHE J 349 4.49 17.85 -12.69
CA PHE J 349 3.36 18.44 -11.96
C PHE J 349 3.61 18.28 -10.47
N PHE J 350 2.90 19.10 -9.68
CA PHE J 350 3.12 19.21 -8.24
C PHE J 350 2.24 18.18 -7.53
N ASN J 351 2.87 17.13 -7.00
CA ASN J 351 2.08 15.98 -6.60
C ASN J 351 1.73 15.87 -5.13
N TYR J 352 2.57 15.18 -4.36
CA TYR J 352 2.32 14.91 -2.95
C TYR J 352 3.41 15.56 -2.13
N TYR J 353 3.03 16.48 -1.25
CA TYR J 353 4.02 17.18 -0.46
C TYR J 353 3.58 17.22 1.00
N ASP J 354 4.53 17.55 1.87
CA ASP J 354 4.28 17.70 3.31
C ASP J 354 3.72 16.42 3.92
N LEU J 355 4.30 15.28 3.53
CA LEU J 355 3.83 14.01 4.09
C LEU J 355 4.33 13.77 5.50
N GLY J 356 5.38 14.47 5.94
CA GLY J 356 5.90 14.25 7.28
C GLY J 356 6.58 12.92 7.47
N GLY J 357 6.93 12.25 6.38
CA GLY J 357 7.56 10.94 6.46
C GLY J 357 6.63 9.79 6.14
N LEU J 358 5.33 10.06 6.00
CA LEU J 358 4.37 9.02 5.70
C LEU J 358 4.63 8.46 4.30
N THR J 359 4.26 7.20 4.09
CA THR J 359 4.29 6.65 2.74
C THR J 359 2.98 6.96 2.04
N LEU J 360 2.92 6.68 0.74
CA LEU J 360 1.74 7.07 -0.03
C LEU J 360 0.53 6.24 0.37
N ASP J 361 0.74 4.97 0.67
CA ASP J 361 -0.36 4.12 1.11
C ASP J 361 -0.83 4.53 2.49
N ASP J 362 0.04 5.16 3.30
CA ASP J 362 -0.38 5.69 4.60
C ASP J 362 -1.36 6.84 4.47
N VAL J 363 -1.19 7.68 3.45
CA VAL J 363 -2.02 8.87 3.28
C VAL J 363 -3.49 8.53 3.07
N ALA J 364 -3.77 7.34 2.53
CA ALA J 364 -5.16 6.93 2.32
C ALA J 364 -5.94 6.82 3.63
N THR J 365 -5.25 6.68 4.77
CA THR J 365 -5.95 6.57 6.05
C THR J 365 -6.46 7.92 6.55
N LEU J 366 -5.78 9.01 6.19
CA LEU J 366 -6.09 10.33 6.74
C LEU J 366 -7.47 10.81 6.34
N SER J 367 -7.96 11.80 7.08
CA SER J 367 -9.26 12.39 6.81
C SER J 367 -9.26 13.05 5.44
N PRO J 368 -10.44 13.24 4.84
CA PRO J 368 -10.50 13.88 3.51
C PRO J 368 -9.73 15.18 3.41
N ASP J 369 -9.88 16.08 4.39
CA ASP J 369 -9.24 17.38 4.31
C ASP J 369 -7.73 17.27 4.44
N GLU J 370 -7.24 16.45 5.37
CA GLU J 370 -5.80 16.27 5.50
C GLU J 370 -5.19 15.62 4.27
N GLN J 371 -6.00 14.85 3.51
CA GLN J 371 -5.53 14.31 2.24
C GLN J 371 -5.47 15.38 1.17
N ARG J 372 -6.56 16.15 1.01
CA ARG J 372 -6.56 17.20 -0.01
C ARG J 372 -5.47 18.23 0.26
N ALA J 373 -5.13 18.45 1.53
CA ALA J 373 -4.10 19.43 1.86
C ALA J 373 -2.72 18.98 1.44
N LYS J 374 -2.52 17.69 1.17
CA LYS J 374 -1.21 17.15 0.82
C LYS J 374 -1.09 16.84 -0.66
N PHE J 375 -1.93 17.46 -1.49
CA PHE J 375 -1.91 17.26 -2.93
C PHE J 375 -1.90 18.62 -3.61
N GLY J 376 -0.92 18.85 -4.46
CA GLY J 376 -0.81 20.11 -5.17
C GLY J 376 -1.85 20.27 -6.26
N GLY J 377 -1.73 19.46 -7.32
CA GLY J 377 -2.62 19.59 -8.46
C GLY J 377 -2.34 20.76 -9.36
N THR J 378 -1.07 21.16 -9.48
CA THR J 378 -0.66 22.23 -10.40
C THR J 378 0.61 21.79 -11.11
N LEU J 379 1.21 22.72 -11.85
CA LEU J 379 2.46 22.47 -12.56
C LEU J 379 3.65 22.73 -11.64
N ALA J 380 4.67 21.88 -11.76
CA ALA J 380 5.89 22.04 -10.99
C ALA J 380 6.80 23.09 -11.61
N PRO J 381 7.69 23.70 -10.82
CA PRO J 381 8.67 24.63 -11.42
C PRO J 381 9.52 23.91 -12.45
N THR J 382 9.43 24.39 -13.70
CA THR J 382 10.11 23.70 -14.79
C THR J 382 11.60 23.70 -14.55
N VAL J 383 12.20 22.54 -14.69
CA VAL J 383 13.59 22.32 -14.34
C VAL J 383 14.43 22.51 -15.59
N ARG J 384 15.58 23.15 -15.44
CA ARG J 384 16.52 23.34 -16.52
C ARG J 384 17.69 22.41 -16.29
N VAL J 385 17.95 21.53 -17.26
CA VAL J 385 19.06 20.58 -17.21
C VAL J 385 19.93 20.80 -18.43
N ALA J 386 21.16 20.30 -18.35
CA ALA J 386 22.16 20.38 -19.41
C ALA J 386 22.64 18.97 -19.73
N LEU J 387 22.39 18.53 -20.96
CA LEU J 387 22.89 17.25 -21.43
C LEU J 387 24.31 17.40 -21.98
N SER J 388 25.13 16.38 -21.75
CA SER J 388 26.52 16.37 -22.20
C SER J 388 26.89 14.98 -22.73
N GLY J 389 26.03 14.38 -23.54
CA GLY J 389 26.30 13.06 -24.09
C GLY J 389 25.44 12.00 -23.45
N ASP J 390 26.02 11.07 -22.69
CA ASP J 390 25.24 10.18 -21.84
C ASP J 390 25.19 10.65 -20.39
N ARG J 391 25.48 11.93 -20.13
CA ARG J 391 25.54 12.48 -18.79
C ARG J 391 24.67 13.73 -18.74
N THR J 392 23.93 13.88 -17.65
CA THR J 392 23.03 15.00 -17.42
C THR J 392 23.44 15.76 -16.16
N ARG J 393 22.87 16.95 -16.00
CA ARG J 393 23.15 17.80 -14.85
C ARG J 393 22.02 18.80 -14.68
N ILE J 394 21.45 18.85 -13.47
CA ILE J 394 20.44 19.85 -13.14
C ILE J 394 21.14 21.20 -12.99
N THR J 395 20.68 22.21 -13.74
CA THR J 395 21.31 23.51 -13.66
C THR J 395 20.43 24.62 -13.10
N GLY J 396 19.11 24.45 -13.07
CA GLY J 396 18.31 25.48 -12.41
C GLY J 396 16.82 25.20 -12.52
N THR J 397 16.02 26.21 -12.15
CA THR J 397 14.57 26.11 -12.26
C THR J 397 14.01 27.43 -12.77
N LEU J 398 12.75 27.37 -13.21
CA LEU J 398 11.97 28.53 -13.64
C LEU J 398 10.67 28.59 -12.85
N SER J 399 9.80 29.54 -13.22
CA SER J 399 8.51 29.73 -12.57
C SER J 399 7.68 28.45 -12.67
N HIS J 400 6.68 28.35 -11.80
CA HIS J 400 5.76 27.23 -11.84
C HIS J 400 5.13 27.10 -13.22
N GLY J 401 5.38 25.96 -13.86
CA GLY J 401 4.78 25.71 -15.17
C GLY J 401 5.14 26.73 -16.22
N ARG J 402 6.40 27.14 -16.29
CA ARG J 402 6.87 28.02 -17.37
C ARG J 402 7.24 27.15 -18.57
N ILE J 403 6.44 27.25 -19.63
CA ILE J 403 6.74 26.56 -20.88
C ILE J 403 7.13 27.62 -21.90
N PRO J 404 8.42 27.91 -22.05
CA PRO J 404 8.82 29.01 -22.93
C PRO J 404 9.09 28.56 -24.36
N LEU J 405 8.91 29.49 -25.29
CA LEU J 405 9.24 29.23 -26.68
C LEU J 405 10.72 29.46 -26.90
N GLU J 406 11.22 28.96 -28.04
CA GLU J 406 12.60 29.20 -28.36
C GLU J 406 12.84 30.66 -28.74
N SER J 407 11.79 31.40 -29.13
CA SER J 407 11.95 32.81 -29.39
C SER J 407 12.24 33.61 -28.11
N GLU J 408 11.95 33.04 -26.95
CA GLU J 408 12.08 33.74 -25.67
C GLU J 408 13.42 33.38 -25.04
N GLU J 409 14.05 34.38 -24.43
CA GLU J 409 15.33 34.19 -23.75
C GLU J 409 15.08 33.90 -22.28
N LEU J 410 15.77 32.89 -21.75
CA LEU J 410 15.56 32.54 -20.35
C LEU J 410 16.61 33.22 -19.48
N PRO J 411 16.29 33.44 -18.21
CA PRO J 411 17.26 34.08 -17.30
C PRO J 411 18.55 33.30 -17.23
N ASP J 412 19.64 34.00 -16.93
CA ASP J 412 20.94 33.37 -16.82
C ASP J 412 21.04 32.52 -15.55
N LEU J 413 22.01 31.61 -15.55
CA LEU J 413 22.22 30.63 -14.50
C LEU J 413 23.43 30.98 -13.65
N PRO J 414 23.47 30.54 -12.38
CA PRO J 414 24.64 30.77 -11.53
C PRO J 414 25.87 30.00 -12.00
#